data_2BUA
#
_entry.id   2BUA
#
_cell.length_a   62.425
_cell.length_b   118.131
_cell.length_c   133.317
_cell.angle_alpha   112.40
_cell.angle_beta   94.98
_cell.angle_gamma   90.99
#
_symmetry.space_group_name_H-M   'P 1'
#
loop_
_entity.id
_entity.type
_entity.pdbx_description
1 polymer 'DIPEPTIDYL PEPTIDASE IV'
2 branched 2-acetamido-2-deoxy-beta-D-glucopyranose-(1-4)-2-acetamido-2-deoxy-beta-D-glucopyranose
3 non-polymer 2-acetamido-2-deoxy-beta-D-glucopyranose
4 non-polymer 1-METHYLAMINE-1-BENZYL-CYCLOPENTANE
5 non-polymer 'SULFATE ION'
6 water water
#
_entity_poly.entity_id   1
_entity_poly.type   'polypeptide(L)'
_entity_poly.pdbx_seq_one_letter_code
;SRRTYTLTDYLKSTFRVKFYTLQWISDHEYLYKQENNILLFNAEYGNSSIFLENSTFDELGYSTNDYSVSPDRQFILFEY
NYVKQWRHSYTASYDIYDLNKRQLITEERIPNNTQWITWSPVGHKLAYVWNNDIYVKNEPNLSSQRITWTGKENVIYNGV
TDWVYEEEVFSAYSALWWSPNGTFLAYAQFNDTEVPLIEYSFYSDESLQYPKTVRIPYPKAGAENPTVKFFVVDTRTLSP
NASVTSYQIVPPASVLIGDHYLCGVTWVTEERISLQWIRRAQNYSIIDICDYDESTGRWISSVARQHIEISTTGWVGRFR
PAEPHFTSDGNSFYKIISNEEGYKHICHFQTDKSNCTFITKGAWEVIGIEALTSDYLYYISNEHKGMPGGRNLYRIQLND
YTKVTCLSCELNPERCQYYSASFSNKAKYYQLRCFGPGLPLYTLHSSSSDKELRVLEDNSALDKMLQDVQMPSKKLDVIN
LHGTKFWYQMILPPHFDKSKKYPLLIEVYAGPCSQKVDTVFRLSWATYLASTENIIVASFDGRGSGYQGDKIMHAINRRL
GTFEVEDQIEATRQFSKMGFVDDKRIAIWGWSYGGYVTSMVLGAGSGVFKCGIAVAPVSKWEYYDSVYTERYMGLPTPED
NLDYYRNSTVMSRAENFKQVEYLLIHGTADDNVHFQQSAQLSKALVDAGVDFQTMWYTDEDHGIASNMAHQHIYTHMSHF
LKQCFSLP
;
_entity_poly.pdbx_strand_id   A,B,C,D
#
# COMPACT_ATOMS: atom_id res chain seq x y z
N SER A 1 -75.09 -3.20 26.47
CA SER A 1 -75.43 -2.15 25.44
C SER A 1 -74.22 -1.30 25.07
N ARG A 2 -73.30 -1.11 26.01
CA ARG A 2 -72.11 -0.31 25.79
C ARG A 2 -71.24 -0.80 24.61
N ARG A 3 -70.13 -0.08 24.38
CA ARG A 3 -69.20 -0.43 23.32
C ARG A 3 -68.23 -1.48 23.85
N THR A 4 -67.48 -2.06 22.93
CA THR A 4 -66.47 -3.05 23.29
C THR A 4 -65.15 -2.36 22.99
N TYR A 5 -64.06 -2.86 23.57
CA TYR A 5 -62.74 -2.28 23.32
C TYR A 5 -62.40 -2.76 21.91
N THR A 6 -62.26 -1.84 20.97
CA THR A 6 -61.97 -2.20 19.58
C THR A 6 -60.51 -2.21 19.18
N LEU A 7 -60.23 -2.81 18.02
CA LEU A 7 -58.88 -2.88 17.47
C LEU A 7 -58.34 -1.47 17.24
N THR A 8 -59.22 -0.60 16.76
CA THR A 8 -58.87 0.80 16.53
C THR A 8 -58.52 1.48 17.85
N ASP A 9 -59.27 1.16 18.91
CA ASP A 9 -59.01 1.73 20.22
C ASP A 9 -57.59 1.37 20.65
N TYR A 10 -57.19 0.13 20.35
CA TYR A 10 -55.87 -0.34 20.70
C TYR A 10 -54.80 0.30 19.82
N LEU A 11 -54.92 0.12 18.51
CA LEU A 11 -53.96 0.68 17.56
C LEU A 11 -53.75 2.19 17.68
N LYS A 12 -54.80 2.92 18.07
CA LYS A 12 -54.71 4.38 18.20
C LYS A 12 -54.52 4.89 19.62
N SER A 13 -54.47 3.99 20.60
CA SER A 13 -54.30 4.39 21.99
C SER A 13 -55.36 5.43 22.39
N THR A 14 -56.60 5.21 21.96
CA THR A 14 -57.67 6.15 22.30
C THR A 14 -57.89 6.20 23.81
N PHE A 15 -57.46 5.15 24.51
CA PHE A 15 -57.60 5.08 25.96
C PHE A 15 -56.22 5.24 26.57
N ARG A 16 -55.88 6.48 26.89
CA ARG A 16 -54.60 6.83 27.45
C ARG A 16 -54.38 6.44 28.92
N VAL A 17 -53.27 5.77 29.17
CA VAL A 17 -52.91 5.38 30.53
C VAL A 17 -51.82 6.36 30.95
N LYS A 18 -52.12 7.18 31.96
CA LYS A 18 -51.14 8.17 32.42
C LYS A 18 -50.15 7.62 33.44
N PHE A 19 -49.01 8.30 33.55
CA PHE A 19 -47.97 7.93 34.50
C PHE A 19 -47.41 9.17 35.14
N TYR A 20 -46.33 9.02 35.92
CA TYR A 20 -45.72 10.16 36.57
C TYR A 20 -44.22 9.95 36.70
N THR A 21 -43.49 10.59 35.79
CA THR A 21 -42.04 10.48 35.76
C THR A 21 -41.39 11.67 36.44
N LEU A 22 -40.56 11.39 37.44
CA LEU A 22 -39.87 12.44 38.16
C LEU A 22 -38.40 12.07 38.28
N GLN A 23 -37.56 13.05 38.58
CA GLN A 23 -36.13 12.81 38.74
C GLN A 23 -35.71 13.42 40.08
N TRP A 24 -35.23 12.58 40.99
CA TRP A 24 -34.78 13.09 42.29
C TRP A 24 -33.46 13.82 42.11
N ILE A 25 -33.32 14.97 42.76
CA ILE A 25 -32.08 15.74 42.65
C ILE A 25 -31.47 16.07 44.01
N SER A 26 -32.06 15.50 45.06
CA SER A 26 -31.58 15.69 46.43
C SER A 26 -32.34 14.70 47.30
N ASP A 27 -32.22 14.83 48.62
CA ASP A 27 -32.93 13.91 49.51
C ASP A 27 -34.39 14.30 49.75
N HIS A 28 -34.82 15.44 49.21
CA HIS A 28 -36.20 15.88 49.41
C HIS A 28 -36.79 16.70 48.27
N GLU A 29 -36.07 16.78 47.16
CA GLU A 29 -36.53 17.54 46.01
C GLU A 29 -36.49 16.69 44.75
N TYR A 30 -37.36 17.00 43.79
CA TYR A 30 -37.40 16.28 42.53
C TYR A 30 -37.96 17.16 41.41
N LEU A 31 -37.52 16.89 40.18
CA LEU A 31 -37.99 17.64 39.02
C LEU A 31 -39.09 16.87 38.32
N TYR A 32 -40.01 17.58 37.71
CA TYR A 32 -41.13 16.96 37.00
C TYR A 32 -41.54 17.80 35.80
N LYS A 33 -41.53 17.19 34.62
CA LYS A 33 -41.90 17.90 33.40
C LYS A 33 -43.42 17.89 33.27
N GLN A 34 -44.03 19.06 33.39
CA GLN A 34 -45.49 19.21 33.31
C GLN A 34 -45.91 20.26 32.27
N GLU A 35 -46.44 19.80 31.14
CA GLU A 35 -46.88 20.69 30.07
C GLU A 35 -45.67 21.42 29.48
N ASN A 36 -44.55 20.68 29.38
CA ASN A 36 -43.31 21.22 28.84
C ASN A 36 -42.64 22.19 29.80
N ASN A 37 -43.08 22.19 31.05
CA ASN A 37 -42.49 23.04 32.07
C ASN A 37 -41.76 22.13 33.04
N ILE A 38 -40.60 22.55 33.49
CA ILE A 38 -39.86 21.74 34.45
C ILE A 38 -40.13 22.35 35.81
N LEU A 39 -40.85 21.62 36.66
CA LEU A 39 -41.18 22.12 37.99
C LEU A 39 -40.31 21.43 39.05
N LEU A 40 -40.03 22.14 40.12
CA LEU A 40 -39.23 21.61 41.22
C LEU A 40 -40.12 21.39 42.42
N PHE A 41 -40.38 20.12 42.74
CA PHE A 41 -41.23 19.81 43.86
C PHE A 41 -40.41 19.52 45.11
N ASN A 42 -40.96 19.94 46.24
CA ASN A 42 -40.32 19.75 47.54
C ASN A 42 -41.18 18.71 48.26
N ALA A 43 -40.68 17.48 48.33
CA ALA A 43 -41.40 16.39 48.97
C ALA A 43 -41.92 16.72 50.37
N GLU A 44 -41.16 17.50 51.11
CA GLU A 44 -41.54 17.88 52.47
C GLU A 44 -42.88 18.61 52.54
N TYR A 45 -42.94 19.79 51.92
CA TYR A 45 -44.13 20.63 51.94
C TYR A 45 -45.10 20.46 50.76
N GLY A 46 -44.73 19.65 49.79
CA GLY A 46 -45.61 19.44 48.64
C GLY A 46 -45.70 20.61 47.68
N ASN A 47 -45.15 21.76 48.08
CA ASN A 47 -45.18 22.94 47.24
C ASN A 47 -44.13 22.85 46.14
N SER A 48 -44.45 23.44 44.99
CA SER A 48 -43.54 23.42 43.85
C SER A 48 -43.32 24.82 43.28
N SER A 49 -42.25 24.96 42.50
CA SER A 49 -41.93 26.23 41.87
C SER A 49 -41.46 25.94 40.45
N ILE A 50 -41.61 26.92 39.56
CA ILE A 50 -41.20 26.74 38.18
C ILE A 50 -39.67 26.80 38.09
N PHE A 51 -39.09 25.76 37.50
CA PHE A 51 -37.64 25.66 37.36
C PHE A 51 -37.20 26.10 35.96
N LEU A 52 -38.05 25.86 34.98
CA LEU A 52 -37.77 26.22 33.60
C LEU A 52 -39.11 26.30 32.85
N GLU A 53 -39.52 27.52 32.50
CA GLU A 53 -40.79 27.76 31.80
C GLU A 53 -40.92 27.01 30.47
N ASN A 54 -42.17 26.66 30.13
CA ASN A 54 -42.46 25.95 28.88
C ASN A 54 -41.94 26.79 27.72
N SER A 55 -41.75 28.07 27.98
CA SER A 55 -41.29 29.02 26.99
C SER A 55 -39.77 29.18 26.97
N THR A 56 -39.09 28.13 26.52
CA THR A 56 -37.64 28.09 26.41
C THR A 56 -37.35 26.93 25.47
N PHE A 57 -38.28 25.98 25.44
CA PHE A 57 -38.17 24.81 24.58
C PHE A 57 -38.60 25.20 23.18
N ASP A 58 -39.49 26.20 23.11
CA ASP A 58 -40.04 26.72 21.87
C ASP A 58 -39.10 26.74 20.67
N GLU A 59 -37.83 27.06 20.90
CA GLU A 59 -36.86 27.15 19.82
C GLU A 59 -35.48 26.52 20.11
N LEU A 60 -35.39 25.21 19.92
CA LEU A 60 -34.14 24.47 20.12
C LEU A 60 -33.98 23.51 18.94
N GLY A 61 -34.22 24.04 17.74
CA GLY A 61 -34.14 23.24 16.53
C GLY A 61 -35.55 22.77 16.22
N TYR A 62 -36.12 22.05 17.18
CA TYR A 62 -37.47 21.52 17.09
C TYR A 62 -37.87 20.88 18.42
N SER A 63 -38.32 19.64 18.36
CA SER A 63 -38.75 18.92 19.56
C SER A 63 -37.58 18.57 20.49
N THR A 64 -37.79 18.80 21.78
CA THR A 64 -36.78 18.50 22.80
C THR A 64 -37.25 17.26 23.56
N ASN A 65 -36.87 16.08 23.08
CA ASN A 65 -37.28 14.83 23.70
C ASN A 65 -36.79 14.56 25.12
N ASP A 66 -35.74 15.25 25.57
CA ASP A 66 -35.25 15.01 26.93
C ASP A 66 -34.33 16.08 27.52
N TYR A 67 -34.28 16.12 28.84
CA TYR A 67 -33.45 17.08 29.56
C TYR A 67 -32.70 16.43 30.73
N SER A 68 -31.58 17.03 31.12
CA SER A 68 -30.76 16.52 32.22
C SER A 68 -30.09 17.70 32.90
N VAL A 69 -30.48 17.94 34.16
CA VAL A 69 -29.92 19.05 34.93
C VAL A 69 -28.67 18.65 35.70
N SER A 70 -27.61 19.45 35.59
CA SER A 70 -26.38 19.15 36.30
C SER A 70 -26.69 19.09 37.78
N PRO A 71 -25.92 18.31 38.54
CA PRO A 71 -26.17 18.21 39.99
C PRO A 71 -26.06 19.51 40.81
N ASP A 72 -25.20 20.43 40.39
CA ASP A 72 -25.08 21.68 41.14
C ASP A 72 -26.17 22.68 40.72
N ARG A 73 -27.07 22.22 39.85
CA ARG A 73 -28.17 23.03 39.35
C ARG A 73 -27.80 24.31 38.61
N GLN A 74 -26.56 24.38 38.16
CA GLN A 74 -26.09 25.55 37.42
C GLN A 74 -26.37 25.47 35.92
N PHE A 75 -26.51 24.25 35.40
CA PHE A 75 -26.74 24.07 33.97
C PHE A 75 -27.80 23.02 33.70
N ILE A 76 -28.23 22.95 32.45
CA ILE A 76 -29.20 21.95 32.03
C ILE A 76 -28.86 21.52 30.60
N LEU A 77 -29.02 20.22 30.34
CA LEU A 77 -28.71 19.65 29.03
C LEU A 77 -30.01 19.37 28.27
N PHE A 78 -30.07 19.77 27.01
CA PHE A 78 -31.26 19.56 26.18
C PHE A 78 -30.93 18.56 25.08
N GLU A 79 -31.64 17.44 25.07
CA GLU A 79 -31.43 16.39 24.06
C GLU A 79 -32.49 16.48 22.96
N TYR A 80 -32.04 16.49 21.72
CA TYR A 80 -32.95 16.58 20.58
C TYR A 80 -32.30 15.98 19.35
N ASN A 81 -33.08 15.85 18.28
CA ASN A 81 -32.57 15.30 17.02
C ASN A 81 -32.18 13.83 17.23
N TYR A 82 -33.04 13.15 17.97
CA TYR A 82 -32.92 11.74 18.34
C TYR A 82 -32.90 10.80 17.12
N VAL A 83 -31.90 9.93 17.05
CA VAL A 83 -31.82 8.96 15.96
C VAL A 83 -31.55 7.58 16.57
N LYS A 84 -32.60 6.76 16.58
CA LYS A 84 -32.53 5.41 17.14
C LYS A 84 -31.57 4.48 16.41
N GLN A 85 -31.00 3.56 17.17
CA GLN A 85 -30.11 2.56 16.59
C GLN A 85 -30.65 1.19 17.00
N TRP A 86 -30.07 0.57 18.04
CA TRP A 86 -30.53 -0.75 18.47
C TRP A 86 -31.61 -0.63 19.54
N ARG A 87 -31.66 -1.55 20.51
CA ARG A 87 -32.69 -1.48 21.54
C ARG A 87 -32.52 -0.31 22.51
N HIS A 88 -31.28 -0.04 22.91
CA HIS A 88 -31.01 1.05 23.86
C HIS A 88 -30.23 2.23 23.27
N SER A 89 -29.33 1.93 22.32
CA SER A 89 -28.50 2.95 21.70
C SER A 89 -29.20 3.92 20.74
N TYR A 90 -28.58 5.08 20.55
CA TYR A 90 -29.06 6.14 19.66
C TYR A 90 -28.09 7.32 19.72
N THR A 91 -28.14 8.20 18.73
CA THR A 91 -27.28 9.38 18.70
C THR A 91 -28.20 10.59 18.78
N ALA A 92 -27.67 11.71 19.23
CA ALA A 92 -28.48 12.91 19.33
C ALA A 92 -27.64 14.17 19.40
N SER A 93 -28.33 15.30 19.37
CA SER A 93 -27.68 16.59 19.46
C SER A 93 -28.01 17.13 20.84
N TYR A 94 -27.14 17.96 21.38
CA TYR A 94 -27.34 18.51 22.72
C TYR A 94 -26.97 19.97 22.83
N ASP A 95 -27.75 20.71 23.60
CA ASP A 95 -27.51 22.12 23.85
C ASP A 95 -27.35 22.28 25.36
N ILE A 96 -26.41 23.10 25.78
CA ILE A 96 -26.23 23.34 27.21
C ILE A 96 -26.82 24.72 27.48
N TYR A 97 -27.67 24.80 28.49
CA TYR A 97 -28.32 26.05 28.83
C TYR A 97 -27.87 26.49 30.22
N ASP A 98 -27.28 27.68 30.29
CA ASP A 98 -26.78 28.24 31.56
C ASP A 98 -27.96 28.75 32.38
N LEU A 99 -28.31 28.04 33.44
CA LEU A 99 -29.45 28.42 34.29
C LEU A 99 -29.28 29.72 35.06
N ASN A 100 -28.03 30.15 35.26
CA ASN A 100 -27.77 31.40 35.97
C ASN A 100 -28.03 32.60 35.06
N LYS A 101 -27.14 32.80 34.09
CA LYS A 101 -27.27 33.90 33.15
C LYS A 101 -28.41 33.60 32.16
N ARG A 102 -29.19 32.57 32.46
CA ARG A 102 -30.31 32.14 31.62
C ARG A 102 -30.06 32.34 30.13
N GLN A 103 -28.89 31.92 29.67
CA GLN A 103 -28.50 32.02 28.27
C GLN A 103 -28.30 30.60 27.70
N LEU A 104 -27.84 30.50 26.46
CA LEU A 104 -27.61 29.21 25.82
C LEU A 104 -26.17 29.15 25.33
N ILE A 105 -25.34 28.30 25.95
CA ILE A 105 -23.94 28.17 25.55
C ILE A 105 -23.85 27.98 24.03
N THR A 106 -23.14 28.87 23.37
CA THR A 106 -23.00 28.81 21.92
C THR A 106 -21.63 28.43 21.41
N GLU A 107 -20.60 28.72 22.20
CA GLU A 107 -19.25 28.39 21.80
C GLU A 107 -18.87 27.03 22.40
N GLU A 108 -17.99 26.31 21.71
CA GLU A 108 -17.54 25.00 22.18
C GLU A 108 -18.74 24.07 22.48
N ARG A 109 -19.63 23.94 21.51
CA ARG A 109 -20.82 23.10 21.66
C ARG A 109 -20.51 21.61 21.59
N ILE A 110 -21.49 20.81 21.98
CA ILE A 110 -21.37 19.36 21.95
C ILE A 110 -21.63 18.89 20.52
N PRO A 111 -20.75 18.01 20.00
CA PRO A 111 -20.87 17.49 18.64
C PRO A 111 -22.24 16.97 18.26
N ASN A 112 -22.42 16.79 16.96
CA ASN A 112 -23.66 16.27 16.40
C ASN A 112 -23.39 14.76 16.34
N ASN A 113 -24.43 13.96 16.49
CA ASN A 113 -24.26 12.51 16.45
C ASN A 113 -23.57 12.04 17.73
N THR A 114 -23.85 12.68 18.85
CA THR A 114 -23.25 12.28 20.11
C THR A 114 -23.89 10.97 20.55
N GLN A 115 -23.05 9.99 20.85
CA GLN A 115 -23.50 8.66 21.26
C GLN A 115 -23.94 8.53 22.73
N TRP A 116 -23.31 9.29 23.60
CA TRP A 116 -23.67 9.26 25.02
C TRP A 116 -23.05 10.45 25.71
N ILE A 117 -23.76 10.97 26.71
CA ILE A 117 -23.29 12.11 27.47
C ILE A 117 -23.88 12.07 28.87
N THR A 118 -23.12 12.54 29.86
CA THR A 118 -23.59 12.54 31.23
C THR A 118 -22.80 13.52 32.11
N TRP A 119 -23.50 14.16 33.04
CA TRP A 119 -22.84 15.07 33.97
C TRP A 119 -22.10 14.19 34.97
N SER A 120 -21.20 14.80 35.74
CA SER A 120 -20.51 14.05 36.78
C SER A 120 -21.51 14.02 37.95
N PRO A 121 -21.30 13.15 38.95
CA PRO A 121 -22.22 13.06 40.09
C PRO A 121 -22.36 14.35 40.90
N VAL A 122 -21.34 15.20 40.80
CA VAL A 122 -21.36 16.48 41.50
C VAL A 122 -20.83 17.55 40.55
N GLY A 123 -21.05 18.81 40.90
CA GLY A 123 -20.58 19.89 40.05
C GLY A 123 -21.25 19.92 38.69
N HIS A 124 -20.49 20.32 37.67
CA HIS A 124 -21.04 20.40 36.32
C HIS A 124 -20.09 19.96 35.21
N LYS A 125 -19.26 18.96 35.49
CA LYS A 125 -18.36 18.43 34.47
C LYS A 125 -19.24 17.62 33.50
N LEU A 126 -18.72 17.35 32.31
CA LEU A 126 -19.43 16.58 31.31
C LEU A 126 -18.48 15.59 30.64
N ALA A 127 -19.00 14.42 30.31
CA ALA A 127 -18.24 13.39 29.61
C ALA A 127 -19.18 12.89 28.51
N TYR A 128 -18.64 12.66 27.31
CA TYR A 128 -19.47 12.19 26.23
C TYR A 128 -18.68 11.37 25.23
N VAL A 129 -19.39 10.55 24.47
CA VAL A 129 -18.78 9.71 23.46
C VAL A 129 -19.26 10.18 22.10
N TRP A 130 -18.32 10.38 21.19
CA TRP A 130 -18.62 10.83 19.83
C TRP A 130 -17.65 10.11 18.91
N ASN A 131 -18.16 9.44 17.88
CA ASN A 131 -17.33 8.68 16.96
C ASN A 131 -16.49 7.62 17.69
N ASN A 132 -17.11 7.01 18.69
CA ASN A 132 -16.47 5.97 19.49
C ASN A 132 -15.31 6.40 20.38
N ASP A 133 -15.18 7.69 20.63
CA ASP A 133 -14.13 8.18 21.51
C ASP A 133 -14.75 8.99 22.64
N ILE A 134 -14.04 9.04 23.77
CA ILE A 134 -14.50 9.77 24.96
C ILE A 134 -13.91 11.18 25.04
N TYR A 135 -14.74 12.12 25.49
CA TYR A 135 -14.36 13.52 25.63
C TYR A 135 -14.83 14.02 26.99
N VAL A 136 -14.07 14.92 27.60
CA VAL A 136 -14.47 15.49 28.89
C VAL A 136 -14.44 17.01 28.83
N LYS A 137 -15.49 17.64 29.36
CA LYS A 137 -15.56 19.08 29.39
C LYS A 137 -15.71 19.48 30.83
N ASN A 138 -14.73 20.20 31.36
CA ASN A 138 -14.80 20.65 32.74
C ASN A 138 -15.78 21.80 32.87
N GLU A 139 -15.94 22.58 31.81
CA GLU A 139 -16.86 23.73 31.80
C GLU A 139 -17.66 23.73 30.51
N PRO A 140 -18.98 23.97 30.61
CA PRO A 140 -19.86 24.00 29.44
C PRO A 140 -19.38 24.89 28.30
N ASN A 141 -18.68 25.97 28.62
CA ASN A 141 -18.20 26.89 27.59
C ASN A 141 -16.74 26.66 27.16
N LEU A 142 -16.03 25.78 27.87
CA LEU A 142 -14.65 25.50 27.53
C LEU A 142 -14.51 24.30 26.58
N SER A 143 -13.36 24.22 25.91
CA SER A 143 -13.10 23.14 24.96
C SER A 143 -13.01 21.79 25.64
N SER A 144 -13.60 20.78 25.01
CA SER A 144 -13.55 19.43 25.57
C SER A 144 -12.17 18.86 25.34
N GLN A 145 -11.80 17.86 26.16
CA GLN A 145 -10.51 17.21 26.08
C GLN A 145 -10.70 15.78 25.61
N ARG A 146 -9.98 15.37 24.57
CA ARG A 146 -10.12 14.00 24.07
C ARG A 146 -9.39 13.01 24.98
N ILE A 147 -10.09 11.97 25.40
CA ILE A 147 -9.56 10.95 26.29
C ILE A 147 -9.01 9.70 25.60
N THR A 148 -9.61 9.33 24.46
CA THR A 148 -9.18 8.13 23.72
C THR A 148 -9.02 8.44 22.24
N TRP A 149 -8.15 7.70 21.57
CA TRP A 149 -7.88 7.94 20.15
C TRP A 149 -8.11 6.71 19.29
N THR A 150 -8.45 5.60 19.94
CA THR A 150 -8.65 4.35 19.22
C THR A 150 -10.01 4.14 18.57
N GLY A 151 -10.98 5.01 18.87
CA GLY A 151 -12.31 4.87 18.30
C GLY A 151 -12.30 4.54 16.81
N LYS A 152 -13.13 3.58 16.42
CA LYS A 152 -13.21 3.17 15.02
C LYS A 152 -14.52 2.42 14.75
N GLU A 153 -15.27 2.90 13.78
CA GLU A 153 -16.54 2.28 13.44
C GLU A 153 -16.49 0.77 13.24
N ASN A 154 -17.38 0.07 13.95
CA ASN A 154 -17.48 -1.38 13.90
C ASN A 154 -16.23 -2.14 14.34
N VAL A 155 -15.33 -1.47 15.04
CA VAL A 155 -14.12 -2.14 15.49
C VAL A 155 -13.78 -1.84 16.94
N ILE A 156 -13.56 -0.57 17.27
CA ILE A 156 -13.21 -0.21 18.63
C ILE A 156 -14.24 0.72 19.23
N TYR A 157 -14.74 0.37 20.41
CA TYR A 157 -15.74 1.19 21.10
C TYR A 157 -15.22 1.65 22.46
N ASN A 158 -15.11 2.97 22.67
CA ASN A 158 -14.65 3.52 23.94
C ASN A 158 -15.78 4.28 24.59
N GLY A 159 -16.24 3.80 25.74
CA GLY A 159 -17.31 4.51 26.43
C GLY A 159 -18.73 4.06 26.14
N VAL A 160 -18.90 3.25 25.11
CA VAL A 160 -20.21 2.70 24.75
C VAL A 160 -20.01 1.25 24.37
N THR A 161 -21.07 0.47 24.51
CA THR A 161 -21.05 -0.96 24.20
C THR A 161 -21.18 -1.30 22.72
N ASP A 162 -20.73 -2.50 22.35
CA ASP A 162 -20.86 -2.97 20.97
C ASP A 162 -22.25 -3.59 20.92
N TRP A 163 -22.64 -4.24 19.83
CA TRP A 163 -24.00 -4.81 19.77
C TRP A 163 -24.38 -5.81 20.87
N VAL A 164 -23.52 -6.80 21.09
CA VAL A 164 -23.80 -7.85 22.06
C VAL A 164 -23.79 -7.43 23.52
N TYR A 165 -22.92 -6.48 23.88
CA TYR A 165 -22.88 -6.02 25.27
C TYR A 165 -24.10 -5.17 25.55
N GLU A 166 -24.57 -4.46 24.53
CA GLU A 166 -25.75 -3.61 24.70
C GLU A 166 -26.97 -4.46 24.95
N GLU A 167 -27.16 -5.47 24.11
CA GLU A 167 -28.31 -6.34 24.20
C GLU A 167 -28.31 -7.38 25.31
N GLU A 168 -27.20 -8.06 25.50
CA GLU A 168 -27.15 -9.14 26.50
C GLU A 168 -26.45 -8.94 27.83
N VAL A 169 -25.48 -8.03 27.90
CA VAL A 169 -24.74 -7.83 29.14
C VAL A 169 -25.11 -6.59 29.97
N PHE A 170 -24.99 -5.40 29.37
CA PHE A 170 -25.29 -4.17 30.10
C PHE A 170 -26.75 -3.70 30.02
N SER A 171 -27.46 -4.12 28.98
CA SER A 171 -28.84 -3.68 28.79
C SER A 171 -28.81 -2.17 28.75
N ALA A 172 -27.74 -1.64 28.17
CA ALA A 172 -27.53 -0.20 28.04
C ALA A 172 -26.44 0.03 27.00
N TYR A 173 -26.38 1.25 26.48
CA TYR A 173 -25.39 1.61 25.47
C TYR A 173 -24.18 2.19 26.19
N SER A 174 -24.47 2.78 27.34
CA SER A 174 -23.47 3.43 28.18
C SER A 174 -22.39 2.48 28.72
N ALA A 175 -21.15 2.97 28.75
CA ALA A 175 -20.00 2.23 29.29
C ALA A 175 -19.03 3.23 29.97
N LEU A 176 -19.60 4.23 30.63
CA LEU A 176 -18.87 5.28 31.34
C LEU A 176 -19.38 5.33 32.78
N TRP A 177 -18.48 5.55 33.73
CA TRP A 177 -18.87 5.61 35.14
C TRP A 177 -18.04 6.61 35.93
N TRP A 178 -18.61 7.76 36.24
CA TRP A 178 -17.92 8.78 37.03
C TRP A 178 -17.81 8.28 38.47
N SER A 179 -16.78 8.70 39.19
CA SER A 179 -16.65 8.31 40.60
C SER A 179 -17.58 9.27 41.36
N PRO A 180 -17.96 8.94 42.59
CA PRO A 180 -18.86 9.78 43.40
C PRO A 180 -18.57 11.28 43.46
N ASN A 181 -17.31 11.67 43.57
CA ASN A 181 -16.99 13.10 43.66
C ASN A 181 -16.32 13.64 42.39
N GLY A 182 -16.54 12.96 41.26
CA GLY A 182 -16.00 13.40 39.99
C GLY A 182 -14.51 13.33 39.74
N THR A 183 -13.76 12.73 40.65
CA THR A 183 -12.31 12.62 40.47
C THR A 183 -11.93 11.69 39.34
N PHE A 184 -12.53 10.51 39.33
CA PHE A 184 -12.22 9.52 38.31
C PHE A 184 -13.36 9.26 37.32
N LEU A 185 -12.96 8.89 36.11
CA LEU A 185 -13.90 8.53 35.07
C LEU A 185 -13.46 7.14 34.60
N ALA A 186 -14.29 6.15 34.89
CA ALA A 186 -14.01 4.78 34.47
C ALA A 186 -14.78 4.50 33.19
N TYR A 187 -14.21 3.68 32.32
CA TYR A 187 -14.86 3.31 31.07
C TYR A 187 -14.36 1.97 30.59
N ALA A 188 -15.16 1.33 29.73
CA ALA A 188 -14.78 0.05 29.15
C ALA A 188 -14.50 0.26 27.68
N GLN A 189 -13.61 -0.55 27.12
CA GLN A 189 -13.29 -0.45 25.71
C GLN A 189 -13.56 -1.83 25.13
N PHE A 190 -14.30 -1.86 24.02
CA PHE A 190 -14.63 -3.12 23.37
C PHE A 190 -13.95 -3.25 22.01
N ASN A 191 -13.33 -4.40 21.76
CA ASN A 191 -12.66 -4.63 20.49
C ASN A 191 -13.41 -5.72 19.72
N ASP A 192 -13.96 -5.34 18.56
CA ASP A 192 -14.72 -6.28 17.74
C ASP A 192 -13.99 -6.72 16.49
N THR A 193 -12.68 -6.50 16.48
CA THR A 193 -11.87 -6.86 15.32
C THR A 193 -12.15 -8.25 14.76
N GLU A 194 -12.22 -9.25 15.63
CA GLU A 194 -12.42 -10.61 15.15
C GLU A 194 -13.84 -11.18 15.16
N VAL A 195 -14.82 -10.32 15.43
CA VAL A 195 -16.21 -10.74 15.44
C VAL A 195 -16.76 -10.73 14.01
N PRO A 196 -17.35 -11.84 13.55
CA PRO A 196 -17.89 -11.90 12.20
C PRO A 196 -19.03 -10.88 12.04
N LEU A 197 -19.26 -10.45 10.81
CA LEU A 197 -20.31 -9.46 10.54
C LEU A 197 -21.60 -10.06 10.00
N ILE A 198 -22.73 -9.59 10.51
CA ILE A 198 -24.03 -10.03 10.01
C ILE A 198 -24.35 -8.90 9.03
N GLU A 199 -24.86 -9.24 7.86
CA GLU A 199 -25.19 -8.21 6.89
C GLU A 199 -26.60 -8.41 6.36
N TYR A 200 -27.29 -7.30 6.10
CA TYR A 200 -28.64 -7.34 5.57
C TYR A 200 -28.90 -6.04 4.81
N SER A 201 -29.86 -6.07 3.90
CA SER A 201 -30.20 -4.90 3.09
C SER A 201 -31.19 -3.98 3.78
N PHE A 202 -30.96 -2.68 3.62
CA PHE A 202 -31.87 -1.67 4.16
C PHE A 202 -32.29 -0.90 2.91
N TYR A 203 -33.58 -0.93 2.59
CA TYR A 203 -34.06 -0.28 1.38
C TYR A 203 -34.26 1.23 1.47
N SER A 204 -34.56 1.70 2.67
CA SER A 204 -34.73 3.14 2.89
C SER A 204 -35.89 3.71 2.12
N ASP A 205 -35.89 5.03 1.97
CA ASP A 205 -36.95 5.74 1.27
C ASP A 205 -37.04 5.32 -0.19
N GLU A 206 -38.26 5.27 -0.69
CA GLU A 206 -38.53 4.89 -2.07
C GLU A 206 -37.61 5.54 -3.11
N SER A 207 -37.08 6.71 -2.78
CA SER A 207 -36.21 7.45 -3.69
C SER A 207 -34.77 6.93 -3.81
N LEU A 208 -34.36 6.03 -2.91
CA LEU A 208 -33.01 5.48 -2.95
C LEU A 208 -32.96 4.44 -4.07
N GLN A 209 -32.16 4.70 -5.10
CA GLN A 209 -32.09 3.78 -6.21
C GLN A 209 -31.47 2.41 -5.88
N TYR A 210 -30.41 2.41 -5.08
CA TYR A 210 -29.78 1.16 -4.69
C TYR A 210 -29.89 0.94 -3.18
N PRO A 211 -30.27 -0.27 -2.75
CA PRO A 211 -30.40 -0.58 -1.33
C PRO A 211 -29.01 -0.52 -0.71
N LYS A 212 -28.92 -0.15 0.56
CA LYS A 212 -27.61 -0.12 1.21
C LYS A 212 -27.47 -1.37 2.07
N THR A 213 -26.24 -1.80 2.34
CA THR A 213 -26.03 -2.98 3.16
C THR A 213 -25.58 -2.58 4.58
N VAL A 214 -26.34 -2.97 5.58
CA VAL A 214 -25.98 -2.67 6.97
C VAL A 214 -25.05 -3.78 7.43
N ARG A 215 -24.00 -3.42 8.17
CA ARG A 215 -23.03 -4.39 8.68
C ARG A 215 -22.83 -4.23 10.18
N ILE A 216 -23.04 -5.31 10.92
CA ILE A 216 -22.87 -5.24 12.37
C ILE A 216 -22.03 -6.38 12.89
N PRO A 217 -21.03 -6.07 13.76
CA PRO A 217 -20.17 -7.13 14.31
C PRO A 217 -21.10 -7.84 15.31
N TYR A 218 -21.58 -9.02 14.93
CA TYR A 218 -22.52 -9.78 15.77
C TYR A 218 -21.99 -11.20 15.95
N PRO A 219 -21.74 -11.62 17.20
CA PRO A 219 -21.22 -12.97 17.43
C PRO A 219 -22.33 -13.99 17.64
N LYS A 220 -22.41 -14.98 16.76
CA LYS A 220 -23.43 -16.01 16.89
C LYS A 220 -22.86 -17.13 17.77
N ALA A 221 -23.72 -18.00 18.28
CA ALA A 221 -23.29 -19.11 19.13
C ALA A 221 -21.97 -19.73 18.74
N GLY A 222 -21.03 -19.76 19.68
CA GLY A 222 -19.73 -20.35 19.44
C GLY A 222 -18.74 -19.56 18.61
N ALA A 223 -19.15 -18.39 18.12
CA ALA A 223 -18.25 -17.57 17.31
C ALA A 223 -17.29 -16.78 18.16
N GLU A 224 -16.40 -16.05 17.49
CA GLU A 224 -15.40 -15.23 18.18
C GLU A 224 -16.12 -14.03 18.83
N ASN A 225 -15.87 -13.83 20.12
CA ASN A 225 -16.51 -12.75 20.87
C ASN A 225 -15.65 -11.50 20.96
N PRO A 226 -16.26 -10.37 21.32
CA PRO A 226 -15.46 -9.14 21.44
C PRO A 226 -14.65 -9.19 22.74
N THR A 227 -13.44 -8.64 22.72
CA THR A 227 -12.65 -8.61 23.93
C THR A 227 -12.92 -7.27 24.63
N VAL A 228 -12.57 -7.16 25.90
CA VAL A 228 -12.83 -5.93 26.62
C VAL A 228 -11.68 -5.53 27.55
N LYS A 229 -11.59 -4.24 27.84
CA LYS A 229 -10.58 -3.68 28.73
C LYS A 229 -11.27 -2.66 29.60
N PHE A 230 -10.79 -2.51 30.83
CA PHE A 230 -11.39 -1.54 31.76
C PHE A 230 -10.34 -0.55 32.21
N PHE A 231 -10.66 0.74 32.12
CA PHE A 231 -9.72 1.81 32.51
C PHE A 231 -10.32 2.79 33.50
N VAL A 232 -9.45 3.31 34.37
CA VAL A 232 -9.90 4.32 35.33
C VAL A 232 -9.02 5.53 35.01
N VAL A 233 -9.65 6.60 34.53
CA VAL A 233 -8.96 7.83 34.18
C VAL A 233 -9.06 8.83 35.32
N ASP A 234 -7.92 9.39 35.70
CA ASP A 234 -7.85 10.40 36.75
C ASP A 234 -8.09 11.73 36.04
N THR A 235 -9.27 12.32 36.22
CA THR A 235 -9.58 13.58 35.54
C THR A 235 -8.90 14.83 36.08
N ARG A 236 -8.29 14.73 37.27
CA ARG A 236 -7.64 15.88 37.88
C ARG A 236 -6.52 16.47 37.03
N THR A 237 -5.82 15.63 36.29
CA THR A 237 -4.71 16.11 35.45
C THR A 237 -5.06 16.39 34.00
N LEU A 238 -6.34 16.26 33.64
CA LEU A 238 -6.75 16.52 32.26
C LEU A 238 -6.48 17.97 31.91
N SER A 239 -5.66 18.17 30.89
CA SER A 239 -5.28 19.51 30.45
C SER A 239 -4.88 19.41 28.98
N PRO A 240 -5.12 20.48 28.20
CA PRO A 240 -4.77 20.45 26.78
C PRO A 240 -3.34 20.04 26.44
N ASN A 241 -2.37 20.38 27.29
CA ASN A 241 -1.00 20.01 26.98
C ASN A 241 -0.45 18.87 27.84
N ALA A 242 -1.34 18.08 28.41
CA ALA A 242 -0.95 16.95 29.24
C ALA A 242 -1.51 15.68 28.62
N SER A 243 -0.85 14.55 28.91
CA SER A 243 -1.31 13.26 28.44
C SER A 243 -2.45 12.82 29.37
N VAL A 244 -3.04 11.68 29.08
CA VAL A 244 -4.13 11.18 29.92
C VAL A 244 -3.59 10.23 30.96
N THR A 245 -3.92 10.46 32.22
CA THR A 245 -3.47 9.60 33.30
C THR A 245 -4.54 8.56 33.53
N SER A 246 -4.26 7.31 33.18
CA SER A 246 -5.24 6.26 33.40
C SER A 246 -4.57 4.95 33.79
N TYR A 247 -5.33 4.09 34.45
CA TYR A 247 -4.83 2.81 34.89
C TYR A 247 -5.75 1.72 34.33
N GLN A 248 -5.16 0.60 33.93
CA GLN A 248 -5.96 -0.51 33.42
C GLN A 248 -6.12 -1.60 34.48
N ILE A 249 -7.36 -1.91 34.81
CA ILE A 249 -7.66 -2.94 35.79
C ILE A 249 -8.00 -4.22 35.01
N VAL A 250 -7.23 -5.28 35.24
CA VAL A 250 -7.47 -6.56 34.57
C VAL A 250 -8.27 -7.48 35.48
N PRO A 251 -8.96 -8.47 34.90
CA PRO A 251 -9.74 -9.37 35.75
C PRO A 251 -8.88 -10.34 36.58
N PRO A 252 -9.47 -10.97 37.62
CA PRO A 252 -8.72 -11.92 38.44
C PRO A 252 -8.28 -13.08 37.57
N ALA A 253 -7.19 -13.73 37.96
CA ALA A 253 -6.66 -14.87 37.20
C ALA A 253 -7.69 -15.95 36.87
N SER A 254 -8.58 -16.25 37.82
CA SER A 254 -9.58 -17.28 37.62
C SER A 254 -10.51 -17.00 36.42
N VAL A 255 -10.45 -15.78 35.91
CA VAL A 255 -11.27 -15.37 34.79
C VAL A 255 -10.43 -15.18 33.52
N LEU A 256 -9.18 -14.79 33.68
CA LEU A 256 -8.27 -14.59 32.54
C LEU A 256 -7.97 -15.88 31.80
N ILE A 257 -8.26 -17.01 32.43
CA ILE A 257 -8.03 -18.32 31.83
C ILE A 257 -8.49 -18.33 30.37
N GLY A 258 -9.77 -18.06 30.15
CA GLY A 258 -10.32 -18.06 28.81
C GLY A 258 -11.13 -16.80 28.54
N ASP A 259 -12.05 -16.88 27.59
CA ASP A 259 -12.90 -15.76 27.24
C ASP A 259 -13.76 -15.39 28.45
N HIS A 260 -14.07 -14.11 28.58
CA HIS A 260 -14.88 -13.65 29.70
C HIS A 260 -15.63 -12.38 29.29
N TYR A 261 -16.44 -11.87 30.22
CA TYR A 261 -17.19 -10.65 30.01
C TYR A 261 -17.11 -9.79 31.28
N LEU A 262 -17.32 -8.49 31.10
CA LEU A 262 -17.36 -7.55 32.20
C LEU A 262 -18.86 -7.35 32.29
N CYS A 263 -19.48 -7.70 33.41
CA CYS A 263 -20.92 -7.53 33.50
C CYS A 263 -21.41 -6.50 34.50
N GLY A 264 -20.50 -5.90 35.26
CA GLY A 264 -20.93 -4.91 36.23
C GLY A 264 -19.85 -4.03 36.82
N VAL A 265 -20.19 -2.76 37.00
CA VAL A 265 -19.28 -1.79 37.58
C VAL A 265 -20.05 -1.01 38.65
N THR A 266 -19.44 -0.84 39.83
CA THR A 266 -20.08 -0.11 40.91
C THR A 266 -19.03 0.65 41.73
N TRP A 267 -19.19 1.96 41.83
CA TRP A 267 -18.26 2.74 42.63
C TRP A 267 -18.68 2.56 44.10
N VAL A 268 -17.71 2.33 44.97
CA VAL A 268 -18.00 2.15 46.40
C VAL A 268 -17.71 3.47 47.13
N THR A 269 -16.52 4.02 46.89
CA THR A 269 -16.10 5.31 47.44
C THR A 269 -15.17 5.90 46.37
N GLU A 270 -14.61 7.09 46.64
CA GLU A 270 -13.71 7.73 45.69
C GLU A 270 -12.44 6.95 45.48
N GLU A 271 -12.18 5.97 46.33
CA GLU A 271 -10.96 5.21 46.20
C GLU A 271 -11.19 3.72 46.19
N ARG A 272 -12.43 3.33 45.97
CA ARG A 272 -12.78 1.91 45.92
C ARG A 272 -13.84 1.63 44.85
N ILE A 273 -13.47 0.80 43.88
CA ILE A 273 -14.36 0.43 42.80
C ILE A 273 -14.59 -1.08 42.78
N SER A 274 -15.82 -1.50 42.46
CA SER A 274 -16.19 -2.92 42.41
C SER A 274 -16.48 -3.40 40.97
N LEU A 275 -15.75 -4.40 40.51
CA LEU A 275 -15.96 -4.93 39.18
C LEU A 275 -16.44 -6.38 39.25
N GLN A 276 -17.44 -6.72 38.44
CA GLN A 276 -17.99 -8.06 38.41
C GLN A 276 -17.73 -8.65 37.02
N TRP A 277 -16.97 -9.74 37.00
CA TRP A 277 -16.62 -10.45 35.77
C TRP A 277 -17.24 -11.82 35.79
N ILE A 278 -17.48 -12.38 34.60
CA ILE A 278 -18.05 -13.70 34.49
C ILE A 278 -17.35 -14.41 33.34
N ARG A 279 -17.18 -15.73 33.44
CA ARG A 279 -16.53 -16.51 32.37
C ARG A 279 -17.50 -16.64 31.20
N ARG A 280 -16.97 -16.97 30.02
CA ARG A 280 -17.85 -17.11 28.86
C ARG A 280 -18.93 -18.14 29.11
N ALA A 281 -18.60 -19.20 29.85
CA ALA A 281 -19.56 -20.25 30.17
C ALA A 281 -20.75 -19.69 30.97
N GLN A 282 -20.48 -18.68 31.79
CA GLN A 282 -21.50 -18.01 32.61
C GLN A 282 -22.06 -18.78 33.81
N ASN A 283 -21.23 -19.65 34.38
CA ASN A 283 -21.61 -20.44 35.54
C ASN A 283 -20.58 -20.17 36.62
N TYR A 284 -19.76 -19.14 36.36
CA TYR A 284 -18.69 -18.72 37.26
C TYR A 284 -18.45 -17.21 37.15
N SER A 285 -18.82 -16.47 38.20
CA SER A 285 -18.60 -15.03 38.20
C SER A 285 -17.80 -14.65 39.44
N ILE A 286 -17.16 -13.49 39.40
CA ILE A 286 -16.38 -13.04 40.53
C ILE A 286 -16.42 -11.51 40.65
N ILE A 287 -16.49 -11.04 41.89
CA ILE A 287 -16.51 -9.63 42.19
C ILE A 287 -15.10 -9.27 42.69
N ASP A 288 -14.49 -8.26 42.07
CA ASP A 288 -13.16 -7.80 42.42
C ASP A 288 -13.29 -6.36 42.89
N ILE A 289 -12.94 -6.11 44.15
CA ILE A 289 -13.03 -4.79 44.76
C ILE A 289 -11.63 -4.18 44.83
N CYS A 290 -11.37 -3.19 43.98
CA CYS A 290 -10.06 -2.54 43.89
C CYS A 290 -9.91 -1.22 44.64
N ASP A 291 -8.81 -1.09 45.37
CA ASP A 291 -8.52 0.10 46.15
C ASP A 291 -7.47 0.99 45.48
N TYR A 292 -7.72 2.29 45.50
CA TYR A 292 -6.80 3.24 44.90
C TYR A 292 -5.57 3.46 45.82
N ASP A 293 -4.38 3.33 45.24
CA ASP A 293 -3.14 3.54 45.97
C ASP A 293 -2.71 4.97 45.65
N GLU A 294 -2.88 5.85 46.61
CA GLU A 294 -2.56 7.27 46.44
C GLU A 294 -1.13 7.63 46.09
N SER A 295 -0.17 6.75 46.35
CA SER A 295 1.22 7.08 46.06
C SER A 295 1.73 6.55 44.72
N THR A 296 0.90 5.81 44.00
CA THR A 296 1.31 5.26 42.69
C THR A 296 0.23 5.44 41.63
N GLY A 297 -0.99 5.73 42.05
CA GLY A 297 -2.08 5.91 41.10
C GLY A 297 -2.66 4.61 40.61
N ARG A 298 -2.18 3.51 41.16
CA ARG A 298 -2.67 2.19 40.79
C ARG A 298 -3.93 1.80 41.54
N TRP A 299 -4.71 0.89 40.93
CA TRP A 299 -5.91 0.36 41.54
C TRP A 299 -5.58 -1.09 41.83
N ILE A 300 -5.35 -1.36 43.12
CA ILE A 300 -4.94 -2.68 43.60
C ILE A 300 -6.05 -3.59 44.09
N SER A 301 -5.92 -4.87 43.78
CA SER A 301 -6.91 -5.85 44.24
C SER A 301 -6.21 -6.92 45.10
N SER A 302 -6.99 -7.57 45.95
CA SER A 302 -6.45 -8.61 46.81
C SER A 302 -7.43 -9.77 46.85
N VAL A 303 -6.90 -10.97 47.01
CA VAL A 303 -7.69 -12.18 47.09
C VAL A 303 -8.73 -12.11 48.20
N ALA A 304 -8.43 -11.34 49.25
CA ALA A 304 -9.35 -11.19 50.36
C ALA A 304 -10.60 -10.42 49.96
N ARG A 305 -10.46 -9.51 49.01
CA ARG A 305 -11.60 -8.72 48.58
C ARG A 305 -12.29 -9.29 47.33
N GLN A 306 -12.04 -10.57 47.05
CA GLN A 306 -12.66 -11.22 45.89
C GLN A 306 -13.76 -12.16 46.35
N HIS A 307 -14.89 -12.13 45.65
CA HIS A 307 -16.04 -12.97 46.00
C HIS A 307 -16.54 -13.75 44.81
N ILE A 308 -16.41 -15.07 44.90
CA ILE A 308 -16.83 -15.98 43.85
C ILE A 308 -18.28 -16.42 43.99
N GLU A 309 -18.93 -16.59 42.85
CA GLU A 309 -20.31 -17.05 42.82
C GLU A 309 -20.42 -18.00 41.64
N ILE A 310 -20.76 -19.26 41.92
CA ILE A 310 -20.89 -20.23 40.84
C ILE A 310 -22.24 -20.93 40.86
N SER A 311 -22.50 -21.64 39.77
CA SER A 311 -23.73 -22.40 39.62
C SER A 311 -23.34 -23.76 39.06
N THR A 312 -23.85 -24.81 39.69
CA THR A 312 -23.55 -26.17 39.27
C THR A 312 -24.70 -26.78 38.46
N THR A 313 -25.89 -26.18 38.58
CA THR A 313 -27.06 -26.68 37.88
C THR A 313 -27.47 -25.83 36.67
N GLY A 314 -26.74 -24.74 36.44
CA GLY A 314 -27.07 -23.87 35.32
C GLY A 314 -26.16 -22.66 35.23
N TRP A 315 -26.77 -21.48 35.17
CA TRP A 315 -26.02 -20.22 35.05
C TRP A 315 -26.18 -19.36 36.31
N VAL A 316 -25.33 -18.36 36.46
CA VAL A 316 -25.37 -17.47 37.61
C VAL A 316 -26.37 -16.32 37.42
N GLY A 317 -27.15 -16.03 38.47
CA GLY A 317 -28.13 -14.96 38.38
C GLY A 317 -29.30 -15.27 37.46
N ARG A 318 -30.12 -14.27 37.17
CA ARG A 318 -31.28 -14.44 36.29
C ARG A 318 -30.88 -14.34 34.82
N PHE A 319 -30.49 -13.14 34.40
CA PHE A 319 -30.04 -12.91 33.04
C PHE A 319 -28.55 -12.59 33.13
N ARG A 320 -28.13 -12.21 34.34
CA ARG A 320 -26.74 -11.86 34.64
C ARG A 320 -26.65 -11.85 36.17
N PRO A 321 -25.44 -11.96 36.73
CA PRO A 321 -25.36 -11.95 38.20
C PRO A 321 -25.91 -10.65 38.78
N ALA A 322 -26.48 -10.73 39.97
CA ALA A 322 -27.04 -9.56 40.63
C ALA A 322 -25.94 -8.58 41.06
N GLU A 323 -26.29 -7.30 41.15
CA GLU A 323 -25.34 -6.27 41.51
C GLU A 323 -25.14 -6.11 43.02
N PRO A 324 -23.91 -5.80 43.45
CA PRO A 324 -23.70 -5.63 44.88
C PRO A 324 -24.14 -4.23 45.29
N HIS A 325 -24.62 -4.09 46.53
CA HIS A 325 -25.05 -2.81 47.07
C HIS A 325 -24.21 -2.54 48.31
N PHE A 326 -23.23 -1.65 48.18
CA PHE A 326 -22.34 -1.34 49.28
C PHE A 326 -22.86 -0.34 50.30
N THR A 327 -22.30 -0.41 51.50
CA THR A 327 -22.64 0.52 52.59
C THR A 327 -21.81 1.77 52.31
N SER A 328 -22.15 2.90 52.93
CA SER A 328 -21.39 4.14 52.71
C SER A 328 -19.88 3.98 52.95
N ASP A 329 -19.51 3.30 54.02
CA ASP A 329 -18.11 3.09 54.35
C ASP A 329 -17.44 2.15 53.34
N GLY A 330 -18.24 1.27 52.73
CA GLY A 330 -17.71 0.34 51.75
C GLY A 330 -17.06 -0.89 52.35
N ASN A 331 -17.30 -1.11 53.64
CA ASN A 331 -16.71 -2.26 54.31
C ASN A 331 -17.55 -3.52 54.22
N SER A 332 -18.79 -3.38 53.73
CA SER A 332 -19.66 -4.53 53.53
C SER A 332 -20.70 -4.23 52.42
N PHE A 333 -21.32 -5.28 51.91
CA PHE A 333 -22.32 -5.08 50.87
C PHE A 333 -23.41 -6.14 50.94
N TYR A 334 -24.55 -5.87 50.33
CA TYR A 334 -25.66 -6.79 50.29
C TYR A 334 -25.89 -7.16 48.84
N LYS A 335 -26.10 -8.44 48.56
CA LYS A 335 -26.32 -8.89 47.20
C LYS A 335 -27.18 -10.14 47.12
N ILE A 336 -28.08 -10.16 46.14
CA ILE A 336 -28.97 -11.28 45.93
C ILE A 336 -28.25 -12.45 45.29
N ILE A 337 -28.39 -13.63 45.89
CA ILE A 337 -27.79 -14.86 45.38
C ILE A 337 -28.75 -15.99 45.72
N SER A 338 -28.53 -17.16 45.14
CA SER A 338 -29.36 -18.34 45.39
C SER A 338 -28.97 -18.99 46.72
N ASN A 339 -29.96 -19.28 47.56
CA ASN A 339 -29.67 -19.92 48.84
C ASN A 339 -29.65 -21.44 48.69
N GLU A 340 -29.56 -22.15 49.81
CA GLU A 340 -29.51 -23.61 49.83
C GLU A 340 -30.67 -24.29 49.09
N GLU A 341 -31.87 -23.71 49.20
CA GLU A 341 -33.05 -24.26 48.57
C GLU A 341 -33.29 -23.84 47.12
N GLY A 342 -32.39 -23.03 46.56
CA GLY A 342 -32.56 -22.59 45.19
C GLY A 342 -33.38 -21.31 45.00
N TYR A 343 -33.72 -20.64 46.10
CA TYR A 343 -34.47 -19.40 46.02
C TYR A 343 -33.50 -18.23 46.17
N LYS A 344 -33.75 -17.15 45.45
CA LYS A 344 -32.88 -15.98 45.51
C LYS A 344 -33.25 -15.02 46.62
N HIS A 345 -32.29 -14.83 47.53
CA HIS A 345 -32.45 -13.96 48.68
C HIS A 345 -31.23 -13.06 48.86
N ILE A 346 -31.35 -12.11 49.77
CA ILE A 346 -30.29 -11.14 50.05
C ILE A 346 -29.25 -11.69 51.04
N CYS A 347 -27.99 -11.69 50.63
CA CYS A 347 -26.93 -12.15 51.51
C CYS A 347 -26.06 -10.95 51.91
N HIS A 348 -25.66 -10.90 53.17
CA HIS A 348 -24.82 -9.82 53.68
C HIS A 348 -23.36 -10.23 53.61
N PHE A 349 -22.57 -9.48 52.85
CA PHE A 349 -21.15 -9.80 52.69
C PHE A 349 -20.23 -8.79 53.38
N GLN A 350 -19.08 -9.27 53.81
CA GLN A 350 -18.07 -8.43 54.42
C GLN A 350 -17.08 -8.27 53.27
N THR A 351 -16.71 -7.05 52.93
CA THR A 351 -15.79 -6.81 51.82
C THR A 351 -14.52 -7.67 51.81
N ASP A 352 -13.92 -7.92 52.98
CA ASP A 352 -12.70 -8.74 53.01
C ASP A 352 -12.84 -10.16 53.60
N LYS A 353 -14.06 -10.70 53.61
CA LYS A 353 -14.30 -12.05 54.12
C LYS A 353 -15.13 -12.80 53.08
N SER A 354 -14.92 -14.11 52.94
CA SER A 354 -15.66 -14.87 51.94
C SER A 354 -17.03 -15.42 52.34
N ASN A 355 -17.31 -15.47 53.64
CA ASN A 355 -18.60 -15.98 54.13
C ASN A 355 -19.71 -14.90 54.18
N CYS A 356 -20.92 -15.23 53.78
CA CYS A 356 -22.00 -14.24 53.87
C CYS A 356 -23.13 -14.78 54.74
N THR A 357 -24.04 -13.90 55.14
CA THR A 357 -25.17 -14.27 55.97
C THR A 357 -26.49 -13.85 55.32
N PHE A 358 -27.37 -14.82 55.08
CA PHE A 358 -28.66 -14.52 54.46
C PHE A 358 -29.50 -13.73 55.45
N ILE A 359 -30.16 -12.68 54.97
CA ILE A 359 -31.00 -11.88 55.85
C ILE A 359 -32.48 -12.04 55.49
N THR A 360 -32.75 -12.85 54.46
CA THR A 360 -34.12 -13.16 54.02
C THR A 360 -34.12 -14.62 53.57
N LYS A 361 -35.26 -15.27 53.71
CA LYS A 361 -35.42 -16.67 53.31
C LYS A 361 -36.89 -17.01 53.05
N GLY A 362 -37.14 -18.14 52.40
CA GLY A 362 -38.51 -18.54 52.10
C GLY A 362 -38.67 -19.07 50.69
N ALA A 363 -39.86 -19.61 50.41
CA ALA A 363 -40.18 -20.15 49.10
C ALA A 363 -40.79 -19.05 48.23
N TRP A 364 -40.00 -17.99 48.07
CA TRP A 364 -40.35 -16.82 47.26
C TRP A 364 -39.01 -16.16 46.97
N GLU A 365 -39.02 -15.11 46.15
CA GLU A 365 -37.74 -14.49 45.82
C GLU A 365 -37.69 -12.98 45.91
N VAL A 366 -36.48 -12.47 46.14
CA VAL A 366 -36.23 -11.05 46.21
C VAL A 366 -35.94 -10.66 44.75
N ILE A 367 -36.67 -9.69 44.24
CA ILE A 367 -36.50 -9.24 42.86
C ILE A 367 -35.28 -8.32 42.76
N GLY A 368 -35.15 -7.42 43.72
CA GLY A 368 -34.02 -6.51 43.72
C GLY A 368 -33.96 -5.62 44.94
N ILE A 369 -32.75 -5.14 45.24
CA ILE A 369 -32.51 -4.26 46.37
C ILE A 369 -32.71 -2.84 45.84
N GLU A 370 -33.65 -2.10 46.43
CA GLU A 370 -33.93 -0.73 45.98
C GLU A 370 -33.17 0.42 46.65
N ALA A 371 -32.94 0.34 47.95
CA ALA A 371 -32.24 1.40 48.66
C ALA A 371 -31.54 0.84 49.89
N LEU A 372 -30.56 1.58 50.40
CA LEU A 372 -29.81 1.13 51.56
C LEU A 372 -29.31 2.29 52.42
N THR A 373 -29.75 2.32 53.67
CA THR A 373 -29.30 3.36 54.61
C THR A 373 -28.53 2.59 55.69
N SER A 374 -28.01 3.30 56.68
CA SER A 374 -27.28 2.61 57.73
C SER A 374 -28.22 1.83 58.65
N ASP A 375 -29.52 2.11 58.58
CA ASP A 375 -30.49 1.43 59.44
C ASP A 375 -31.39 0.41 58.73
N TYR A 376 -31.77 0.69 57.48
CA TYR A 376 -32.65 -0.21 56.76
C TYR A 376 -32.20 -0.56 55.35
N LEU A 377 -32.83 -1.59 54.81
CA LEU A 377 -32.59 -2.04 53.46
C LEU A 377 -33.96 -2.24 52.84
N TYR A 378 -34.22 -1.55 51.73
CA TYR A 378 -35.50 -1.68 51.06
C TYR A 378 -35.31 -2.58 49.85
N TYR A 379 -36.28 -3.45 49.60
CA TYR A 379 -36.19 -4.36 48.47
C TYR A 379 -37.58 -4.70 47.96
N ILE A 380 -37.60 -5.40 46.83
CA ILE A 380 -38.86 -5.82 46.23
C ILE A 380 -38.87 -7.33 46.10
N SER A 381 -39.99 -7.94 46.47
CA SER A 381 -40.12 -9.40 46.39
C SER A 381 -41.54 -9.79 46.00
N ASN A 382 -41.73 -11.07 45.70
CA ASN A 382 -43.05 -11.58 45.34
C ASN A 382 -43.57 -12.48 46.46
N GLU A 383 -43.18 -12.18 47.69
CA GLU A 383 -43.60 -12.95 48.86
C GLU A 383 -45.07 -12.87 49.21
N HIS A 384 -45.65 -11.68 49.12
CA HIS A 384 -47.05 -11.48 49.47
C HIS A 384 -48.02 -12.48 48.81
N LYS A 385 -48.89 -13.06 49.62
CA LYS A 385 -49.87 -14.03 49.15
C LYS A 385 -49.25 -15.19 48.38
N GLY A 386 -47.94 -15.30 48.42
CA GLY A 386 -47.27 -16.37 47.70
C GLY A 386 -47.48 -16.28 46.19
N MET A 387 -47.71 -15.08 45.69
CA MET A 387 -47.92 -14.85 44.25
C MET A 387 -46.61 -14.49 43.55
N PRO A 388 -46.03 -15.44 42.81
CA PRO A 388 -44.77 -15.13 42.13
C PRO A 388 -44.90 -13.97 41.14
N GLY A 389 -46.12 -13.71 40.67
CA GLY A 389 -46.36 -12.64 39.72
C GLY A 389 -46.79 -11.31 40.36
N GLY A 390 -46.51 -11.17 41.65
CA GLY A 390 -46.87 -9.94 42.35
C GLY A 390 -45.58 -9.31 42.84
N ARG A 391 -45.60 -7.98 43.04
CA ARG A 391 -44.42 -7.26 43.51
C ARG A 391 -44.79 -6.31 44.63
N ASN A 392 -43.93 -6.23 45.64
CA ASN A 392 -44.16 -5.32 46.77
C ASN A 392 -42.86 -4.78 47.35
N LEU A 393 -42.97 -3.61 47.99
CA LEU A 393 -41.83 -2.95 48.60
C LEU A 393 -41.72 -3.34 50.07
N TYR A 394 -40.56 -3.84 50.46
CA TYR A 394 -40.34 -4.27 51.83
C TYR A 394 -39.15 -3.52 52.41
N ARG A 395 -39.13 -3.43 53.74
CA ARG A 395 -38.03 -2.78 54.46
C ARG A 395 -37.58 -3.69 55.59
N ILE A 396 -36.27 -3.90 55.69
CA ILE A 396 -35.75 -4.77 56.72
C ILE A 396 -34.70 -4.04 57.57
N GLN A 397 -34.83 -4.15 58.90
CA GLN A 397 -33.90 -3.53 59.83
C GLN A 397 -32.57 -4.26 59.78
N LEU A 398 -31.49 -3.52 59.54
CA LEU A 398 -30.18 -4.14 59.45
C LEU A 398 -29.63 -4.70 60.76
N ASN A 399 -30.10 -4.20 61.90
CA ASN A 399 -29.62 -4.70 63.18
C ASN A 399 -30.52 -5.78 63.79
N ASP A 400 -31.52 -6.21 63.03
CA ASP A 400 -32.45 -7.25 63.47
C ASP A 400 -33.28 -7.72 62.28
N TYR A 401 -32.73 -8.68 61.54
CA TYR A 401 -33.37 -9.24 60.35
C TYR A 401 -34.76 -9.80 60.61
N THR A 402 -35.17 -9.76 61.88
CA THR A 402 -36.48 -10.24 62.29
C THR A 402 -37.54 -9.20 61.94
N LYS A 403 -37.19 -7.93 62.10
CA LYS A 403 -38.13 -6.85 61.80
C LYS A 403 -38.10 -6.42 60.33
N VAL A 404 -39.08 -6.91 59.58
CA VAL A 404 -39.22 -6.59 58.16
C VAL A 404 -40.66 -6.19 57.94
N THR A 405 -40.86 -5.00 57.38
CA THR A 405 -42.20 -4.47 57.12
C THR A 405 -42.57 -4.35 55.65
N CYS A 406 -43.82 -4.65 55.32
CA CYS A 406 -44.23 -4.50 53.94
C CYS A 406 -44.91 -3.13 53.82
N LEU A 407 -44.24 -2.22 53.12
CA LEU A 407 -44.72 -0.86 52.93
C LEU A 407 -45.83 -0.67 51.89
N SER A 408 -46.01 -1.63 50.97
CA SER A 408 -47.02 -1.48 49.93
C SER A 408 -48.20 -2.48 49.96
N CYS A 409 -47.98 -3.64 50.58
CA CYS A 409 -48.99 -4.69 50.66
C CYS A 409 -50.44 -4.30 50.84
N GLU A 410 -50.72 -3.52 51.89
CA GLU A 410 -52.09 -3.12 52.19
C GLU A 410 -52.59 -1.72 51.80
N LEU A 411 -51.85 -1.00 50.97
CA LEU A 411 -52.30 0.33 50.55
C LEU A 411 -53.60 0.25 49.75
N ASN A 412 -53.64 -0.67 48.78
CA ASN A 412 -54.81 -0.91 47.93
C ASN A 412 -54.74 -2.37 47.50
N PRO A 413 -54.89 -3.30 48.45
CA PRO A 413 -54.84 -4.74 48.17
C PRO A 413 -55.57 -5.24 46.94
N GLU A 414 -56.67 -4.59 46.58
CA GLU A 414 -57.45 -5.00 45.40
C GLU A 414 -56.98 -4.40 44.10
N ARG A 415 -56.61 -3.13 44.14
CA ARG A 415 -56.15 -2.42 42.97
C ARG A 415 -54.65 -2.52 42.72
N CYS A 416 -53.87 -2.72 43.78
CA CYS A 416 -52.43 -2.77 43.67
C CYS A 416 -51.71 -3.97 44.27
N GLN A 417 -51.12 -4.78 43.40
CA GLN A 417 -50.39 -5.97 43.81
C GLN A 417 -49.04 -6.07 43.09
N TYR A 418 -48.74 -5.09 42.24
CA TYR A 418 -47.50 -5.08 41.48
C TYR A 418 -46.87 -3.67 41.54
N TYR A 419 -45.82 -3.52 42.35
CA TYR A 419 -45.15 -2.23 42.53
C TYR A 419 -43.68 -2.19 42.17
N SER A 420 -43.18 -0.97 41.95
CA SER A 420 -41.75 -0.72 41.73
C SER A 420 -41.59 0.55 42.56
N ALA A 421 -40.36 0.94 42.89
CA ALA A 421 -40.19 2.14 43.72
C ALA A 421 -38.97 2.95 43.31
N SER A 422 -39.01 4.24 43.65
CA SER A 422 -37.92 5.15 43.34
C SER A 422 -37.63 6.01 44.57
N PHE A 423 -36.47 5.79 45.17
CA PHE A 423 -36.09 6.54 46.38
C PHE A 423 -35.26 7.78 46.11
N SER A 424 -35.44 8.77 46.97
CA SER A 424 -34.69 10.01 46.89
C SER A 424 -33.32 9.69 47.51
N ASN A 425 -32.41 10.64 47.48
CA ASN A 425 -31.07 10.41 48.05
C ASN A 425 -31.26 10.16 49.54
N LYS A 426 -30.42 9.29 50.11
CA LYS A 426 -30.50 8.94 51.52
C LYS A 426 -31.81 8.27 51.91
N ALA A 427 -32.62 7.96 50.91
CA ALA A 427 -33.89 7.28 51.12
C ALA A 427 -34.86 7.92 52.12
N LYS A 428 -35.01 9.24 52.06
CA LYS A 428 -35.92 9.91 52.99
C LYS A 428 -37.35 9.86 52.45
N TYR A 429 -37.48 9.89 51.12
CA TYR A 429 -38.79 9.85 50.48
C TYR A 429 -38.72 8.86 49.34
N TYR A 430 -39.89 8.39 48.90
CA TYR A 430 -39.93 7.48 47.78
C TYR A 430 -41.26 7.56 47.06
N GLN A 431 -41.22 7.30 45.76
CA GLN A 431 -42.41 7.29 44.94
C GLN A 431 -42.78 5.83 44.78
N LEU A 432 -44.06 5.50 44.95
CA LEU A 432 -44.50 4.12 44.79
C LEU A 432 -45.25 4.04 43.47
N ARG A 433 -44.95 3.01 42.69
CA ARG A 433 -45.60 2.85 41.41
C ARG A 433 -46.35 1.53 41.31
N CYS A 434 -47.66 1.64 41.20
CA CYS A 434 -48.56 0.49 41.11
C CYS A 434 -48.98 0.27 39.65
N PHE A 435 -48.70 -0.93 39.12
CA PHE A 435 -49.03 -1.21 37.73
C PHE A 435 -50.20 -2.16 37.51
N GLY A 436 -50.90 -2.51 38.58
CA GLY A 436 -52.04 -3.41 38.46
C GLY A 436 -52.32 -4.18 39.73
N PRO A 437 -53.32 -5.08 39.71
CA PRO A 437 -54.20 -5.38 38.58
C PRO A 437 -55.16 -4.27 38.16
N GLY A 438 -55.33 -3.26 39.02
CA GLY A 438 -56.20 -2.16 38.69
C GLY A 438 -55.45 -1.10 37.89
N LEU A 439 -56.07 0.07 37.70
CA LEU A 439 -55.42 1.15 36.95
C LEU A 439 -54.18 1.64 37.68
N PRO A 440 -53.09 1.87 36.93
CA PRO A 440 -51.85 2.34 37.57
C PRO A 440 -52.09 3.50 38.54
N LEU A 441 -51.31 3.52 39.61
CA LEU A 441 -51.44 4.55 40.65
C LEU A 441 -50.07 4.96 41.18
N TYR A 442 -49.75 6.25 41.06
CA TYR A 442 -48.47 6.75 41.54
C TYR A 442 -48.68 7.55 42.81
N THR A 443 -47.83 7.31 43.80
CA THR A 443 -47.92 8.00 45.09
C THR A 443 -46.54 8.37 45.63
N LEU A 444 -46.52 9.37 46.51
CA LEU A 444 -45.28 9.86 47.13
C LEU A 444 -45.36 9.54 48.64
N HIS A 445 -44.30 8.96 49.18
CA HIS A 445 -44.27 8.58 50.60
C HIS A 445 -43.03 9.06 51.33
N SER A 446 -43.14 9.13 52.66
CA SER A 446 -42.03 9.52 53.50
C SER A 446 -41.48 8.25 54.14
N SER A 447 -40.16 8.14 54.27
CA SER A 447 -39.57 6.95 54.86
C SER A 447 -39.65 6.93 56.38
N SER A 448 -39.78 8.11 56.99
CA SER A 448 -39.87 8.22 58.44
C SER A 448 -41.24 7.81 59.00
N SER A 449 -42.31 8.35 58.43
CA SER A 449 -43.65 8.04 58.91
C SER A 449 -44.42 7.05 58.04
N ASP A 450 -43.81 6.58 56.96
CA ASP A 450 -44.46 5.65 56.04
C ASP A 450 -45.79 6.21 55.58
N LYS A 451 -46.03 7.49 55.89
CA LYS A 451 -47.26 8.16 55.52
C LYS A 451 -47.26 8.50 54.03
N GLU A 452 -48.44 8.49 53.43
CA GLU A 452 -48.58 8.80 52.03
C GLU A 452 -48.80 10.30 51.85
N LEU A 453 -47.73 11.03 51.55
CA LEU A 453 -47.79 12.46 51.36
C LEU A 453 -48.90 12.87 50.38
N ARG A 454 -48.95 12.23 49.22
CA ARG A 454 -49.99 12.57 48.24
C ARG A 454 -50.11 11.65 47.03
N VAL A 455 -51.15 11.88 46.24
CA VAL A 455 -51.42 11.12 45.03
C VAL A 455 -50.90 11.91 43.85
N LEU A 456 -49.90 11.35 43.17
CA LEU A 456 -49.28 12.02 42.03
C LEU A 456 -50.11 11.83 40.75
N GLU A 457 -50.68 10.65 40.58
CA GLU A 457 -51.48 10.35 39.40
C GLU A 457 -52.32 9.11 39.69
N ASP A 458 -53.63 9.23 39.56
CA ASP A 458 -54.50 8.09 39.83
C ASP A 458 -55.29 7.63 38.61
N ASN A 459 -55.02 8.20 37.45
CA ASN A 459 -55.70 7.82 36.22
C ASN A 459 -57.22 7.88 36.28
N SER A 460 -57.76 8.85 37.04
CA SER A 460 -59.21 8.98 37.16
C SER A 460 -59.86 9.28 35.81
N ALA A 461 -59.11 9.88 34.89
CA ALA A 461 -59.62 10.17 33.56
C ALA A 461 -59.89 8.88 32.80
N LEU A 462 -58.92 7.96 32.84
CA LEU A 462 -59.04 6.68 32.17
C LEU A 462 -60.22 5.90 32.76
N ASP A 463 -60.34 5.94 34.08
CA ASP A 463 -61.43 5.26 34.77
C ASP A 463 -62.77 5.71 34.19
N LYS A 464 -62.91 7.01 33.99
CA LYS A 464 -64.13 7.59 33.44
C LYS A 464 -64.45 6.97 32.08
N MET A 465 -63.48 7.03 31.17
CA MET A 465 -63.64 6.50 29.81
C MET A 465 -64.01 5.02 29.77
N LEU A 466 -63.35 4.22 30.62
CA LEU A 466 -63.59 2.77 30.64
C LEU A 466 -64.91 2.26 31.20
N GLN A 467 -65.59 3.06 32.01
CA GLN A 467 -66.85 2.62 32.56
C GLN A 467 -67.93 2.69 31.49
N ASP A 468 -67.57 3.29 30.36
CA ASP A 468 -68.46 3.45 29.23
C ASP A 468 -68.24 2.31 28.22
N VAL A 469 -67.29 1.43 28.51
CA VAL A 469 -66.98 0.32 27.62
C VAL A 469 -66.94 -1.05 28.30
N GLN A 470 -67.33 -2.08 27.56
CA GLN A 470 -67.36 -3.45 28.06
C GLN A 470 -65.96 -4.06 28.11
N MET A 471 -65.27 -3.85 29.22
CA MET A 471 -63.93 -4.37 29.38
C MET A 471 -63.91 -5.84 29.77
N PRO A 472 -62.86 -6.57 29.36
CA PRO A 472 -62.78 -8.00 29.70
C PRO A 472 -62.19 -8.10 31.11
N SER A 473 -62.16 -9.30 31.68
CA SER A 473 -61.61 -9.48 33.02
C SER A 473 -60.42 -10.43 32.96
N LYS A 474 -59.47 -10.22 33.88
CA LYS A 474 -58.27 -11.03 33.95
C LYS A 474 -58.29 -11.86 35.25
N LYS A 475 -58.22 -13.17 35.09
CA LYS A 475 -58.24 -14.07 36.24
C LYS A 475 -56.93 -14.85 36.29
N LEU A 476 -56.35 -14.94 37.49
CA LEU A 476 -55.11 -15.68 37.69
C LEU A 476 -55.40 -16.90 38.57
N ASP A 477 -54.80 -18.03 38.23
CA ASP A 477 -55.01 -19.25 39.01
C ASP A 477 -53.83 -20.21 38.83
N VAL A 478 -53.99 -21.43 39.33
CA VAL A 478 -52.92 -22.42 39.25
C VAL A 478 -53.39 -23.78 38.72
N ILE A 479 -52.44 -24.59 38.25
CA ILE A 479 -52.71 -25.94 37.79
C ILE A 479 -51.48 -26.76 38.11
N ASN A 480 -51.65 -28.08 38.16
CA ASN A 480 -50.54 -28.96 38.48
C ASN A 480 -49.95 -29.67 37.28
N LEU A 481 -48.63 -29.72 37.23
CA LEU A 481 -47.90 -30.40 36.16
C LEU A 481 -46.70 -31.06 36.83
N HIS A 482 -46.56 -32.37 36.65
CA HIS A 482 -45.45 -33.10 37.23
C HIS A 482 -45.38 -32.90 38.74
N GLY A 483 -46.54 -32.77 39.38
CA GLY A 483 -46.57 -32.57 40.82
C GLY A 483 -46.16 -31.19 41.28
N THR A 484 -45.91 -30.29 40.34
CA THR A 484 -45.52 -28.92 40.68
C THR A 484 -46.62 -27.97 40.25
N LYS A 485 -46.94 -26.99 41.08
CA LYS A 485 -47.98 -26.03 40.75
C LYS A 485 -47.40 -24.84 39.96
N PHE A 486 -48.01 -24.54 38.83
CA PHE A 486 -47.56 -23.43 38.00
C PHE A 486 -48.73 -22.47 37.80
N TRP A 487 -48.40 -21.20 37.56
CA TRP A 487 -49.44 -20.19 37.36
C TRP A 487 -49.82 -19.95 35.89
N TYR A 488 -51.02 -19.43 35.72
CA TYR A 488 -51.54 -19.11 34.39
C TYR A 488 -52.56 -17.99 34.53
N GLN A 489 -52.85 -17.31 33.44
CA GLN A 489 -53.82 -16.23 33.48
C GLN A 489 -54.74 -16.36 32.26
N MET A 490 -55.91 -15.75 32.35
CA MET A 490 -56.88 -15.78 31.26
C MET A 490 -57.58 -14.45 31.16
N ILE A 491 -57.60 -13.88 29.96
CA ILE A 491 -58.31 -12.62 29.74
C ILE A 491 -59.66 -13.14 29.24
N LEU A 492 -60.70 -12.95 30.04
CA LEU A 492 -62.02 -13.44 29.69
C LEU A 492 -62.91 -12.38 29.07
N PRO A 493 -63.65 -12.77 28.03
CA PRO A 493 -64.57 -11.85 27.35
C PRO A 493 -65.63 -11.30 28.30
N PRO A 494 -66.15 -10.09 28.01
CA PRO A 494 -67.17 -9.48 28.86
C PRO A 494 -68.38 -10.39 28.98
N HIS A 495 -69.07 -10.34 30.12
CA HIS A 495 -70.25 -11.17 30.33
C HIS A 495 -69.89 -12.63 30.07
N PHE A 496 -68.78 -13.06 30.66
CA PHE A 496 -68.31 -14.42 30.48
C PHE A 496 -69.34 -15.44 30.94
N ASP A 497 -69.78 -16.26 30.00
CA ASP A 497 -70.75 -17.31 30.29
C ASP A 497 -70.06 -18.67 30.29
N LYS A 498 -69.72 -19.14 31.49
CA LYS A 498 -69.03 -20.43 31.67
C LYS A 498 -69.78 -21.58 31.00
N SER A 499 -70.85 -21.24 30.28
CA SER A 499 -71.67 -22.21 29.56
C SER A 499 -71.16 -22.39 28.13
N LYS A 500 -71.31 -21.34 27.33
CA LYS A 500 -70.88 -21.32 25.94
C LYS A 500 -69.43 -21.78 25.78
N LYS A 501 -69.03 -22.07 24.55
CA LYS A 501 -67.67 -22.52 24.26
C LYS A 501 -66.92 -21.49 23.39
N TYR A 502 -65.89 -20.85 23.94
CA TYR A 502 -65.14 -19.85 23.17
C TYR A 502 -63.79 -20.31 22.64
N PRO A 503 -63.37 -19.79 21.47
CA PRO A 503 -62.07 -20.17 20.91
C PRO A 503 -60.97 -19.64 21.85
N LEU A 504 -59.88 -20.37 21.95
CA LEU A 504 -58.80 -20.02 22.85
C LEU A 504 -57.53 -19.58 22.14
N LEU A 505 -56.98 -18.46 22.56
CA LEU A 505 -55.70 -17.97 22.01
C LEU A 505 -54.69 -18.06 23.15
N ILE A 506 -53.59 -18.76 22.89
CA ILE A 506 -52.54 -18.89 23.90
C ILE A 506 -51.43 -17.91 23.54
N GLU A 507 -51.18 -16.93 24.40
CA GLU A 507 -50.11 -15.96 24.18
C GLU A 507 -48.90 -16.45 24.98
N VAL A 508 -47.85 -16.85 24.27
CA VAL A 508 -46.65 -17.39 24.91
C VAL A 508 -45.35 -16.62 24.72
N TYR A 509 -44.42 -16.88 25.64
CA TYR A 509 -43.08 -16.34 25.59
C TYR A 509 -42.27 -17.55 26.09
N ALA A 510 -42.39 -17.84 27.37
CA ALA A 510 -41.75 -19.02 27.95
C ALA A 510 -40.24 -19.16 27.83
N GLY A 511 -39.51 -18.06 27.68
CA GLY A 511 -38.06 -18.16 27.59
C GLY A 511 -37.43 -18.23 28.97
N PRO A 512 -36.18 -18.71 29.09
CA PRO A 512 -35.55 -18.80 30.42
C PRO A 512 -35.63 -17.53 31.27
N CYS A 513 -36.24 -17.70 32.44
CA CYS A 513 -36.45 -16.67 33.46
C CYS A 513 -37.50 -15.63 33.10
N SER A 514 -38.47 -16.04 32.29
CA SER A 514 -39.54 -15.15 31.87
C SER A 514 -40.77 -15.27 32.75
N GLN A 515 -41.69 -14.32 32.59
CA GLN A 515 -42.93 -14.31 33.35
C GLN A 515 -44.05 -13.68 32.56
N LYS A 516 -44.92 -14.51 31.96
CA LYS A 516 -46.05 -13.99 31.20
C LYS A 516 -47.25 -13.80 32.11
N VAL A 517 -47.24 -14.47 33.25
CA VAL A 517 -48.35 -14.39 34.19
C VAL A 517 -48.06 -13.46 35.37
N ASP A 518 -48.67 -12.28 35.36
CA ASP A 518 -48.49 -11.32 36.45
C ASP A 518 -49.76 -10.52 36.67
N THR A 519 -49.70 -9.54 37.54
CA THR A 519 -50.87 -8.72 37.84
C THR A 519 -50.79 -7.30 37.30
N VAL A 520 -50.03 -7.13 36.22
CA VAL A 520 -49.88 -5.81 35.60
C VAL A 520 -51.10 -5.48 34.72
N PHE A 521 -51.55 -4.23 34.76
CA PHE A 521 -52.69 -3.78 33.95
C PHE A 521 -52.19 -3.41 32.55
N ARG A 522 -52.83 -3.97 31.53
CA ARG A 522 -52.42 -3.72 30.15
C ARG A 522 -53.55 -3.59 29.15
N LEU A 523 -53.54 -2.51 28.38
CA LEU A 523 -54.52 -2.31 27.31
C LEU A 523 -53.77 -2.93 26.12
N SER A 524 -54.09 -4.18 25.82
CA SER A 524 -53.38 -4.88 24.75
C SER A 524 -54.25 -5.37 23.61
N TRP A 525 -53.61 -6.10 22.70
CA TRP A 525 -54.30 -6.68 21.56
C TRP A 525 -55.28 -7.72 22.12
N ALA A 526 -54.88 -8.40 23.19
CA ALA A 526 -55.71 -9.41 23.83
C ALA A 526 -56.97 -8.74 24.41
N THR A 527 -56.85 -7.50 24.85
CA THR A 527 -57.99 -6.78 25.41
C THR A 527 -59.05 -6.72 24.33
N TYR A 528 -58.63 -6.45 23.10
CA TYR A 528 -59.53 -6.36 21.96
C TYR A 528 -60.09 -7.72 21.55
N LEU A 529 -59.22 -8.74 21.52
CA LEU A 529 -59.67 -10.08 21.14
C LEU A 529 -60.74 -10.61 22.08
N ALA A 530 -60.63 -10.31 23.37
CA ALA A 530 -61.61 -10.78 24.36
C ALA A 530 -62.86 -9.90 24.36
N SER A 531 -62.66 -8.58 24.40
CA SER A 531 -63.75 -7.62 24.44
C SER A 531 -64.66 -7.61 23.21
N THR A 532 -64.05 -7.55 22.03
CA THR A 532 -64.81 -7.48 20.79
C THR A 532 -65.05 -8.82 20.07
N GLU A 533 -64.00 -9.64 19.97
CA GLU A 533 -64.11 -10.93 19.28
C GLU A 533 -64.50 -12.11 20.17
N ASN A 534 -64.73 -11.85 21.45
CA ASN A 534 -65.09 -12.93 22.38
C ASN A 534 -64.16 -14.14 22.33
N ILE A 535 -62.86 -13.86 22.34
CA ILE A 535 -61.86 -14.92 22.33
C ILE A 535 -61.20 -14.91 23.71
N ILE A 536 -60.85 -16.09 24.23
CA ILE A 536 -60.20 -16.17 25.52
C ILE A 536 -58.71 -16.19 25.25
N VAL A 537 -57.97 -15.31 25.90
CA VAL A 537 -56.52 -15.28 25.71
C VAL A 537 -55.84 -15.67 27.02
N ALA A 538 -55.12 -16.79 27.00
CA ALA A 538 -54.45 -17.27 28.19
C ALA A 538 -52.93 -17.35 28.04
N SER A 539 -52.24 -17.37 29.19
CA SER A 539 -50.80 -17.48 29.24
C SER A 539 -50.43 -18.42 30.38
N PHE A 540 -49.29 -19.10 30.23
CA PHE A 540 -48.84 -20.06 31.24
C PHE A 540 -47.33 -20.03 31.45
N ASP A 541 -46.90 -20.01 32.72
CA ASP A 541 -45.49 -20.05 33.05
C ASP A 541 -45.15 -21.45 33.57
N GLY A 542 -44.40 -22.21 32.79
CA GLY A 542 -44.04 -23.55 33.21
C GLY A 542 -42.57 -23.70 33.54
N ARG A 543 -42.00 -24.85 33.23
CA ARG A 543 -40.59 -25.07 33.53
C ARG A 543 -39.73 -24.12 32.70
N GLY A 544 -38.75 -23.50 33.36
CA GLY A 544 -37.88 -22.56 32.68
C GLY A 544 -38.22 -21.13 33.09
N SER A 545 -39.47 -20.89 33.45
CA SER A 545 -39.89 -19.55 33.87
C SER A 545 -39.15 -19.14 35.16
N GLY A 546 -39.20 -17.84 35.50
CA GLY A 546 -38.48 -17.37 36.66
C GLY A 546 -39.26 -16.89 37.85
N TYR A 547 -38.52 -16.45 38.87
CA TYR A 547 -39.10 -15.93 40.11
C TYR A 547 -39.76 -16.99 41.00
N GLN A 548 -39.42 -18.25 40.76
CA GLN A 548 -39.99 -19.36 41.54
C GLN A 548 -38.91 -20.36 42.00
N GLY A 549 -37.65 -19.91 41.99
CA GLY A 549 -36.57 -20.79 42.42
C GLY A 549 -35.80 -21.38 41.24
N ASP A 550 -34.53 -21.67 41.47
CA ASP A 550 -33.63 -22.25 40.47
C ASP A 550 -34.11 -23.61 39.98
N LYS A 551 -34.82 -24.31 40.84
CA LYS A 551 -35.35 -25.62 40.54
C LYS A 551 -36.15 -25.55 39.23
N ILE A 552 -37.18 -24.72 39.22
CA ILE A 552 -38.03 -24.54 38.05
C ILE A 552 -37.34 -23.80 36.90
N MET A 553 -36.50 -22.82 37.23
CA MET A 553 -35.82 -22.05 36.20
C MET A 553 -34.75 -22.83 35.43
N HIS A 554 -33.91 -23.55 36.16
CA HIS A 554 -32.85 -24.32 35.52
C HIS A 554 -33.32 -25.63 34.91
N ALA A 555 -34.63 -25.86 34.92
CA ALA A 555 -35.16 -27.10 34.35
C ALA A 555 -34.78 -27.26 32.88
N ILE A 556 -34.73 -26.16 32.13
CA ILE A 556 -34.37 -26.24 30.72
C ILE A 556 -32.90 -26.02 30.40
N ASN A 557 -32.03 -26.06 31.40
CA ASN A 557 -30.60 -25.86 31.18
C ASN A 557 -30.10 -26.84 30.14
N ARG A 558 -29.31 -26.34 29.20
CA ARG A 558 -28.72 -27.13 28.11
C ARG A 558 -29.74 -27.88 27.24
N ARG A 559 -31.02 -27.54 27.37
CA ARG A 559 -32.05 -28.18 26.58
C ARG A 559 -33.25 -27.28 26.23
N LEU A 560 -32.96 -26.10 25.70
CA LEU A 560 -34.02 -25.18 25.28
C LEU A 560 -34.88 -25.84 24.19
N GLY A 561 -36.17 -25.55 24.18
CA GLY A 561 -37.03 -26.15 23.17
C GLY A 561 -37.69 -27.44 23.60
N THR A 562 -37.40 -27.89 24.83
CA THR A 562 -38.00 -29.14 25.30
C THR A 562 -39.10 -28.95 26.33
N PHE A 563 -38.75 -28.87 27.62
CA PHE A 563 -39.76 -28.75 28.68
C PHE A 563 -40.67 -27.52 28.63
N GLU A 564 -40.13 -26.36 28.29
CA GLU A 564 -40.99 -25.18 28.25
C GLU A 564 -42.01 -25.29 27.10
N VAL A 565 -41.62 -25.98 26.03
CA VAL A 565 -42.51 -26.18 24.88
C VAL A 565 -43.58 -27.21 25.27
N GLU A 566 -43.11 -28.32 25.84
CA GLU A 566 -44.00 -29.39 26.27
C GLU A 566 -45.03 -28.92 27.31
N ASP A 567 -44.58 -28.10 28.27
CA ASP A 567 -45.50 -27.59 29.29
C ASP A 567 -46.59 -26.68 28.73
N GLN A 568 -46.31 -25.99 27.63
CA GLN A 568 -47.33 -25.13 27.05
C GLN A 568 -48.42 -26.02 26.48
N ILE A 569 -48.00 -27.15 25.90
CA ILE A 569 -48.95 -28.10 25.31
C ILE A 569 -49.84 -28.77 26.34
N GLU A 570 -49.24 -29.30 27.40
CA GLU A 570 -49.99 -29.95 28.47
C GLU A 570 -50.90 -28.98 29.23
N ALA A 571 -50.45 -27.76 29.46
CA ALA A 571 -51.27 -26.77 30.15
C ALA A 571 -52.48 -26.40 29.30
N THR A 572 -52.27 -26.28 27.99
CA THR A 572 -53.36 -25.93 27.07
C THR A 572 -54.35 -27.09 27.03
N ARG A 573 -53.81 -28.29 27.12
CA ARG A 573 -54.61 -29.51 27.10
C ARG A 573 -55.55 -29.50 28.32
N GLN A 574 -55.06 -29.06 29.47
CA GLN A 574 -55.90 -29.01 30.65
C GLN A 574 -56.91 -27.87 30.53
N PHE A 575 -56.52 -26.78 29.88
CA PHE A 575 -57.44 -25.65 29.69
C PHE A 575 -58.61 -26.06 28.80
N SER A 576 -58.30 -26.82 27.76
CA SER A 576 -59.32 -27.27 26.81
C SER A 576 -60.33 -28.23 27.42
N LYS A 577 -59.98 -28.82 28.56
CA LYS A 577 -60.91 -29.74 29.21
C LYS A 577 -61.91 -29.02 30.09
N MET A 578 -61.62 -27.77 30.42
CA MET A 578 -62.55 -26.96 31.21
C MET A 578 -63.68 -26.63 30.22
N GLY A 579 -64.89 -27.07 30.53
CA GLY A 579 -66.04 -26.88 29.67
C GLY A 579 -66.29 -25.62 28.83
N PHE A 580 -65.68 -24.48 29.17
CA PHE A 580 -65.92 -23.24 28.41
C PHE A 580 -64.98 -22.95 27.22
N VAL A 581 -64.21 -23.95 26.81
CA VAL A 581 -63.28 -23.80 25.69
C VAL A 581 -63.62 -24.74 24.54
N ASP A 582 -63.59 -24.21 23.31
CA ASP A 582 -63.87 -25.02 22.13
C ASP A 582 -62.57 -25.67 21.68
N ASP A 583 -62.39 -26.93 22.03
CA ASP A 583 -61.19 -27.68 21.66
C ASP A 583 -60.88 -27.64 20.17
N LYS A 584 -61.92 -27.45 19.37
CA LYS A 584 -61.76 -27.40 17.91
C LYS A 584 -61.05 -26.14 17.41
N ARG A 585 -61.09 -25.06 18.19
CA ARG A 585 -60.49 -23.78 17.79
C ARG A 585 -59.49 -23.17 18.78
N ILE A 586 -58.29 -23.72 18.82
CA ILE A 586 -57.25 -23.20 19.71
C ILE A 586 -56.01 -22.77 18.93
N ALA A 587 -55.53 -21.57 19.23
CA ALA A 587 -54.34 -21.06 18.55
C ALA A 587 -53.26 -20.60 19.55
N ILE A 588 -52.06 -20.40 19.02
CA ILE A 588 -50.94 -19.96 19.82
C ILE A 588 -50.07 -18.96 19.03
N TRP A 589 -49.65 -17.90 19.70
CA TRP A 589 -48.78 -16.93 19.04
C TRP A 589 -47.71 -16.44 20.01
N GLY A 590 -46.62 -15.94 19.44
CA GLY A 590 -45.52 -15.43 20.24
C GLY A 590 -44.54 -14.54 19.49
N TRP A 591 -43.71 -13.83 20.26
CA TRP A 591 -42.70 -12.91 19.71
C TRP A 591 -41.35 -13.37 20.20
N SER A 592 -40.36 -13.30 19.31
CA SER A 592 -39.00 -13.68 19.65
C SER A 592 -38.94 -15.10 20.19
N TYR A 593 -38.63 -15.21 21.48
CA TYR A 593 -38.57 -16.52 22.12
C TYR A 593 -39.97 -17.10 22.09
N GLY A 594 -40.96 -16.23 22.20
CA GLY A 594 -42.34 -16.70 22.15
C GLY A 594 -42.64 -17.22 20.75
N GLY A 595 -41.92 -16.69 19.75
CA GLY A 595 -42.14 -17.12 18.39
C GLY A 595 -41.53 -18.48 18.15
N TYR A 596 -40.39 -18.72 18.80
CA TYR A 596 -39.67 -19.99 18.72
C TYR A 596 -40.57 -21.06 19.29
N VAL A 597 -40.94 -20.87 20.55
CA VAL A 597 -41.80 -21.79 21.28
C VAL A 597 -43.09 -22.02 20.50
N THR A 598 -43.72 -20.94 20.08
CA THR A 598 -44.95 -21.06 19.31
C THR A 598 -44.71 -22.02 18.14
N SER A 599 -43.60 -21.85 17.44
CA SER A 599 -43.27 -22.70 16.30
C SER A 599 -42.95 -24.12 16.69
N MET A 600 -42.35 -24.30 17.87
CA MET A 600 -41.99 -25.64 18.33
C MET A 600 -43.26 -26.40 18.72
N VAL A 601 -44.26 -25.67 19.20
CA VAL A 601 -45.53 -26.27 19.57
C VAL A 601 -46.26 -26.70 18.30
N LEU A 602 -46.47 -25.75 17.39
CA LEU A 602 -47.15 -26.05 16.14
C LEU A 602 -46.50 -27.22 15.42
N GLY A 603 -45.21 -27.47 15.69
CA GLY A 603 -44.54 -28.57 15.02
C GLY A 603 -44.41 -29.84 15.84
N ALA A 604 -45.06 -29.85 16.99
CA ALA A 604 -45.01 -31.00 17.89
C ALA A 604 -45.99 -32.10 17.48
N GLY A 605 -46.96 -31.76 16.64
CA GLY A 605 -47.93 -32.76 16.21
C GLY A 605 -48.81 -33.23 17.34
N SER A 606 -49.08 -32.35 18.29
CA SER A 606 -49.91 -32.68 19.44
C SER A 606 -51.39 -32.73 19.07
N GLY A 607 -51.72 -32.19 17.90
CA GLY A 607 -53.11 -32.18 17.46
C GLY A 607 -53.94 -31.21 18.28
N VAL A 608 -53.32 -30.53 19.24
CA VAL A 608 -54.05 -29.60 20.10
C VAL A 608 -54.37 -28.24 19.48
N PHE A 609 -53.45 -27.72 18.68
CA PHE A 609 -53.65 -26.40 18.08
C PHE A 609 -54.02 -26.42 16.60
N LYS A 610 -54.97 -25.57 16.24
CA LYS A 610 -55.45 -25.46 14.87
C LYS A 610 -54.56 -24.51 14.04
N CYS A 611 -54.16 -23.39 14.62
CA CYS A 611 -53.31 -22.42 13.95
C CYS A 611 -52.42 -21.66 14.94
N GLY A 612 -51.43 -20.94 14.41
CA GLY A 612 -50.52 -20.19 15.23
C GLY A 612 -49.79 -19.11 14.45
N ILE A 613 -49.32 -18.09 15.15
CA ILE A 613 -48.61 -16.98 14.51
C ILE A 613 -47.27 -16.76 15.22
N ALA A 614 -46.19 -16.71 14.45
CA ALA A 614 -44.86 -16.48 15.02
C ALA A 614 -44.26 -15.19 14.47
N VAL A 615 -43.90 -14.27 15.35
CA VAL A 615 -43.31 -12.99 14.94
C VAL A 615 -41.83 -12.93 15.34
N ALA A 616 -40.96 -12.70 14.35
CA ALA A 616 -39.52 -12.61 14.56
C ALA A 616 -39.00 -13.71 15.51
N PRO A 617 -39.28 -14.97 15.18
CA PRO A 617 -38.85 -16.09 16.02
C PRO A 617 -37.43 -16.56 15.77
N VAL A 618 -36.88 -17.24 16.77
CA VAL A 618 -35.58 -17.85 16.64
C VAL A 618 -36.00 -19.19 16.01
N SER A 619 -35.19 -19.72 15.11
CA SER A 619 -35.55 -20.98 14.49
C SER A 619 -34.46 -22.02 14.71
N LYS A 620 -33.24 -21.53 14.90
CA LYS A 620 -32.08 -22.39 15.13
C LYS A 620 -31.13 -21.62 16.03
N TRP A 621 -30.82 -22.19 17.20
CA TRP A 621 -29.97 -21.52 18.16
C TRP A 621 -28.57 -21.13 17.72
N GLU A 622 -28.04 -21.80 16.70
CA GLU A 622 -26.71 -21.46 16.22
C GLU A 622 -26.74 -20.12 15.48
N TYR A 623 -27.94 -19.61 15.21
CA TYR A 623 -28.10 -18.33 14.53
C TYR A 623 -28.21 -17.16 15.51
N TYR A 624 -28.51 -17.43 16.78
CA TYR A 624 -28.65 -16.35 17.76
C TYR A 624 -27.28 -15.95 18.36
N ASP A 625 -27.23 -14.84 19.09
CA ASP A 625 -25.96 -14.39 19.65
C ASP A 625 -25.37 -15.30 20.73
N SER A 626 -24.05 -15.25 20.83
CA SER A 626 -23.28 -16.06 21.78
C SER A 626 -23.60 -15.90 23.27
N VAL A 627 -23.70 -14.67 23.75
CA VAL A 627 -23.95 -14.45 25.16
C VAL A 627 -25.23 -15.09 25.68
N TYR A 628 -26.35 -14.82 25.01
CA TYR A 628 -27.63 -15.37 25.44
C TYR A 628 -27.73 -16.87 25.20
N THR A 629 -27.39 -17.31 23.99
CA THR A 629 -27.49 -18.72 23.64
C THR A 629 -26.61 -19.63 24.49
N GLU A 630 -25.32 -19.33 24.56
CA GLU A 630 -24.39 -20.13 25.32
C GLU A 630 -24.71 -20.19 26.82
N ARG A 631 -25.31 -19.13 27.34
CA ARG A 631 -25.67 -19.08 28.75
C ARG A 631 -26.54 -20.28 29.14
N TYR A 632 -27.42 -20.70 28.22
CA TYR A 632 -28.32 -21.81 28.49
C TYR A 632 -27.96 -23.10 27.73
N MET A 633 -27.24 -22.97 26.62
CA MET A 633 -26.93 -24.14 25.80
C MET A 633 -25.49 -24.62 25.73
N GLY A 634 -24.55 -23.87 26.30
CA GLY A 634 -23.17 -24.28 26.20
C GLY A 634 -22.72 -24.09 24.77
N LEU A 635 -21.58 -24.67 24.39
CA LEU A 635 -21.07 -24.50 23.03
C LEU A 635 -21.60 -25.57 22.06
N PRO A 636 -21.88 -25.17 20.81
CA PRO A 636 -22.39 -26.10 19.80
C PRO A 636 -21.31 -26.96 19.14
N THR A 637 -20.50 -27.60 19.97
CA THR A 637 -19.42 -28.46 19.49
C THR A 637 -19.71 -29.91 19.91
N PRO A 638 -19.23 -30.88 19.12
CA PRO A 638 -19.49 -32.27 19.50
C PRO A 638 -18.98 -32.63 20.92
N GLU A 639 -18.06 -31.82 21.45
CA GLU A 639 -17.53 -32.06 22.79
C GLU A 639 -18.51 -31.53 23.85
N ASP A 640 -19.29 -30.52 23.50
CA ASP A 640 -20.22 -29.92 24.44
C ASP A 640 -21.69 -30.30 24.21
N ASN A 641 -22.47 -29.38 23.63
CA ASN A 641 -23.90 -29.65 23.46
C ASN A 641 -24.47 -29.68 22.04
N LEU A 642 -23.62 -29.94 21.04
CA LEU A 642 -24.09 -29.98 19.66
C LEU A 642 -25.37 -30.79 19.43
N ASP A 643 -25.44 -31.96 20.05
CA ASP A 643 -26.62 -32.81 19.89
C ASP A 643 -27.94 -32.12 20.22
N TYR A 644 -27.99 -31.36 21.31
CA TYR A 644 -29.22 -30.68 21.68
C TYR A 644 -29.43 -29.38 20.90
N TYR A 645 -28.40 -28.95 20.20
CA TYR A 645 -28.48 -27.76 19.38
C TYR A 645 -29.20 -28.22 18.12
N ARG A 646 -28.77 -29.36 17.60
CA ARG A 646 -29.31 -29.92 16.37
C ARG A 646 -30.75 -30.40 16.42
N ASN A 647 -31.16 -31.02 17.53
CA ASN A 647 -32.51 -31.51 17.58
C ASN A 647 -33.52 -30.53 18.19
N SER A 648 -33.12 -29.26 18.31
CA SER A 648 -34.00 -28.23 18.88
C SER A 648 -34.35 -27.14 17.85
N THR A 649 -33.96 -27.36 16.60
CA THR A 649 -34.27 -26.38 15.55
C THR A 649 -35.74 -26.55 15.19
N VAL A 650 -36.37 -25.51 14.69
CA VAL A 650 -37.77 -25.60 14.28
C VAL A 650 -37.83 -26.41 12.98
N MET A 651 -36.82 -26.26 12.13
CA MET A 651 -36.76 -26.97 10.85
C MET A 651 -36.93 -28.48 10.97
N SER A 652 -36.30 -29.07 11.99
CA SER A 652 -36.39 -30.51 12.20
C SER A 652 -37.82 -31.00 12.43
N ARG A 653 -38.76 -30.08 12.65
CA ARG A 653 -40.16 -30.47 12.88
C ARG A 653 -41.06 -30.02 11.74
N ALA A 654 -40.46 -29.68 10.60
CA ALA A 654 -41.20 -29.18 9.44
C ALA A 654 -42.39 -30.01 8.98
N GLU A 655 -42.18 -31.32 8.87
CA GLU A 655 -43.24 -32.21 8.41
C GLU A 655 -44.55 -32.04 9.16
N ASN A 656 -44.47 -31.86 10.48
CA ASN A 656 -45.66 -31.69 11.30
C ASN A 656 -46.51 -30.44 11.04
N PHE A 657 -45.95 -29.44 10.36
CA PHE A 657 -46.72 -28.23 10.10
C PHE A 657 -47.86 -28.47 9.11
N LYS A 658 -47.83 -29.62 8.44
CA LYS A 658 -48.87 -29.95 7.47
C LYS A 658 -50.22 -30.05 8.17
N GLN A 659 -50.18 -30.23 9.49
CA GLN A 659 -51.40 -30.36 10.28
C GLN A 659 -51.97 -29.05 10.81
N VAL A 660 -51.31 -27.93 10.55
CA VAL A 660 -51.79 -26.64 11.07
C VAL A 660 -51.68 -25.47 10.08
N GLU A 661 -52.32 -24.36 10.45
CA GLU A 661 -52.25 -23.12 9.68
C GLU A 661 -51.19 -22.28 10.39
N TYR A 662 -50.13 -21.95 9.67
CA TYR A 662 -49.01 -21.18 10.24
C TYR A 662 -48.81 -19.82 9.59
N LEU A 663 -48.58 -18.80 10.42
CA LEU A 663 -48.31 -17.43 9.93
C LEU A 663 -46.94 -17.02 10.46
N LEU A 664 -45.97 -16.84 9.55
CA LEU A 664 -44.60 -16.43 9.89
C LEU A 664 -44.39 -14.96 9.52
N ILE A 665 -44.00 -14.13 10.50
CA ILE A 665 -43.77 -12.72 10.26
C ILE A 665 -42.37 -12.31 10.71
N HIS A 666 -41.74 -11.40 9.97
CA HIS A 666 -40.39 -10.95 10.32
C HIS A 666 -40.00 -9.61 9.66
N GLY A 667 -39.33 -8.75 10.43
CA GLY A 667 -38.87 -7.48 9.89
C GLY A 667 -37.57 -7.74 9.15
N THR A 668 -37.44 -7.25 7.92
CA THR A 668 -36.23 -7.50 7.16
C THR A 668 -34.98 -6.81 7.71
N ALA A 669 -35.17 -5.83 8.60
CA ALA A 669 -34.04 -5.13 9.19
C ALA A 669 -33.81 -5.53 10.65
N ASP A 670 -34.26 -6.73 11.01
CA ASP A 670 -34.07 -7.18 12.39
C ASP A 670 -32.60 -7.46 12.67
N ASP A 671 -32.02 -6.63 13.53
CA ASP A 671 -30.61 -6.73 13.92
C ASP A 671 -30.43 -7.74 15.04
N ASN A 672 -31.53 -8.07 15.72
CA ASN A 672 -31.51 -8.98 16.86
C ASN A 672 -31.73 -10.44 16.45
N VAL A 673 -32.97 -10.78 16.05
CA VAL A 673 -33.28 -12.11 15.56
C VAL A 673 -33.26 -11.87 14.06
N HIS A 674 -32.13 -12.12 13.43
CA HIS A 674 -31.96 -11.89 12.01
C HIS A 674 -33.02 -12.54 11.10
N PHE A 675 -33.37 -11.84 10.01
CA PHE A 675 -34.35 -12.33 9.04
C PHE A 675 -33.94 -13.73 8.61
N GLN A 676 -32.62 -13.99 8.63
CA GLN A 676 -32.07 -15.29 8.27
C GLN A 676 -32.87 -16.41 8.93
N GLN A 677 -33.13 -16.26 10.23
CA GLN A 677 -33.88 -17.26 10.98
C GLN A 677 -35.20 -17.65 10.30
N SER A 678 -36.02 -16.69 9.90
CA SER A 678 -37.29 -17.02 9.24
C SER A 678 -37.08 -17.45 7.78
N ALA A 679 -36.04 -16.92 7.14
CA ALA A 679 -35.75 -17.28 5.77
C ALA A 679 -35.37 -18.75 5.72
N GLN A 680 -34.56 -19.18 6.67
CA GLN A 680 -34.15 -20.57 6.75
C GLN A 680 -35.32 -21.49 7.14
N LEU A 681 -36.19 -21.00 8.02
CA LEU A 681 -37.34 -21.79 8.45
C LEU A 681 -38.33 -22.00 7.30
N SER A 682 -38.66 -20.93 6.60
CA SER A 682 -39.61 -21.03 5.48
C SER A 682 -39.06 -21.94 4.39
N LYS A 683 -37.74 -21.89 4.15
CA LYS A 683 -37.14 -22.74 3.13
C LYS A 683 -37.28 -24.22 3.48
N ALA A 684 -37.23 -24.53 4.78
CA ALA A 684 -37.36 -25.91 5.21
C ALA A 684 -38.81 -26.36 5.04
N LEU A 685 -39.75 -25.44 5.22
CA LEU A 685 -41.16 -25.77 5.06
C LEU A 685 -41.47 -25.98 3.58
N VAL A 686 -40.87 -25.15 2.73
CA VAL A 686 -41.08 -25.27 1.29
C VAL A 686 -40.50 -26.61 0.80
N ASP A 687 -39.33 -26.98 1.32
CA ASP A 687 -38.70 -28.23 0.92
C ASP A 687 -39.51 -29.44 1.42
N ALA A 688 -40.26 -29.27 2.49
CA ALA A 688 -41.07 -30.35 3.03
C ALA A 688 -42.46 -30.42 2.39
N GLY A 689 -42.78 -29.47 1.53
CA GLY A 689 -44.09 -29.46 0.89
C GLY A 689 -45.22 -28.97 1.79
N VAL A 690 -44.87 -28.14 2.78
CA VAL A 690 -45.86 -27.61 3.71
C VAL A 690 -46.37 -26.25 3.24
N ASP A 691 -47.69 -26.05 3.26
CA ASP A 691 -48.21 -24.75 2.88
C ASP A 691 -48.36 -23.91 4.14
N PHE A 692 -48.00 -22.63 4.04
CA PHE A 692 -48.09 -21.72 5.17
C PHE A 692 -48.13 -20.29 4.67
N GLN A 693 -48.48 -19.36 5.54
CA GLN A 693 -48.53 -17.95 5.16
C GLN A 693 -47.31 -17.23 5.65
N THR A 694 -47.00 -16.12 4.99
CA THR A 694 -45.83 -15.33 5.30
C THR A 694 -46.16 -13.83 5.27
N MET A 695 -45.32 -13.03 5.92
CA MET A 695 -45.49 -11.59 5.93
C MET A 695 -44.20 -10.92 6.37
N TRP A 696 -43.50 -10.28 5.44
CA TRP A 696 -42.26 -9.57 5.74
C TRP A 696 -42.61 -8.09 5.93
N TYR A 697 -41.81 -7.38 6.73
CA TYR A 697 -42.05 -5.96 6.96
C TYR A 697 -40.78 -5.20 6.62
N THR A 698 -40.80 -4.56 5.46
CA THR A 698 -39.65 -3.81 4.96
C THR A 698 -39.09 -2.78 5.92
N ASP A 699 -37.79 -2.90 6.17
CA ASP A 699 -37.05 -1.99 7.03
C ASP A 699 -37.47 -1.89 8.50
N GLU A 700 -38.31 -2.81 8.97
CA GLU A 700 -38.69 -2.79 10.37
C GLU A 700 -37.65 -3.61 11.17
N ASP A 701 -37.28 -3.14 12.35
CA ASP A 701 -36.31 -3.89 13.15
C ASP A 701 -37.00 -4.88 14.05
N HIS A 702 -36.31 -5.33 15.10
CA HIS A 702 -36.89 -6.32 16.01
C HIS A 702 -38.24 -5.95 16.63
N GLY A 703 -38.43 -4.66 16.88
CA GLY A 703 -39.70 -4.25 17.46
C GLY A 703 -40.87 -4.19 16.49
N ILE A 704 -40.62 -3.93 15.22
CA ILE A 704 -41.70 -3.78 14.23
C ILE A 704 -42.61 -2.74 14.89
N ALA A 705 -42.00 -1.64 15.32
CA ALA A 705 -42.68 -0.58 16.04
C ALA A 705 -43.00 0.75 15.36
N SER A 706 -42.81 0.89 14.05
CA SER A 706 -43.16 2.16 13.43
C SER A 706 -44.68 2.24 13.55
N ASN A 707 -45.22 3.45 13.63
CA ASN A 707 -46.67 3.61 13.76
C ASN A 707 -47.48 2.82 12.72
N MET A 708 -47.09 2.91 11.46
CA MET A 708 -47.81 2.23 10.40
C MET A 708 -47.59 0.71 10.38
N ALA A 709 -46.39 0.25 10.70
CA ALA A 709 -46.13 -1.19 10.72
C ALA A 709 -46.86 -1.82 11.91
N HIS A 710 -46.82 -1.13 13.04
CA HIS A 710 -47.48 -1.58 14.26
C HIS A 710 -48.95 -1.85 13.99
N GLN A 711 -49.64 -0.86 13.41
CA GLN A 711 -51.05 -1.00 13.10
C GLN A 711 -51.30 -2.10 12.08
N HIS A 712 -50.43 -2.20 11.09
CA HIS A 712 -50.58 -3.18 10.02
C HIS A 712 -50.42 -4.64 10.47
N ILE A 713 -49.42 -4.92 11.29
CA ILE A 713 -49.20 -6.27 11.76
C ILE A 713 -50.35 -6.79 12.62
N TYR A 714 -50.86 -5.97 13.54
CA TYR A 714 -51.95 -6.40 14.40
C TYR A 714 -53.25 -6.51 13.62
N THR A 715 -53.38 -5.70 12.58
CA THR A 715 -54.59 -5.77 11.76
C THR A 715 -54.53 -7.08 10.99
N HIS A 716 -53.34 -7.41 10.47
CA HIS A 716 -53.12 -8.62 9.69
C HIS A 716 -53.30 -9.91 10.50
N MET A 717 -52.76 -9.95 11.72
CA MET A 717 -52.89 -11.12 12.57
C MET A 717 -54.34 -11.31 13.01
N SER A 718 -55.07 -10.22 13.14
CA SER A 718 -56.48 -10.29 13.53
C SER A 718 -57.29 -10.99 12.43
N HIS A 719 -57.02 -10.67 11.16
CA HIS A 719 -57.74 -11.31 10.06
C HIS A 719 -57.40 -12.79 10.01
N PHE A 720 -56.12 -13.10 10.16
CA PHE A 720 -55.67 -14.48 10.15
C PHE A 720 -56.38 -15.26 11.25
N LEU A 721 -56.35 -14.72 12.46
CA LEU A 721 -56.98 -15.36 13.61
C LEU A 721 -58.48 -15.58 13.40
N LYS A 722 -59.17 -14.53 12.94
CA LYS A 722 -60.61 -14.64 12.71
C LYS A 722 -60.94 -15.64 11.59
N GLN A 723 -60.06 -15.76 10.61
CA GLN A 723 -60.24 -16.71 9.52
C GLN A 723 -60.16 -18.13 10.09
N CYS A 724 -59.14 -18.35 10.93
CA CYS A 724 -58.92 -19.64 11.58
C CYS A 724 -60.03 -20.02 12.56
N PHE A 725 -60.60 -19.03 13.24
CA PHE A 725 -61.67 -19.29 14.20
C PHE A 725 -63.06 -19.20 13.58
N SER A 726 -63.12 -18.98 12.27
CA SER A 726 -64.39 -18.87 11.56
C SER A 726 -65.26 -17.74 12.12
N LEU A 727 -64.61 -16.65 12.56
CA LEU A 727 -65.32 -15.50 13.12
C LEU A 727 -65.56 -14.43 12.05
N PRO A 728 -66.80 -13.88 12.00
CA PRO A 728 -67.15 -12.85 11.02
C PRO A 728 -66.55 -11.48 11.37
N SER B 1 -67.23 -38.68 -17.00
CA SER B 1 -66.82 -39.70 -15.98
C SER B 1 -65.30 -39.74 -15.78
N ARG B 2 -64.56 -39.40 -16.83
CA ARG B 2 -63.09 -39.42 -16.78
C ARG B 2 -62.49 -38.50 -15.71
N ARG B 3 -61.16 -38.48 -15.65
CA ARG B 3 -60.44 -37.64 -14.71
C ARG B 3 -60.29 -36.26 -15.29
N THR B 4 -59.90 -35.32 -14.44
CA THR B 4 -59.65 -33.95 -14.88
C THR B 4 -58.14 -33.80 -14.78
N TYR B 5 -57.59 -32.79 -15.45
CA TYR B 5 -56.16 -32.53 -15.38
C TYR B 5 -55.96 -31.90 -13.99
N THR B 6 -55.23 -32.57 -13.12
CA THR B 6 -55.03 -32.06 -11.76
C THR B 6 -53.76 -31.24 -11.52
N LEU B 7 -53.73 -30.54 -10.38
CA LEU B 7 -52.59 -29.71 -9.98
C LEU B 7 -51.35 -30.59 -9.89
N THR B 8 -51.54 -31.78 -9.33
CA THR B 8 -50.46 -32.75 -9.19
C THR B 8 -49.94 -33.17 -10.58
N ASP B 9 -50.85 -33.35 -11.53
CA ASP B 9 -50.48 -33.72 -12.90
C ASP B 9 -49.56 -32.65 -13.46
N TYR B 10 -49.89 -31.39 -13.18
CA TYR B 10 -49.08 -30.27 -13.65
C TYR B 10 -47.74 -30.19 -12.93
N LEU B 11 -47.80 -30.07 -11.60
CA LEU B 11 -46.59 -29.98 -10.79
C LEU B 11 -45.60 -31.13 -11.00
N LYS B 12 -46.11 -32.33 -11.30
CA LYS B 12 -45.26 -33.50 -11.49
C LYS B 12 -44.97 -33.86 -12.96
N SER B 13 -45.55 -33.11 -13.89
CA SER B 13 -45.34 -33.41 -15.31
C SER B 13 -45.69 -34.86 -15.61
N THR B 14 -46.80 -35.35 -15.05
CA THR B 14 -47.20 -36.71 -15.29
C THR B 14 -47.55 -36.94 -16.77
N PHE B 15 -47.85 -35.85 -17.47
CA PHE B 15 -48.18 -35.90 -18.89
C PHE B 15 -47.03 -35.30 -19.68
N ARG B 16 -46.09 -36.16 -20.06
CA ARG B 16 -44.91 -35.76 -20.79
C ARG B 16 -45.13 -35.36 -22.25
N VAL B 17 -44.61 -34.20 -22.63
CA VAL B 17 -44.69 -33.71 -24.00
C VAL B 17 -43.30 -33.94 -24.58
N LYS B 18 -43.20 -34.82 -25.57
CA LYS B 18 -41.91 -35.11 -26.18
C LYS B 18 -41.52 -34.15 -27.29
N PHE B 19 -40.22 -34.10 -27.57
CA PHE B 19 -39.69 -33.23 -28.61
C PHE B 19 -38.60 -33.98 -29.39
N TYR B 20 -37.90 -33.28 -30.27
CA TYR B 20 -36.85 -33.92 -31.05
C TYR B 20 -35.74 -32.91 -31.33
N THR B 21 -34.69 -33.00 -30.53
CA THR B 21 -33.55 -32.11 -30.66
C THR B 21 -32.43 -32.75 -31.46
N LEU B 22 -32.04 -32.10 -32.55
CA LEU B 22 -30.96 -32.61 -33.38
C LEU B 22 -29.97 -31.50 -33.68
N GLN B 23 -28.76 -31.88 -34.10
CA GLN B 23 -27.73 -30.91 -34.43
C GLN B 23 -27.21 -31.22 -35.83
N TRP B 24 -27.40 -30.28 -36.76
CA TRP B 24 -26.90 -30.48 -38.12
C TRP B 24 -25.40 -30.36 -38.13
N ILE B 25 -24.71 -31.27 -38.82
CA ILE B 25 -23.25 -31.22 -38.88
C ILE B 25 -22.74 -31.22 -40.33
N SER B 26 -23.66 -31.09 -41.28
CA SER B 26 -23.33 -31.04 -42.70
C SER B 26 -24.61 -30.67 -43.44
N ASP B 27 -24.59 -30.73 -44.75
CA ASP B 27 -25.79 -30.39 -45.51
C ASP B 27 -26.81 -31.52 -45.59
N HIS B 28 -26.47 -32.70 -45.08
CA HIS B 28 -27.39 -33.83 -45.13
C HIS B 28 -27.29 -34.80 -43.95
N GLU B 29 -26.51 -34.44 -42.94
CA GLU B 29 -26.35 -35.31 -41.77
C GLU B 29 -26.63 -34.54 -40.50
N TYR B 30 -27.06 -35.25 -39.46
CA TYR B 30 -27.33 -34.62 -38.18
C TYR B 30 -27.17 -35.61 -37.03
N LEU B 31 -26.83 -35.10 -35.85
CA LEU B 31 -26.64 -35.95 -34.68
C LEU B 31 -27.90 -35.89 -33.83
N TYR B 32 -28.19 -36.98 -33.14
CA TYR B 32 -29.37 -37.06 -32.27
C TYR B 32 -29.08 -37.93 -31.05
N LYS B 33 -29.30 -37.39 -29.86
CA LYS B 33 -29.06 -38.16 -28.64
C LYS B 33 -30.30 -38.98 -28.33
N GLN B 34 -30.17 -40.31 -28.42
CA GLN B 34 -31.28 -41.23 -28.17
C GLN B 34 -30.92 -42.31 -27.15
N GLU B 35 -31.47 -42.18 -25.95
CA GLU B 35 -31.21 -43.12 -24.87
C GLU B 35 -29.76 -43.03 -24.45
N ASN B 36 -29.24 -41.82 -24.45
CA ASN B 36 -27.85 -41.55 -24.09
C ASN B 36 -26.87 -42.02 -25.15
N ASN B 37 -27.38 -42.31 -26.35
CA ASN B 37 -26.54 -42.73 -27.47
C ASN B 37 -26.55 -41.59 -28.46
N ILE B 38 -25.41 -41.31 -29.08
CA ILE B 38 -25.37 -40.27 -30.09
C ILE B 38 -25.42 -40.98 -31.42
N LEU B 39 -26.51 -40.78 -32.15
CA LEU B 39 -26.69 -41.41 -33.46
C LEU B 39 -26.48 -40.39 -34.58
N LEU B 40 -25.97 -40.87 -35.71
CA LEU B 40 -25.74 -40.02 -36.86
C LEU B 40 -26.75 -40.35 -37.94
N PHE B 41 -27.70 -39.45 -38.17
CA PHE B 41 -28.71 -39.69 -39.18
C PHE B 41 -28.35 -39.05 -40.51
N ASN B 42 -28.70 -39.74 -41.58
CA ASN B 42 -28.44 -39.26 -42.93
C ASN B 42 -29.81 -38.89 -43.49
N ALA B 43 -30.08 -37.60 -43.59
CA ALA B 43 -31.36 -37.09 -44.08
C ALA B 43 -31.78 -37.69 -45.43
N GLU B 44 -30.81 -37.96 -46.29
CA GLU B 44 -31.08 -38.52 -47.61
C GLU B 44 -31.80 -39.87 -47.54
N TYR B 45 -31.10 -40.87 -46.99
CA TYR B 45 -31.63 -42.23 -46.89
C TYR B 45 -32.38 -42.59 -45.61
N GLY B 46 -32.41 -41.67 -44.64
CA GLY B 46 -33.10 -41.94 -43.40
C GLY B 46 -32.41 -42.95 -42.47
N ASN B 47 -31.37 -43.61 -42.98
CA ASN B 47 -30.64 -44.60 -42.19
C ASN B 47 -29.70 -43.91 -41.21
N SER B 48 -29.49 -44.55 -40.07
CA SER B 48 -28.62 -44.00 -39.05
C SER B 48 -27.60 -45.03 -38.56
N SER B 49 -26.55 -44.53 -37.94
CA SER B 49 -25.50 -45.38 -37.39
C SER B 49 -25.11 -44.84 -36.02
N ILE B 50 -24.58 -45.71 -35.16
CA ILE B 50 -24.17 -45.29 -33.83
C ILE B 50 -22.87 -44.49 -33.92
N PHE B 51 -22.89 -43.28 -33.35
CA PHE B 51 -21.73 -42.39 -33.39
C PHE B 51 -20.96 -42.48 -32.07
N LEU B 52 -21.69 -42.70 -30.99
CA LEU B 52 -21.09 -42.82 -29.67
C LEU B 52 -22.05 -43.60 -28.78
N GLU B 53 -21.68 -44.83 -28.43
CA GLU B 53 -22.50 -45.71 -27.59
C GLU B 53 -22.87 -45.12 -26.23
N ASN B 54 -24.04 -45.52 -25.72
CA ASN B 54 -24.52 -45.04 -24.42
C ASN B 54 -23.49 -45.42 -23.37
N SER B 55 -22.67 -46.40 -23.70
CA SER B 55 -21.63 -46.92 -22.81
C SER B 55 -20.30 -46.19 -22.98
N THR B 56 -20.27 -44.93 -22.57
CA THR B 56 -19.07 -44.11 -22.63
C THR B 56 -19.37 -42.95 -21.68
N PHE B 57 -20.65 -42.67 -21.51
CA PHE B 57 -21.11 -41.60 -20.62
C PHE B 57 -21.07 -42.12 -19.19
N ASP B 58 -21.24 -43.44 -19.07
CA ASP B 58 -21.26 -44.14 -17.78
C ASP B 58 -20.32 -43.60 -16.71
N GLU B 59 -19.12 -43.17 -17.11
CA GLU B 59 -18.14 -42.67 -16.15
C GLU B 59 -17.39 -41.41 -16.57
N LEU B 60 -18.01 -40.25 -16.33
CA LEU B 60 -17.41 -38.96 -16.66
C LEU B 60 -17.67 -38.02 -15.46
N GLY B 61 -17.43 -38.56 -14.28
CA GLY B 61 -17.67 -37.83 -13.04
C GLY B 61 -19.05 -38.20 -12.55
N TYR B 62 -20.03 -37.94 -13.41
CA TYR B 62 -21.43 -38.24 -13.13
C TYR B 62 -22.26 -37.96 -14.38
N SER B 63 -23.32 -37.17 -14.23
CA SER B 63 -24.21 -36.84 -15.33
C SER B 63 -23.55 -35.93 -16.37
N THR B 64 -23.75 -36.28 -17.64
CA THR B 64 -23.20 -35.51 -18.75
C THR B 64 -24.37 -34.75 -19.39
N ASN B 65 -24.63 -33.54 -18.91
CA ASN B 65 -25.76 -32.75 -19.43
C ASN B 65 -25.66 -32.31 -20.88
N ASP B 66 -24.47 -32.31 -21.47
CA ASP B 66 -24.37 -31.89 -22.87
C ASP B 66 -23.09 -32.29 -23.60
N TYR B 67 -23.17 -32.35 -24.93
CA TYR B 67 -22.04 -32.73 -25.77
C TYR B 67 -21.92 -31.79 -26.97
N SER B 68 -20.71 -31.69 -27.53
CA SER B 68 -20.46 -30.85 -28.69
C SER B 68 -19.34 -31.48 -29.49
N VAL B 69 -19.67 -31.94 -30.70
CA VAL B 69 -18.69 -32.57 -31.57
C VAL B 69 -17.98 -31.55 -32.46
N SER B 70 -16.65 -31.65 -32.53
CA SER B 70 -15.88 -30.75 -33.37
C SER B 70 -16.35 -30.91 -34.81
N PRO B 71 -16.25 -29.85 -35.63
CA PRO B 71 -16.69 -29.97 -37.02
C PRO B 71 -15.99 -31.02 -37.90
N ASP B 72 -14.72 -31.30 -37.63
CA ASP B 72 -14.02 -32.30 -38.44
C ASP B 72 -14.30 -33.71 -37.93
N ARG B 73 -15.20 -33.78 -36.95
CA ARG B 73 -15.62 -35.05 -36.35
C ARG B 73 -14.52 -35.88 -35.70
N GLN B 74 -13.38 -35.26 -35.42
CA GLN B 74 -12.26 -35.95 -34.79
C GLN B 74 -12.36 -36.00 -33.27
N PHE B 75 -13.07 -35.04 -32.69
CA PHE B 75 -13.21 -34.98 -31.23
C PHE B 75 -14.63 -34.68 -30.79
N ILE B 76 -14.87 -34.81 -29.49
CA ILE B 76 -16.16 -34.50 -28.92
C ILE B 76 -15.94 -33.90 -27.52
N LEU B 77 -16.76 -32.92 -27.18
CA LEU B 77 -16.65 -32.23 -25.91
C LEU B 77 -17.78 -32.68 -24.99
N PHE B 78 -17.44 -33.00 -23.74
CA PHE B 78 -18.44 -33.45 -22.76
C PHE B 78 -18.60 -32.41 -21.67
N GLU B 79 -19.81 -31.86 -21.55
CA GLU B 79 -20.09 -30.85 -20.53
C GLU B 79 -20.78 -31.47 -19.33
N TYR B 80 -20.24 -31.19 -18.14
CA TYR B 80 -20.81 -31.73 -16.91
C TYR B 80 -20.45 -30.84 -15.73
N ASN B 81 -21.07 -31.11 -14.57
CA ASN B 81 -20.81 -30.35 -13.36
C ASN B 81 -21.32 -28.91 -13.55
N TYR B 82 -22.49 -28.84 -14.17
CA TYR B 82 -23.20 -27.60 -14.49
C TYR B 82 -23.56 -26.77 -13.25
N VAL B 83 -23.20 -25.50 -13.25
CA VAL B 83 -23.54 -24.61 -12.15
C VAL B 83 -24.16 -23.33 -12.72
N LYS B 84 -25.48 -23.22 -12.57
CA LYS B 84 -26.23 -22.09 -13.08
C LYS B 84 -25.86 -20.77 -12.45
N GLN B 85 -25.97 -19.69 -13.22
CA GLN B 85 -25.72 -18.35 -12.71
C GLN B 85 -26.97 -17.50 -12.99
N TRP B 86 -26.97 -16.72 -14.05
CA TRP B 86 -28.13 -15.88 -14.39
C TRP B 86 -29.10 -16.60 -15.34
N ARG B 87 -29.74 -15.89 -16.25
CA ARG B 87 -30.68 -16.55 -17.15
C ARG B 87 -30.03 -17.47 -18.17
N HIS B 88 -28.90 -17.04 -18.74
CA HIS B 88 -28.19 -17.82 -19.75
C HIS B 88 -26.82 -18.34 -19.31
N SER B 89 -26.14 -17.59 -18.45
CA SER B 89 -24.80 -17.96 -17.98
C SER B 89 -24.72 -19.12 -16.99
N TYR B 90 -23.55 -19.74 -16.92
CA TYR B 90 -23.26 -20.86 -16.01
C TYR B 90 -21.82 -21.29 -16.23
N THR B 91 -21.27 -22.03 -15.27
CA THR B 91 -19.91 -22.54 -15.39
C THR B 91 -19.98 -24.06 -15.39
N ALA B 92 -18.98 -24.71 -15.96
CA ALA B 92 -19.01 -26.16 -15.99
C ALA B 92 -17.63 -26.75 -16.19
N SER B 93 -17.56 -28.08 -16.15
CA SER B 93 -16.33 -28.79 -16.39
C SER B 93 -16.47 -29.47 -17.75
N TYR B 94 -15.35 -29.67 -18.43
CA TYR B 94 -15.38 -30.30 -19.74
C TYR B 94 -14.27 -31.31 -19.96
N ASP B 95 -14.60 -32.40 -20.66
CA ASP B 95 -13.64 -33.44 -21.02
C ASP B 95 -13.63 -33.52 -22.53
N ILE B 96 -12.45 -33.72 -23.10
CA ILE B 96 -12.35 -33.85 -24.54
C ILE B 96 -12.11 -35.34 -24.81
N TYR B 97 -12.91 -35.91 -25.69
CA TYR B 97 -12.79 -37.33 -26.03
C TYR B 97 -12.34 -37.48 -27.47
N ASP B 98 -11.20 -38.14 -27.66
CA ASP B 98 -10.64 -38.39 -29.00
C ASP B 98 -11.45 -39.49 -29.69
N LEU B 99 -12.26 -39.13 -30.68
CA LEU B 99 -13.09 -40.10 -31.38
C LEU B 99 -12.31 -41.13 -32.23
N ASN B 100 -11.08 -40.79 -32.61
CA ASN B 100 -10.25 -41.71 -33.41
C ASN B 100 -9.71 -42.80 -32.52
N LYS B 101 -8.74 -42.45 -31.68
CA LYS B 101 -8.13 -43.41 -30.76
C LYS B 101 -9.11 -43.76 -29.64
N ARG B 102 -10.35 -43.35 -29.80
CA ARG B 102 -11.40 -43.60 -28.82
C ARG B 102 -10.92 -43.60 -27.36
N GLN B 103 -10.13 -42.57 -27.01
CA GLN B 103 -9.60 -42.40 -25.67
C GLN B 103 -10.14 -41.08 -25.09
N LEU B 104 -9.65 -40.71 -23.92
CA LEU B 104 -10.09 -39.48 -23.26
C LEU B 104 -8.87 -38.62 -22.94
N ILE B 105 -8.74 -37.47 -23.61
CA ILE B 105 -7.61 -36.58 -23.37
C ILE B 105 -7.47 -36.33 -21.88
N THR B 106 -6.30 -36.64 -21.34
CA THR B 106 -6.06 -36.48 -19.91
C THR B 106 -5.05 -35.38 -19.56
N GLU B 107 -4.15 -35.09 -20.48
CA GLU B 107 -3.16 -34.04 -20.22
C GLU B 107 -3.66 -32.72 -20.80
N GLU B 108 -3.26 -31.61 -20.19
CA GLU B 108 -3.67 -30.29 -20.66
C GLU B 108 -5.19 -30.18 -20.77
N ARG B 109 -5.89 -30.55 -19.70
CA ARG B 109 -7.35 -30.50 -19.68
C ARG B 109 -7.90 -29.08 -19.58
N ILE B 110 -9.21 -28.97 -19.82
CA ILE B 110 -9.89 -27.69 -19.76
C ILE B 110 -10.18 -27.40 -18.28
N PRO B 111 -9.89 -26.17 -17.84
CA PRO B 111 -10.11 -25.75 -16.45
C PRO B 111 -11.49 -26.06 -15.89
N ASN B 112 -11.58 -25.98 -14.57
CA ASN B 112 -12.81 -26.21 -13.85
C ASN B 112 -13.42 -24.81 -13.77
N ASN B 113 -14.73 -24.72 -13.73
CA ASN B 113 -15.39 -23.42 -13.66
C ASN B 113 -15.24 -22.67 -14.99
N THR B 114 -15.22 -23.40 -16.10
CA THR B 114 -15.11 -22.75 -17.39
C THR B 114 -16.43 -22.05 -17.67
N GLN B 115 -16.34 -20.78 -18.08
CA GLN B 115 -17.49 -19.94 -18.36
C GLN B 115 -18.09 -20.12 -19.75
N TRP B 116 -17.27 -20.43 -20.74
CA TRP B 116 -17.75 -20.65 -22.09
C TRP B 116 -16.65 -21.33 -22.90
N ILE B 117 -17.08 -22.18 -23.83
CA ILE B 117 -16.15 -22.89 -24.69
C ILE B 117 -16.85 -23.23 -26.01
N THR B 118 -16.08 -23.23 -27.11
CA THR B 118 -16.62 -23.53 -28.41
C THR B 118 -15.53 -23.93 -29.39
N TRP B 119 -15.86 -24.87 -30.28
CA TRP B 119 -14.93 -25.31 -31.31
C TRP B 119 -14.94 -24.19 -32.36
N SER B 120 -13.96 -24.22 -33.26
CA SER B 120 -13.90 -23.26 -34.34
C SER B 120 -14.90 -23.82 -35.38
N PRO B 121 -15.33 -23.00 -36.35
CA PRO B 121 -16.29 -23.49 -37.36
C PRO B 121 -15.78 -24.67 -38.19
N VAL B 122 -14.46 -24.82 -38.26
CA VAL B 122 -13.86 -25.92 -39.00
C VAL B 122 -12.74 -26.49 -38.17
N GLY B 123 -12.24 -27.66 -38.56
CA GLY B 123 -11.16 -28.28 -37.82
C GLY B 123 -11.53 -28.62 -36.39
N HIS B 124 -10.56 -28.50 -35.49
CA HIS B 124 -10.81 -28.84 -34.09
C HIS B 124 -10.12 -27.92 -33.08
N LYS B 125 -10.05 -26.63 -33.40
CA LYS B 125 -9.45 -25.67 -32.47
C LYS B 125 -10.50 -25.45 -31.39
N LEU B 126 -10.07 -24.89 -30.25
CA LEU B 126 -10.96 -24.61 -29.14
C LEU B 126 -10.64 -23.25 -28.55
N ALA B 127 -11.68 -22.54 -28.11
CA ALA B 127 -11.54 -21.24 -27.47
C ALA B 127 -12.45 -21.31 -26.25
N TYR B 128 -11.99 -20.79 -25.11
CA TYR B 128 -12.81 -20.82 -23.91
C TYR B 128 -12.47 -19.67 -22.98
N VAL B 129 -13.41 -19.36 -22.10
CA VAL B 129 -13.26 -18.27 -21.16
C VAL B 129 -13.25 -18.88 -19.75
N TRP B 130 -12.24 -18.50 -18.98
CA TRP B 130 -12.08 -18.99 -17.62
C TRP B 130 -11.56 -17.83 -16.79
N ASN B 131 -12.24 -17.53 -15.68
CA ASN B 131 -11.85 -16.40 -14.83
C ASN B 131 -11.83 -15.08 -15.62
N ASN B 132 -12.81 -14.94 -16.51
CA ASN B 132 -12.95 -13.75 -17.34
C ASN B 132 -11.86 -13.49 -18.39
N ASP B 133 -11.06 -14.51 -18.69
CA ASP B 133 -10.04 -14.37 -19.71
C ASP B 133 -10.25 -15.42 -20.81
N ILE B 134 -9.74 -15.13 -22.01
CA ILE B 134 -9.89 -16.01 -23.15
C ILE B 134 -8.64 -16.86 -23.37
N TYR B 135 -8.85 -18.12 -23.74
CA TYR B 135 -7.78 -19.07 -24.00
C TYR B 135 -8.06 -19.80 -25.30
N VAL B 136 -7.02 -20.16 -26.04
CA VAL B 136 -7.20 -20.89 -27.29
C VAL B 136 -6.33 -22.14 -27.30
N LYS B 137 -6.92 -23.26 -27.71
CA LYS B 137 -6.18 -24.51 -27.81
C LYS B 137 -6.26 -24.97 -29.24
N ASN B 138 -5.11 -25.02 -29.91
CA ASN B 138 -5.08 -25.49 -31.28
C ASN B 138 -5.26 -27.00 -31.35
N GLU B 139 -4.82 -27.70 -30.30
CA GLU B 139 -4.94 -29.15 -30.24
C GLU B 139 -5.46 -29.57 -28.87
N PRO B 140 -6.43 -30.50 -28.83
CA PRO B 140 -7.00 -30.99 -27.57
C PRO B 140 -5.99 -31.42 -26.53
N ASN B 141 -4.83 -31.92 -26.97
CA ASN B 141 -3.81 -32.39 -26.03
C ASN B 141 -2.69 -31.40 -25.77
N LEU B 142 -2.67 -30.29 -26.51
CA LEU B 142 -1.65 -29.28 -26.33
C LEU B 142 -2.07 -28.20 -25.35
N SER B 143 -1.10 -27.46 -24.81
CA SER B 143 -1.37 -26.39 -23.85
C SER B 143 -2.11 -25.21 -24.48
N SER B 144 -3.09 -24.69 -23.76
CA SER B 144 -3.85 -23.56 -24.27
C SER B 144 -2.99 -22.31 -24.19
N GLN B 145 -3.33 -21.31 -24.99
CA GLN B 145 -2.61 -20.04 -25.05
C GLN B 145 -3.50 -18.94 -24.50
N ARG B 146 -3.02 -18.17 -23.52
CA ARG B 146 -3.83 -17.09 -22.95
C ARG B 146 -3.87 -15.90 -23.90
N ILE B 147 -5.08 -15.42 -24.18
CA ILE B 147 -5.31 -14.32 -25.10
C ILE B 147 -5.46 -12.95 -24.42
N THR B 148 -6.04 -12.93 -23.23
CA THR B 148 -6.24 -11.68 -22.50
C THR B 148 -5.76 -11.79 -21.05
N TRP B 149 -5.35 -10.66 -20.47
CA TRP B 149 -4.83 -10.67 -19.10
C TRP B 149 -5.59 -9.74 -18.17
N THR B 150 -6.56 -9.04 -18.70
CA THR B 150 -7.34 -8.08 -17.93
C THR B 150 -8.51 -8.65 -17.12
N GLY B 151 -8.86 -9.91 -17.33
CA GLY B 151 -9.97 -10.49 -16.61
C GLY B 151 -9.97 -10.17 -15.13
N LYS B 152 -11.13 -9.80 -14.59
CA LYS B 152 -11.26 -9.49 -13.18
C LYS B 152 -12.71 -9.56 -12.74
N GLU B 153 -12.95 -10.34 -11.68
CA GLU B 153 -14.30 -10.54 -11.16
C GLU B 153 -15.05 -9.24 -10.93
N ASN B 154 -16.26 -9.17 -11.50
CA ASN B 154 -17.15 -8.01 -11.36
C ASN B 154 -16.58 -6.71 -11.91
N VAL B 155 -15.57 -6.78 -12.76
CA VAL B 155 -14.97 -5.57 -13.32
C VAL B 155 -14.68 -5.67 -14.82
N ILE B 156 -13.85 -6.62 -15.22
CA ILE B 156 -13.52 -6.77 -16.62
C ILE B 156 -13.94 -8.15 -17.12
N TYR B 157 -14.67 -8.17 -18.24
CA TYR B 157 -15.13 -9.41 -18.82
C TYR B 157 -14.61 -9.55 -20.26
N ASN B 158 -13.82 -10.59 -20.50
CA ASN B 158 -13.31 -10.83 -21.85
C ASN B 158 -13.93 -12.13 -22.39
N GLY B 159 -14.72 -12.02 -23.47
CA GLY B 159 -15.29 -13.20 -24.07
C GLY B 159 -16.67 -13.61 -23.60
N VAL B 160 -17.13 -13.00 -22.51
CA VAL B 160 -18.46 -13.27 -21.99
C VAL B 160 -19.05 -11.93 -21.58
N THR B 161 -20.38 -11.87 -21.52
CA THR B 161 -21.11 -10.66 -21.17
C THR B 161 -21.22 -10.38 -19.67
N ASP B 162 -21.48 -9.14 -19.32
CA ASP B 162 -21.66 -8.77 -17.92
C ASP B 162 -23.16 -9.01 -17.69
N TRP B 163 -23.71 -8.66 -16.52
CA TRP B 163 -25.12 -8.94 -16.28
C TRP B 163 -26.12 -8.36 -17.28
N VAL B 164 -25.99 -7.07 -17.58
CA VAL B 164 -26.93 -6.38 -18.45
C VAL B 164 -26.85 -6.76 -19.93
N TYR B 165 -25.67 -7.10 -20.42
CA TYR B 165 -25.54 -7.49 -21.81
C TYR B 165 -26.11 -8.88 -22.00
N GLU B 166 -25.99 -9.69 -20.96
CA GLU B 166 -26.50 -11.05 -21.02
C GLU B 166 -28.01 -11.03 -21.10
N GLU B 167 -28.63 -10.27 -20.20
CA GLU B 167 -30.08 -10.18 -20.12
C GLU B 167 -30.78 -9.36 -21.17
N GLU B 168 -30.24 -8.18 -21.49
CA GLU B 168 -30.93 -7.29 -22.42
C GLU B 168 -30.40 -7.12 -23.84
N VAL B 169 -29.12 -7.34 -24.05
CA VAL B 169 -28.56 -7.14 -25.38
C VAL B 169 -28.27 -8.39 -26.20
N PHE B 170 -27.45 -9.29 -25.67
CA PHE B 170 -27.09 -10.51 -26.40
C PHE B 170 -28.02 -11.70 -26.16
N SER B 171 -28.75 -11.70 -25.03
CA SER B 171 -29.61 -12.82 -24.71
C SER B 171 -28.74 -14.08 -24.73
N ALA B 172 -27.48 -13.91 -24.31
CA ALA B 172 -26.52 -14.99 -24.26
C ALA B 172 -25.36 -14.54 -23.35
N TYR B 173 -24.57 -15.51 -22.90
CA TYR B 173 -23.43 -15.24 -22.03
C TYR B 173 -22.20 -15.08 -22.91
N SER B 174 -22.24 -15.75 -24.05
CA SER B 174 -21.17 -15.77 -25.03
C SER B 174 -20.88 -14.41 -25.66
N ALA B 175 -19.59 -14.14 -25.88
CA ALA B 175 -19.11 -12.91 -26.50
C ALA B 175 -17.85 -13.24 -27.32
N LEU B 176 -17.86 -14.41 -27.94
CA LEU B 176 -16.77 -14.89 -28.78
C LEU B 176 -17.34 -15.24 -30.14
N TRP B 177 -16.58 -14.99 -31.21
CA TRP B 177 -17.04 -15.28 -32.56
C TRP B 177 -15.88 -15.67 -33.48
N TRP B 178 -15.75 -16.96 -33.77
CA TRP B 178 -14.72 -17.45 -34.68
C TRP B 178 -15.07 -17.04 -36.12
N SER B 179 -14.08 -16.83 -36.97
CA SER B 179 -14.37 -16.48 -38.35
C SER B 179 -14.68 -17.82 -39.03
N PRO B 180 -15.35 -17.79 -40.21
CA PRO B 180 -15.72 -19.01 -40.93
C PRO B 180 -14.68 -20.10 -41.08
N ASN B 181 -13.42 -19.76 -41.36
CA ASN B 181 -12.38 -20.77 -41.54
C ASN B 181 -11.38 -20.80 -40.38
N GLY B 182 -11.80 -20.32 -39.22
CA GLY B 182 -10.97 -20.33 -38.03
C GLY B 182 -9.73 -19.44 -37.99
N THR B 183 -9.58 -18.53 -38.93
CA THR B 183 -8.41 -17.65 -38.94
C THR B 183 -8.49 -16.64 -37.81
N PHE B 184 -9.63 -16.00 -37.68
CA PHE B 184 -9.79 -14.97 -36.66
C PHE B 184 -10.73 -15.34 -35.53
N LEU B 185 -10.47 -14.76 -34.37
CA LEU B 185 -11.31 -14.95 -33.20
C LEU B 185 -11.65 -13.56 -32.72
N ALA B 186 -12.92 -13.19 -32.86
CA ALA B 186 -13.38 -11.87 -32.44
C ALA B 186 -14.04 -12.01 -31.08
N TYR B 187 -13.89 -10.99 -30.24
CA TYR B 187 -14.49 -11.01 -28.92
C TYR B 187 -14.75 -9.60 -28.44
N ALA B 188 -15.64 -9.47 -27.48
CA ALA B 188 -15.98 -8.18 -26.90
C ALA B 188 -15.46 -8.15 -25.48
N GLN B 189 -15.08 -6.97 -25.01
CA GLN B 189 -14.60 -6.81 -23.63
C GLN B 189 -15.51 -5.81 -22.96
N PHE B 190 -16.00 -6.15 -21.77
CA PHE B 190 -16.90 -5.28 -21.04
C PHE B 190 -16.24 -4.76 -19.76
N ASN B 191 -16.35 -3.45 -19.53
CA ASN B 191 -15.77 -2.83 -18.35
C ASN B 191 -16.90 -2.34 -17.45
N ASP B 192 -17.00 -2.90 -16.25
CA ASP B 192 -18.05 -2.52 -15.32
C ASP B 192 -17.55 -1.71 -14.14
N THR B 193 -16.34 -1.17 -14.27
CA THR B 193 -15.72 -0.39 -13.21
C THR B 193 -16.63 0.64 -12.56
N GLU B 194 -17.36 1.39 -13.38
CA GLU B 194 -18.22 2.43 -12.83
C GLU B 194 -19.69 2.11 -12.66
N VAL B 195 -20.06 0.86 -12.81
CA VAL B 195 -21.44 0.44 -12.66
C VAL B 195 -21.71 0.16 -11.18
N PRO B 196 -22.76 0.78 -10.60
CA PRO B 196 -23.08 0.57 -9.19
C PRO B 196 -23.43 -0.90 -8.95
N LEU B 197 -23.25 -1.36 -7.71
CA LEU B 197 -23.53 -2.75 -7.37
C LEU B 197 -24.86 -2.95 -6.65
N ILE B 198 -25.60 -3.98 -7.06
CA ILE B 198 -26.85 -4.32 -6.39
C ILE B 198 -26.37 -5.40 -5.42
N GLU B 199 -26.85 -5.37 -4.18
CA GLU B 199 -26.42 -6.37 -3.23
C GLU B 199 -27.63 -6.96 -2.52
N TYR B 200 -27.56 -8.26 -2.22
CA TYR B 200 -28.62 -8.95 -1.52
C TYR B 200 -28.04 -10.16 -0.80
N SER B 201 -28.76 -10.64 0.21
CA SER B 201 -28.31 -11.77 1.00
C SER B 201 -28.68 -13.11 0.40
N PHE B 202 -27.76 -14.06 0.47
CA PHE B 202 -28.01 -15.41 0.01
C PHE B 202 -27.78 -16.26 1.25
N TYR B 203 -28.83 -16.91 1.75
CA TYR B 203 -28.74 -17.71 2.96
C TYR B 203 -28.08 -19.06 2.83
N SER B 204 -28.20 -19.67 1.66
CA SER B 204 -27.57 -20.96 1.41
C SER B 204 -28.13 -22.08 2.28
N ASP B 205 -27.38 -23.17 2.36
CA ASP B 205 -27.78 -24.32 3.15
C ASP B 205 -27.89 -23.98 4.63
N GLU B 206 -28.87 -24.58 5.27
CA GLU B 206 -29.14 -24.36 6.70
C GLU B 206 -27.90 -24.37 7.60
N SER B 207 -26.85 -25.07 7.15
CA SER B 207 -25.61 -25.18 7.93
C SER B 207 -24.70 -23.94 7.90
N LEU B 208 -24.97 -23.00 7.00
CA LEU B 208 -24.15 -21.78 6.89
C LEU B 208 -24.56 -20.87 8.05
N GLN B 209 -23.62 -20.59 8.95
CA GLN B 209 -23.95 -19.76 10.10
C GLN B 209 -24.23 -18.29 9.76
N TYR B 210 -23.46 -17.72 8.84
CA TYR B 210 -23.67 -16.35 8.42
C TYR B 210 -24.07 -16.28 6.94
N PRO B 211 -25.09 -15.49 6.62
CA PRO B 211 -25.54 -15.34 5.24
C PRO B 211 -24.43 -14.64 4.45
N LYS B 212 -24.29 -14.95 3.17
CA LYS B 212 -23.28 -14.27 2.36
C LYS B 212 -23.97 -13.19 1.55
N THR B 213 -23.23 -12.16 1.14
CA THR B 213 -23.81 -11.07 0.35
C THR B 213 -23.38 -11.20 -1.10
N VAL B 214 -24.35 -11.32 -2.01
CA VAL B 214 -24.05 -11.42 -3.43
C VAL B 214 -23.94 -9.98 -3.95
N ARG B 215 -22.97 -9.75 -4.83
CA ARG B 215 -22.77 -8.42 -5.40
C ARG B 215 -22.71 -8.49 -6.92
N ILE B 216 -23.55 -7.71 -7.59
CA ILE B 216 -23.55 -7.71 -9.04
C ILE B 216 -23.52 -6.31 -9.62
N PRO B 217 -22.63 -6.06 -10.59
CA PRO B 217 -22.60 -4.72 -11.19
C PRO B 217 -23.87 -4.69 -12.07
N TYR B 218 -24.87 -3.96 -11.60
CA TYR B 218 -26.15 -3.87 -12.29
C TYR B 218 -26.52 -2.40 -12.48
N PRO B 219 -26.70 -1.95 -13.73
CA PRO B 219 -27.06 -0.55 -13.95
C PRO B 219 -28.57 -0.33 -13.99
N LYS B 220 -29.07 0.48 -13.06
CA LYS B 220 -30.49 0.77 -13.03
C LYS B 220 -30.75 1.99 -13.93
N ALA B 221 -32.01 2.27 -14.24
CA ALA B 221 -32.37 3.39 -15.12
C ALA B 221 -31.57 4.66 -14.90
N GLY B 222 -30.92 5.16 -15.94
CA GLY B 222 -30.15 6.38 -15.82
C GLY B 222 -28.79 6.29 -15.13
N ALA B 223 -28.42 5.10 -14.66
CA ALA B 223 -27.14 4.94 -13.99
C ALA B 223 -26.01 4.79 -14.99
N GLU B 224 -24.79 4.69 -14.47
CA GLU B 224 -23.60 4.54 -15.29
C GLU B 224 -23.61 3.12 -15.91
N ASN B 225 -23.44 3.05 -17.22
CA ASN B 225 -23.45 1.76 -17.93
C ASN B 225 -22.07 1.20 -18.17
N PRO B 226 -22.00 -0.10 -18.51
CA PRO B 226 -20.68 -0.68 -18.78
C PRO B 226 -20.19 -0.23 -20.15
N THR B 227 -18.89 -0.05 -20.32
CA THR B 227 -18.38 0.36 -21.61
C THR B 227 -17.96 -0.93 -22.31
N VAL B 228 -17.71 -0.86 -23.61
CA VAL B 228 -17.34 -2.06 -24.34
C VAL B 228 -16.29 -1.79 -25.41
N LYS B 229 -15.54 -2.83 -25.76
CA LYS B 229 -14.52 -2.75 -26.79
C LYS B 229 -14.64 -4.01 -27.63
N PHE B 230 -14.29 -3.93 -28.90
CA PHE B 230 -14.37 -5.08 -29.78
C PHE B 230 -13.01 -5.34 -30.41
N PHE B 231 -12.54 -6.59 -30.34
CA PHE B 231 -11.25 -6.96 -30.90
C PHE B 231 -11.32 -8.14 -31.84
N VAL B 232 -10.44 -8.15 -32.83
CA VAL B 232 -10.35 -9.25 -33.76
C VAL B 232 -8.94 -9.79 -33.60
N VAL B 233 -8.82 -11.00 -33.09
CA VAL B 233 -7.52 -11.64 -32.88
C VAL B 233 -7.19 -12.55 -34.06
N ASP B 234 -5.99 -12.40 -34.61
CA ASP B 234 -5.53 -13.25 -35.70
C ASP B 234 -4.87 -14.46 -35.02
N THR B 235 -5.53 -15.61 -35.07
CA THR B 235 -5.02 -16.81 -34.42
C THR B 235 -3.84 -17.50 -35.09
N ARG B 236 -3.54 -17.12 -36.33
CA ARG B 236 -2.44 -17.74 -37.05
C ARG B 236 -1.07 -17.57 -36.35
N THR B 237 -0.87 -16.45 -35.66
CA THR B 237 0.41 -16.21 -34.99
C THR B 237 0.45 -16.61 -33.54
N LEU B 238 -0.64 -17.19 -33.03
CA LEU B 238 -0.65 -17.61 -31.63
C LEU B 238 0.44 -18.66 -31.37
N SER B 239 1.33 -18.34 -30.45
CA SER B 239 2.42 -19.23 -30.11
C SER B 239 2.86 -18.89 -28.70
N PRO B 240 3.36 -19.88 -27.95
CA PRO B 240 3.80 -19.63 -26.57
C PRO B 240 4.81 -18.49 -26.37
N ASN B 241 5.68 -18.25 -27.34
CA ASN B 241 6.65 -17.17 -27.20
C ASN B 241 6.38 -15.97 -28.09
N ALA B 242 5.12 -15.81 -28.49
CA ALA B 242 4.71 -14.68 -29.32
C ALA B 242 3.62 -13.88 -28.63
N SER B 243 3.54 -12.60 -28.95
CA SER B 243 2.50 -11.77 -28.37
C SER B 243 1.19 -12.06 -29.13
N VAL B 244 0.10 -11.44 -28.69
CA VAL B 244 -1.17 -11.64 -29.37
C VAL B 244 -1.35 -10.57 -30.43
N THR B 245 -1.64 -10.99 -31.66
CA THR B 245 -1.87 -10.07 -32.74
C THR B 245 -3.38 -9.81 -32.79
N SER B 246 -3.80 -8.60 -32.41
CA SER B 246 -5.21 -8.25 -32.47
C SER B 246 -5.43 -6.81 -32.90
N TYR B 247 -6.62 -6.52 -33.40
CA TYR B 247 -6.95 -5.19 -33.86
C TYR B 247 -8.22 -4.75 -33.18
N GLN B 248 -8.32 -3.47 -32.82
CA GLN B 248 -9.51 -2.99 -32.15
C GLN B 248 -10.36 -2.23 -33.14
N ILE B 249 -11.62 -2.65 -33.27
CA ILE B 249 -12.54 -1.97 -34.18
C ILE B 249 -13.43 -1.07 -33.30
N VAL B 250 -13.43 0.24 -33.58
CA VAL B 250 -14.24 1.17 -32.83
C VAL B 250 -15.53 1.48 -33.61
N PRO B 251 -16.58 1.93 -32.91
CA PRO B 251 -17.82 2.24 -33.63
C PRO B 251 -17.74 3.50 -34.51
N PRO B 252 -18.70 3.67 -35.44
CA PRO B 252 -18.72 4.84 -36.31
C PRO B 252 -18.89 6.09 -35.47
N ALA B 253 -18.39 7.22 -35.95
CA ALA B 253 -18.49 8.47 -35.20
C ALA B 253 -19.90 8.81 -34.71
N SER B 254 -20.90 8.57 -35.54
CA SER B 254 -22.28 8.88 -35.17
C SER B 254 -22.73 8.16 -33.91
N VAL B 255 -21.94 7.20 -33.45
CA VAL B 255 -22.26 6.44 -32.24
C VAL B 255 -21.31 6.77 -31.08
N LEU B 256 -20.07 7.13 -31.40
CA LEU B 256 -19.08 7.49 -30.40
C LEU B 256 -19.45 8.77 -29.65
N ILE B 257 -20.39 9.54 -30.21
CA ILE B 257 -20.85 10.77 -29.57
C ILE B 257 -21.07 10.58 -28.06
N GLY B 258 -21.94 9.65 -27.71
CA GLY B 258 -22.23 9.38 -26.31
C GLY B 258 -22.20 7.89 -26.00
N ASP B 259 -22.90 7.49 -24.95
CA ASP B 259 -22.94 6.08 -24.56
C ASP B 259 -23.59 5.26 -25.66
N HIS B 260 -23.12 4.03 -25.82
CA HIS B 260 -23.66 3.15 -26.85
C HIS B 260 -23.54 1.70 -26.42
N TYR B 261 -24.03 0.80 -27.27
CA TYR B 261 -23.97 -0.64 -27.02
C TYR B 261 -23.58 -1.36 -28.30
N LEU B 262 -23.01 -2.55 -28.13
CA LEU B 262 -22.67 -3.40 -29.26
C LEU B 262 -23.82 -4.39 -29.20
N CYS B 263 -24.66 -4.46 -30.23
CA CYS B 263 -25.75 -5.40 -30.17
C CYS B 263 -25.70 -6.55 -31.14
N GLY B 264 -24.71 -6.58 -32.02
CA GLY B 264 -24.64 -7.67 -32.96
C GLY B 264 -23.34 -7.84 -33.71
N VAL B 265 -22.95 -9.09 -33.91
CA VAL B 265 -21.73 -9.42 -34.64
C VAL B 265 -22.07 -10.51 -35.65
N THR B 266 -21.61 -10.35 -36.89
CA THR B 266 -21.86 -11.34 -37.91
C THR B 266 -20.68 -11.43 -38.87
N TRP B 267 -20.09 -12.61 -38.99
CA TRP B 267 -19.01 -12.77 -39.94
C TRP B 267 -19.62 -12.90 -41.34
N VAL B 268 -19.06 -12.20 -42.32
CA VAL B 268 -19.57 -12.25 -43.69
C VAL B 268 -18.69 -13.21 -44.50
N THR B 269 -17.39 -13.01 -44.43
CA THR B 269 -16.39 -13.86 -45.08
C THR B 269 -15.17 -13.83 -44.16
N GLU B 270 -14.09 -14.51 -44.55
CA GLU B 270 -12.89 -14.53 -43.71
C GLU B 270 -12.24 -13.17 -43.62
N GLU B 271 -12.66 -12.23 -44.47
CA GLU B 271 -12.05 -10.92 -44.45
C GLU B 271 -13.07 -9.81 -44.37
N ARG B 272 -14.28 -10.15 -43.96
CA ARG B 272 -15.33 -9.16 -43.83
C ARG B 272 -16.23 -9.47 -42.63
N ILE B 273 -16.27 -8.54 -41.68
CA ILE B 273 -17.08 -8.70 -40.49
C ILE B 273 -18.10 -7.56 -40.37
N SER B 274 -19.30 -7.88 -39.89
CA SER B 274 -20.37 -6.91 -39.74
C SER B 274 -20.70 -6.63 -38.27
N LEU B 275 -20.62 -5.36 -37.85
CA LEU B 275 -20.91 -4.99 -36.48
C LEU B 275 -22.12 -4.05 -36.44
N GLN B 276 -23.02 -4.29 -35.49
CA GLN B 276 -24.21 -3.48 -35.35
C GLN B 276 -24.15 -2.80 -33.99
N TRP B 277 -24.15 -1.47 -34.00
CA TRP B 277 -24.09 -0.68 -32.79
C TRP B 277 -25.37 0.15 -32.67
N ILE B 278 -25.72 0.51 -31.45
CA ILE B 278 -26.91 1.30 -31.22
C ILE B 278 -26.58 2.32 -30.10
N ARG B 279 -27.18 3.51 -30.18
CA ARG B 279 -26.94 4.54 -29.17
C ARG B 279 -27.68 4.16 -27.90
N ARG B 280 -27.27 4.74 -26.78
CA ARG B 280 -27.94 4.42 -25.53
C ARG B 280 -29.43 4.70 -25.61
N ALA B 281 -29.81 5.74 -26.35
CA ALA B 281 -31.24 6.08 -26.51
C ALA B 281 -32.00 4.93 -27.19
N GLN B 282 -31.33 4.23 -28.09
CA GLN B 282 -31.90 3.06 -28.78
C GLN B 282 -32.94 3.35 -29.87
N ASN B 283 -32.80 4.51 -30.51
CA ASN B 283 -33.69 4.90 -31.59
C ASN B 283 -32.80 5.21 -32.80
N TYR B 284 -31.53 4.84 -32.67
CA TYR B 284 -30.53 5.05 -33.71
C TYR B 284 -29.49 3.92 -33.68
N SER B 285 -29.50 3.08 -34.72
CA SER B 285 -28.53 1.99 -34.79
C SER B 285 -27.83 2.07 -36.12
N ILE B 286 -26.65 1.45 -36.21
CA ILE B 286 -25.89 1.48 -37.44
C ILE B 286 -25.11 0.19 -37.60
N ILE B 287 -25.03 -0.27 -38.85
CA ILE B 287 -24.30 -1.47 -39.21
C ILE B 287 -23.01 -1.02 -39.89
N ASP B 288 -21.88 -1.50 -39.38
CA ASP B 288 -20.57 -1.16 -39.92
C ASP B 288 -19.93 -2.46 -40.42
N ILE B 289 -19.67 -2.51 -41.72
CA ILE B 289 -19.08 -3.66 -42.37
C ILE B 289 -17.60 -3.40 -42.63
N CYS B 290 -16.75 -4.09 -41.87
CA CYS B 290 -15.30 -3.89 -41.97
C CYS B 290 -14.55 -4.94 -42.76
N ASP B 291 -13.65 -4.47 -43.64
CA ASP B 291 -12.85 -5.35 -44.49
C ASP B 291 -11.41 -5.47 -43.98
N TYR B 292 -10.89 -6.68 -44.04
CA TYR B 292 -9.53 -6.95 -43.60
C TYR B 292 -8.51 -6.48 -44.64
N ASP B 293 -7.53 -5.69 -44.20
CA ASP B 293 -6.47 -5.19 -45.09
C ASP B 293 -5.29 -6.15 -44.88
N GLU B 294 -5.06 -7.00 -45.87
CA GLU B 294 -4.01 -8.00 -45.78
C GLU B 294 -2.57 -7.51 -45.62
N SER B 295 -2.31 -6.25 -45.96
CA SER B 295 -0.94 -5.74 -45.86
C SER B 295 -0.65 -4.98 -44.55
N THR B 296 -1.66 -4.81 -43.71
CA THR B 296 -1.46 -4.09 -42.45
C THR B 296 -2.12 -4.79 -41.26
N GLY B 297 -3.02 -5.74 -41.55
CA GLY B 297 -3.71 -6.46 -40.50
C GLY B 297 -4.85 -5.68 -39.90
N ARG B 298 -5.14 -4.51 -40.48
CA ARG B 298 -6.21 -3.67 -39.99
C ARG B 298 -7.58 -4.05 -40.56
N TRP B 299 -8.61 -3.71 -39.81
CA TRP B 299 -9.97 -3.95 -40.24
C TRP B 299 -10.54 -2.55 -40.51
N ILE B 300 -10.67 -2.25 -41.80
CA ILE B 300 -11.11 -0.94 -42.27
C ILE B 300 -12.59 -0.80 -42.56
N SER B 301 -13.14 0.35 -42.23
CA SER B 301 -14.55 0.60 -42.53
C SER B 301 -14.68 1.84 -43.41
N SER B 302 -15.78 1.94 -44.12
CA SER B 302 -16.02 3.09 -44.99
C SER B 302 -17.47 3.50 -44.88
N VAL B 303 -17.69 4.80 -45.05
CA VAL B 303 -19.03 5.36 -44.98
C VAL B 303 -19.98 4.69 -45.98
N ALA B 304 -19.43 4.18 -47.08
CA ALA B 304 -20.24 3.53 -48.09
C ALA B 304 -20.80 2.20 -47.59
N ARG B 305 -20.07 1.55 -46.69
CA ARG B 305 -20.52 0.27 -46.15
C ARG B 305 -21.26 0.40 -44.82
N GLN B 306 -21.74 1.61 -44.50
CA GLN B 306 -22.46 1.84 -43.26
C GLN B 306 -23.94 2.01 -43.54
N HIS B 307 -24.77 1.38 -42.71
CA HIS B 307 -26.21 1.46 -42.89
C HIS B 307 -26.92 1.88 -41.62
N ILE B 308 -27.57 3.03 -41.70
CA ILE B 308 -28.27 3.59 -40.57
C ILE B 308 -29.74 3.15 -40.52
N GLU B 309 -30.24 2.97 -39.30
CA GLU B 309 -31.63 2.59 -39.09
C GLU B 309 -32.11 3.35 -37.85
N ILE B 310 -33.10 4.21 -38.04
CA ILE B 310 -33.61 4.98 -36.92
C ILE B 310 -35.11 4.80 -36.75
N SER B 311 -35.61 5.29 -35.62
CA SER B 311 -37.02 5.25 -35.30
C SER B 311 -37.39 6.61 -34.73
N THR B 312 -38.47 7.18 -35.25
CA THR B 312 -38.91 8.49 -34.82
C THR B 312 -40.09 8.40 -33.86
N THR B 313 -40.73 7.24 -33.84
CA THR B 313 -41.90 7.04 -32.98
C THR B 313 -41.63 6.14 -31.78
N GLY B 314 -40.40 5.63 -31.68
CA GLY B 314 -40.06 4.76 -30.57
C GLY B 314 -38.64 4.26 -30.63
N TRP B 315 -38.47 2.95 -30.55
CA TRP B 315 -37.15 2.32 -30.58
C TRP B 315 -36.98 1.47 -31.84
N VAL B 316 -35.73 1.10 -32.14
CA VAL B 316 -35.42 0.30 -33.32
C VAL B 316 -35.60 -1.20 -33.04
N GLY B 317 -36.18 -1.91 -34.00
CA GLY B 317 -36.38 -3.34 -33.85
C GLY B 317 -37.42 -3.69 -32.79
N ARG B 318 -37.49 -4.97 -32.42
CA ARG B 318 -38.45 -5.43 -31.42
C ARG B 318 -37.87 -5.28 -30.00
N PHE B 319 -36.85 -6.05 -29.69
CA PHE B 319 -36.18 -5.95 -28.40
C PHE B 319 -34.79 -5.39 -28.68
N ARG B 320 -34.37 -5.51 -29.94
CA ARG B 320 -33.08 -5.04 -30.43
C ARG B 320 -33.19 -5.03 -31.95
N PRO B 321 -32.31 -4.30 -32.64
CA PRO B 321 -32.42 -4.30 -34.10
C PRO B 321 -32.22 -5.70 -34.67
N ALA B 322 -32.89 -6.00 -35.78
CA ALA B 322 -32.78 -7.31 -36.42
C ALA B 322 -31.40 -7.52 -37.01
N GLU B 323 -30.98 -8.78 -37.11
CA GLU B 323 -29.67 -9.13 -37.63
C GLU B 323 -29.61 -9.19 -39.15
N PRO B 324 -28.49 -8.78 -39.75
CA PRO B 324 -28.40 -8.85 -41.21
C PRO B 324 -28.04 -10.28 -41.62
N HIS B 325 -28.50 -10.69 -42.79
CA HIS B 325 -28.21 -12.01 -43.33
C HIS B 325 -27.52 -11.81 -44.66
N PHE B 326 -26.21 -12.03 -44.68
CA PHE B 326 -25.43 -11.83 -45.89
C PHE B 326 -25.42 -12.97 -46.89
N THR B 327 -25.13 -12.64 -48.15
CA THR B 327 -25.03 -13.63 -49.21
C THR B 327 -23.62 -14.20 -49.08
N SER B 328 -23.36 -15.35 -49.70
CA SER B 328 -22.03 -15.97 -49.62
C SER B 328 -20.91 -15.02 -50.02
N ASP B 329 -21.11 -14.27 -51.10
CA ASP B 329 -20.12 -13.32 -51.60
C ASP B 329 -19.96 -12.13 -50.64
N GLY B 330 -21.03 -11.82 -49.91
CA GLY B 330 -21.00 -10.72 -48.97
C GLY B 330 -21.20 -9.35 -49.59
N ASN B 331 -21.66 -9.35 -50.84
CA ASN B 331 -21.89 -8.09 -51.52
C ASN B 331 -23.27 -7.51 -51.26
N SER B 332 -24.15 -8.28 -50.63
CA SER B 332 -25.47 -7.80 -50.28
C SER B 332 -26.01 -8.57 -49.09
N PHE B 333 -27.06 -8.03 -48.46
CA PHE B 333 -27.66 -8.72 -47.33
C PHE B 333 -29.14 -8.44 -47.21
N TYR B 334 -29.85 -9.30 -46.48
CA TYR B 334 -31.27 -9.14 -46.28
C TYR B 334 -31.51 -8.92 -44.79
N LYS B 335 -32.37 -7.96 -44.46
CA LYS B 335 -32.63 -7.66 -43.06
C LYS B 335 -34.02 -7.09 -42.83
N ILE B 336 -34.65 -7.54 -41.76
CA ILE B 336 -35.98 -7.09 -41.39
C ILE B 336 -35.95 -5.69 -40.78
N ILE B 337 -36.79 -4.81 -41.31
CA ILE B 337 -36.90 -3.43 -40.82
C ILE B 337 -38.35 -3.02 -41.01
N SER B 338 -38.74 -1.91 -40.40
CA SER B 338 -40.11 -1.40 -40.50
C SER B 338 -40.31 -0.69 -41.84
N ASN B 339 -41.39 -1.01 -42.55
CA ASN B 339 -41.65 -0.36 -43.83
C ASN B 339 -42.46 0.94 -43.61
N GLU B 340 -42.89 1.54 -44.71
CA GLU B 340 -43.67 2.78 -44.68
C GLU B 340 -44.91 2.73 -43.78
N GLU B 341 -45.60 1.59 -43.77
CA GLU B 341 -46.81 1.41 -42.99
C GLU B 341 -46.60 0.98 -41.53
N GLY B 342 -45.34 0.81 -41.13
CA GLY B 342 -45.08 0.39 -39.75
C GLY B 342 -45.03 -1.13 -39.53
N TYR B 343 -45.05 -1.90 -40.60
CA TYR B 343 -44.98 -3.34 -40.49
C TYR B 343 -43.57 -3.78 -40.81
N LYS B 344 -43.09 -4.81 -40.11
CA LYS B 344 -41.75 -5.30 -40.33
C LYS B 344 -41.66 -6.33 -41.43
N HIS B 345 -40.86 -6.00 -42.44
CA HIS B 345 -40.65 -6.85 -43.60
C HIS B 345 -39.18 -6.91 -43.96
N ILE B 346 -38.86 -7.82 -44.88
CA ILE B 346 -37.49 -8.05 -45.33
C ILE B 346 -37.05 -7.04 -46.39
N CYS B 347 -35.95 -6.34 -46.16
CA CYS B 347 -35.45 -5.39 -47.13
C CYS B 347 -34.12 -5.94 -47.67
N HIS B 348 -33.90 -5.79 -48.98
CA HIS B 348 -32.67 -6.24 -49.62
C HIS B 348 -31.68 -5.09 -49.69
N PHE B 349 -30.52 -5.25 -49.06
CA PHE B 349 -29.51 -4.22 -49.06
C PHE B 349 -28.28 -4.56 -49.88
N GLN B 350 -27.65 -3.54 -50.43
CA GLN B 350 -26.41 -3.72 -51.19
C GLN B 350 -25.38 -3.26 -50.18
N THR B 351 -24.35 -4.08 -49.93
CA THR B 351 -23.34 -3.73 -48.96
C THR B 351 -22.74 -2.32 -49.06
N ASP B 352 -22.54 -1.80 -50.27
CA ASP B 352 -21.99 -0.45 -50.42
C ASP B 352 -22.95 0.63 -50.94
N LYS B 353 -24.26 0.41 -50.77
CA LYS B 353 -25.27 1.39 -51.20
C LYS B 353 -26.24 1.59 -50.04
N SER B 354 -26.78 2.79 -49.88
CA SER B 354 -27.69 3.06 -48.77
C SER B 354 -29.17 2.74 -48.99
N ASN B 355 -29.58 2.60 -50.23
CA ASN B 355 -31.00 2.30 -50.55
C ASN B 355 -31.31 0.79 -50.53
N CYS B 356 -32.45 0.40 -49.94
CA CYS B 356 -32.80 -1.02 -49.96
C CYS B 356 -34.13 -1.22 -50.65
N THR B 357 -34.45 -2.47 -50.98
CA THR B 357 -35.69 -2.80 -51.66
C THR B 357 -36.49 -3.84 -50.87
N PHE B 358 -37.71 -3.52 -50.49
CA PHE B 358 -38.53 -4.47 -49.76
C PHE B 358 -38.91 -5.62 -50.67
N ILE B 359 -38.83 -6.85 -50.17
CA ILE B 359 -39.18 -8.01 -50.95
C ILE B 359 -40.45 -8.66 -50.43
N THR B 360 -40.98 -8.11 -49.34
CA THR B 360 -42.22 -8.59 -48.74
C THR B 360 -42.98 -7.38 -48.23
N LYS B 361 -44.31 -7.46 -48.19
CA LYS B 361 -45.16 -6.36 -47.73
C LYS B 361 -46.54 -6.88 -47.30
N GLY B 362 -47.28 -6.06 -46.56
CA GLY B 362 -48.59 -6.46 -46.10
C GLY B 362 -48.86 -6.08 -44.65
N ALA B 363 -50.08 -6.30 -44.20
CA ALA B 363 -50.48 -5.97 -42.83
C ALA B 363 -50.27 -7.18 -41.94
N TRP B 364 -49.03 -7.64 -41.92
CA TRP B 364 -48.59 -8.78 -41.12
C TRP B 364 -47.08 -8.58 -41.00
N GLU B 365 -46.40 -9.42 -40.26
CA GLU B 365 -44.96 -9.23 -40.11
C GLU B 365 -44.10 -10.48 -40.27
N VAL B 366 -42.86 -10.24 -40.69
CA VAL B 366 -41.88 -11.30 -40.83
C VAL B 366 -41.26 -11.40 -39.43
N ILE B 367 -41.25 -12.62 -38.87
CA ILE B 367 -40.70 -12.85 -37.55
C ILE B 367 -39.17 -12.93 -37.63
N GLY B 368 -38.67 -13.63 -38.65
CA GLY B 368 -37.24 -13.76 -38.81
C GLY B 368 -36.84 -14.52 -40.07
N ILE B 369 -35.63 -14.25 -40.52
CA ILE B 369 -35.07 -14.90 -41.69
C ILE B 369 -34.40 -16.19 -41.20
N GLU B 370 -34.81 -17.33 -41.73
CA GLU B 370 -34.25 -18.62 -41.30
C GLU B 370 -33.07 -19.17 -42.09
N ALA B 371 -33.10 -19.02 -43.42
CA ALA B 371 -32.02 -19.53 -44.25
C ALA B 371 -31.89 -18.73 -45.51
N LEU B 372 -30.74 -18.83 -46.17
CA LEU B 372 -30.51 -18.09 -47.39
C LEU B 372 -29.56 -18.80 -48.34
N THR B 373 -30.05 -19.10 -49.54
CA THR B 373 -29.23 -19.74 -50.56
C THR B 373 -29.14 -18.71 -51.68
N SER B 374 -28.42 -19.04 -52.75
CA SER B 374 -28.33 -18.08 -53.85
C SER B 374 -29.64 -17.98 -54.62
N ASP B 375 -30.55 -18.94 -54.42
CA ASP B 375 -31.82 -18.92 -55.13
C ASP B 375 -33.04 -18.55 -54.29
N TYR B 376 -33.06 -18.96 -53.02
CA TYR B 376 -34.20 -18.67 -52.17
C TYR B 376 -33.86 -18.08 -50.80
N LEU B 377 -34.89 -17.57 -50.15
CA LEU B 377 -34.77 -17.03 -48.81
C LEU B 377 -35.95 -17.60 -48.05
N TYR B 378 -35.65 -18.25 -46.93
CA TYR B 378 -36.68 -18.84 -46.10
C TYR B 378 -36.88 -17.95 -44.89
N TYR B 379 -38.13 -17.76 -44.49
CA TYR B 379 -38.43 -16.92 -43.35
C TYR B 379 -39.70 -17.38 -42.67
N ILE B 380 -39.99 -16.77 -41.52
CA ILE B 380 -41.16 -17.10 -40.77
C ILE B 380 -42.00 -15.83 -40.58
N SER B 381 -43.30 -15.95 -40.77
CA SER B 381 -44.19 -14.80 -40.63
C SER B 381 -45.52 -15.26 -40.06
N ASN B 382 -46.35 -14.28 -39.68
CA ASN B 382 -47.67 -14.59 -39.15
C ASN B 382 -48.75 -14.16 -40.15
N GLU B 383 -48.40 -14.21 -41.43
CA GLU B 383 -49.32 -13.84 -42.52
C GLU B 383 -50.55 -14.75 -42.70
N HIS B 384 -50.35 -16.06 -42.60
CA HIS B 384 -51.43 -17.01 -42.77
C HIS B 384 -52.70 -16.68 -41.97
N LYS B 385 -53.85 -16.70 -42.65
CA LYS B 385 -55.13 -16.41 -42.03
C LYS B 385 -55.17 -15.09 -41.28
N GLY B 386 -54.14 -14.27 -41.47
CA GLY B 386 -54.07 -12.99 -40.79
C GLY B 386 -54.03 -13.13 -39.27
N MET B 387 -53.50 -14.25 -38.78
CA MET B 387 -53.39 -14.50 -37.35
C MET B 387 -52.03 -14.06 -36.83
N PRO B 388 -51.97 -12.92 -36.12
CA PRO B 388 -50.67 -12.47 -35.60
C PRO B 388 -50.03 -13.48 -34.65
N GLY B 389 -50.85 -14.36 -34.06
CA GLY B 389 -50.34 -15.36 -33.14
C GLY B 389 -50.04 -16.71 -33.78
N GLY B 390 -49.90 -16.73 -35.10
CA GLY B 390 -49.58 -17.96 -35.81
C GLY B 390 -48.24 -17.79 -36.48
N ARG B 391 -47.55 -18.91 -36.74
CA ARG B 391 -46.23 -18.87 -37.37
C ARG B 391 -46.13 -19.91 -38.47
N ASN B 392 -45.51 -19.53 -39.58
CA ASN B 392 -45.34 -20.46 -40.69
C ASN B 392 -44.03 -20.23 -41.43
N LEU B 393 -43.54 -21.27 -42.09
CA LEU B 393 -42.31 -21.20 -42.86
C LEU B 393 -42.63 -20.85 -44.31
N TYR B 394 -41.99 -19.81 -44.83
CA TYR B 394 -42.22 -19.38 -46.21
C TYR B 394 -40.89 -19.34 -46.95
N ARG B 395 -40.97 -19.46 -48.28
CA ARG B 395 -39.79 -19.42 -49.14
C ARG B 395 -40.06 -18.45 -50.28
N ILE B 396 -39.12 -17.56 -50.53
CA ILE B 396 -39.29 -16.58 -51.58
C ILE B 396 -38.12 -16.62 -52.58
N GLN B 397 -38.46 -16.62 -53.86
CA GLN B 397 -37.47 -16.65 -54.93
C GLN B 397 -36.74 -15.32 -55.01
N LEU B 398 -35.42 -15.35 -54.92
CA LEU B 398 -34.65 -14.11 -54.96
C LEU B 398 -34.66 -13.39 -56.30
N ASN B 399 -34.91 -14.11 -57.40
CA ASN B 399 -34.94 -13.46 -58.70
C ASN B 399 -36.35 -13.06 -59.16
N ASP B 400 -37.33 -13.23 -58.26
CA ASP B 400 -38.72 -12.89 -58.55
C ASP B 400 -39.52 -12.93 -57.25
N TYR B 401 -39.51 -11.80 -56.54
CA TYR B 401 -40.21 -11.66 -55.26
C TYR B 401 -41.69 -11.96 -55.34
N THR B 402 -42.17 -12.25 -56.54
CA THR B 402 -43.57 -12.59 -56.77
C THR B 402 -43.81 -14.03 -56.34
N LYS B 403 -42.84 -14.91 -56.59
CA LYS B 403 -42.97 -16.30 -56.24
C LYS B 403 -42.54 -16.60 -54.81
N VAL B 404 -43.54 -16.71 -53.92
CA VAL B 404 -43.32 -17.02 -52.51
C VAL B 404 -44.28 -18.14 -52.15
N THR B 405 -43.72 -19.23 -51.61
CA THR B 405 -44.50 -20.39 -51.23
C THR B 405 -44.56 -20.63 -49.73
N CYS B 406 -45.70 -21.08 -49.23
CA CYS B 406 -45.80 -21.39 -47.82
C CYS B 406 -45.58 -22.91 -47.68
N LEU B 407 -44.44 -23.27 -47.12
CA LEU B 407 -44.08 -24.67 -46.93
C LEU B 407 -44.77 -25.40 -45.79
N SER B 408 -45.33 -24.67 -44.81
CA SER B 408 -45.96 -25.33 -43.66
C SER B 408 -47.48 -25.14 -43.50
N CYS B 409 -48.00 -24.07 -44.10
CA CYS B 409 -49.43 -23.75 -44.00
C CYS B 409 -50.45 -24.89 -44.04
N GLU B 410 -50.37 -25.73 -45.07
CA GLU B 410 -51.33 -26.83 -45.23
C GLU B 410 -50.91 -28.25 -44.85
N LEU B 411 -49.80 -28.43 -44.13
CA LEU B 411 -49.38 -29.78 -43.73
C LEU B 411 -50.41 -30.40 -42.77
N ASN B 412 -50.84 -29.63 -41.78
CA ASN B 412 -51.83 -30.05 -40.77
C ASN B 412 -52.52 -28.78 -40.30
N PRO B 413 -53.28 -28.12 -41.18
CA PRO B 413 -54.00 -26.88 -40.86
C PRO B 413 -54.74 -26.83 -39.53
N GLU B 414 -55.23 -27.97 -39.06
CA GLU B 414 -55.97 -28.02 -37.79
C GLU B 414 -55.07 -28.21 -36.57
N ARG B 415 -54.09 -29.09 -36.72
CA ARG B 415 -53.18 -29.40 -35.63
C ARG B 415 -51.97 -28.46 -35.55
N CYS B 416 -51.56 -27.89 -36.70
CA CYS B 416 -50.38 -27.05 -36.76
C CYS B 416 -50.51 -25.67 -37.38
N GLN B 417 -50.37 -24.64 -36.55
CA GLN B 417 -50.47 -23.26 -37.00
C GLN B 417 -49.33 -22.42 -36.44
N TYR B 418 -48.44 -23.05 -35.68
CA TYR B 418 -47.30 -22.34 -35.08
C TYR B 418 -46.03 -23.18 -35.27
N TYR B 419 -45.18 -22.75 -36.21
CA TYR B 419 -43.94 -23.46 -36.51
C TYR B 419 -42.64 -22.66 -36.33
N SER B 420 -41.54 -23.39 -36.24
CA SER B 420 -40.20 -22.81 -36.18
C SER B 420 -39.47 -23.80 -37.08
N ALA B 421 -38.28 -23.46 -37.57
CA ALA B 421 -37.58 -24.39 -38.45
C ALA B 421 -36.08 -24.38 -38.22
N SER B 422 -35.44 -25.48 -38.59
CA SER B 422 -34.01 -25.63 -38.47
C SER B 422 -33.45 -26.23 -39.76
N PHE B 423 -32.68 -25.43 -40.48
CA PHE B 423 -32.09 -25.87 -41.73
C PHE B 423 -30.68 -26.45 -41.61
N SER B 424 -30.38 -27.39 -42.50
CA SER B 424 -29.08 -28.02 -42.57
C SER B 424 -28.19 -27.01 -43.31
N ASN B 425 -26.90 -27.31 -43.44
CA ASN B 425 -26.01 -26.40 -44.14
C ASN B 425 -26.47 -26.33 -45.60
N LYS B 426 -26.32 -25.15 -46.21
CA LYS B 426 -26.75 -24.95 -47.59
C LYS B 426 -28.26 -25.12 -47.79
N ALA B 427 -28.98 -25.29 -46.70
CA ALA B 427 -30.43 -25.43 -46.73
C ALA B 427 -31.00 -26.53 -47.64
N LYS B 428 -30.38 -27.71 -47.64
CA LYS B 428 -30.88 -28.81 -48.46
C LYS B 428 -32.02 -29.54 -47.75
N TYR B 429 -31.95 -29.59 -46.43
CA TYR B 429 -32.99 -30.25 -45.63
C TYR B 429 -33.34 -29.35 -44.46
N TYR B 430 -34.50 -29.60 -43.86
CA TYR B 430 -34.90 -28.81 -42.70
C TYR B 430 -35.87 -29.58 -41.85
N GLN B 431 -35.83 -29.31 -40.55
CA GLN B 431 -36.71 -29.95 -39.60
C GLN B 431 -37.81 -28.93 -39.37
N LEU B 432 -39.06 -29.37 -39.36
CA LEU B 432 -40.15 -28.45 -39.08
C LEU B 432 -40.68 -28.74 -37.69
N ARG B 433 -40.91 -27.69 -36.92
CA ARG B 433 -41.39 -27.89 -35.56
C ARG B 433 -42.72 -27.20 -35.33
N CYS B 434 -43.73 -28.01 -35.05
CA CYS B 434 -45.09 -27.55 -34.81
C CYS B 434 -45.39 -27.56 -33.31
N PHE B 435 -45.72 -26.39 -32.75
CA PHE B 435 -45.99 -26.29 -31.32
C PHE B 435 -47.45 -26.14 -30.92
N GLY B 436 -48.34 -26.26 -31.90
CA GLY B 436 -49.76 -26.14 -31.61
C GLY B 436 -50.58 -25.68 -32.79
N PRO B 437 -51.90 -25.49 -32.62
CA PRO B 437 -52.66 -25.69 -31.37
C PRO B 437 -52.79 -27.15 -30.91
N GLY B 438 -52.46 -28.10 -31.77
CA GLY B 438 -52.54 -29.50 -31.38
C GLY B 438 -51.25 -29.94 -30.73
N LEU B 439 -51.10 -31.25 -30.54
CA LEU B 439 -49.89 -31.78 -29.93
C LEU B 439 -48.66 -31.52 -30.80
N PRO B 440 -47.55 -31.09 -30.18
CA PRO B 440 -46.34 -30.80 -30.97
C PRO B 440 -46.01 -31.92 -31.95
N LEU B 441 -45.49 -31.54 -33.11
CA LEU B 441 -45.15 -32.50 -34.16
C LEU B 441 -43.85 -32.11 -34.87
N TYR B 442 -42.88 -33.01 -34.86
CA TYR B 442 -41.61 -32.72 -35.50
C TYR B 442 -41.49 -33.56 -36.76
N THR B 443 -41.05 -32.91 -37.85
CA THR B 443 -40.90 -33.57 -39.15
C THR B 443 -39.62 -33.14 -39.86
N LEU B 444 -39.15 -33.98 -40.77
CA LEU B 444 -37.93 -33.73 -41.54
C LEU B 444 -38.35 -33.56 -43.01
N HIS B 445 -37.86 -32.50 -43.65
CA HIS B 445 -38.22 -32.23 -45.05
C HIS B 445 -37.02 -31.95 -45.95
N SER B 446 -37.23 -32.12 -47.25
CA SER B 446 -36.20 -31.87 -48.26
C SER B 446 -36.52 -30.53 -48.90
N SER B 447 -35.51 -29.72 -49.17
CA SER B 447 -35.74 -28.41 -49.77
C SER B 447 -36.01 -28.49 -51.27
N SER B 448 -35.55 -29.57 -51.90
CA SER B 448 -35.72 -29.74 -53.33
C SER B 448 -37.14 -30.16 -53.71
N SER B 449 -37.66 -31.19 -53.04
CA SER B 449 -39.00 -31.69 -53.35
C SER B 449 -40.07 -31.27 -52.35
N ASP B 450 -39.70 -30.50 -51.33
CA ASP B 450 -40.65 -30.06 -50.31
C ASP B 450 -41.39 -31.25 -49.72
N LYS B 451 -40.92 -32.44 -50.05
CA LYS B 451 -41.51 -33.67 -49.57
C LYS B 451 -41.15 -33.91 -48.11
N GLU B 452 -42.06 -34.54 -47.38
CA GLU B 452 -41.83 -34.84 -45.97
C GLU B 452 -41.17 -36.21 -45.85
N LEU B 453 -39.85 -36.20 -45.69
CA LEU B 453 -39.08 -37.44 -45.56
C LEU B 453 -39.66 -38.35 -44.46
N ARG B 454 -39.92 -37.82 -43.27
CA ARG B 454 -40.45 -38.66 -42.20
C ARG B 454 -40.93 -37.91 -40.97
N VAL B 455 -41.56 -38.65 -40.05
CA VAL B 455 -42.07 -38.11 -38.80
C VAL B 455 -41.03 -38.44 -37.73
N LEU B 456 -40.43 -37.41 -37.14
CA LEU B 456 -39.43 -37.59 -36.11
C LEU B 456 -40.05 -37.86 -34.76
N GLU B 457 -41.15 -37.18 -34.47
CA GLU B 457 -41.85 -37.35 -33.19
C GLU B 457 -43.25 -36.78 -33.33
N ASP B 458 -44.26 -37.59 -33.04
CA ASP B 458 -45.63 -37.12 -33.15
C ASP B 458 -46.40 -37.13 -31.83
N ASN B 459 -45.72 -37.43 -30.74
CA ASN B 459 -46.34 -37.46 -29.41
C ASN B 459 -47.56 -38.36 -29.31
N SER B 460 -47.55 -39.49 -30.02
CA SER B 460 -48.69 -40.40 -29.98
C SER B 460 -48.91 -40.95 -28.57
N ALA B 461 -47.84 -41.01 -27.77
CA ALA B 461 -47.95 -41.51 -26.40
C ALA B 461 -48.77 -40.55 -25.55
N LEU B 462 -48.49 -39.25 -25.69
CA LEU B 462 -49.22 -38.22 -24.95
C LEU B 462 -50.69 -38.26 -25.35
N ASP B 463 -50.94 -38.40 -26.67
CA ASP B 463 -52.30 -38.45 -27.20
C ASP B 463 -53.09 -39.55 -26.47
N LYS B 464 -52.46 -40.70 -26.31
CA LYS B 464 -53.08 -41.84 -25.63
C LYS B 464 -53.52 -41.45 -24.23
N MET B 465 -52.58 -40.93 -23.44
CA MET B 465 -52.84 -40.53 -22.06
C MET B 465 -53.95 -39.50 -21.91
N LEU B 466 -53.96 -38.51 -22.80
CA LEU B 466 -54.94 -37.44 -22.72
C LEU B 466 -56.39 -37.77 -23.09
N GLN B 467 -56.60 -38.83 -23.87
CA GLN B 467 -57.97 -39.18 -24.25
C GLN B 467 -58.70 -39.79 -23.06
N ASP B 468 -57.93 -40.06 -22.01
CA ASP B 468 -58.44 -40.65 -20.79
C ASP B 468 -58.76 -39.54 -19.77
N VAL B 469 -58.52 -38.29 -20.14
CA VAL B 469 -58.76 -37.18 -19.24
C VAL B 469 -59.56 -36.04 -19.86
N GLN B 470 -60.37 -35.37 -19.04
CA GLN B 470 -61.20 -34.25 -19.48
C GLN B 470 -60.36 -32.97 -19.66
N MET B 471 -59.82 -32.79 -20.85
CA MET B 471 -59.02 -31.62 -21.15
C MET B 471 -59.87 -30.40 -21.48
N PRO B 472 -59.36 -29.21 -21.17
CA PRO B 472 -60.11 -27.98 -21.47
C PRO B 472 -59.85 -27.62 -22.92
N SER B 473 -60.57 -26.62 -23.44
CA SER B 473 -60.37 -26.21 -24.83
C SER B 473 -59.88 -24.77 -24.88
N LYS B 474 -59.11 -24.45 -25.92
CA LYS B 474 -58.57 -23.11 -26.09
C LYS B 474 -59.20 -22.46 -27.33
N LYS B 475 -59.85 -21.32 -27.13
CA LYS B 475 -60.50 -20.61 -28.22
C LYS B 475 -59.85 -19.24 -28.40
N LEU B 476 -59.56 -18.89 -29.65
CA LEU B 476 -58.97 -17.58 -29.96
C LEU B 476 -59.98 -16.76 -30.76
N ASP B 477 -60.08 -15.47 -30.45
CA ASP B 477 -61.01 -14.61 -31.16
C ASP B 477 -60.56 -13.15 -31.06
N VAL B 478 -61.42 -12.24 -31.49
CA VAL B 478 -61.08 -10.81 -31.50
C VAL B 478 -62.16 -9.93 -30.88
N ILE B 479 -61.76 -8.72 -30.48
CA ILE B 479 -62.67 -7.72 -29.92
C ILE B 479 -62.14 -6.36 -30.36
N ASN B 480 -63.00 -5.35 -30.30
CA ASN B 480 -62.60 -4.02 -30.72
C ASN B 480 -62.37 -3.08 -29.55
N LEU B 481 -61.31 -2.29 -29.67
CA LEU B 481 -60.96 -1.29 -28.67
C LEU B 481 -60.40 -0.11 -29.44
N HIS B 482 -60.99 1.07 -29.24
CA HIS B 482 -60.55 2.29 -29.93
C HIS B 482 -60.56 2.10 -31.44
N GLY B 483 -61.53 1.33 -31.94
CA GLY B 483 -61.62 1.10 -33.37
C GLY B 483 -60.55 0.18 -33.93
N THR B 484 -59.75 -0.43 -33.05
CA THR B 484 -58.71 -1.36 -33.48
C THR B 484 -59.04 -2.75 -32.98
N LYS B 485 -58.86 -3.76 -33.83
CA LYS B 485 -59.13 -5.13 -33.40
C LYS B 485 -57.91 -5.76 -32.74
N PHE B 486 -58.12 -6.33 -31.56
CA PHE B 486 -57.06 -6.98 -30.82
C PHE B 486 -57.45 -8.41 -30.53
N TRP B 487 -56.46 -9.29 -30.39
CA TRP B 487 -56.74 -10.69 -30.11
C TRP B 487 -56.76 -11.05 -28.64
N TYR B 488 -57.43 -12.15 -28.33
CA TYR B 488 -57.52 -12.65 -26.96
C TYR B 488 -57.75 -14.16 -27.05
N GLN B 489 -57.48 -14.86 -25.95
CA GLN B 489 -57.70 -16.29 -25.91
C GLN B 489 -58.37 -16.65 -24.59
N MET B 490 -59.03 -17.81 -24.56
CA MET B 490 -59.71 -18.28 -23.36
C MET B 490 -59.53 -19.79 -23.24
N ILE B 491 -59.10 -20.24 -22.07
CA ILE B 491 -58.96 -21.67 -21.83
C ILE B 491 -60.30 -21.97 -21.15
N LEU B 492 -61.16 -22.70 -21.85
CA LEU B 492 -62.48 -23.03 -21.33
C LEU B 492 -62.56 -24.38 -20.65
N PRO B 493 -63.28 -24.45 -19.51
CA PRO B 493 -63.43 -25.69 -18.75
C PRO B 493 -64.12 -26.78 -19.60
N PRO B 494 -63.83 -28.05 -19.32
CA PRO B 494 -64.44 -29.15 -20.07
C PRO B 494 -65.96 -29.05 -19.99
N HIS B 495 -66.64 -29.51 -21.04
CA HIS B 495 -68.10 -29.47 -21.09
C HIS B 495 -68.58 -28.06 -20.80
N PHE B 496 -67.97 -27.11 -21.50
CA PHE B 496 -68.30 -25.70 -21.31
C PHE B 496 -69.77 -25.42 -21.62
N ASP B 497 -70.48 -24.95 -20.60
CA ASP B 497 -71.88 -24.63 -20.73
C ASP B 497 -72.06 -23.12 -20.75
N LYS B 498 -72.18 -22.56 -21.96
CA LYS B 498 -72.35 -21.13 -22.15
C LYS B 498 -73.52 -20.56 -21.34
N SER B 499 -74.15 -21.43 -20.55
CA SER B 499 -75.28 -21.04 -19.71
C SER B 499 -74.79 -20.58 -18.33
N LYS B 500 -74.21 -21.51 -17.57
CA LYS B 500 -73.67 -21.25 -16.24
C LYS B 500 -72.73 -20.04 -16.24
N LYS B 501 -72.44 -19.53 -15.04
CA LYS B 501 -71.54 -18.40 -14.90
C LYS B 501 -70.24 -18.83 -14.23
N TYR B 502 -69.16 -18.81 -15.02
CA TYR B 502 -67.84 -19.21 -14.55
C TYR B 502 -66.95 -18.06 -14.07
N PRO B 503 -66.10 -18.35 -13.08
CA PRO B 503 -65.20 -17.31 -12.57
C PRO B 503 -64.09 -17.15 -13.62
N LEU B 504 -63.62 -15.92 -13.78
CA LEU B 504 -62.60 -15.60 -14.76
C LEU B 504 -61.25 -15.28 -14.11
N LEU B 505 -60.18 -15.69 -14.77
CA LEU B 505 -58.83 -15.44 -14.29
C LEU B 505 -58.08 -14.92 -15.48
N ILE B 506 -57.65 -13.67 -15.39
CA ILE B 506 -56.90 -13.03 -16.45
C ILE B 506 -55.43 -13.30 -16.16
N GLU B 507 -54.73 -13.84 -17.15
CA GLU B 507 -53.32 -14.12 -16.99
C GLU B 507 -52.67 -13.12 -17.93
N VAL B 508 -51.86 -12.21 -17.37
CA VAL B 508 -51.25 -11.15 -18.17
C VAL B 508 -49.72 -11.05 -18.18
N TYR B 509 -49.23 -10.43 -19.24
CA TYR B 509 -47.82 -10.13 -19.42
C TYR B 509 -47.92 -8.66 -19.83
N ALA B 510 -48.29 -8.42 -21.10
CA ALA B 510 -48.53 -7.08 -21.61
C ALA B 510 -47.37 -6.09 -21.70
N GLY B 511 -46.15 -6.59 -21.80
CA GLY B 511 -45.02 -5.67 -21.91
C GLY B 511 -44.73 -5.35 -23.37
N PRO B 512 -43.94 -4.29 -23.65
CA PRO B 512 -43.64 -3.95 -25.05
C PRO B 512 -43.28 -5.14 -25.92
N CYS B 513 -43.95 -5.25 -27.07
CA CYS B 513 -43.75 -6.30 -28.06
C CYS B 513 -43.97 -7.70 -27.51
N SER B 514 -44.98 -7.83 -26.67
CA SER B 514 -45.31 -9.11 -26.06
C SER B 514 -46.41 -9.80 -26.86
N GLN B 515 -46.55 -11.11 -26.65
CA GLN B 515 -47.60 -11.89 -27.30
C GLN B 515 -48.05 -13.05 -26.42
N LYS B 516 -49.12 -12.82 -25.64
CA LYS B 516 -49.67 -13.85 -24.76
C LYS B 516 -50.74 -14.65 -25.48
N VAL B 517 -51.25 -14.10 -26.57
CA VAL B 517 -52.27 -14.78 -27.36
C VAL B 517 -51.64 -15.46 -28.59
N ASP B 518 -51.53 -16.78 -28.55
CA ASP B 518 -50.98 -17.52 -29.68
C ASP B 518 -51.61 -18.90 -29.79
N THR B 519 -51.12 -19.71 -30.72
CA THR B 519 -51.66 -21.05 -30.91
C THR B 519 -50.73 -22.17 -30.45
N VAL B 520 -49.89 -21.88 -29.46
CA VAL B 520 -48.97 -22.87 -28.91
C VAL B 520 -49.69 -23.80 -27.92
N PHE B 521 -49.38 -25.10 -27.95
CA PHE B 521 -49.98 -26.07 -27.04
C PHE B 521 -49.19 -26.05 -25.73
N ARG B 522 -49.89 -25.92 -24.61
CA ARG B 522 -49.26 -25.86 -23.29
C ARG B 522 -50.01 -26.56 -22.16
N LEU B 523 -49.30 -27.42 -21.45
CA LEU B 523 -49.86 -28.08 -20.29
C LEU B 523 -49.45 -27.12 -19.18
N SER B 524 -50.35 -26.24 -18.79
CA SER B 524 -50.03 -25.24 -17.79
C SER B 524 -50.88 -25.28 -16.53
N TRP B 525 -50.67 -24.29 -15.67
CA TRP B 525 -51.41 -24.16 -14.43
C TRP B 525 -52.85 -23.84 -14.84
N ALA B 526 -53.00 -23.09 -15.92
CA ALA B 526 -54.34 -22.73 -16.42
C ALA B 526 -55.09 -23.99 -16.87
N THR B 527 -54.35 -24.96 -17.39
CA THR B 527 -54.96 -26.22 -17.82
C THR B 527 -55.67 -26.83 -16.63
N TYR B 528 -55.02 -26.78 -15.47
CA TYR B 528 -55.59 -27.31 -14.23
C TYR B 528 -56.74 -26.48 -13.70
N LEU B 529 -56.60 -25.16 -13.73
CA LEU B 529 -57.65 -24.28 -13.24
C LEU B 529 -58.95 -24.45 -14.02
N ALA B 530 -58.83 -24.71 -15.32
CA ALA B 530 -60.01 -24.87 -16.18
C ALA B 530 -60.58 -26.29 -16.08
N SER B 531 -59.69 -27.27 -16.20
CA SER B 531 -60.05 -28.68 -16.13
C SER B 531 -60.65 -29.15 -14.82
N THR B 532 -59.98 -28.83 -13.71
CA THR B 532 -60.43 -29.26 -12.40
C THR B 532 -61.27 -28.26 -11.61
N GLU B 533 -60.86 -27.00 -11.61
CA GLU B 533 -61.56 -25.95 -10.86
C GLU B 533 -62.64 -25.21 -11.64
N ASN B 534 -62.85 -25.57 -12.90
CA ASN B 534 -63.85 -24.92 -13.74
C ASN B 534 -63.74 -23.40 -13.75
N ILE B 535 -62.53 -22.91 -13.91
CA ILE B 535 -62.29 -21.48 -13.97
C ILE B 535 -61.89 -21.17 -15.41
N ILE B 536 -62.34 -20.03 -15.93
CA ILE B 536 -61.99 -19.64 -17.29
C ILE B 536 -60.73 -18.78 -17.19
N VAL B 537 -59.71 -19.12 -17.97
CA VAL B 537 -58.47 -18.34 -17.94
C VAL B 537 -58.27 -17.69 -19.30
N ALA B 538 -58.32 -16.36 -19.33
CA ALA B 538 -58.17 -15.61 -20.56
C ALA B 538 -56.93 -14.70 -20.59
N SER B 539 -56.51 -14.37 -21.81
CA SER B 539 -55.38 -13.47 -22.02
C SER B 539 -55.72 -12.52 -23.16
N PHE B 540 -55.15 -11.31 -23.11
CA PHE B 540 -55.43 -10.29 -24.12
C PHE B 540 -54.20 -9.49 -24.51
N ASP B 541 -53.99 -9.30 -25.82
CA ASP B 541 -52.87 -8.50 -26.31
C ASP B 541 -53.43 -7.16 -26.83
N GLY B 542 -53.15 -6.09 -26.11
CA GLY B 542 -53.65 -4.78 -26.50
C GLY B 542 -52.55 -3.87 -27.01
N ARG B 543 -52.67 -2.58 -26.71
CA ARG B 543 -51.67 -1.63 -27.15
C ARG B 543 -50.34 -1.92 -26.47
N GLY B 544 -49.26 -1.90 -27.25
CA GLY B 544 -47.94 -2.19 -26.73
C GLY B 544 -47.48 -3.58 -27.16
N SER B 545 -48.43 -4.49 -27.38
CA SER B 545 -48.09 -5.85 -27.80
C SER B 545 -47.38 -5.84 -29.16
N GLY B 546 -46.76 -6.95 -29.54
CA GLY B 546 -46.04 -6.98 -30.81
C GLY B 546 -46.59 -7.83 -31.95
N TYR B 547 -45.85 -7.83 -33.06
CA TYR B 547 -46.18 -8.61 -34.24
C TYR B 547 -47.42 -8.12 -35.00
N GLN B 548 -47.82 -6.87 -34.75
CA GLN B 548 -48.99 -6.29 -35.40
C GLN B 548 -48.70 -4.90 -35.94
N GLY B 549 -47.43 -4.55 -36.11
CA GLY B 549 -47.08 -3.23 -36.62
C GLY B 549 -46.62 -2.27 -35.53
N ASP B 550 -45.76 -1.33 -35.90
CA ASP B 550 -45.20 -0.35 -34.97
C ASP B 550 -46.28 0.54 -34.37
N LYS B 551 -47.37 0.70 -35.12
CA LYS B 551 -48.50 1.51 -34.69
C LYS B 551 -48.98 1.06 -33.31
N ILE B 552 -49.34 -0.21 -33.20
CA ILE B 552 -49.81 -0.78 -31.95
C ILE B 552 -48.69 -0.98 -30.91
N MET B 553 -47.50 -1.35 -31.39
CA MET B 553 -46.38 -1.59 -30.49
C MET B 553 -45.84 -0.32 -29.81
N HIS B 554 -45.63 0.72 -30.60
CA HIS B 554 -45.10 1.96 -30.07
C HIS B 554 -46.13 2.81 -29.35
N ALA B 555 -47.34 2.28 -29.20
CA ALA B 555 -48.39 3.05 -28.53
C ALA B 555 -47.98 3.44 -27.10
N ILE B 556 -47.24 2.56 -26.41
CA ILE B 556 -46.83 2.87 -25.04
C ILE B 556 -45.44 3.50 -24.91
N ASN B 557 -44.87 3.97 -26.01
CA ASN B 557 -43.55 4.60 -25.97
C ASN B 557 -43.56 5.75 -24.95
N ARG B 558 -42.52 5.78 -24.12
CA ARG B 558 -42.35 6.80 -23.07
C ARG B 558 -43.50 6.88 -22.07
N ARG B 559 -44.36 5.88 -22.06
CA ARG B 559 -45.48 5.90 -21.12
C ARG B 559 -45.92 4.50 -20.66
N LEU B 560 -44.97 3.68 -20.22
CA LEU B 560 -45.30 2.34 -19.73
C LEU B 560 -46.23 2.46 -18.53
N GLY B 561 -47.12 1.49 -18.36
CA GLY B 561 -48.05 1.53 -17.24
C GLY B 561 -49.37 2.24 -17.55
N THR B 562 -49.51 2.77 -18.77
CA THR B 562 -50.76 3.45 -19.12
C THR B 562 -51.72 2.64 -20.02
N PHE B 563 -51.53 2.72 -21.35
CA PHE B 563 -52.42 2.04 -22.29
C PHE B 563 -52.50 0.52 -22.18
N GLU B 564 -51.37 -0.14 -21.96
CA GLU B 564 -51.43 -1.60 -21.87
C GLU B 564 -52.16 -2.03 -20.59
N VAL B 565 -52.12 -1.19 -19.56
CA VAL B 565 -52.82 -1.50 -18.31
C VAL B 565 -54.29 -1.24 -18.51
N GLU B 566 -54.61 -0.10 -19.09
CA GLU B 566 -55.98 0.31 -19.36
C GLU B 566 -56.69 -0.69 -20.30
N ASP B 567 -55.98 -1.16 -21.32
CA ASP B 567 -56.59 -2.10 -22.26
C ASP B 567 -56.92 -3.45 -21.61
N GLN B 568 -56.17 -3.85 -20.60
CA GLN B 568 -56.47 -5.12 -19.93
C GLN B 568 -57.78 -4.94 -19.19
N ILE B 569 -58.00 -3.75 -18.62
CA ILE B 569 -59.22 -3.49 -17.88
C ILE B 569 -60.46 -3.45 -18.80
N GLU B 570 -60.37 -2.71 -19.90
CA GLU B 570 -61.48 -2.60 -20.83
C GLU B 570 -61.80 -3.93 -21.52
N ALA B 571 -60.77 -4.71 -21.84
CA ALA B 571 -60.99 -6.00 -22.47
C ALA B 571 -61.69 -6.95 -21.50
N THR B 572 -61.30 -6.91 -20.23
CA THR B 572 -61.90 -7.76 -19.21
C THR B 572 -63.34 -7.33 -19.00
N ARG B 573 -63.57 -6.04 -19.10
CA ARG B 573 -64.89 -5.48 -18.94
C ARG B 573 -65.82 -6.03 -20.03
N GLN B 574 -65.31 -6.17 -21.26
CA GLN B 574 -66.12 -6.71 -22.34
C GLN B 574 -66.31 -8.22 -22.15
N PHE B 575 -65.31 -8.89 -21.58
CA PHE B 575 -65.42 -10.34 -21.34
C PHE B 575 -66.50 -10.61 -20.30
N SER B 576 -66.55 -9.77 -19.25
CA SER B 576 -67.52 -9.94 -18.19
C SER B 576 -68.96 -9.71 -18.64
N LYS B 577 -69.15 -9.05 -19.79
CA LYS B 577 -70.49 -8.80 -20.29
C LYS B 577 -71.03 -10.00 -21.08
N MET B 578 -70.14 -10.90 -21.49
CA MET B 578 -70.56 -12.11 -22.20
C MET B 578 -71.18 -12.97 -21.09
N GLY B 579 -72.47 -13.28 -21.24
CA GLY B 579 -73.21 -14.05 -20.25
C GLY B 579 -72.63 -15.22 -19.46
N PHE B 580 -71.53 -15.82 -19.90
CA PHE B 580 -70.95 -16.97 -19.18
C PHE B 580 -69.87 -16.66 -18.13
N VAL B 581 -69.74 -15.38 -17.77
CA VAL B 581 -68.76 -14.97 -16.77
C VAL B 581 -69.41 -14.38 -15.53
N ASP B 582 -69.00 -14.90 -14.38
CA ASP B 582 -69.49 -14.44 -13.08
C ASP B 582 -68.66 -13.20 -12.76
N ASP B 583 -69.21 -12.02 -13.05
CA ASP B 583 -68.49 -10.77 -12.80
C ASP B 583 -68.15 -10.58 -11.34
N LYS B 584 -68.77 -11.36 -10.46
CA LYS B 584 -68.50 -11.25 -9.03
C LYS B 584 -67.25 -12.04 -8.63
N ARG B 585 -66.67 -12.76 -9.58
CA ARG B 585 -65.47 -13.54 -9.30
C ARG B 585 -64.41 -13.43 -10.41
N ILE B 586 -63.81 -12.24 -10.53
CA ILE B 586 -62.77 -12.02 -11.53
C ILE B 586 -61.42 -11.69 -10.89
N ALA B 587 -60.37 -12.39 -11.32
CA ALA B 587 -59.02 -12.19 -10.80
C ALA B 587 -58.02 -11.99 -11.95
N ILE B 588 -56.77 -11.68 -11.59
CA ILE B 588 -55.73 -11.47 -12.59
C ILE B 588 -54.36 -11.72 -11.95
N TRP B 589 -53.45 -12.31 -12.71
CA TRP B 589 -52.11 -12.57 -12.19
C TRP B 589 -51.06 -12.46 -13.28
N GLY B 590 -49.81 -12.25 -12.84
CA GLY B 590 -48.71 -12.12 -13.77
C GLY B 590 -47.36 -12.31 -13.11
N TRP B 591 -46.35 -12.54 -13.94
CA TRP B 591 -44.98 -12.76 -13.50
C TRP B 591 -44.16 -11.66 -14.19
N SER B 592 -43.24 -11.04 -13.47
CA SER B 592 -42.38 -10.00 -14.04
C SER B 592 -43.17 -8.80 -14.54
N TYR B 593 -43.11 -8.56 -15.86
CA TYR B 593 -43.86 -7.44 -16.43
C TYR B 593 -45.34 -7.68 -16.19
N GLY B 594 -45.74 -8.96 -16.20
CA GLY B 594 -47.12 -9.31 -15.95
C GLY B 594 -47.47 -9.00 -14.53
N GLY B 595 -46.47 -8.98 -13.65
CA GLY B 595 -46.68 -8.69 -12.23
C GLY B 595 -46.91 -7.20 -12.04
N TYR B 596 -46.17 -6.41 -12.81
CA TYR B 596 -46.30 -4.96 -12.80
C TYR B 596 -47.72 -4.61 -13.28
N VAL B 597 -48.07 -5.07 -14.48
CA VAL B 597 -49.37 -4.80 -15.07
C VAL B 597 -50.50 -5.25 -14.15
N THR B 598 -50.35 -6.43 -13.56
CA THR B 598 -51.33 -6.99 -12.62
C THR B 598 -51.53 -5.99 -11.48
N SER B 599 -50.43 -5.49 -10.94
CA SER B 599 -50.49 -4.56 -9.81
C SER B 599 -51.12 -3.25 -10.22
N MET B 600 -50.73 -2.73 -11.38
CA MET B 600 -51.30 -1.47 -11.85
C MET B 600 -52.81 -1.60 -12.01
N VAL B 601 -53.25 -2.76 -12.53
CA VAL B 601 -54.68 -2.99 -12.71
C VAL B 601 -55.37 -2.94 -11.36
N LEU B 602 -54.97 -3.83 -10.46
CA LEU B 602 -55.57 -3.85 -9.13
C LEU B 602 -55.63 -2.47 -8.50
N GLY B 603 -54.63 -1.64 -8.75
CA GLY B 603 -54.60 -0.32 -8.16
C GLY B 603 -55.31 0.78 -8.94
N ALA B 604 -55.99 0.39 -10.02
CA ALA B 604 -56.68 1.36 -10.86
C ALA B 604 -58.05 1.74 -10.29
N GLY B 605 -58.56 0.95 -9.35
CA GLY B 605 -59.85 1.24 -8.77
C GLY B 605 -60.99 1.11 -9.76
N SER B 606 -60.84 0.19 -10.71
CA SER B 606 -61.85 -0.02 -11.75
C SER B 606 -63.05 -0.78 -11.20
N GLY B 607 -62.89 -1.38 -10.03
CA GLY B 607 -63.97 -2.13 -9.43
C GLY B 607 -64.23 -3.43 -10.17
N VAL B 608 -63.48 -3.67 -11.25
CA VAL B 608 -63.67 -4.88 -12.05
C VAL B 608 -63.09 -6.17 -11.45
N PHE B 609 -61.94 -6.07 -10.79
CA PHE B 609 -61.31 -7.26 -10.22
C PHE B 609 -61.46 -7.41 -8.72
N LYS B 610 -61.71 -8.64 -8.28
CA LYS B 610 -61.87 -8.95 -6.87
C LYS B 610 -60.53 -9.23 -6.19
N CYS B 611 -59.65 -9.96 -6.87
CA CYS B 611 -58.34 -10.28 -6.32
C CYS B 611 -57.32 -10.44 -7.45
N GLY B 612 -56.03 -10.49 -7.07
CA GLY B 612 -54.96 -10.64 -8.03
C GLY B 612 -53.67 -11.10 -7.37
N ILE B 613 -52.80 -11.71 -8.16
CA ILE B 613 -51.52 -12.22 -7.67
C ILE B 613 -50.39 -11.69 -8.53
N ALA B 614 -49.37 -11.11 -7.91
CA ALA B 614 -48.22 -10.59 -8.63
C ALA B 614 -46.96 -11.33 -8.20
N VAL B 615 -46.23 -11.89 -9.17
CA VAL B 615 -45.01 -12.63 -8.87
C VAL B 615 -43.81 -11.88 -9.44
N ALA B 616 -42.84 -11.57 -8.58
CA ALA B 616 -41.62 -10.85 -8.95
C ALA B 616 -41.91 -9.70 -9.90
N PRO B 617 -42.79 -8.77 -9.50
CA PRO B 617 -43.15 -7.63 -10.34
C PRO B 617 -42.20 -6.44 -10.25
N VAL B 618 -42.25 -5.61 -11.28
CA VAL B 618 -41.48 -4.38 -11.27
C VAL B 618 -42.49 -3.48 -10.54
N SER B 619 -42.02 -2.56 -9.72
CA SER B 619 -42.94 -1.67 -9.01
C SER B 619 -42.64 -0.21 -9.32
N LYS B 620 -41.39 0.06 -9.67
CA LYS B 620 -40.92 1.38 -9.98
C LYS B 620 -39.83 1.24 -11.03
N TRP B 621 -40.03 1.84 -12.20
CA TRP B 621 -39.08 1.72 -13.29
C TRP B 621 -37.65 2.18 -13.04
N GLU B 622 -37.46 3.07 -12.07
CA GLU B 622 -36.12 3.53 -11.76
C GLU B 622 -35.31 2.41 -11.07
N TYR B 623 -36.00 1.35 -10.69
CA TYR B 623 -35.34 0.21 -10.05
C TYR B 623 -34.90 -0.85 -11.04
N TYR B 624 -35.44 -0.83 -12.26
CA TYR B 624 -35.08 -1.83 -13.25
C TYR B 624 -33.83 -1.44 -14.02
N ASP B 625 -33.27 -2.35 -14.81
CA ASP B 625 -32.03 -2.02 -15.53
C ASP B 625 -32.18 -0.97 -16.64
N SER B 626 -31.06 -0.30 -16.90
CA SER B 626 -30.98 0.76 -17.89
C SER B 626 -31.34 0.40 -19.35
N VAL B 627 -30.80 -0.70 -19.87
CA VAL B 627 -31.06 -1.06 -21.25
C VAL B 627 -32.54 -1.26 -21.61
N TYR B 628 -33.23 -2.07 -20.82
CA TYR B 628 -34.63 -2.32 -21.06
C TYR B 628 -35.51 -1.11 -20.75
N THR B 629 -35.34 -0.54 -19.57
CA THR B 629 -36.16 0.60 -19.14
C THR B 629 -36.03 1.82 -20.06
N GLU B 630 -34.80 2.27 -20.28
CA GLU B 630 -34.58 3.45 -21.12
C GLU B 630 -35.07 3.27 -22.55
N ARG B 631 -35.01 2.05 -23.06
CA ARG B 631 -35.46 1.77 -24.42
C ARG B 631 -36.89 2.28 -24.65
N TYR B 632 -37.73 2.16 -23.63
CA TYR B 632 -39.12 2.58 -23.72
C TYR B 632 -39.46 3.87 -22.97
N MET B 633 -38.66 4.19 -21.95
CA MET B 633 -38.94 5.36 -21.12
C MET B 633 -38.02 6.56 -21.21
N GLY B 634 -36.90 6.43 -21.92
CA GLY B 634 -35.96 7.54 -21.97
C GLY B 634 -35.30 7.66 -20.60
N LEU B 635 -34.62 8.78 -20.33
CA LEU B 635 -33.95 8.98 -19.04
C LEU B 635 -34.86 9.60 -17.99
N PRO B 636 -34.72 9.18 -16.72
CA PRO B 636 -35.53 9.69 -15.61
C PRO B 636 -35.03 11.02 -15.04
N THR B 637 -34.82 11.98 -15.94
CA THR B 637 -34.36 13.31 -15.57
C THR B 637 -35.42 14.33 -15.89
N PRO B 638 -35.48 15.44 -15.13
CA PRO B 638 -36.51 16.44 -15.42
C PRO B 638 -36.45 16.97 -16.86
N GLU B 639 -35.31 16.80 -17.53
CA GLU B 639 -35.16 17.23 -18.92
C GLU B 639 -35.81 16.23 -19.88
N ASP B 640 -35.88 14.97 -19.47
CA ASP B 640 -36.43 13.93 -20.33
C ASP B 640 -37.80 13.43 -19.90
N ASN B 641 -37.88 12.25 -19.29
CA ASN B 641 -39.18 11.70 -18.94
C ASN B 641 -39.49 11.47 -17.46
N LEU B 642 -38.81 12.17 -16.55
CA LEU B 642 -39.05 11.98 -15.12
C LEU B 642 -40.53 11.96 -14.73
N ASP B 643 -41.33 12.86 -15.29
CA ASP B 643 -42.74 12.94 -14.95
C ASP B 643 -43.50 11.63 -15.14
N TYR B 644 -43.24 10.94 -16.25
CA TYR B 644 -43.92 9.67 -16.51
C TYR B 644 -43.29 8.49 -15.75
N TYR B 645 -42.11 8.73 -15.21
CA TYR B 645 -41.43 7.72 -14.41
C TYR B 645 -42.11 7.75 -13.06
N ARG B 646 -42.34 8.96 -12.55
CA ARG B 646 -42.95 9.15 -11.24
C ARG B 646 -44.41 8.75 -11.12
N ASN B 647 -45.22 9.03 -12.13
CA ASN B 647 -46.62 8.67 -12.01
C ASN B 647 -46.99 7.29 -12.54
N SER B 648 -45.97 6.45 -12.75
CA SER B 648 -46.19 5.08 -13.25
C SER B 648 -45.77 4.00 -12.26
N THR B 649 -45.41 4.42 -11.04
CA THR B 649 -45.00 3.47 -10.01
C THR B 649 -46.27 2.83 -9.48
N VAL B 650 -46.15 1.62 -8.93
CA VAL B 650 -47.30 0.96 -8.36
C VAL B 650 -47.64 1.65 -7.04
N MET B 651 -46.61 2.10 -6.32
CA MET B 651 -46.79 2.77 -5.03
C MET B 651 -47.79 3.92 -5.07
N SER B 652 -47.70 4.73 -6.13
CA SER B 652 -48.61 5.87 -6.28
C SER B 652 -50.09 5.49 -6.33
N ARG B 653 -50.39 4.21 -6.45
CA ARG B 653 -51.77 3.75 -6.50
C ARG B 653 -52.14 2.89 -5.28
N ALA B 654 -51.30 2.96 -4.25
CA ALA B 654 -51.50 2.19 -3.02
C ALA B 654 -52.89 2.25 -2.37
N GLU B 655 -53.42 3.45 -2.24
CA GLU B 655 -54.74 3.64 -1.62
C GLU B 655 -55.83 2.73 -2.22
N ASN B 656 -55.81 2.58 -3.54
CA ASN B 656 -56.81 1.76 -4.23
C ASN B 656 -56.78 0.26 -3.91
N PHE B 657 -55.69 -0.23 -3.36
CA PHE B 657 -55.63 -1.66 -3.05
C PHE B 657 -56.58 -2.05 -1.92
N LYS B 658 -57.10 -1.06 -1.21
CA LYS B 658 -58.03 -1.34 -0.12
C LYS B 658 -59.28 -2.02 -0.66
N GLN B 659 -59.52 -1.88 -1.96
CA GLN B 659 -60.70 -2.47 -2.57
C GLN B 659 -60.50 -3.90 -3.10
N VAL B 660 -59.31 -4.46 -2.95
CA VAL B 660 -59.04 -5.81 -3.46
C VAL B 660 -58.18 -6.70 -2.56
N GLU B 661 -58.15 -7.99 -2.90
CA GLU B 661 -57.34 -8.97 -2.19
C GLU B 661 -56.06 -9.14 -3.04
N TYR B 662 -54.92 -8.77 -2.49
CA TYR B 662 -53.65 -8.82 -3.20
C TYR B 662 -52.64 -9.81 -2.63
N LEU B 663 -51.98 -10.56 -3.53
CA LEU B 663 -50.97 -11.53 -3.13
C LEU B 663 -49.67 -11.15 -3.85
N LEU B 664 -48.65 -10.73 -3.08
CA LEU B 664 -47.35 -10.32 -3.61
C LEU B 664 -46.32 -11.43 -3.31
N ILE B 665 -45.65 -11.92 -4.35
CA ILE B 665 -44.66 -12.97 -4.18
C ILE B 665 -43.33 -12.55 -4.82
N HIS B 666 -42.22 -12.95 -4.21
CA HIS B 666 -40.90 -12.58 -4.72
C HIS B 666 -39.76 -13.46 -4.19
N GLY B 667 -38.82 -13.81 -5.05
CA GLY B 667 -37.68 -14.60 -4.63
C GLY B 667 -36.66 -13.66 -4.04
N THR B 668 -36.14 -13.97 -2.85
CA THR B 668 -35.18 -13.07 -2.21
C THR B 668 -33.84 -12.96 -2.94
N ALA B 669 -33.56 -13.91 -3.83
CA ALA B 669 -32.31 -13.88 -4.59
C ALA B 669 -32.53 -13.49 -6.05
N ASP B 670 -33.59 -12.74 -6.32
CA ASP B 670 -33.87 -12.31 -7.69
C ASP B 670 -32.84 -11.26 -8.11
N ASP B 671 -31.99 -11.66 -9.06
CA ASP B 671 -30.94 -10.82 -9.62
C ASP B 671 -31.46 -9.89 -10.72
N ASN B 672 -32.65 -10.21 -11.24
CA ASN B 672 -33.28 -9.49 -12.35
C ASN B 672 -34.22 -8.41 -11.84
N VAL B 673 -35.36 -8.80 -11.27
CA VAL B 673 -36.30 -7.85 -10.71
C VAL B 673 -35.98 -7.98 -9.23
N HIS B 674 -35.10 -7.13 -8.74
CA HIS B 674 -34.68 -7.17 -7.34
C HIS B 674 -35.79 -7.20 -6.29
N PHE B 675 -35.56 -7.94 -5.21
CA PHE B 675 -36.52 -8.06 -4.12
C PHE B 675 -36.90 -6.63 -3.69
N GLN B 676 -35.97 -5.71 -3.85
CA GLN B 676 -36.18 -4.31 -3.51
C GLN B 676 -37.54 -3.83 -4.02
N GLN B 677 -37.83 -4.15 -5.28
CA GLN B 677 -39.08 -3.78 -5.91
C GLN B 677 -40.32 -4.12 -5.10
N SER B 678 -40.42 -5.36 -4.60
CA SER B 678 -41.56 -5.76 -3.79
C SER B 678 -41.44 -5.24 -2.36
N ALA B 679 -40.21 -5.10 -1.87
CA ALA B 679 -40.01 -4.62 -0.50
C ALA B 679 -40.52 -3.18 -0.45
N GLN B 680 -40.19 -2.40 -1.48
CA GLN B 680 -40.64 -1.01 -1.53
C GLN B 680 -42.14 -0.90 -1.75
N LEU B 681 -42.71 -1.82 -2.52
CA LEU B 681 -44.15 -1.81 -2.78
C LEU B 681 -44.94 -2.14 -1.52
N SER B 682 -44.53 -3.19 -0.83
CA SER B 682 -45.23 -3.59 0.39
C SER B 682 -45.16 -2.48 1.45
N LYS B 683 -44.01 -1.83 1.56
CA LYS B 683 -43.85 -0.74 2.53
C LYS B 683 -44.83 0.41 2.23
N ALA B 684 -45.08 0.65 0.96
CA ALA B 684 -46.03 1.71 0.59
C ALA B 684 -47.45 1.29 0.94
N LEU B 685 -47.75 0.00 0.84
CA LEU B 685 -49.08 -0.49 1.19
C LEU B 685 -49.26 -0.45 2.71
N VAL B 686 -48.20 -0.79 3.45
CA VAL B 686 -48.26 -0.76 4.90
C VAL B 686 -48.49 0.67 5.37
N ASP B 687 -47.78 1.62 4.76
CA ASP B 687 -47.91 3.03 5.12
C ASP B 687 -49.30 3.57 4.77
N ALA B 688 -49.95 2.97 3.78
CA ALA B 688 -51.29 3.40 3.37
C ALA B 688 -52.40 2.71 4.16
N GLY B 689 -52.03 1.77 5.02
CA GLY B 689 -53.00 1.07 5.83
C GLY B 689 -53.78 0.02 5.05
N VAL B 690 -53.16 -0.50 4.00
CA VAL B 690 -53.80 -1.52 3.15
C VAL B 690 -53.42 -2.94 3.61
N ASP B 691 -54.41 -3.82 3.76
CA ASP B 691 -54.09 -5.18 4.14
C ASP B 691 -53.91 -6.01 2.88
N PHE B 692 -52.90 -6.87 2.89
CA PHE B 692 -52.60 -7.70 1.74
C PHE B 692 -51.77 -8.89 2.19
N GLN B 693 -51.64 -9.88 1.32
CA GLN B 693 -50.86 -11.07 1.63
C GLN B 693 -49.51 -11.02 0.96
N THR B 694 -48.57 -11.75 1.55
CA THR B 694 -47.19 -11.78 1.07
C THR B 694 -46.64 -13.20 1.08
N MET B 695 -45.59 -13.42 0.31
CA MET B 695 -44.93 -14.71 0.25
C MET B 695 -43.54 -14.56 -0.37
N TRP B 696 -42.51 -14.74 0.45
CA TRP B 696 -41.14 -14.64 -0.03
C TRP B 696 -40.66 -16.06 -0.24
N TYR B 697 -39.69 -16.24 -1.14
CA TYR B 697 -39.13 -17.55 -1.40
C TYR B 697 -37.61 -17.48 -1.25
N THR B 698 -37.13 -17.99 -0.11
CA THR B 698 -35.71 -17.96 0.21
C THR B 698 -34.79 -18.54 -0.85
N ASP B 699 -33.82 -17.74 -1.25
CA ASP B 699 -32.81 -18.10 -2.24
C ASP B 699 -33.29 -18.45 -3.65
N GLU B 700 -34.53 -18.16 -3.97
CA GLU B 700 -35.00 -18.44 -5.32
C GLU B 700 -34.70 -17.21 -6.18
N ASP B 701 -34.28 -17.43 -7.42
CA ASP B 701 -33.99 -16.31 -8.30
C ASP B 701 -35.23 -15.89 -9.09
N HIS B 702 -35.03 -15.18 -10.20
CA HIS B 702 -36.15 -14.69 -10.98
C HIS B 702 -37.13 -15.75 -11.44
N GLY B 703 -36.63 -16.95 -11.72
CA GLY B 703 -37.51 -18.01 -12.17
C GLY B 703 -38.34 -18.66 -11.08
N ILE B 704 -37.82 -18.71 -9.85
CA ILE B 704 -38.52 -19.39 -8.75
C ILE B 704 -38.78 -20.78 -9.34
N ALA B 705 -37.71 -21.38 -9.88
CA ALA B 705 -37.77 -22.67 -10.56
C ALA B 705 -37.22 -23.93 -9.90
N SER B 706 -36.81 -23.89 -8.64
CA SER B 706 -36.34 -25.13 -8.04
C SER B 706 -37.57 -26.03 -7.99
N ASN B 707 -37.36 -27.35 -8.04
CA ASN B 707 -38.49 -28.28 -8.01
C ASN B 707 -39.46 -28.02 -6.85
N MET B 708 -38.92 -27.85 -5.65
CA MET B 708 -39.76 -27.65 -4.48
C MET B 708 -40.43 -26.28 -4.40
N ALA B 709 -39.74 -25.24 -4.86
CA ALA B 709 -40.32 -23.89 -4.84
C ALA B 709 -41.41 -23.80 -5.92
N HIS B 710 -41.12 -24.39 -7.08
CA HIS B 710 -42.06 -24.42 -8.20
C HIS B 710 -43.39 -25.01 -7.74
N GLN B 711 -43.33 -26.16 -7.11
CA GLN B 711 -44.54 -26.83 -6.63
C GLN B 711 -45.23 -26.03 -5.55
N HIS B 712 -44.44 -25.43 -4.67
CA HIS B 712 -44.98 -24.67 -3.56
C HIS B 712 -45.72 -23.40 -3.96
N ILE B 713 -45.16 -22.63 -4.89
CA ILE B 713 -45.78 -21.39 -5.31
C ILE B 713 -47.13 -21.62 -6.01
N TYR B 714 -47.19 -22.60 -6.91
CA TYR B 714 -48.44 -22.87 -7.61
C TYR B 714 -49.49 -23.46 -6.67
N THR B 715 -49.02 -24.19 -5.67
CA THR B 715 -49.95 -24.77 -4.70
C THR B 715 -50.55 -23.62 -3.90
N HIS B 716 -49.68 -22.70 -3.49
CA HIS B 716 -50.08 -21.53 -2.70
C HIS B 716 -51.03 -20.58 -3.44
N MET B 717 -50.75 -20.30 -4.71
CA MET B 717 -51.60 -19.41 -5.50
C MET B 717 -52.96 -20.06 -5.76
N SER B 718 -52.99 -21.39 -5.81
CA SER B 718 -54.22 -22.11 -6.04
C SER B 718 -55.15 -21.94 -4.85
N HIS B 719 -54.60 -22.03 -3.63
CA HIS B 719 -55.41 -21.85 -2.41
C HIS B 719 -55.93 -20.43 -2.36
N PHE B 720 -55.05 -19.47 -2.64
CA PHE B 720 -55.44 -18.07 -2.62
C PHE B 720 -56.59 -17.84 -3.60
N LEU B 721 -56.41 -18.31 -4.84
CA LEU B 721 -57.42 -18.16 -5.87
C LEU B 721 -58.76 -18.81 -5.48
N LYS B 722 -58.70 -20.04 -4.98
CA LYS B 722 -59.92 -20.72 -4.58
C LYS B 722 -60.60 -20.04 -3.39
N GLN B 723 -59.81 -19.42 -2.51
CA GLN B 723 -60.37 -18.70 -1.36
C GLN B 723 -61.15 -17.50 -1.89
N CYS B 724 -60.54 -16.78 -2.82
CA CYS B 724 -61.13 -15.60 -3.43
C CYS B 724 -62.39 -15.93 -4.25
N PHE B 725 -62.40 -17.09 -4.91
CA PHE B 725 -63.55 -17.49 -5.74
C PHE B 725 -64.58 -18.31 -4.96
N SER B 726 -64.34 -18.48 -3.66
CA SER B 726 -65.24 -19.26 -2.81
C SER B 726 -65.40 -20.70 -3.32
N LEU B 727 -64.32 -21.26 -3.88
CA LEU B 727 -64.34 -22.63 -4.39
C LEU B 727 -63.82 -23.63 -3.35
N PRO B 728 -64.54 -24.75 -3.18
CA PRO B 728 -64.14 -25.78 -2.20
C PRO B 728 -62.93 -26.61 -2.68
N SER C 1 73.92 16.90 23.60
CA SER C 1 74.28 15.47 23.34
C SER C 1 73.05 14.55 23.42
N ARG C 2 72.08 14.94 24.25
CA ARG C 2 70.86 14.15 24.44
C ARG C 2 70.05 13.94 23.15
N ARG C 3 68.93 13.22 23.29
CA ARG C 3 68.05 12.95 22.17
C ARG C 3 67.11 14.13 21.97
N THR C 4 66.43 14.13 20.84
CA THR C 4 65.45 15.17 20.54
C THR C 4 64.11 14.45 20.61
N TYR C 5 63.03 15.21 20.76
CA TYR C 5 61.69 14.61 20.79
C TYR C 5 61.44 14.26 19.32
N THR C 6 61.30 12.96 19.03
CA THR C 6 61.08 12.50 17.64
C THR C 6 59.62 12.29 17.22
N LEU C 7 59.42 12.18 15.91
CA LEU C 7 58.10 11.95 15.33
C LEU C 7 57.52 10.67 15.90
N THR C 8 58.37 9.65 16.00
CA THR C 8 57.98 8.36 16.55
C THR C 8 57.54 8.50 18.01
N ASP C 9 58.25 9.35 18.76
CA ASP C 9 57.91 9.59 20.16
C ASP C 9 56.50 10.14 20.22
N TYR C 10 56.18 11.03 19.29
CA TYR C 10 54.86 11.62 19.24
C TYR C 10 53.80 10.62 18.81
N LEU C 11 54.00 10.04 17.63
CA LEU C 11 53.05 9.07 17.08
C LEU C 11 52.77 7.87 17.99
N LYS C 12 53.77 7.47 18.77
CA LYS C 12 53.62 6.32 19.67
C LYS C 12 53.34 6.67 21.13
N SER C 13 53.27 7.97 21.46
CA SER C 13 53.03 8.38 22.84
C SER C 13 54.04 7.72 23.79
N THR C 14 55.30 7.65 23.38
CA THR C 14 56.32 7.04 24.24
C THR C 14 56.47 7.83 25.54
N PHE C 15 56.06 9.09 25.52
CA PHE C 15 56.14 9.95 26.70
C PHE C 15 54.74 10.16 27.23
N ARG C 16 54.33 9.29 28.13
CA ARG C 16 53.01 9.33 28.73
C ARG C 16 52.76 10.46 29.73
N VAL C 17 51.66 11.17 29.54
CA VAL C 17 51.27 12.24 30.44
C VAL C 17 50.12 11.66 31.25
N LYS C 18 50.33 11.51 32.56
CA LYS C 18 49.29 10.95 33.41
C LYS C 18 48.30 11.97 33.92
N PHE C 19 47.13 11.49 34.32
CA PHE C 19 46.07 12.34 34.87
C PHE C 19 45.43 11.65 36.06
N TYR C 20 44.35 12.23 36.57
CA TYR C 20 43.67 11.64 37.72
C TYR C 20 42.17 11.89 37.61
N THR C 21 41.45 10.88 37.14
CA THR C 21 40.01 10.98 36.97
C THR C 21 39.26 10.36 38.14
N LEU C 22 38.43 11.15 38.79
CA LEU C 22 37.66 10.67 39.93
C LEU C 22 36.19 11.07 39.74
N GLN C 23 35.31 10.43 40.49
CA GLN C 23 33.89 10.74 40.43
C GLN C 23 33.37 10.98 41.85
N TRP C 24 32.92 12.19 42.14
CA TRP C 24 32.39 12.48 43.47
C TRP C 24 31.06 11.78 43.65
N ILE C 25 30.84 11.16 44.81
CA ILE C 25 29.58 10.48 45.07
C ILE C 25 28.92 10.94 46.37
N SER C 26 29.48 12.01 46.96
CA SER C 26 28.95 12.60 48.19
C SER C 26 29.71 13.90 48.41
N ASP C 27 29.53 14.51 49.57
CA ASP C 27 30.24 15.75 49.85
C ASP C 27 31.67 15.53 50.35
N HIS C 28 32.07 14.28 50.55
CA HIS C 28 33.43 14.00 51.03
C HIS C 28 34.02 12.67 50.55
N GLU C 29 33.33 12.01 49.64
CA GLU C 29 33.82 10.74 49.11
C GLU C 29 33.87 10.76 47.60
N TYR C 30 34.76 9.97 47.02
CA TYR C 30 34.87 9.88 45.58
C TYR C 30 35.44 8.53 45.14
N LEU C 31 35.07 8.09 43.94
CA LEU C 31 35.53 6.82 43.41
C LEU C 31 36.69 7.08 42.44
N TYR C 32 37.61 6.13 42.37
CA TYR C 32 38.77 6.24 41.50
C TYR C 32 39.18 4.87 40.98
N LYS C 33 39.25 4.74 39.66
CA LYS C 33 39.65 3.47 39.05
C LYS C 33 41.17 3.39 39.00
N GLN C 34 41.73 2.46 39.78
CA GLN C 34 43.17 2.28 39.87
C GLN C 34 43.59 0.84 39.60
N GLU C 35 44.17 0.59 38.43
CA GLU C 35 44.63 -0.74 38.05
C GLU C 35 43.41 -1.65 37.87
N ASN C 36 42.34 -1.08 37.33
CA ASN C 36 41.09 -1.79 37.12
C ASN C 36 40.33 -2.07 38.40
N ASN C 37 40.73 -1.42 39.48
CA ASN C 37 40.05 -1.56 40.77
C ASN C 37 39.34 -0.26 41.03
N ILE C 38 38.14 -0.34 41.59
CA ILE C 38 37.41 0.87 41.90
C ILE C 38 37.61 1.08 43.40
N LEU C 39 38.32 2.16 43.75
CA LEU C 39 38.57 2.47 45.15
C LEU C 39 37.70 3.63 45.61
N LEU C 40 37.35 3.61 46.88
CA LEU C 40 36.53 4.67 47.46
C LEU C 40 37.39 5.52 48.39
N PHE C 41 37.68 6.74 47.98
CA PHE C 41 38.50 7.62 48.81
C PHE C 41 37.65 8.55 49.66
N ASN C 42 38.12 8.80 50.86
CA ASN C 42 37.44 9.69 51.80
C ASN C 42 38.31 10.94 51.88
N ALA C 43 37.86 12.02 51.25
CA ALA C 43 38.61 13.27 51.23
C ALA C 43 39.05 13.76 52.61
N GLU C 44 38.24 13.51 53.62
CA GLU C 44 38.56 13.93 54.97
C GLU C 44 39.85 13.33 55.50
N TYR C 45 39.88 12.01 55.64
CA TYR C 45 41.03 11.28 56.17
C TYR C 45 42.05 10.76 55.15
N GLY C 46 41.76 10.93 53.87
CA GLY C 46 42.68 10.47 52.84
C GLY C 46 42.77 8.96 52.69
N ASN C 47 42.16 8.23 53.62
CA ASN C 47 42.17 6.78 53.56
C ASN C 47 41.17 6.26 52.54
N SER C 48 41.51 5.13 51.92
CA SER C 48 40.67 4.54 50.91
C SER C 48 40.40 3.07 51.17
N SER C 49 39.35 2.54 50.54
CA SER C 49 39.01 1.13 50.69
C SER C 49 38.62 0.60 49.31
N ILE C 50 38.76 -0.71 49.11
CA ILE C 50 38.40 -1.30 47.83
C ILE C 50 36.87 -1.37 47.71
N PHE C 51 36.36 -0.84 46.61
CA PHE C 51 34.91 -0.80 46.37
C PHE C 51 34.52 -1.93 45.42
N LEU C 52 35.41 -2.25 44.50
CA LEU C 52 35.19 -3.32 43.53
C LEU C 52 36.54 -3.81 43.02
N GLU C 53 36.91 -5.03 43.41
CA GLU C 53 38.18 -5.63 43.02
C GLU C 53 38.41 -5.73 41.52
N ASN C 54 39.67 -5.64 41.11
CA ASN C 54 40.03 -5.74 39.69
C ASN C 54 39.53 -7.07 39.15
N SER C 55 39.29 -8.00 40.07
CA SER C 55 38.82 -9.34 39.73
C SER C 55 37.30 -9.46 39.72
N THR C 56 36.69 -8.81 38.73
CA THR C 56 35.24 -8.81 38.54
C THR C 56 35.03 -8.36 37.09
N PHE C 57 35.99 -7.59 36.60
CA PHE C 57 35.98 -7.07 35.23
C PHE C 57 36.45 -8.17 34.29
N ASP C 58 37.28 -9.05 34.84
CA ASP C 58 37.88 -10.18 34.12
C ASP C 58 36.97 -10.84 33.06
N GLU C 59 35.68 -10.95 33.37
CA GLU C 59 34.75 -11.60 32.45
C GLU C 59 33.40 -10.91 32.29
N LEU C 60 33.35 -9.93 31.40
CA LEU C 60 32.13 -9.18 31.10
C LEU C 60 32.07 -9.01 29.58
N GLY C 61 32.34 -10.11 28.88
CA GLY C 61 32.34 -10.10 27.42
C GLY C 61 33.78 -9.90 26.99
N TYR C 62 34.33 -8.77 27.43
CA TYR C 62 35.72 -8.40 27.14
C TYR C 62 36.09 -7.14 27.92
N SER C 63 36.59 -6.13 27.22
CA SER C 63 37.00 -4.88 27.85
C SER C 63 35.82 -4.06 28.37
N THR C 64 35.95 -3.55 29.59
CA THR C 64 34.93 -2.73 30.23
C THR C 64 35.43 -1.28 30.21
N ASN C 65 35.11 -0.56 29.14
CA ASN C 65 35.56 0.82 29.01
C ASN C 65 35.03 1.82 30.03
N ASP C 66 33.93 1.51 30.71
CA ASP C 66 33.39 2.46 31.70
C ASP C 66 32.41 1.90 32.72
N TYR C 67 32.30 2.59 33.85
CA TYR C 67 31.41 2.18 34.94
C TYR C 67 30.63 3.38 35.51
N SER C 68 29.48 3.10 36.10
CA SER C 68 28.64 4.13 36.71
C SER C 68 27.89 3.53 37.88
N VAL C 69 28.19 4.01 39.08
CA VAL C 69 27.57 3.49 40.29
C VAL C 69 26.32 4.28 40.65
N SER C 70 25.24 3.56 40.94
CA SER C 70 23.98 4.21 41.31
C SER C 70 24.24 5.08 42.54
N PRO C 71 23.46 6.16 42.72
CA PRO C 71 23.68 7.03 43.88
C PRO C 71 23.49 6.41 45.26
N ASP C 72 22.62 5.41 45.37
CA ASP C 72 22.41 4.77 46.68
C ASP C 72 23.45 3.69 46.92
N ARG C 73 24.41 3.58 45.99
CA ARG C 73 25.50 2.62 46.07
C ARG C 73 25.11 1.15 46.13
N GLN C 74 23.88 0.85 45.72
CA GLN C 74 23.39 -0.53 45.71
C GLN C 74 23.73 -1.28 44.44
N PHE C 75 23.95 -0.55 43.34
CA PHE C 75 24.25 -1.18 42.07
C PHE C 75 25.36 -0.45 41.32
N ILE C 76 25.84 -1.09 40.26
CA ILE C 76 26.86 -0.49 39.41
C ILE C 76 26.58 -0.90 37.97
N LEU C 77 26.81 0.02 37.04
CA LEU C 77 26.58 -0.21 35.63
C LEU C 77 27.91 -0.41 34.92
N PHE C 78 28.01 -1.42 34.07
CA PHE C 78 29.23 -1.71 33.33
C PHE C 78 28.99 -1.45 31.85
N GLU C 79 29.75 -0.52 31.28
CA GLU C 79 29.63 -0.20 29.85
C GLU C 79 30.71 -0.88 29.04
N TYR C 80 30.33 -1.58 27.97
CA TYR C 80 31.28 -2.28 27.11
C TYR C 80 30.70 -2.45 25.72
N ASN C 81 31.53 -2.93 24.78
CA ASN C 81 31.10 -3.16 23.41
C ASN C 81 30.75 -1.81 22.77
N TYR C 82 31.61 -0.84 23.06
CA TYR C 82 31.52 0.54 22.60
C TYR C 82 31.60 0.66 21.07
N VAL C 83 30.63 1.35 20.48
CA VAL C 83 30.61 1.57 19.03
C VAL C 83 30.40 3.07 18.76
N LYS C 84 31.48 3.75 18.38
CA LYS C 84 31.45 5.18 18.12
C LYS C 84 30.57 5.58 16.96
N GLN C 85 29.99 6.78 17.05
CA GLN C 85 29.18 7.31 15.98
C GLN C 85 29.76 8.69 15.61
N TRP C 86 29.16 9.77 16.08
CA TRP C 86 29.66 11.11 15.77
C TRP C 86 30.70 11.58 16.80
N ARG C 87 30.73 12.88 17.12
CA ARG C 87 31.73 13.36 18.06
C ARG C 87 31.48 12.91 19.50
N HIS C 88 30.21 12.93 19.94
CA HIS C 88 29.86 12.53 21.30
C HIS C 88 29.05 11.24 21.41
N SER C 89 28.21 10.96 20.39
CA SER C 89 27.35 9.79 20.38
C SER C 89 28.05 8.44 20.15
N TYR C 90 27.39 7.37 20.60
CA TYR C 90 27.86 6.00 20.44
C TYR C 90 26.83 5.07 21.06
N THR C 91 26.89 3.79 20.71
CA THR C 91 25.98 2.80 21.30
C THR C 91 26.85 1.81 22.07
N ALA C 92 26.25 1.13 23.04
CA ALA C 92 27.01 0.16 23.82
C ALA C 92 26.12 -0.84 24.52
N SER C 93 26.76 -1.83 25.13
CA SER C 93 26.07 -2.86 25.88
C SER C 93 26.32 -2.57 27.35
N TYR C 94 25.37 -2.93 28.21
CA TYR C 94 25.50 -2.67 29.64
C TYR C 94 25.06 -3.83 30.52
N ASP C 95 25.77 -4.04 31.61
CA ASP C 95 25.44 -5.08 32.57
C ASP C 95 25.24 -4.39 33.90
N ILE C 96 24.25 -4.84 34.66
CA ILE C 96 24.00 -4.24 35.96
C ILE C 96 24.52 -5.24 36.99
N TYR C 97 25.36 -4.78 37.91
CA TYR C 97 25.93 -5.65 38.93
C TYR C 97 25.40 -5.25 40.30
N ASP C 98 24.76 -6.20 40.98
CA ASP C 98 24.19 -5.98 42.31
C ASP C 98 25.32 -5.98 43.35
N LEU C 99 25.65 -4.79 43.87
CA LEU C 99 26.74 -4.67 44.84
C LEU C 99 26.48 -5.34 46.19
N ASN C 100 25.22 -5.57 46.52
CA ASN C 100 24.87 -6.22 47.79
C ASN C 100 25.12 -7.73 47.67
N LYS C 101 24.25 -8.41 46.94
CA LYS C 101 24.39 -9.85 46.75
C LYS C 101 25.56 -10.16 45.82
N ARG C 102 26.38 -9.15 45.56
CA ARG C 102 27.55 -9.27 44.70
C ARG C 102 27.36 -10.26 43.53
N GLN C 103 26.22 -10.14 42.85
CA GLN C 103 25.89 -10.98 41.69
C GLN C 103 25.77 -10.10 40.46
N LEU C 104 25.36 -10.68 39.33
CA LEU C 104 25.21 -9.94 38.09
C LEU C 104 23.78 -10.15 37.57
N ILE C 105 22.97 -9.09 37.56
CA ILE C 105 21.60 -9.16 37.08
C ILE C 105 21.58 -9.82 35.71
N THR C 106 20.84 -10.93 35.59
CA THR C 106 20.79 -11.67 34.34
C THR C 106 19.44 -11.61 33.63
N GLU C 107 18.37 -11.40 34.39
CA GLU C 107 17.04 -11.31 33.80
C GLU C 107 16.70 -9.85 33.55
N GLU C 108 15.88 -9.60 32.53
CA GLU C 108 15.47 -8.24 32.19
C GLU C 108 16.68 -7.32 32.00
N ARG C 109 17.62 -7.77 31.18
CA ARG C 109 18.83 -7.00 30.90
C ARG C 109 18.59 -5.77 30.02
N ILE C 110 19.59 -4.90 29.95
CA ILE C 110 19.52 -3.70 29.13
C ILE C 110 19.85 -4.09 27.70
N PRO C 111 19.04 -3.62 26.74
CA PRO C 111 19.23 -3.93 25.32
C PRO C 111 20.63 -3.72 24.80
N ASN C 112 20.86 -4.29 23.62
CA ASN C 112 22.14 -4.18 22.93
C ASN C 112 21.96 -2.95 22.05
N ASN C 113 23.03 -2.21 21.80
CA ASN C 113 22.93 -1.01 20.97
C ASN C 113 22.21 0.10 21.73
N THR C 114 22.40 0.13 23.05
CA THR C 114 21.76 1.19 23.83
C THR C 114 22.46 2.50 23.51
N GLN C 115 21.66 3.53 23.23
CA GLN C 115 22.15 4.84 22.85
C GLN C 115 22.53 5.74 24.04
N TRP C 116 21.84 5.59 25.15
CA TRP C 116 22.15 6.38 26.31
C TRP C 116 21.45 5.77 27.52
N ILE C 117 22.09 5.89 28.68
CA ILE C 117 21.55 5.35 29.91
C ILE C 117 22.09 6.13 31.11
N THR C 118 21.27 6.29 32.13
CA THR C 118 21.68 7.02 33.31
C THR C 118 20.82 6.70 34.52
N TRP C 119 21.44 6.69 35.70
CA TRP C 119 20.71 6.42 36.94
C TRP C 119 19.97 7.72 37.25
N SER C 120 19.01 7.65 38.16
CA SER C 120 18.32 8.85 38.60
C SER C 120 19.29 9.50 39.62
N PRO C 121 19.07 10.78 39.96
CA PRO C 121 19.96 11.47 40.92
C PRO C 121 20.01 10.82 42.31
N VAL C 122 18.97 10.06 42.64
CA VAL C 122 18.89 9.37 43.93
C VAL C 122 18.37 7.97 43.69
N GLY C 123 18.51 7.10 44.69
CA GLY C 123 18.02 5.74 44.54
C GLY C 123 18.73 4.96 43.47
N HIS C 124 18.01 4.09 42.78
CA HIS C 124 18.60 3.27 41.73
C HIS C 124 17.72 3.05 40.50
N LYS C 125 16.93 4.05 40.13
CA LYS C 125 16.09 3.96 38.94
C LYS C 125 17.03 4.09 37.73
N LEU C 126 16.56 3.66 36.57
CA LEU C 126 17.35 3.75 35.34
C LEU C 126 16.47 4.23 34.20
N ALA C 127 17.05 5.00 33.29
CA ALA C 127 16.36 5.51 32.12
C ALA C 127 17.34 5.32 30.99
N TYR C 128 16.88 4.86 29.83
CA TYR C 128 17.78 4.67 28.71
C TYR C 128 17.04 4.82 27.39
N VAL C 129 17.81 5.06 26.34
CA VAL C 129 17.28 5.23 25.00
C VAL C 129 17.81 4.10 24.14
N TRP C 130 16.89 3.45 23.44
CA TRP C 130 17.23 2.33 22.57
C TRP C 130 16.32 2.45 21.35
N ASN C 131 16.91 2.44 20.16
CA ASN C 131 16.14 2.57 18.92
C ASN C 131 15.31 3.86 18.90
N ASN C 132 15.91 4.92 19.44
CA ASN C 132 15.31 6.25 19.52
C ASN C 132 14.11 6.39 20.44
N ASP C 133 13.90 5.41 21.31
CA ASP C 133 12.80 5.51 22.27
C ASP C 133 13.34 5.46 23.71
N ILE C 134 12.58 6.02 24.64
CA ILE C 134 12.97 6.06 26.04
C ILE C 134 12.31 4.95 26.86
N TYR C 135 13.09 4.36 27.78
CA TYR C 135 12.63 3.28 28.65
C TYR C 135 13.04 3.60 30.08
N VAL C 136 12.22 3.19 31.05
CA VAL C 136 12.55 3.42 32.45
C VAL C 136 12.45 2.12 33.24
N LYS C 137 13.45 1.86 34.08
CA LYS C 137 13.46 0.67 34.90
C LYS C 137 13.53 1.11 36.33
N ASN C 138 12.49 0.82 37.10
CA ASN C 138 12.49 1.19 38.51
C ASN C 138 13.41 0.29 39.31
N GLU C 139 13.59 -0.95 38.84
CA GLU C 139 14.44 -1.93 39.51
C GLU C 139 15.32 -2.65 38.48
N PRO C 140 16.62 -2.81 38.78
CA PRO C 140 17.55 -3.48 37.86
C PRO C 140 17.07 -4.84 37.36
N ASN C 141 16.31 -5.56 38.17
CA ASN C 141 15.83 -6.88 37.78
C ASN C 141 14.40 -6.90 37.22
N LEU C 142 13.71 -5.77 37.29
CA LEU C 142 12.35 -5.70 36.78
C LEU C 142 12.30 -5.23 35.32
N SER C 143 11.19 -5.50 34.65
CA SER C 143 11.00 -5.11 33.26
C SER C 143 10.93 -3.61 33.07
N SER C 144 11.61 -3.11 32.04
CA SER C 144 11.60 -1.68 31.78
C SER C 144 10.24 -1.29 31.19
N GLN C 145 9.88 -0.02 31.31
CA GLN C 145 8.62 0.50 30.83
C GLN C 145 8.88 1.44 29.66
N ARG C 146 8.23 1.22 28.51
CA ARG C 146 8.45 2.10 27.37
C ARG C 146 7.72 3.43 27.54
N ILE C 147 8.46 4.52 27.36
CA ILE C 147 7.92 5.86 27.53
C ILE C 147 7.45 6.54 26.24
N THR C 148 8.12 6.24 25.12
CA THR C 148 7.78 6.83 23.83
C THR C 148 7.66 5.77 22.73
N TRP C 149 6.81 6.03 21.75
CA TRP C 149 6.60 5.06 20.68
C TRP C 149 6.92 5.62 19.31
N THR C 150 7.29 6.88 19.24
CA THR C 150 7.58 7.54 17.98
C THR C 150 8.98 7.34 17.40
N GLY C 151 9.90 6.79 18.18
CA GLY C 151 11.25 6.58 17.69
C GLY C 151 11.30 6.04 16.27
N LYS C 152 12.18 6.60 15.46
CA LYS C 152 12.33 6.18 14.07
C LYS C 152 13.67 6.63 13.52
N GLU C 153 14.44 5.70 12.99
CA GLU C 153 15.76 6.00 12.45
C GLU C 153 15.77 7.18 11.47
N ASN C 154 16.66 8.13 11.73
CA ASN C 154 16.83 9.31 10.89
C ASN C 154 15.59 10.20 10.77
N VAL C 155 14.64 10.04 11.69
CA VAL C 155 13.44 10.87 11.63
C VAL C 155 13.02 11.40 12.99
N ILE C 156 12.74 10.52 13.94
CA ILE C 156 12.31 10.99 15.25
C ILE C 156 13.29 10.53 16.32
N TYR C 157 13.73 11.46 17.15
CA TYR C 157 14.67 11.13 18.21
C TYR C 157 14.08 11.48 19.59
N ASN C 158 13.94 10.49 20.46
CA ASN C 158 13.41 10.74 21.79
C ASN C 158 14.50 10.45 22.84
N GLY C 159 14.94 11.49 23.55
CA GLY C 159 15.94 11.26 24.58
C GLY C 159 17.38 11.44 24.17
N VAL C 160 17.64 11.55 22.87
CA VAL C 160 18.97 11.78 22.36
C VAL C 160 18.84 12.80 21.24
N THR C 161 19.93 13.49 20.95
CA THR C 161 19.99 14.54 19.93
C THR C 161 20.19 14.02 18.50
N ASP C 162 19.82 14.83 17.51
CA ASP C 162 20.01 14.46 16.11
C ASP C 162 21.42 14.95 15.81
N TRP C 163 21.89 14.89 14.58
CA TRP C 163 23.26 15.30 14.30
C TRP C 163 23.65 16.74 14.70
N VAL C 164 22.82 17.70 14.29
CA VAL C 164 23.10 19.11 14.53
C VAL C 164 23.01 19.57 15.98
N TYR C 165 22.10 18.97 16.76
CA TYR C 165 21.98 19.35 18.16
C TYR C 165 23.16 18.78 18.93
N GLU C 166 23.64 17.61 18.50
CA GLU C 166 24.76 16.97 19.17
C GLU C 166 26.00 17.82 19.00
N GLU C 167 26.28 18.20 17.76
CA GLU C 167 27.47 18.96 17.42
C GLU C 167 27.47 20.44 17.75
N GLU C 168 26.36 21.13 17.52
CA GLU C 168 26.34 22.56 17.74
C GLU C 168 25.58 23.14 18.93
N VAL C 169 24.56 22.43 19.44
CA VAL C 169 23.77 22.95 20.54
C VAL C 169 24.05 22.37 21.92
N PHE C 170 23.90 21.05 22.07
CA PHE C 170 24.12 20.39 23.36
C PHE C 170 25.55 19.93 23.60
N SER C 171 26.33 19.72 22.55
CA SER C 171 27.69 19.23 22.72
C SER C 171 27.61 17.92 23.50
N ALA C 172 26.54 17.18 23.25
CA ALA C 172 26.27 15.92 23.92
C ALA C 172 25.21 15.16 23.11
N TYR C 173 25.12 13.86 23.32
CA TYR C 173 24.16 13.01 22.64
C TYR C 173 22.90 12.94 23.49
N SER C 174 23.11 13.06 24.78
CA SER C 174 22.06 13.02 25.79
C SER C 174 21.00 14.11 25.67
N ALA C 175 19.75 13.74 25.92
CA ALA C 175 18.62 14.67 25.89
C ALA C 175 17.59 14.23 26.94
N LEU C 176 18.10 13.73 28.07
CA LEU C 176 17.30 13.25 29.20
C LEU C 176 17.76 13.99 30.45
N TRP C 177 16.82 14.32 31.34
CA TRP C 177 17.14 15.05 32.55
C TRP C 177 16.22 14.65 33.72
N TRP C 178 16.72 13.83 34.64
CA TRP C 178 15.95 13.45 35.82
C TRP C 178 15.83 14.64 36.76
N SER C 179 14.73 14.71 37.50
CA SER C 179 14.59 15.80 38.47
C SER C 179 15.44 15.39 39.69
N PRO C 180 15.79 16.35 40.57
CA PRO C 180 16.61 16.07 41.75
C PRO C 180 16.28 14.86 42.60
N ASN C 181 14.99 14.60 42.83
CA ASN C 181 14.61 13.45 43.66
C ASN C 181 13.97 12.32 42.85
N GLY C 182 14.28 12.27 41.56
CA GLY C 182 13.75 11.22 40.69
C GLY C 182 12.26 11.16 40.39
N THR C 183 11.51 12.19 40.75
CA THR C 183 10.07 12.21 40.48
C THR C 183 9.78 12.38 38.99
N PHE C 184 10.45 13.33 38.36
CA PHE C 184 10.20 13.60 36.96
C PHE C 184 11.37 13.26 36.07
N LEU C 185 11.05 12.92 34.82
CA LEU C 185 12.05 12.63 33.80
C LEU C 185 11.69 13.53 32.63
N ALA C 186 12.55 14.51 32.36
CA ALA C 186 12.32 15.43 31.27
C ALA C 186 13.16 14.99 30.08
N TYR C 187 12.65 15.20 28.87
CA TYR C 187 13.37 14.83 27.67
C TYR C 187 12.93 15.70 26.52
N ALA C 188 13.77 15.75 25.49
CA ALA C 188 13.49 16.50 24.28
C ALA C 188 13.27 15.52 23.13
N GLN C 189 12.39 15.89 22.21
CA GLN C 189 12.13 15.06 21.04
C GLN C 189 12.51 15.89 19.82
N PHE C 190 13.26 15.30 18.91
CA PHE C 190 13.69 16.00 17.70
C PHE C 190 13.06 15.36 16.45
N ASN C 191 12.52 16.19 15.58
CA ASN C 191 11.91 15.72 14.35
C ASN C 191 12.75 16.19 13.17
N ASP C 192 13.31 15.24 12.43
CA ASP C 192 14.14 15.58 11.29
C ASP C 192 13.48 15.27 9.97
N THR C 193 12.17 15.10 9.99
CA THR C 193 11.41 14.78 8.78
C THR C 193 11.76 15.62 7.57
N GLU C 194 11.85 16.93 7.75
CA GLU C 194 12.13 17.82 6.63
C GLU C 194 13.56 18.27 6.41
N VAL C 195 14.49 17.67 7.13
CA VAL C 195 15.90 18.02 7.01
C VAL C 195 16.50 17.22 5.85
N PRO C 196 17.16 17.90 4.89
CA PRO C 196 17.77 17.19 3.76
C PRO C 196 18.86 16.23 4.25
N LEU C 197 19.13 15.20 3.46
CA LEU C 197 20.13 14.21 3.83
C LEU C 197 21.47 14.38 3.12
N ILE C 198 22.56 14.28 3.88
CA ILE C 198 23.90 14.34 3.29
C ILE C 198 24.20 12.86 3.11
N GLU C 199 24.78 12.49 1.98
CA GLU C 199 25.08 11.09 1.75
C GLU C 199 26.51 10.94 1.27
N TYR C 200 27.15 9.86 1.68
CA TYR C 200 28.52 9.57 1.28
C TYR C 200 28.77 8.06 1.36
N SER C 201 29.78 7.60 0.64
CA SER C 201 30.10 6.18 0.63
C SER C 201 31.02 5.78 1.76
N PHE C 202 30.76 4.60 2.32
CA PHE C 202 31.59 4.03 3.37
C PHE C 202 32.02 2.70 2.78
N TYR C 203 33.32 2.54 2.55
CA TYR C 203 33.85 1.33 1.93
C TYR C 203 33.95 0.11 2.83
N SER C 204 34.19 0.36 4.12
CA SER C 204 34.28 -0.72 5.09
C SER C 204 35.47 -1.63 4.83
N ASP C 205 35.41 -2.83 5.43
CA ASP C 205 36.47 -3.82 5.29
C ASP C 205 36.61 -4.29 3.86
N GLU C 206 37.86 -4.52 3.47
CA GLU C 206 38.20 -4.95 2.11
C GLU C 206 37.29 -6.06 1.54
N SER C 207 36.68 -6.84 2.42
CA SER C 207 35.82 -7.95 2.02
C SER C 207 34.41 -7.56 1.56
N LEU C 208 34.02 -6.31 1.78
CA LEU C 208 32.69 -5.85 1.38
C LEU C 208 32.73 -5.60 -0.11
N GLN C 209 31.94 -6.34 -0.88
CA GLN C 209 31.97 -6.19 -2.33
C GLN C 209 31.38 -4.87 -2.84
N TYR C 210 30.31 -4.41 -2.21
CA TYR C 210 29.71 -3.13 -2.60
C TYR C 210 29.77 -2.11 -1.44
N PRO C 211 30.19 -0.87 -1.73
CA PRO C 211 30.28 0.16 -0.71
C PRO C 211 28.87 0.47 -0.24
N LYS C 212 28.71 0.85 1.03
CA LYS C 212 27.38 1.19 1.52
C LYS C 212 27.27 2.72 1.56
N THR C 213 26.04 3.23 1.48
CA THR C 213 25.84 4.68 1.51
C THR C 213 25.32 5.11 2.88
N VAL C 214 26.07 5.99 3.55
CA VAL C 214 25.65 6.50 4.85
C VAL C 214 24.75 7.71 4.59
N ARG C 215 23.66 7.81 5.34
CA ARG C 215 22.71 8.91 5.18
C ARG C 215 22.45 9.60 6.51
N ILE C 216 22.65 10.91 6.56
CA ILE C 216 22.43 11.65 7.79
C ILE C 216 21.59 12.90 7.57
N PRO C 217 20.58 13.11 8.42
CA PRO C 217 19.76 14.32 8.26
C PRO C 217 20.67 15.46 8.75
N TYR C 218 21.22 16.22 7.82
CA TYR C 218 22.15 17.30 8.15
C TYR C 218 21.66 18.60 7.51
N PRO C 219 21.37 19.63 8.32
CA PRO C 219 20.91 20.90 7.74
C PRO C 219 22.08 21.85 7.42
N LYS C 220 22.23 22.20 6.14
CA LYS C 220 23.28 23.11 5.73
C LYS C 220 22.73 24.53 5.83
N ALA C 221 23.60 25.52 5.78
CA ALA C 221 23.20 26.93 5.90
C ALA C 221 21.90 27.28 5.17
N GLY C 222 20.93 27.82 5.91
CA GLY C 222 19.67 28.19 5.28
C GLY C 222 18.67 27.09 4.99
N ALA C 223 19.05 25.83 5.21
CA ALA C 223 18.17 24.71 4.95
C ALA C 223 17.14 24.52 6.06
N GLU C 224 16.23 23.59 5.84
CA GLU C 224 15.18 23.29 6.81
C GLU C 224 15.82 22.64 8.04
N ASN C 225 15.51 23.17 9.22
CA ASN C 225 16.07 22.64 10.47
C ASN C 225 15.16 21.66 11.17
N PRO C 226 15.71 20.91 12.14
CA PRO C 226 14.86 19.96 12.86
C PRO C 226 14.01 20.73 13.87
N THR C 227 12.79 20.27 14.10
CA THR C 227 11.95 20.94 15.09
C THR C 227 12.14 20.19 16.40
N VAL C 228 11.68 20.76 17.49
CA VAL C 228 11.87 20.12 18.79
C VAL C 228 10.69 20.32 19.73
N LYS C 229 10.53 19.39 20.67
CA LYS C 229 9.47 19.45 21.66
C LYS C 229 10.09 19.06 22.98
N PHE C 230 9.54 19.58 24.07
CA PHE C 230 10.08 19.27 25.39
C PHE C 230 8.95 18.72 26.25
N PHE C 231 9.21 17.59 26.91
CA PHE C 231 8.23 16.94 27.77
C PHE C 231 8.76 16.65 29.17
N VAL C 232 7.87 16.70 30.15
CA VAL C 232 8.21 16.37 31.51
C VAL C 232 7.31 15.19 31.87
N VAL C 233 7.92 14.02 32.07
CA VAL C 233 7.20 12.81 32.43
C VAL C 233 7.19 12.61 33.94
N ASP C 234 6.01 12.36 34.50
CA ASP C 234 5.86 12.10 35.93
C ASP C 234 6.06 10.57 36.08
N THR C 235 7.22 10.16 36.60
CA THR C 235 7.50 8.73 36.74
C THR C 235 6.76 7.99 37.86
N ARG C 236 6.12 8.73 38.75
CA ARG C 236 5.38 8.11 39.84
C ARG C 236 4.27 7.16 39.38
N THR C 237 3.61 7.47 38.27
CA THR C 237 2.52 6.63 37.79
C THR C 237 2.93 5.57 36.76
N LEU C 238 4.23 5.48 36.46
CA LEU C 238 4.68 4.51 35.48
C LEU C 238 4.36 3.10 35.95
N SER C 239 3.56 2.39 35.17
CA SER C 239 3.16 1.03 35.49
C SER C 239 2.82 0.32 34.18
N PRO C 240 3.04 -1.01 34.13
CA PRO C 240 2.75 -1.76 32.90
C PRO C 240 1.34 -1.60 32.33
N ASN C 241 0.34 -1.40 33.17
CA ASN C 241 -1.01 -1.21 32.65
C ASN C 241 -1.54 0.21 32.75
N ALA C 242 -0.62 1.18 32.80
CA ALA C 242 -1.01 2.59 32.87
C ALA C 242 -0.37 3.33 31.71
N SER C 243 -1.00 4.43 31.30
CA SER C 243 -0.47 5.23 30.22
C SER C 243 0.66 6.07 30.81
N VAL C 244 1.32 6.86 29.97
CA VAL C 244 2.37 7.72 30.45
C VAL C 244 1.81 9.11 30.77
N THR C 245 2.07 9.58 31.99
CA THR C 245 1.64 10.91 32.38
C THR C 245 2.75 11.91 32.06
N SER C 246 2.56 12.75 31.05
CA SER C 246 3.56 13.74 30.69
C SER C 246 2.93 15.06 30.30
N TYR C 247 3.71 16.13 30.40
CA TYR C 247 3.23 17.46 30.05
C TYR C 247 4.20 18.05 29.06
N GLN C 248 3.68 18.78 28.07
CA GLN C 248 4.54 19.41 27.07
C GLN C 248 4.69 20.88 27.39
N ILE C 249 5.94 21.32 27.54
CA ILE C 249 6.23 22.72 27.80
C ILE C 249 6.64 23.34 26.47
N VAL C 250 5.93 24.38 26.05
CA VAL C 250 6.25 25.07 24.81
C VAL C 250 7.04 26.33 25.11
N PRO C 251 7.81 26.84 24.14
CA PRO C 251 8.60 28.06 24.38
C PRO C 251 7.76 29.32 24.50
N PRO C 252 8.34 30.41 25.05
CA PRO C 252 7.60 31.68 25.18
C PRO C 252 7.22 32.18 23.80
N ALA C 253 6.15 32.95 23.71
CA ALA C 253 5.69 33.50 22.43
C ALA C 253 6.79 34.21 21.62
N SER C 254 7.64 34.97 22.30
CA SER C 254 8.71 35.70 21.61
C SER C 254 9.65 34.80 20.84
N VAL C 255 9.54 33.49 21.07
CA VAL C 255 10.40 32.52 20.38
C VAL C 255 9.62 31.69 19.38
N LEU C 256 8.33 31.46 19.66
CA LEU C 256 7.46 30.68 18.78
C LEU C 256 7.25 31.38 17.42
N ILE C 257 7.57 32.67 17.36
CA ILE C 257 7.43 33.43 16.12
C ILE C 257 7.94 32.66 14.92
N GLY C 258 9.22 32.29 14.96
CA GLY C 258 9.82 31.55 13.87
C GLY C 258 10.59 30.34 14.37
N ASP C 259 11.55 29.87 13.57
CA ASP C 259 12.36 28.73 13.96
C ASP C 259 13.15 29.06 15.22
N HIS C 260 13.39 28.05 16.05
CA HIS C 260 14.13 28.26 17.28
C HIS C 260 14.86 26.97 17.68
N TYR C 261 15.58 27.05 18.79
CA TYR C 261 16.31 25.89 19.31
C TYR C 261 16.14 25.86 20.83
N LEU C 262 16.30 24.66 21.39
CA LEU C 262 16.27 24.47 22.83
C LEU C 262 17.78 24.34 23.09
N CYS C 263 18.35 25.25 23.87
CA CYS C 263 19.78 25.14 24.12
C CYS C 263 20.17 24.83 25.55
N GLY C 264 19.21 24.73 26.45
CA GLY C 264 19.56 24.42 27.82
C GLY C 264 18.42 24.02 28.74
N VAL C 265 18.71 23.06 29.61
CA VAL C 265 17.74 22.57 30.58
C VAL C 265 18.43 22.50 31.95
N THR C 266 17.77 23.02 32.97
CA THR C 266 18.32 22.99 34.31
C THR C 266 17.21 22.81 35.35
N TRP C 267 17.31 21.75 36.15
CA TRP C 267 16.33 21.57 37.21
C TRP C 267 16.70 22.50 38.36
N VAL C 268 15.72 23.19 38.93
CA VAL C 268 15.96 24.10 40.03
C VAL C 268 15.58 23.41 41.34
N THR C 269 14.37 22.84 41.36
CA THR C 269 13.88 22.07 42.51
C THR C 269 12.98 20.99 41.91
N GLU C 270 12.35 20.17 42.75
CA GLU C 270 11.49 19.12 42.24
C GLU C 270 10.25 19.67 41.56
N GLU C 271 9.99 20.95 41.74
CA GLU C 271 8.80 21.54 41.15
C GLU C 271 9.11 22.80 40.36
N ARG C 272 10.37 22.96 39.99
CA ARG C 272 10.77 24.12 39.21
C ARG C 272 11.88 23.77 38.22
N ILE C 273 11.57 23.93 36.94
CA ILE C 273 12.53 23.64 35.87
C ILE C 273 12.82 24.91 35.04
N SER C 274 14.07 25.05 34.61
CA SER C 274 14.50 26.20 33.82
C SER C 274 14.86 25.80 32.37
N LEU C 275 14.20 26.41 31.41
CA LEU C 275 14.49 26.12 30.00
C LEU C 275 15.02 27.37 29.30
N GLN C 276 16.06 27.20 28.50
CA GLN C 276 16.66 28.31 27.77
C GLN C 276 16.49 28.05 26.29
N TRP C 277 15.78 28.97 25.63
CA TRP C 277 15.52 28.89 24.21
C TRP C 277 16.20 30.04 23.49
N ILE C 278 16.51 29.84 22.21
CA ILE C 278 17.13 30.88 21.42
C ILE C 278 16.50 30.85 20.02
N ARG C 279 16.38 32.02 19.39
CA ARG C 279 15.81 32.08 18.05
C ARG C 279 16.83 31.55 17.04
N ARG C 280 16.37 31.18 15.85
CA ARG C 280 17.28 30.66 14.85
C ARG C 280 18.40 31.65 14.55
N ALA C 281 18.07 32.94 14.55
CA ALA C 281 19.06 33.99 14.31
C ALA C 281 20.21 33.93 15.35
N GLN C 282 19.86 33.58 16.59
CA GLN C 282 20.83 33.43 17.68
C GLN C 282 21.37 34.72 18.29
N ASN C 283 20.55 35.77 18.28
CA ASN C 283 20.93 37.04 18.84
C ASN C 283 19.82 37.42 19.83
N TYR C 284 18.98 36.44 20.14
CA TYR C 284 17.85 36.60 21.06
C TYR C 284 17.58 35.27 21.77
N SER C 285 17.83 35.22 23.07
CA SER C 285 17.58 34.01 23.84
C SER C 285 16.73 34.37 25.04
N ILE C 286 16.04 33.39 25.60
CA ILE C 286 15.19 33.65 26.75
C ILE C 286 15.16 32.45 27.68
N ILE C 287 15.16 32.71 28.98
CA ILE C 287 15.10 31.68 30.00
C ILE C 287 13.67 31.68 30.53
N ASP C 288 13.05 30.50 30.54
CA ASP C 288 11.69 30.34 31.02
C ASP C 288 11.75 29.38 32.21
N ILE C 289 11.30 29.86 33.36
CA ILE C 289 11.32 29.10 34.59
C ILE C 289 9.91 28.65 34.92
N CYS C 290 9.65 27.35 34.74
CA CYS C 290 8.32 26.78 34.94
C CYS C 290 8.08 26.09 36.27
N ASP C 291 6.95 26.39 36.90
CA ASP C 291 6.58 25.82 38.19
C ASP C 291 5.52 24.73 38.07
N TYR C 292 5.71 23.66 38.80
CA TYR C 292 4.79 22.54 38.78
C TYR C 292 3.53 22.86 39.58
N ASP C 293 2.37 22.68 38.96
CA ASP C 293 1.08 22.91 39.62
C ASP C 293 0.61 21.55 40.11
N GLU C 294 0.69 21.34 41.41
CA GLU C 294 0.32 20.07 42.01
C GLU C 294 -1.11 19.60 41.86
N SER C 295 -2.04 20.50 41.55
CA SER C 295 -3.42 20.07 41.40
C SER C 295 -3.86 19.78 39.97
N THR C 296 -2.97 19.98 39.00
CA THR C 296 -3.30 19.74 37.60
C THR C 296 -2.19 19.00 36.86
N GLY C 297 -1.00 18.98 37.45
CA GLY C 297 0.13 18.29 36.82
C GLY C 297 0.78 19.12 35.73
N ARG C 298 0.33 20.35 35.58
CA ARG C 298 0.87 21.23 34.56
C ARG C 298 2.12 21.96 35.02
N TRP C 299 2.94 22.34 34.05
CA TRP C 299 4.14 23.11 34.33
C TRP C 299 3.84 24.50 33.76
N ILE C 300 3.59 25.44 34.68
CA ILE C 300 3.22 26.81 34.33
C ILE C 300 4.34 27.81 34.29
N SER C 301 4.28 28.72 33.33
CA SER C 301 5.29 29.76 33.24
C SER C 301 4.62 31.13 33.34
N SER C 302 5.38 32.15 33.73
CA SER C 302 4.85 33.50 33.85
C SER C 302 5.88 34.48 33.31
N VAL C 303 5.39 35.57 32.77
CA VAL C 303 6.23 36.63 32.22
C VAL C 303 7.21 37.15 33.27
N ALA C 304 6.82 37.09 34.53
CA ALA C 304 7.70 37.57 35.60
C ALA C 304 8.94 36.68 35.76
N ARG C 305 8.81 35.40 35.45
CA ARG C 305 9.93 34.48 35.57
C ARG C 305 10.68 34.28 34.27
N GLN C 306 10.51 35.20 33.32
CA GLN C 306 11.20 35.08 32.04
C GLN C 306 12.33 36.11 31.97
N HIS C 307 13.48 35.69 31.43
CA HIS C 307 14.63 36.57 31.33
C HIS C 307 15.21 36.58 29.94
N ILE C 308 15.13 37.74 29.30
CA ILE C 308 15.63 37.92 27.96
C ILE C 308 17.10 38.35 27.89
N GLU C 309 17.80 37.85 26.89
CA GLU C 309 19.19 38.20 26.69
C GLU C 309 19.40 38.36 25.19
N ILE C 310 19.77 39.56 24.76
CA ILE C 310 19.98 39.78 23.34
C ILE C 310 21.35 40.36 23.06
N SER C 311 21.69 40.37 21.77
CA SER C 311 22.96 40.90 21.30
C SER C 311 22.64 41.75 20.07
N THR C 312 23.18 42.95 20.05
CA THR C 312 22.95 43.87 18.95
C THR C 312 24.14 43.93 18.01
N THR C 313 25.30 43.44 18.49
CA THR C 313 26.52 43.46 17.69
C THR C 313 26.95 42.09 17.18
N GLY C 314 26.18 41.06 17.52
CA GLY C 314 26.51 39.72 17.08
C GLY C 314 25.57 38.66 17.60
N TRP C 315 26.12 37.63 18.22
CA TRP C 315 25.33 36.53 18.78
C TRP C 315 25.41 36.52 20.32
N VAL C 316 24.51 35.77 20.94
CA VAL C 316 24.48 35.65 22.39
C VAL C 316 25.45 34.57 22.90
N GLY C 317 26.16 34.87 23.99
CA GLY C 317 27.10 33.93 24.57
C GLY C 317 28.31 33.68 23.69
N ARG C 318 29.10 32.66 24.03
CA ARG C 318 30.30 32.31 23.26
C ARG C 318 29.94 31.41 22.07
N PHE C 319 29.52 30.19 22.34
CA PHE C 319 29.11 29.24 21.30
C PHE C 319 27.61 29.06 21.47
N ARG C 320 27.14 29.38 22.68
CA ARG C 320 25.73 29.29 23.04
C ARG C 320 25.58 30.12 24.31
N PRO C 321 24.35 30.53 24.65
CA PRO C 321 24.21 31.34 25.87
C PRO C 321 24.67 30.55 27.10
N ALA C 322 25.21 31.27 28.09
CA ALA C 322 25.70 30.64 29.31
C ALA C 322 24.54 30.06 30.14
N GLU C 323 24.84 29.05 30.94
CA GLU C 323 23.83 28.39 31.76
C GLU C 323 23.56 29.08 33.09
N PRO C 324 22.30 29.09 33.54
CA PRO C 324 22.04 29.74 34.83
C PRO C 324 22.40 28.78 35.96
N HIS C 325 22.81 29.33 37.10
CA HIS C 325 23.17 28.54 38.26
C HIS C 325 22.27 29.01 39.39
N PHE C 326 21.27 28.19 39.73
CA PHE C 326 20.31 28.55 40.77
C PHE C 326 20.74 28.25 42.20
N THR C 327 20.15 28.97 43.13
CA THR C 327 20.40 28.79 44.56
C THR C 327 19.53 27.61 44.97
N SER C 328 19.81 26.98 46.10
CA SER C 328 19.01 25.84 46.56
C SER C 328 17.51 26.12 46.59
N ASP C 329 17.13 27.29 47.09
CA ASP C 329 15.72 27.68 47.17
C ASP C 329 15.13 27.91 45.78
N GLY C 330 15.98 28.31 44.83
CA GLY C 330 15.53 28.56 43.48
C GLY C 330 14.92 29.94 43.30
N ASN C 331 15.11 30.81 44.28
CA ASN C 331 14.55 32.15 44.20
C ASN C 331 15.46 33.14 43.46
N SER C 332 16.69 32.72 43.18
CA SER C 332 17.62 33.57 42.44
C SER C 332 18.67 32.70 41.76
N PHE C 333 19.35 33.28 40.76
CA PHE C 333 20.39 32.54 40.06
C PHE C 333 21.51 33.47 39.60
N TYR C 334 22.66 32.86 39.29
CA TYR C 334 23.80 33.62 38.83
C TYR C 334 24.13 33.13 37.42
N LYS C 335 24.40 34.06 36.51
CA LYS C 335 24.69 33.68 35.14
C LYS C 335 25.61 34.67 34.44
N ILE C 336 26.55 34.14 33.66
CA ILE C 336 27.50 34.95 32.93
C ILE C 336 26.83 35.59 31.70
N ILE C 337 26.99 36.90 31.56
CA ILE C 337 26.47 37.66 30.43
C ILE C 337 27.46 38.78 30.15
N SER C 338 27.32 39.45 29.01
CA SER C 338 28.20 40.56 28.64
C SER C 338 27.78 41.84 29.38
N ASN C 339 28.75 42.53 29.98
CA ASN C 339 28.43 43.76 30.68
C ASN C 339 28.48 44.95 29.71
N GLU C 340 28.37 46.17 30.26
CA GLU C 340 28.37 47.40 29.48
C GLU C 340 29.59 47.55 28.56
N GLU C 341 30.76 47.10 29.03
CA GLU C 341 32.00 47.21 28.27
C GLU C 341 32.27 46.06 27.28
N GLY C 342 31.38 45.08 27.23
CA GLY C 342 31.58 43.96 26.32
C GLY C 342 32.35 42.78 26.91
N TYR C 343 32.60 42.82 28.22
CA TYR C 343 33.30 41.72 28.87
C TYR C 343 32.28 40.85 29.58
N LYS C 344 32.52 39.54 29.57
CA LYS C 344 31.60 38.61 30.21
C LYS C 344 31.89 38.42 31.70
N HIS C 345 30.89 38.76 32.51
CA HIS C 345 30.96 38.67 33.96
C HIS C 345 29.69 38.03 34.52
N ILE C 346 29.74 37.72 35.81
CA ILE C 346 28.64 37.08 36.52
C ILE C 346 27.58 38.07 36.98
N CYS C 347 26.33 37.87 36.59
CA CYS C 347 25.26 38.77 37.02
C CYS C 347 24.33 37.98 37.94
N HIS C 348 23.88 38.63 39.01
CA HIS C 348 22.98 38.00 39.97
C HIS C 348 21.54 38.33 39.59
N PHE C 349 20.75 37.31 39.32
CA PHE C 349 19.35 37.52 38.95
C PHE C 349 18.36 37.05 40.02
N GLN C 350 17.21 37.71 40.05
CA GLN C 350 16.16 37.34 40.96
C GLN C 350 15.19 36.61 40.03
N THR C 351 14.78 35.40 40.40
CA THR C 351 13.90 34.61 39.57
C THR C 351 12.67 35.34 39.02
N ASP C 352 12.04 36.21 39.81
CA ASP C 352 10.87 36.92 39.33
C ASP C 352 11.03 38.42 39.06
N LYS C 353 12.26 38.86 38.82
CA LYS C 353 12.54 40.28 38.54
C LYS C 353 13.44 40.32 37.30
N SER C 354 13.30 41.34 36.47
CA SER C 354 14.11 41.42 35.25
C SER C 354 15.49 42.08 35.37
N ASN C 355 15.73 42.83 36.44
CA ASN C 355 17.02 43.52 36.65
C ASN C 355 18.07 42.63 37.34
N CYS C 356 19.31 42.65 36.88
CA CYS C 356 20.34 41.86 37.56
C CYS C 356 21.45 42.77 38.05
N THR C 357 22.32 42.23 38.91
CA THR C 357 23.44 42.99 39.46
C THR C 357 24.75 42.27 39.21
N PHE C 358 25.67 42.94 38.54
CA PHE C 358 26.97 42.34 38.27
C PHE C 358 27.75 42.21 39.57
N ILE C 359 28.39 41.05 39.79
CA ILE C 359 29.16 40.84 41.00
C ILE C 359 30.65 40.77 40.69
N THR C 360 30.99 40.87 39.40
CA THR C 360 32.37 40.88 38.95
C THR C 360 32.46 41.86 37.80
N LYS C 361 33.63 42.46 37.60
CA LYS C 361 33.87 43.42 36.52
C LYS C 361 35.36 43.53 36.21
N GLY C 362 35.68 44.11 35.06
CA GLY C 362 37.07 44.26 34.66
C GLY C 362 37.32 43.94 33.19
N ALA C 363 38.54 44.20 32.74
CA ALA C 363 38.92 43.94 31.36
C ALA C 363 39.51 42.55 31.26
N TRP C 364 38.69 41.58 31.64
CA TRP C 364 39.03 40.16 31.63
C TRP C 364 37.67 39.47 31.67
N GLU C 365 37.66 38.14 31.56
CA GLU C 365 36.37 37.46 31.56
C GLU C 365 36.25 36.25 32.45
N VAL C 366 35.02 35.99 32.87
CA VAL C 366 34.71 34.82 33.68
C VAL C 366 34.46 33.71 32.65
N ILE C 367 35.17 32.59 32.79
CA ILE C 367 35.04 31.46 31.88
C ILE C 367 33.79 30.66 32.23
N GLY C 368 33.57 30.43 33.51
CA GLY C 368 32.40 29.69 33.94
C GLY C 368 32.25 29.60 35.44
N ILE C 369 31.02 29.39 35.89
CA ILE C 369 30.69 29.25 37.31
C ILE C 369 30.86 27.76 37.64
N GLU C 370 31.71 27.45 38.61
CA GLU C 370 31.97 26.07 38.99
C GLU C 370 31.14 25.47 40.13
N ALA C 371 30.86 26.26 41.16
CA ALA C 371 30.09 25.76 42.28
C ALA C 371 29.37 26.91 42.97
N LEU C 372 28.35 26.59 43.75
CA LEU C 372 27.58 27.59 44.44
C LEU C 372 27.01 27.10 45.76
N THR C 373 27.38 27.77 46.85
CA THR C 373 26.86 27.41 48.17
C THR C 373 26.08 28.65 48.61
N SER C 374 25.48 28.61 49.79
CA SER C 374 24.75 29.78 50.25
C SER C 374 25.68 30.92 50.68
N ASP C 375 26.97 30.62 50.82
CA ASP C 375 27.94 31.65 51.22
C ASP C 375 28.91 32.09 50.13
N TYR C 376 29.31 31.17 49.27
CA TYR C 376 30.26 31.53 48.22
C TYR C 376 29.89 31.06 46.81
N LEU C 377 30.59 31.62 45.84
CA LEU C 377 30.41 31.26 44.44
C LEU C 377 31.83 31.07 43.90
N TYR C 378 32.07 29.89 43.34
CA TYR C 378 33.38 29.59 42.79
C TYR C 378 33.29 29.69 41.28
N TYR C 379 34.31 30.27 40.65
CA TYR C 379 34.30 30.42 39.21
C TYR C 379 35.71 30.41 38.68
N ILE C 380 35.83 30.39 37.36
CA ILE C 380 37.11 30.40 36.69
C ILE C 380 37.18 31.60 35.76
N SER C 381 38.31 32.30 35.78
CA SER C 381 38.51 33.48 34.94
C SER C 381 39.97 33.57 34.49
N ASN C 382 40.23 34.48 33.57
CA ASN C 382 41.58 34.67 33.05
C ASN C 382 42.10 36.04 33.52
N GLU C 383 41.64 36.47 34.69
CA GLU C 383 42.04 37.74 35.27
C GLU C 383 43.51 37.84 35.69
N HIS C 384 44.03 36.78 36.30
CA HIS C 384 45.41 36.79 36.77
C HIS C 384 46.43 37.23 35.74
N LYS C 385 47.29 38.17 36.13
CA LYS C 385 48.34 38.71 35.27
C LYS C 385 47.81 39.26 33.96
N GLY C 386 46.49 39.41 33.87
CA GLY C 386 45.89 39.91 32.64
C GLY C 386 46.16 39.03 31.44
N MET C 387 46.37 37.73 31.69
CA MET C 387 46.61 36.77 30.61
C MET C 387 45.32 36.10 30.16
N PRO C 388 44.79 36.49 28.98
CA PRO C 388 43.55 35.87 28.51
C PRO C 388 43.68 34.35 28.30
N GLY C 389 44.91 33.87 28.12
CA GLY C 389 45.14 32.45 27.94
C GLY C 389 45.48 31.69 29.22
N GLY C 390 45.16 32.28 30.36
CA GLY C 390 45.41 31.63 31.63
C GLY C 390 44.08 31.37 32.32
N ARG C 391 44.05 30.38 33.21
CA ARG C 391 42.81 30.05 33.93
C ARG C 391 43.07 29.85 35.42
N ASN C 392 42.18 30.35 36.25
CA ASN C 392 42.34 30.18 37.69
C ASN C 392 41.02 30.06 38.42
N LEU C 393 41.04 29.42 39.57
CA LEU C 393 39.85 29.23 40.39
C LEU C 393 39.73 30.38 41.40
N TYR C 394 38.57 31.04 41.40
CA TYR C 394 38.32 32.15 42.31
C TYR C 394 37.08 31.86 43.13
N ARG C 395 36.98 32.50 44.29
CA ARG C 395 35.83 32.36 45.17
C ARG C 395 35.39 33.75 45.60
N ILE C 396 34.09 34.01 45.50
CA ILE C 396 33.56 35.30 45.87
C ILE C 396 32.46 35.16 46.92
N GLN C 397 32.53 35.99 47.95
CA GLN C 397 31.54 36.00 49.03
C GLN C 397 30.24 36.59 48.51
N LEU C 398 29.15 35.85 48.66
CA LEU C 398 27.86 36.33 48.19
C LEU C 398 27.28 37.52 48.95
N ASN C 399 27.69 37.73 50.19
CA ASN C 399 27.17 38.86 50.97
C ASN C 399 28.10 40.09 50.94
N ASP C 400 29.14 40.01 50.13
CA ASP C 400 30.10 41.11 49.97
C ASP C 400 31.00 40.82 48.77
N TYR C 401 30.53 41.25 47.60
CA TYR C 401 31.23 41.05 46.34
C TYR C 401 32.64 41.64 46.34
N THR C 402 32.99 42.30 47.43
CA THR C 402 34.30 42.90 47.59
C THR C 402 35.34 41.82 47.92
N LYS C 403 34.93 40.85 48.72
CA LYS C 403 35.82 39.77 49.11
C LYS C 403 35.84 38.61 48.12
N VAL C 404 36.86 38.60 47.27
CA VAL C 404 37.04 37.55 46.27
C VAL C 404 38.48 37.09 46.38
N THR C 405 38.65 35.78 46.56
CA THR C 405 39.97 35.17 46.72
C THR C 405 40.38 34.27 45.58
N CYS C 406 41.66 34.31 45.21
CA CYS C 406 42.11 33.43 44.15
C CYS C 406 42.74 32.20 44.82
N LEU C 407 42.05 31.08 44.71
CA LEU C 407 42.49 29.83 45.32
C LEU C 407 43.63 29.09 44.61
N SER C 408 43.89 29.40 43.34
CA SER C 408 44.93 28.69 42.60
C SER C 408 46.13 29.51 42.14
N CYS C 409 45.94 30.82 42.01
CA CYS C 409 46.99 31.74 41.55
C CYS C 409 48.42 31.48 42.03
N GLU C 410 48.63 31.41 43.33
CA GLU C 410 49.97 31.22 43.87
C GLU C 410 50.42 29.83 44.34
N LEU C 411 49.69 28.77 43.97
CA LEU C 411 50.09 27.42 44.39
C LEU C 411 51.43 27.03 43.75
N ASN C 412 51.55 27.28 42.46
CA ASN C 412 52.77 26.99 41.67
C ASN C 412 52.77 27.98 40.51
N PRO C 413 52.92 29.27 40.82
CA PRO C 413 52.93 30.33 39.80
C PRO C 413 53.74 30.07 38.52
N GLU C 414 54.82 29.29 38.63
CA GLU C 414 55.67 29.00 37.48
C GLU C 414 55.21 27.79 36.68
N ARG C 415 54.80 26.76 37.39
CA ARG C 415 54.35 25.53 36.77
C ARG C 415 52.87 25.50 36.42
N CYS C 416 52.06 26.25 37.16
CA CYS C 416 50.61 26.25 36.97
C CYS C 416 49.91 27.58 36.79
N GLN C 417 49.42 27.81 35.57
CA GLN C 417 48.72 29.05 35.22
C GLN C 417 47.40 28.75 34.49
N TYR C 418 47.11 27.46 34.31
CA TYR C 418 45.88 27.05 33.61
C TYR C 418 45.20 25.92 34.38
N TYR C 419 44.12 26.25 35.08
CA TYR C 419 43.40 25.28 35.89
C TYR C 419 41.92 25.08 35.53
N SER C 420 41.37 23.95 35.99
CA SER C 420 39.96 23.63 35.87
C SER C 420 39.71 23.02 37.25
N ALA C 421 38.47 22.92 37.68
CA ALA C 421 38.22 22.36 39.01
C ALA C 421 36.98 21.47 39.04
N SER C 422 36.94 20.56 40.02
CA SER C 422 35.82 19.66 40.18
C SER C 422 35.45 19.59 41.66
N PHE C 423 34.29 20.13 42.00
CA PHE C 423 33.83 20.17 43.38
C PHE C 423 32.96 18.98 43.80
N SER C 424 33.04 18.63 45.07
CA SER C 424 32.26 17.56 45.64
C SER C 424 30.89 18.18 45.89
N ASN C 425 29.92 17.37 46.34
CA ASN C 425 28.59 17.90 46.63
C ASN C 425 28.72 18.94 47.76
N LYS C 426 27.90 19.97 47.70
CA LYS C 426 27.94 21.04 48.70
C LYS C 426 29.25 21.81 48.72
N ALA C 427 30.14 21.50 47.75
CA ALA C 427 31.42 22.17 47.63
C ALA C 427 32.32 22.17 48.88
N LYS C 428 32.41 21.03 49.57
CA LYS C 428 33.26 20.95 50.75
C LYS C 428 34.71 20.67 50.36
N TYR C 429 34.88 19.91 49.28
CA TYR C 429 36.21 19.57 48.78
C TYR C 429 36.23 19.78 47.28
N TYR C 430 37.43 19.93 46.72
CA TYR C 430 37.55 20.09 45.29
C TYR C 430 38.90 19.60 44.81
N GLN C 431 38.92 19.13 43.56
CA GLN C 431 40.14 18.66 42.94
C GLN C 431 40.58 19.81 42.03
N LEU C 432 41.85 20.15 42.05
CA LEU C 432 42.36 21.22 41.19
C LEU C 432 43.17 20.55 40.11
N ARG C 433 42.95 20.99 38.87
CA ARG C 433 43.67 20.41 37.75
C ARG C 433 44.45 21.45 36.99
N CYS C 434 45.77 21.28 37.01
CA CYS C 434 46.71 22.18 36.38
C CYS C 434 47.20 21.57 35.07
N PHE C 435 46.98 22.26 33.95
CA PHE C 435 47.40 21.74 32.65
C PHE C 435 48.62 22.39 32.03
N GLY C 436 49.28 23.27 32.76
CA GLY C 436 50.47 23.94 32.24
C GLY C 436 50.72 25.30 32.87
N PRO C 437 51.76 26.02 32.42
CA PRO C 437 52.70 25.63 31.37
C PRO C 437 53.62 24.45 31.69
N GLY C 438 53.71 24.08 32.97
CA GLY C 438 54.56 22.96 33.33
C GLY C 438 53.80 21.65 33.21
N LEU C 439 54.37 20.56 33.72
CA LEU C 439 53.72 19.27 33.65
C LEU C 439 52.41 19.27 34.45
N PRO C 440 51.35 18.68 33.90
CA PRO C 440 50.07 18.64 34.60
C PRO C 440 50.20 18.20 36.05
N LEU C 441 49.39 18.79 36.92
CA LEU C 441 49.43 18.48 38.34
C LEU C 441 48.02 18.44 38.94
N TYR C 442 47.65 17.32 39.53
CA TYR C 442 46.33 17.18 40.14
C TYR C 442 46.45 17.18 41.65
N THR C 443 45.58 17.94 42.31
CA THR C 443 45.60 18.05 43.76
C THR C 443 44.19 18.07 44.35
N LEU C 444 44.10 17.72 45.63
CA LEU C 444 42.83 17.68 46.34
C LEU C 444 42.86 18.76 47.42
N HIS C 445 41.80 19.57 47.50
CA HIS C 445 41.73 20.65 48.48
C HIS C 445 40.45 20.67 49.31
N SER C 446 40.51 21.33 50.46
CA SER C 446 39.35 21.48 51.33
C SER C 446 38.82 22.90 51.14
N SER C 447 37.51 23.07 51.13
CA SER C 447 36.94 24.40 50.93
C SER C 447 36.98 25.25 52.18
N SER C 448 37.04 24.60 53.34
CA SER C 448 37.06 25.30 54.62
C SER C 448 38.41 25.93 54.94
N SER C 449 39.49 25.16 54.82
CA SER C 449 40.83 25.65 55.12
C SER C 449 41.67 25.98 53.90
N ASP C 450 41.12 25.81 52.71
CA ASP C 450 41.85 26.08 51.47
C ASP C 450 43.18 25.33 51.46
N LYS C 451 43.34 24.44 52.43
CA LYS C 451 44.56 23.64 52.55
C LYS C 451 44.59 22.55 51.49
N GLU C 452 45.79 22.22 51.05
CA GLU C 452 45.97 21.18 50.04
C GLU C 452 46.15 19.83 50.73
N LEU C 453 45.05 19.07 50.81
CA LEU C 453 45.07 17.76 51.44
C LEU C 453 46.18 16.87 50.90
N ARG C 454 46.31 16.78 49.58
CA ARG C 454 47.36 15.94 49.01
C ARG C 454 47.58 16.04 47.49
N VAL C 455 48.64 15.39 47.03
CA VAL C 455 49.00 15.37 45.62
C VAL C 455 48.47 14.08 45.03
N LEU C 456 47.52 14.19 44.11
CA LEU C 456 46.93 13.02 43.48
C LEU C 456 47.79 12.46 42.35
N GLU C 457 48.43 13.34 41.60
CA GLU C 457 49.30 12.94 40.49
C GLU C 457 50.16 14.13 40.10
N ASP C 458 51.48 13.95 40.12
CA ASP C 458 52.39 15.03 39.77
C ASP C 458 53.25 14.76 38.55
N ASN C 459 53.00 13.63 37.89
CA ASN C 459 53.74 13.27 36.69
C ASN C 459 55.26 13.21 36.86
N SER C 460 55.72 12.83 38.04
CA SER C 460 57.15 12.76 38.29
C SER C 460 57.83 11.78 37.35
N ALA C 461 57.09 10.78 36.87
CA ALA C 461 57.64 9.79 35.94
C ALA C 461 58.00 10.45 34.62
N LEU C 462 57.08 11.26 34.10
CA LEU C 462 57.28 11.97 32.84
C LEU C 462 58.46 12.92 32.99
N ASP C 463 58.53 13.61 34.13
CA ASP C 463 59.62 14.54 34.41
C ASP C 463 60.97 13.83 34.22
N LYS C 464 61.07 12.63 34.77
CA LYS C 464 62.29 11.84 34.68
C LYS C 464 62.68 11.60 33.23
N MET C 465 61.73 11.08 32.44
CA MET C 465 61.96 10.77 31.03
C MET C 465 62.38 11.98 30.20
N LEU C 466 61.74 13.12 30.45
CA LEU C 466 62.04 14.33 29.70
C LEU C 466 63.36 15.04 29.95
N GLN C 467 63.97 14.81 31.12
CA GLN C 467 65.24 15.47 31.42
C GLN C 467 66.36 14.81 30.61
N ASP C 468 66.01 13.70 29.98
CA ASP C 468 66.94 12.93 29.17
C ASP C 468 66.81 13.35 27.69
N VAL C 469 65.88 14.26 27.40
CA VAL C 469 65.65 14.70 26.03
C VAL C 469 65.65 16.22 25.85
N GLN C 470 66.11 16.68 24.69
CA GLN C 470 66.17 18.11 24.38
C GLN C 470 64.80 18.65 24.00
N MET C 471 64.06 19.11 25.01
CA MET C 471 62.73 19.65 24.78
C MET C 471 62.76 21.10 24.31
N PRO C 472 61.75 21.49 23.51
CA PRO C 472 61.70 22.87 23.02
C PRO C 472 61.07 23.73 24.10
N SER C 473 61.09 25.04 23.92
CA SER C 473 60.50 25.92 24.91
C SER C 473 59.33 26.71 24.29
N LYS C 474 58.36 27.05 25.12
CA LYS C 474 57.19 27.80 24.66
C LYS C 474 57.18 29.19 25.29
N LYS C 475 57.19 30.21 24.43
CA LYS C 475 57.20 31.59 24.90
C LYS C 475 55.91 32.29 24.46
N LEU C 476 55.29 33.03 25.37
CA LEU C 476 54.08 33.77 25.06
C LEU C 476 54.39 35.26 25.16
N ASP C 477 53.84 36.05 24.23
CA ASP C 477 54.07 37.48 24.24
C ASP C 477 52.96 38.20 23.48
N VAL C 478 53.13 39.50 23.26
CA VAL C 478 52.12 40.31 22.60
C VAL C 478 52.68 41.15 21.44
N ILE C 479 51.77 41.57 20.56
CA ILE C 479 52.11 42.44 19.44
C ILE C 479 50.90 43.33 19.20
N ASN C 480 51.11 44.45 18.51
CA ASN C 480 50.03 45.38 18.24
C ASN C 480 49.53 45.32 16.81
N LEU C 481 48.21 45.36 16.67
CA LEU C 481 47.55 45.37 15.37
C LEU C 481 46.35 46.29 15.51
N HIS C 482 46.27 47.28 14.65
CA HIS C 482 45.17 48.24 14.67
C HIS C 482 45.04 48.89 16.05
N GLY C 483 46.17 49.12 16.72
CA GLY C 483 46.13 49.75 18.03
C GLY C 483 45.63 48.84 19.14
N THR C 484 45.41 47.57 18.83
CA THR C 484 44.96 46.62 19.83
C THR C 484 46.04 45.56 20.05
N LYS C 485 46.26 45.19 21.30
CA LYS C 485 47.26 44.18 21.60
C LYS C 485 46.66 42.78 21.56
N PHE C 486 47.32 41.90 20.81
CA PHE C 486 46.87 40.52 20.67
C PHE C 486 47.98 39.59 21.09
N TRP C 487 47.62 38.41 21.59
CA TRP C 487 48.61 37.43 22.02
C TRP C 487 49.04 36.45 20.95
N TYR C 488 50.23 35.87 21.15
CA TYR C 488 50.78 34.89 20.24
C TYR C 488 51.75 34.02 21.04
N GLN C 489 52.05 32.83 20.51
CA GLN C 489 52.97 31.94 21.17
C GLN C 489 53.94 31.39 20.14
N MET C 490 55.08 30.91 20.61
CA MET C 490 56.10 30.32 19.73
C MET C 490 56.74 29.12 20.42
N ILE C 491 56.78 27.98 19.72
CA ILE C 491 57.45 26.81 20.26
C ILE C 491 58.84 26.97 19.65
N LEU C 492 59.83 27.24 20.49
CA LEU C 492 61.20 27.44 19.99
C LEU C 492 62.07 26.20 20.10
N PRO C 493 62.88 25.96 19.07
CA PRO C 493 63.77 24.79 19.05
C PRO C 493 64.77 24.83 20.21
N PRO C 494 65.24 23.65 20.65
CA PRO C 494 66.19 23.60 21.76
C PRO C 494 67.44 24.41 21.40
N HIS C 495 68.07 24.99 22.43
CA HIS C 495 69.29 25.78 22.23
C HIS C 495 69.00 26.85 21.20
N PHE C 496 67.89 27.55 21.39
CA PHE C 496 67.48 28.60 20.47
C PHE C 496 68.53 29.69 20.35
N ASP C 497 69.04 29.87 19.15
CA ASP C 497 70.04 30.89 18.88
C ASP C 497 69.41 32.03 18.10
N LYS C 498 69.04 33.08 18.82
CA LYS C 498 68.40 34.26 18.22
C LYS C 498 69.23 34.84 17.07
N SER C 499 70.33 34.18 16.74
CA SER C 499 71.21 34.59 15.65
C SER C 499 70.77 33.95 14.32
N LYS C 500 70.88 32.62 14.24
CA LYS C 500 70.51 31.85 13.07
C LYS C 500 69.09 32.19 12.60
N LYS C 501 68.77 31.78 11.37
CA LYS C 501 67.44 32.02 10.81
C LYS C 501 66.69 30.70 10.65
N TYR C 502 65.66 30.55 11.48
CA TYR C 502 64.84 29.34 11.49
C TYR C 502 63.57 29.47 10.65
N PRO C 503 63.14 28.37 10.02
CA PRO C 503 61.91 28.43 9.21
C PRO C 503 60.75 28.63 10.20
N LEU C 504 59.64 29.16 9.71
CA LEU C 504 58.51 29.45 10.57
C LEU C 504 57.24 28.67 10.18
N LEU C 505 56.58 28.10 11.17
CA LEU C 505 55.36 27.38 10.88
C LEU C 505 54.23 28.04 11.67
N ILE C 506 53.24 28.54 10.95
CA ILE C 506 52.10 29.15 11.58
C ILE C 506 51.03 28.07 11.73
N GLU C 507 50.71 27.72 12.96
CA GLU C 507 49.70 26.72 13.24
C GLU C 507 48.48 27.55 13.62
N VAL C 508 47.41 27.41 12.83
CA VAL C 508 46.22 28.23 13.07
C VAL C 508 44.86 27.52 13.23
N TYR C 509 43.93 28.22 13.85
CA TYR C 509 42.56 27.76 14.01
C TYR C 509 41.81 29.05 13.63
N ALA C 510 41.77 30.00 14.57
CA ALA C 510 41.18 31.31 14.36
C ALA C 510 39.67 31.44 14.10
N GLY C 511 38.88 30.47 14.56
CA GLY C 511 37.45 30.56 14.33
C GLY C 511 36.77 31.39 15.41
N PRO C 512 35.57 31.90 15.14
CA PRO C 512 34.90 32.71 16.16
C PRO C 512 35.02 32.15 17.57
N CYS C 513 35.44 33.02 18.50
CA CYS C 513 35.63 32.71 19.91
C CYS C 513 36.65 31.63 20.19
N SER C 514 37.66 31.56 19.33
CA SER C 514 38.71 30.57 19.48
C SER C 514 39.92 31.09 20.27
N GLN C 515 40.72 30.16 20.77
CA GLN C 515 41.92 30.52 21.52
C GLN C 515 43.04 29.54 21.25
N LYS C 516 43.93 29.86 20.33
CA LYS C 516 45.06 28.98 20.03
C LYS C 516 46.27 29.26 20.92
N VAL C 517 46.24 30.41 21.60
CA VAL C 517 47.35 30.83 22.46
C VAL C 517 46.99 30.71 23.93
N ASP C 518 47.60 29.75 24.61
CA ASP C 518 47.34 29.55 26.03
C ASP C 518 48.57 28.97 26.74
N THR C 519 48.43 28.62 28.01
CA THR C 519 49.55 28.09 28.77
C THR C 519 49.41 26.60 29.09
N VAL C 520 48.74 25.86 28.22
CA VAL C 520 48.55 24.42 28.40
C VAL C 520 49.77 23.64 27.92
N PHE C 521 50.16 22.61 28.66
CA PHE C 521 51.31 21.78 28.29
C PHE C 521 50.85 20.72 27.30
N ARG C 522 51.56 20.62 26.17
CA ARG C 522 51.19 19.66 25.14
C ARG C 522 52.37 19.00 24.43
N LEU C 523 52.33 17.68 24.37
CA LEU C 523 53.33 16.91 23.65
C LEU C 523 52.66 16.79 22.28
N SER C 524 53.03 17.68 21.36
CA SER C 524 52.41 17.69 20.05
C SER C 524 53.35 17.47 18.87
N TRP C 525 52.79 17.59 17.67
CA TRP C 525 53.55 17.44 16.44
C TRP C 525 54.53 18.62 16.40
N ALA C 526 54.10 19.77 16.91
CA ALA C 526 54.96 20.95 16.94
C ALA C 526 56.17 20.70 17.85
N THR C 527 55.97 19.91 18.90
CA THR C 527 57.05 19.59 19.82
C THR C 527 58.16 18.94 19.00
N TYR C 528 57.75 18.05 18.09
CA TYR C 528 58.70 17.32 17.24
C TYR C 528 59.34 18.23 16.19
N LEU C 529 58.53 19.09 15.57
CA LEU C 529 59.04 19.99 14.53
C LEU C 529 60.10 20.95 15.08
N ALA C 530 59.93 21.38 16.34
CA ALA C 530 60.87 22.29 16.97
C ALA C 530 62.10 21.55 17.51
N SER C 531 61.83 20.47 18.25
CA SER C 531 62.88 19.67 18.86
C SER C 531 63.84 18.99 17.88
N THR C 532 63.28 18.29 16.90
CA THR C 532 64.09 17.55 15.94
C THR C 532 64.40 18.29 14.63
N GLU C 533 63.39 18.92 14.05
CA GLU C 533 63.56 19.62 12.78
C GLU C 533 63.97 21.09 12.89
N ASN C 534 64.14 21.59 14.11
CA ASN C 534 64.53 22.97 14.33
C ASN C 534 63.65 23.98 13.59
N ILE C 535 62.34 23.77 13.66
CA ILE C 535 61.40 24.66 13.01
C ILE C 535 60.68 25.41 14.13
N ILE C 536 60.38 26.68 13.91
CA ILE C 536 59.66 27.47 14.92
C ILE C 536 58.19 27.37 14.59
N VAL C 537 57.37 27.00 15.58
CA VAL C 537 55.94 26.88 15.35
C VAL C 537 55.21 27.93 16.20
N ALA C 538 54.56 28.87 15.52
CA ALA C 538 53.86 29.94 16.21
C ALA C 538 52.35 29.94 15.97
N SER C 539 51.63 30.58 16.88
CA SER C 539 50.17 30.72 16.79
C SER C 539 49.79 32.13 17.22
N PHE C 540 48.70 32.65 16.66
CA PHE C 540 48.26 34.00 16.96
C PHE C 540 46.73 34.11 17.05
N ASP C 541 46.25 34.80 18.08
CA ASP C 541 44.82 35.02 18.27
C ASP C 541 44.53 36.48 17.94
N GLY C 542 43.86 36.71 16.82
CA GLY C 542 43.53 38.08 16.41
C GLY C 542 42.06 38.38 16.56
N ARG C 543 41.54 39.19 15.64
CA ARG C 543 40.13 39.56 15.67
C ARG C 543 39.26 38.32 15.44
N GLY C 544 38.23 38.20 16.27
CA GLY C 544 37.35 37.04 16.18
C GLY C 544 37.61 36.07 17.32
N SER C 545 38.85 36.04 17.83
CA SER C 545 39.20 35.14 18.93
C SER C 545 38.39 35.49 20.19
N GLY C 546 38.35 34.59 21.16
CA GLY C 546 37.57 34.84 22.36
C GLY C 546 38.29 35.10 23.67
N TYR C 547 37.49 35.30 24.72
CA TYR C 547 37.99 35.54 26.07
C TYR C 547 38.68 36.89 26.28
N GLN C 548 38.40 37.84 25.38
CA GLN C 548 38.99 39.17 25.45
C GLN C 548 37.94 40.26 25.24
N GLY C 549 36.67 39.92 25.40
CA GLY C 549 35.61 40.89 25.21
C GLY C 549 34.92 40.77 23.86
N ASP C 550 33.63 41.14 23.84
CA ASP C 550 32.81 41.09 22.62
C ASP C 550 33.36 41.95 21.51
N LYS C 551 34.05 43.01 21.89
CA LYS C 551 34.67 43.94 20.94
C LYS C 551 35.52 43.15 19.93
N ILE C 552 36.51 42.42 20.44
CA ILE C 552 37.39 41.63 19.59
C ILE C 552 36.72 40.38 19.00
N MET C 553 35.81 39.76 19.76
CA MET C 553 35.14 38.55 19.29
C MET C 553 34.14 38.80 18.17
N HIS C 554 33.30 39.82 18.33
CA HIS C 554 32.31 40.13 17.33
C HIS C 554 32.86 40.89 16.13
N ALA C 555 34.17 41.05 16.07
CA ALA C 555 34.76 41.78 14.96
C ALA C 555 34.45 41.12 13.61
N ILE C 556 34.37 39.79 13.59
CA ILE C 556 34.09 39.09 12.33
C ILE C 556 32.61 38.74 12.11
N ASN C 557 31.72 39.35 12.89
CA ASN C 557 30.29 39.08 12.72
C ASN C 557 29.87 39.35 11.27
N ARG C 558 29.10 38.41 10.72
CA ARG C 558 28.59 38.48 9.34
C ARG C 558 29.66 38.63 8.27
N ARG C 559 30.92 38.38 8.63
CA ARG C 559 32.01 38.48 7.67
C ARG C 559 33.17 37.52 7.93
N LEU C 560 32.85 36.24 8.13
CA LEU C 560 33.89 35.24 8.35
C LEU C 560 34.80 35.19 7.11
N GLY C 561 36.09 34.92 7.33
CA GLY C 561 37.03 34.84 6.23
C GLY C 561 37.73 36.15 5.92
N THR C 562 37.40 37.21 6.65
CA THR C 562 38.04 38.51 6.41
C THR C 562 39.12 38.90 7.44
N PHE C 563 38.71 39.53 8.54
CA PHE C 563 39.66 40.00 9.56
C PHE C 563 40.53 38.94 10.23
N GLU C 564 39.95 37.78 10.56
CA GLU C 564 40.76 36.76 11.21
C GLU C 564 41.81 36.21 10.24
N VAL C 565 41.50 36.24 8.95
CA VAL C 565 42.43 35.74 7.93
C VAL C 565 43.53 36.79 7.74
N GLU C 566 43.10 38.04 7.62
CA GLU C 566 44.01 39.15 7.42
C GLU C 566 44.97 39.32 8.61
N ASP C 567 44.47 39.16 9.83
CA ASP C 567 45.31 39.30 11.01
C ASP C 567 46.38 38.22 11.10
N GLN C 568 46.10 37.03 10.55
CA GLN C 568 47.11 35.97 10.58
C GLN C 568 48.26 36.39 9.67
N ILE C 569 47.93 37.04 8.56
CA ILE C 569 48.94 37.47 7.61
C ILE C 569 49.82 38.60 8.17
N GLU C 570 49.18 39.63 8.72
CA GLU C 570 49.92 40.77 9.28
C GLU C 570 50.75 40.35 10.51
N ALA C 571 50.23 39.45 11.35
CA ALA C 571 50.99 39.00 12.51
C ALA C 571 52.22 38.21 12.07
N THR C 572 52.06 37.39 11.03
CA THR C 572 53.17 36.58 10.50
C THR C 572 54.21 37.50 9.89
N ARG C 573 53.72 38.58 9.29
CA ARG C 573 54.56 39.57 8.65
C ARG C 573 55.45 40.23 9.71
N GLN C 574 54.91 40.49 10.89
CA GLN C 574 55.70 41.09 11.97
C GLN C 574 56.67 40.05 12.54
N PHE C 575 56.26 38.77 12.56
CA PHE C 575 57.13 37.72 13.09
C PHE C 575 58.35 37.56 12.18
N SER C 576 58.12 37.62 10.87
CA SER C 576 59.19 37.47 9.89
C SER C 576 60.21 38.60 9.93
N LYS C 577 59.84 39.73 10.54
CA LYS C 577 60.78 40.84 10.64
C LYS C 577 61.72 40.70 11.83
N MET C 578 61.37 39.85 12.79
CA MET C 578 62.23 39.59 13.93
C MET C 578 63.38 38.75 13.34
N GLY C 579 64.59 39.28 13.42
CA GLY C 579 65.77 38.61 12.87
C GLY C 579 66.01 37.10 12.88
N PHE C 580 65.32 36.34 13.73
CA PHE C 580 65.55 34.90 13.78
C PHE C 580 64.64 34.02 12.91
N VAL C 581 63.93 34.64 11.97
CA VAL C 581 63.04 33.91 11.07
C VAL C 581 63.49 34.05 9.60
N ASP C 582 63.61 32.92 8.91
CA ASP C 582 64.01 32.93 7.50
C ASP C 582 62.74 33.24 6.71
N ASP C 583 62.62 34.46 6.20
CA ASP C 583 61.44 34.87 5.45
C ASP C 583 61.17 34.07 4.15
N LYS C 584 62.14 33.30 3.70
CA LYS C 584 61.98 32.50 2.50
C LYS C 584 61.32 31.15 2.77
N ARG C 585 61.26 30.78 4.04
CA ARG C 585 60.66 29.52 4.42
C ARG C 585 59.63 29.65 5.55
N ILE C 586 58.45 30.17 5.22
CA ILE C 586 57.37 30.34 6.18
C ILE C 586 56.16 29.58 5.67
N ALA C 587 55.60 28.72 6.51
CA ALA C 587 54.43 27.94 6.13
C ALA C 587 53.33 28.11 7.17
N ILE C 588 52.17 27.57 6.86
CA ILE C 588 51.03 27.67 7.76
C ILE C 588 50.14 26.43 7.59
N TRP C 589 49.44 26.04 8.64
CA TRP C 589 48.57 24.87 8.54
C TRP C 589 47.48 24.86 9.61
N GLY C 590 46.41 24.12 9.32
CA GLY C 590 45.28 24.03 10.22
C GLY C 590 44.32 22.89 9.93
N TRP C 591 43.43 22.64 10.88
CA TRP C 591 42.45 21.57 10.83
C TRP C 591 41.06 22.26 10.94
N SER C 592 40.10 21.84 10.13
CA SER C 592 38.74 22.43 10.15
C SER C 592 38.75 23.93 9.83
N TYR C 593 38.21 24.75 10.74
CA TYR C 593 38.20 26.20 10.55
C TYR C 593 39.63 26.69 10.28
N GLY C 594 40.61 26.01 10.87
CA GLY C 594 42.01 26.36 10.67
C GLY C 594 42.44 26.06 9.25
N GLY C 595 41.88 25.01 8.65
CA GLY C 595 42.22 24.68 7.28
C GLY C 595 41.60 25.75 6.37
N TYR C 596 40.38 26.17 6.72
CA TYR C 596 39.70 27.22 5.97
C TYR C 596 40.55 28.48 5.95
N VAL C 597 40.96 28.92 7.15
CA VAL C 597 41.78 30.10 7.29
C VAL C 597 43.10 29.89 6.58
N THR C 598 43.72 28.73 6.78
CA THR C 598 44.99 28.41 6.12
C THR C 598 44.83 28.63 4.61
N SER C 599 43.76 28.07 4.07
CA SER C 599 43.44 28.16 2.63
C SER C 599 43.20 29.60 2.18
N MET C 600 42.36 30.33 2.90
CA MET C 600 42.10 31.72 2.54
C MET C 600 43.41 32.49 2.57
N VAL C 601 44.25 32.22 3.57
CA VAL C 601 45.55 32.88 3.68
C VAL C 601 46.43 32.52 2.50
N LEU C 602 46.54 31.25 2.18
CA LEU C 602 47.38 30.87 1.04
C LEU C 602 46.86 31.55 -0.22
N GLY C 603 45.54 31.69 -0.33
CA GLY C 603 44.94 32.31 -1.50
C GLY C 603 44.85 33.81 -1.51
N ALA C 604 45.44 34.46 -0.51
CA ALA C 604 45.40 35.91 -0.41
C ALA C 604 46.44 36.59 -1.29
N GLY C 605 47.41 35.83 -1.79
CA GLY C 605 48.44 36.40 -2.62
C GLY C 605 49.32 37.41 -1.87
N SER C 606 49.52 37.18 -0.58
CA SER C 606 50.32 38.07 0.25
C SER C 606 51.80 37.90 -0.02
N GLY C 607 52.16 36.80 -0.67
CA GLY C 607 53.55 36.54 -0.95
C GLY C 607 54.32 36.17 0.31
N VAL C 608 53.64 36.15 1.45
CA VAL C 608 54.30 35.83 2.71
C VAL C 608 54.58 34.34 2.95
N PHE C 609 53.67 33.47 2.52
CA PHE C 609 53.84 32.04 2.74
C PHE C 609 54.27 31.25 1.51
N LYS C 610 55.18 30.31 1.74
CA LYS C 610 55.71 29.45 0.68
C LYS C 610 54.82 28.23 0.44
N CYS C 611 54.34 27.62 1.53
CA CYS C 611 53.49 26.44 1.43
C CYS C 611 52.53 26.37 2.62
N GLY C 612 51.56 25.47 2.52
CA GLY C 612 50.57 25.31 3.58
C GLY C 612 49.83 23.99 3.46
N ILE C 613 49.27 23.54 4.58
CA ILE C 613 48.53 22.29 4.63
C ILE C 613 47.17 22.51 5.26
N ALA C 614 46.11 22.05 4.59
CA ALA C 614 44.76 22.18 5.11
C ALA C 614 44.15 20.80 5.33
N VAL C 615 43.66 20.54 6.54
CA VAL C 615 43.08 19.24 6.84
C VAL C 615 41.60 19.46 7.13
N ALA C 616 40.75 18.71 6.41
CA ALA C 616 39.28 18.78 6.54
C ALA C 616 38.79 20.21 6.69
N PRO C 617 39.13 21.09 5.75
CA PRO C 617 38.71 22.49 5.83
C PRO C 617 37.33 22.77 5.29
N VAL C 618 36.77 23.88 5.73
CA VAL C 618 35.49 24.34 5.21
C VAL C 618 35.99 25.09 3.97
N SER C 619 35.25 25.07 2.88
CA SER C 619 35.68 25.79 1.68
C SER C 619 34.62 26.80 1.24
N LYS C 620 33.38 26.52 1.60
CA LYS C 620 32.24 27.38 1.25
C LYS C 620 31.22 27.23 2.37
N TRP C 621 30.91 28.34 3.04
CA TRP C 621 29.99 28.34 4.17
C TRP C 621 28.59 27.78 3.94
N GLU C 622 28.12 27.79 2.70
CA GLU C 622 26.80 27.26 2.39
C GLU C 622 26.82 25.73 2.51
N TYR C 623 28.00 25.16 2.61
CA TYR C 623 28.14 23.71 2.76
C TYR C 623 28.14 23.25 4.22
N TYR C 624 28.44 24.16 5.15
CA TYR C 624 28.47 23.80 6.56
C TYR C 624 27.09 23.84 7.23
N ASP C 625 26.96 23.29 8.43
CA ASP C 625 25.64 23.25 9.07
C ASP C 625 25.02 24.60 9.44
N SER C 626 23.69 24.61 9.50
CA SER C 626 22.93 25.82 9.80
C SER C 626 23.18 26.51 11.14
N VAL C 627 23.22 25.74 12.23
CA VAL C 627 23.40 26.32 13.55
C VAL C 627 24.70 27.12 13.72
N TYR C 628 25.82 26.51 13.35
CA TYR C 628 27.10 27.19 13.48
C TYR C 628 27.28 28.31 12.46
N THR C 629 27.02 28.02 11.21
CA THR C 629 27.19 29.01 10.16
C THR C 629 26.31 30.25 10.32
N GLU C 630 25.00 30.04 10.46
CA GLU C 630 24.08 31.15 10.61
C GLU C 630 24.34 32.03 11.84
N ARG C 631 24.87 31.41 12.89
CA ARG C 631 25.17 32.15 14.11
C ARG C 631 26.07 33.34 13.84
N TYR C 632 27.00 33.18 12.91
CA TYR C 632 27.94 34.25 12.56
C TYR C 632 27.68 34.91 11.20
N MET C 633 27.01 34.20 10.30
CA MET C 633 26.77 34.73 8.96
C MET C 633 25.36 35.13 8.56
N GLY C 634 24.36 34.82 9.38
CA GLY C 634 23.00 35.13 9.00
C GLY C 634 22.58 34.20 7.87
N LEU C 635 21.48 34.48 7.20
CA LEU C 635 21.02 33.62 6.11
C LEU C 635 21.63 33.98 4.76
N PRO C 636 21.95 32.96 3.94
CA PRO C 636 22.55 33.17 2.62
C PRO C 636 21.53 33.54 1.54
N THR C 637 20.72 34.55 1.83
CA THR C 637 19.70 35.03 0.90
C THR C 637 20.02 36.46 0.49
N PRO C 638 19.63 36.84 -0.73
CA PRO C 638 19.91 38.22 -1.16
C PRO C 638 19.38 39.29 -0.20
N GLU C 639 18.39 38.92 0.63
CA GLU C 639 17.82 39.86 1.61
C GLU C 639 18.74 39.99 2.84
N ASP C 640 19.50 38.93 3.12
CA ASP C 640 20.37 38.94 4.30
C ASP C 640 21.85 39.09 3.97
N ASN C 641 22.62 38.01 4.04
CA ASN C 641 24.06 38.11 3.83
C ASN C 641 24.66 37.35 2.66
N LEU C 642 23.88 37.04 1.64
CA LEU C 642 24.40 36.31 0.49
C LEU C 642 25.73 36.87 -0.05
N ASP C 643 25.83 38.18 -0.18
CA ASP C 643 27.05 38.78 -0.72
C ASP C 643 28.33 38.36 0.00
N TYR C 644 28.31 38.33 1.33
CA TYR C 644 29.49 37.93 2.08
C TYR C 644 29.67 36.42 2.14
N TYR C 645 28.65 35.69 1.73
CA TYR C 645 28.71 34.24 1.69
C TYR C 645 29.49 33.93 0.43
N ARG C 646 29.13 34.62 -0.65
CA ARG C 646 29.75 34.40 -1.95
C ARG C 646 31.20 34.82 -2.08
N ASN C 647 31.60 35.93 -1.50
CA ASN C 647 32.97 36.35 -1.64
C ASN C 647 33.90 35.84 -0.52
N SER C 648 33.45 34.86 0.25
CA SER C 648 34.26 34.29 1.31
C SER C 648 34.62 32.81 1.07
N THR C 649 34.29 32.30 -0.10
CA THR C 649 34.59 30.92 -0.43
C THR C 649 36.08 30.85 -0.76
N VAL C 650 36.67 29.67 -0.59
CA VAL C 650 38.07 29.52 -0.90
C VAL C 650 38.23 29.49 -2.41
N MET C 651 37.24 28.92 -3.09
CA MET C 651 37.26 28.80 -4.56
C MET C 651 37.50 30.14 -5.26
N SER C 652 36.86 31.18 -4.78
CA SER C 652 37.01 32.51 -5.38
C SER C 652 38.44 33.04 -5.37
N ARG C 653 39.34 32.38 -4.64
CA ARG C 653 40.73 32.80 -4.58
C ARG C 653 41.67 31.77 -5.23
N ALA C 654 41.11 30.86 -6.00
CA ALA C 654 41.87 29.80 -6.67
C ALA C 654 43.09 30.24 -7.46
N GLU C 655 42.95 31.29 -8.27
CA GLU C 655 44.05 31.76 -9.09
C GLU C 655 45.34 32.01 -8.29
N ASN C 656 45.20 32.59 -7.11
CA ASN C 656 46.35 32.88 -6.26
C ASN C 656 47.15 31.68 -5.76
N PHE C 657 46.57 30.48 -5.79
CA PHE C 657 47.30 29.32 -5.32
C PHE C 657 48.47 28.96 -6.21
N LYS C 658 48.51 29.55 -7.40
CA LYS C 658 49.60 29.28 -8.32
C LYS C 658 50.91 29.72 -7.69
N GLN C 659 50.83 30.61 -6.72
CA GLN C 659 52.04 31.12 -6.07
C GLN C 659 52.54 30.31 -4.88
N VAL C 660 51.86 29.23 -4.53
CA VAL C 660 52.26 28.43 -3.36
C VAL C 660 52.13 26.92 -3.54
N GLU C 661 52.71 26.18 -2.58
CA GLU C 661 52.63 24.72 -2.56
C GLU C 661 51.51 24.40 -1.57
N TYR C 662 50.46 23.75 -2.05
CA TYR C 662 49.30 23.44 -1.23
C TYR C 662 49.05 21.95 -1.04
N LEU C 663 48.74 21.55 0.19
CA LEU C 663 48.44 20.16 0.52
C LEU C 663 47.04 20.11 1.12
N LEU C 664 46.10 19.47 0.41
CA LEU C 664 44.69 19.33 0.85
C LEU C 664 44.43 17.90 1.33
N ILE C 665 43.95 17.76 2.55
CA ILE C 665 43.69 16.44 3.12
C ILE C 665 42.26 16.36 3.66
N HIS C 666 41.63 15.20 3.50
CA HIS C 666 40.25 15.05 3.95
C HIS C 666 39.84 13.58 4.11
N GLY C 667 39.09 13.28 5.18
CA GLY C 667 38.61 11.93 5.39
C GLY C 667 37.34 11.76 4.58
N THR C 668 37.24 10.69 3.79
CA THR C 668 36.07 10.49 2.95
C THR C 668 34.79 10.26 3.73
N ALA C 669 34.92 9.91 5.01
CA ALA C 669 33.74 9.65 5.84
C ALA C 669 33.46 10.77 6.84
N ASP C 670 33.93 11.98 6.53
CA ASP C 670 33.71 13.12 7.42
C ASP C 670 32.24 13.52 7.38
N ASP C 671 31.57 13.31 8.51
CA ASP C 671 30.15 13.63 8.70
C ASP C 671 29.96 15.10 9.10
N ASN C 672 31.06 15.74 9.49
CA ASN C 672 31.05 17.12 9.97
C ASN C 672 31.35 18.10 8.84
N VAL C 673 32.60 18.13 8.40
CA VAL C 673 33.01 18.98 7.29
C VAL C 673 33.04 17.97 6.16
N HIS C 674 31.94 17.88 5.42
CA HIS C 674 31.82 16.88 4.35
C HIS C 674 32.94 16.91 3.30
N PHE C 675 33.30 15.72 2.82
CA PHE C 675 34.34 15.59 1.82
C PHE C 675 34.00 16.54 0.64
N GLN C 676 32.70 16.77 0.43
CA GLN C 676 32.21 17.68 -0.61
C GLN C 676 33.04 18.98 -0.60
N GLN C 677 33.23 19.55 0.59
CA GLN C 677 34.00 20.79 0.73
C GLN C 677 35.36 20.76 0.02
N SER C 678 36.14 19.70 0.22
CA SER C 678 37.43 19.60 -0.45
C SER C 678 37.30 19.16 -1.90
N ALA C 679 36.28 18.36 -2.20
CA ALA C 679 36.08 17.91 -3.57
C ALA C 679 35.76 19.13 -4.41
N GLN C 680 34.93 20.03 -3.90
CA GLN C 680 34.58 21.24 -4.63
C GLN C 680 35.75 22.21 -4.73
N LEU C 681 36.59 22.27 -3.70
CA LEU C 681 37.74 23.15 -3.70
C LEU C 681 38.77 22.68 -4.72
N SER C 682 39.07 21.40 -4.72
CA SER C 682 40.07 20.87 -5.65
C SER C 682 39.61 21.04 -7.09
N LYS C 683 38.31 20.87 -7.34
CA LYS C 683 37.79 21.02 -8.69
C LYS C 683 37.98 22.47 -9.17
N ALA C 684 37.87 23.43 -8.26
CA ALA C 684 38.06 24.83 -8.64
C ALA C 684 39.54 25.08 -8.97
N LEU C 685 40.43 24.40 -8.27
CA LEU C 685 41.85 24.58 -8.51
C LEU C 685 42.22 23.92 -9.83
N VAL C 686 41.62 22.78 -10.12
CA VAL C 686 41.89 22.09 -11.38
C VAL C 686 41.40 22.95 -12.55
N ASP C 687 40.22 23.53 -12.40
CA ASP C 687 39.67 24.38 -13.45
C ASP C 687 40.51 25.65 -13.64
N ALA C 688 41.21 26.08 -12.59
CA ALA C 688 42.04 27.28 -12.67
C ALA C 688 43.46 26.97 -13.18
N GLY C 689 43.77 25.70 -13.36
CA GLY C 689 45.09 25.31 -13.84
C GLY C 689 46.14 25.40 -12.75
N VAL C 690 45.73 25.24 -11.49
CA VAL C 690 46.65 25.29 -10.37
C VAL C 690 47.15 23.90 -9.98
N ASP C 691 48.46 23.72 -9.81
CA ASP C 691 48.94 22.42 -9.38
C ASP C 691 49.03 22.40 -7.85
N PHE C 692 48.60 21.30 -7.26
CA PHE C 692 48.60 21.15 -5.81
C PHE C 692 48.61 19.67 -5.46
N GLN C 693 48.86 19.37 -4.19
CA GLN C 693 48.87 18.00 -3.74
C GLN C 693 47.59 17.67 -3.00
N THR C 694 47.28 16.38 -2.97
CA THR C 694 46.06 15.90 -2.33
C THR C 694 46.32 14.62 -1.53
N MET C 695 45.42 14.32 -0.60
CA MET C 695 45.53 13.11 0.20
C MET C 695 44.20 12.83 0.87
N TRP C 696 43.53 11.77 0.40
CA TRP C 696 42.24 11.37 0.98
C TRP C 696 42.52 10.24 1.96
N TYR C 697 41.67 10.09 2.96
CA TYR C 697 41.82 9.02 3.93
C TYR C 697 40.52 8.20 4.01
N THR C 698 40.56 7.04 3.39
CA THR C 698 39.41 6.15 3.30
C THR C 698 38.77 5.80 4.63
N ASP C 699 37.48 6.09 4.74
CA ASP C 699 36.67 5.81 5.91
C ASP C 699 37.03 6.52 7.21
N GLU C 700 37.89 7.52 7.14
CA GLU C 700 38.21 8.27 8.35
C GLU C 700 37.19 9.40 8.49
N ASP C 701 36.73 9.66 9.72
CA ASP C 701 35.77 10.74 9.92
C ASP C 701 36.47 12.07 10.19
N HIS C 702 35.78 13.01 10.80
CA HIS C 702 36.34 14.32 11.04
C HIS C 702 37.64 14.33 11.84
N GLY C 703 37.77 13.40 12.77
CA GLY C 703 38.99 13.35 13.54
C GLY C 703 40.20 12.78 12.81
N ILE C 704 39.99 11.85 11.89
CA ILE C 704 41.10 11.17 11.19
C ILE C 704 41.95 10.65 12.36
N ALA C 705 41.27 9.97 13.28
CA ALA C 705 41.88 9.47 14.51
C ALA C 705 42.17 7.97 14.68
N SER C 706 42.03 7.15 13.64
CA SER C 706 42.35 5.74 13.84
C SER C 706 43.85 5.72 14.08
N ASN C 707 44.35 4.75 14.83
CA ASN C 707 45.78 4.67 15.11
C ASN C 707 46.64 4.74 13.85
N MET C 708 46.30 3.98 12.83
CA MET C 708 47.09 3.97 11.61
C MET C 708 46.96 5.22 10.75
N ALA C 709 45.76 5.81 10.70
CA ALA C 709 45.55 7.02 9.91
C ALA C 709 46.25 8.20 10.61
N HIS C 710 46.13 8.24 11.94
CA HIS C 710 46.75 9.26 12.75
C HIS C 710 48.27 9.30 12.46
N GLN C 711 48.91 8.15 12.53
CA GLN C 711 50.35 8.08 12.28
C GLN C 711 50.72 8.44 10.85
N HIS C 712 49.88 8.00 9.90
CA HIS C 712 50.11 8.23 8.48
C HIS C 712 49.99 9.71 8.05
N ILE C 713 48.98 10.41 8.54
CA ILE C 713 48.80 11.81 8.17
C ILE C 713 49.95 12.68 8.67
N TYR C 714 50.35 12.51 9.93
CA TYR C 714 51.45 13.31 10.48
C TYR C 714 52.78 12.97 9.83
N THR C 715 52.92 11.72 9.41
CA THR C 715 54.16 11.31 8.74
C THR C 715 54.19 11.99 7.38
N HIS C 716 53.05 11.96 6.70
CA HIS C 716 52.90 12.57 5.38
C HIS C 716 53.10 14.08 5.39
N MET C 717 52.51 14.77 6.36
CA MET C 717 52.65 16.23 6.44
C MET C 717 54.08 16.63 6.78
N SER C 718 54.78 15.76 7.50
CA SER C 718 56.17 16.03 7.87
C SER C 718 57.05 16.00 6.63
N HIS C 719 56.82 15.04 5.73
CA HIS C 719 57.60 14.97 4.48
C HIS C 719 57.33 16.20 3.62
N PHE C 720 56.06 16.54 3.50
CA PHE C 720 55.66 17.71 2.72
C PHE C 720 56.36 18.95 3.27
N LEU C 721 56.23 19.17 4.57
CA LEU C 721 56.86 20.31 5.23
C LEU C 721 58.37 20.36 5.03
N LYS C 722 59.04 19.22 5.23
CA LYS C 722 60.50 19.18 5.06
C LYS C 722 60.90 19.40 3.60
N GLN C 723 60.07 18.96 2.65
CA GLN C 723 60.34 19.16 1.22
C GLN C 723 60.30 20.67 0.94
N CYS C 724 59.26 21.33 1.45
CA CYS C 724 59.06 22.76 1.28
C CYS C 724 60.15 23.60 1.94
N PHE C 725 60.66 23.14 3.09
CA PHE C 725 61.69 23.87 3.82
C PHE C 725 63.10 23.43 3.42
N SER C 726 63.19 22.53 2.45
CA SER C 726 64.49 22.02 1.99
C SER C 726 65.28 21.38 3.13
N LEU C 727 64.58 20.71 4.04
CA LEU C 727 65.22 20.05 5.19
C LEU C 727 65.45 18.57 4.89
N PRO C 728 66.66 18.06 5.20
CA PRO C 728 67.02 16.66 4.97
C PRO C 728 66.36 15.70 5.98
N SER D 1 69.35 22.44 -32.65
CA SER D 1 68.97 23.85 -32.38
C SER D 1 67.45 24.05 -32.31
N ARG D 2 66.72 23.21 -33.04
CA ARG D 2 65.26 23.28 -33.08
C ARG D 2 64.58 23.12 -31.71
N ARG D 3 63.26 23.18 -31.71
CA ARG D 3 62.47 23.03 -30.49
C ARG D 3 62.26 21.55 -30.23
N THR D 4 61.79 21.24 -29.04
CA THR D 4 61.49 19.88 -28.67
C THR D 4 59.96 19.83 -28.58
N TYR D 5 59.39 18.64 -28.61
CA TYR D 5 57.94 18.50 -28.48
C TYR D 5 57.69 18.72 -26.99
N THR D 6 56.96 19.79 -26.66
CA THR D 6 56.70 20.13 -25.25
C THR D 6 55.40 19.60 -24.66
N LEU D 7 55.31 19.64 -23.33
CA LEU D 7 54.11 19.20 -22.62
C LEU D 7 52.91 20.02 -23.08
N THR D 8 53.14 21.32 -23.27
CA THR D 8 52.10 22.24 -23.71
C THR D 8 51.66 21.86 -25.12
N ASP D 9 52.61 21.45 -25.96
CA ASP D 9 52.28 21.03 -27.33
C ASP D 9 51.32 19.85 -27.27
N TYR D 10 51.57 18.95 -26.32
CA TYR D 10 50.73 17.78 -26.16
C TYR D 10 49.37 18.15 -25.57
N LEU D 11 49.37 18.77 -24.40
CA LEU D 11 48.14 19.17 -23.73
C LEU D 11 47.22 20.05 -24.58
N LYS D 12 47.79 20.88 -25.45
CA LYS D 12 47.01 21.79 -26.29
C LYS D 12 46.79 21.29 -27.73
N SER D 13 47.34 20.14 -28.08
CA SER D 13 47.19 19.61 -29.43
C SER D 13 47.62 20.63 -30.47
N THR D 14 48.73 21.34 -30.21
CA THR D 14 49.21 22.34 -31.14
C THR D 14 49.60 21.69 -32.48
N PHE D 15 49.87 20.39 -32.45
CA PHE D 15 50.23 19.66 -33.65
C PHE D 15 49.07 18.75 -34.03
N ARG D 16 48.19 19.28 -34.87
CA ARG D 16 46.99 18.58 -35.32
C ARG D 16 47.22 17.45 -36.32
N VAL D 17 46.66 16.29 -36.02
CA VAL D 17 46.74 15.14 -36.91
C VAL D 17 45.40 15.06 -37.59
N LYS D 18 45.36 15.26 -38.90
CA LYS D 18 44.11 15.21 -39.63
C LYS D 18 43.70 13.81 -40.05
N PHE D 19 42.40 13.65 -40.30
CA PHE D 19 41.85 12.37 -40.75
C PHE D 19 40.83 12.62 -41.85
N TYR D 20 40.11 11.57 -42.25
CA TYR D 20 39.11 11.71 -43.30
C TYR D 20 37.96 10.74 -43.05
N THR D 21 36.89 11.29 -42.47
CA THR D 21 35.72 10.50 -42.16
C THR D 21 34.65 10.64 -43.23
N LEU D 22 34.25 9.52 -43.81
CA LEU D 22 33.22 9.53 -44.84
C LEU D 22 32.16 8.46 -44.53
N GLN D 23 30.98 8.60 -45.12
CA GLN D 23 29.92 7.63 -44.93
C GLN D 23 29.44 7.12 -46.29
N TRP D 24 29.61 5.83 -46.56
CA TRP D 24 29.17 5.27 -47.84
C TRP D 24 27.64 5.22 -47.86
N ILE D 25 27.05 5.61 -48.97
CA ILE D 25 25.59 5.58 -49.08
C ILE D 25 25.11 4.79 -50.30
N SER D 26 26.04 4.15 -50.99
CA SER D 26 25.74 3.32 -52.17
C SER D 26 27.02 2.57 -52.51
N ASP D 27 27.06 1.93 -53.66
CA ASP D 27 28.25 1.18 -54.05
C ASP D 27 29.32 2.05 -54.68
N HIS D 28 29.03 3.33 -54.90
CA HIS D 28 30.01 4.22 -55.52
C HIS D 28 29.91 5.68 -55.07
N GLU D 29 29.10 5.95 -54.06
CA GLU D 29 28.96 7.31 -53.56
C GLU D 29 29.17 7.35 -52.06
N TYR D 30 29.60 8.51 -51.56
CA TYR D 30 29.82 8.68 -50.12
C TYR D 30 29.68 10.15 -49.71
N LEU D 31 29.26 10.38 -48.48
CA LEU D 31 29.10 11.74 -47.97
C LEU D 31 30.34 12.12 -47.14
N TYR D 32 30.68 13.40 -47.17
CA TYR D 32 31.83 13.90 -46.42
C TYR D 32 31.56 15.30 -45.90
N LYS D 33 31.71 15.50 -44.59
CA LYS D 33 31.49 16.81 -43.99
C LYS D 33 32.77 17.62 -44.13
N GLN D 34 32.71 18.68 -44.93
CA GLN D 34 33.87 19.56 -45.16
C GLN D 34 33.55 21.02 -44.91
N GLU D 35 34.07 21.56 -43.80
CA GLU D 35 33.82 22.95 -43.44
C GLU D 35 32.35 23.15 -43.11
N ASN D 36 31.76 22.14 -42.46
CA ASN D 36 30.35 22.17 -42.10
C ASN D 36 29.42 22.01 -43.29
N ASN D 37 29.99 21.58 -44.42
CA ASN D 37 29.20 21.34 -45.62
C ASN D 37 29.18 19.84 -45.84
N ILE D 38 28.04 19.30 -46.26
CA ILE D 38 27.97 17.88 -46.52
C ILE D 38 28.08 17.75 -48.03
N LEU D 39 29.18 17.15 -48.48
CA LEU D 39 29.41 16.97 -49.91
C LEU D 39 29.17 15.51 -50.31
N LEU D 40 28.74 15.30 -51.54
CA LEU D 40 28.48 13.96 -52.05
C LEU D 40 29.54 13.63 -53.10
N PHE D 41 30.44 12.72 -52.75
CA PHE D 41 31.50 12.35 -53.67
C PHE D 41 31.12 11.09 -54.45
N ASN D 42 31.54 11.06 -55.71
CA ASN D 42 31.28 9.93 -56.59
C ASN D 42 32.64 9.27 -56.79
N ALA D 43 32.84 8.13 -56.14
CA ALA D 43 34.12 7.40 -56.23
C ALA D 43 34.59 7.15 -57.66
N GLU D 44 33.65 6.94 -58.58
CA GLU D 44 34.00 6.69 -59.96
C GLU D 44 34.78 7.83 -60.62
N TYR D 45 34.14 8.99 -60.72
CA TYR D 45 34.72 10.17 -61.36
C TYR D 45 35.45 11.16 -60.44
N GLY D 46 35.41 10.91 -59.14
CA GLY D 46 36.09 11.79 -58.20
C GLY D 46 35.43 13.14 -58.01
N ASN D 47 34.45 13.45 -58.86
CA ASN D 47 33.76 14.74 -58.76
C ASN D 47 32.75 14.73 -57.61
N SER D 48 32.55 15.89 -57.02
CA SER D 48 31.62 16.02 -55.91
C SER D 48 30.66 17.17 -56.11
N SER D 49 29.55 17.13 -55.37
CA SER D 49 28.54 18.18 -55.43
C SER D 49 28.07 18.49 -54.00
N ILE D 50 27.58 19.70 -53.79
CA ILE D 50 27.12 20.08 -52.46
C ILE D 50 25.79 19.40 -52.17
N PHE D 51 25.73 18.69 -51.04
CA PHE D 51 24.52 17.98 -50.64
C PHE D 51 23.72 18.78 -49.61
N LEU D 52 24.44 19.54 -48.80
CA LEU D 52 23.81 20.39 -47.78
C LEU D 52 24.80 21.50 -47.42
N GLU D 53 24.47 22.74 -47.80
CA GLU D 53 25.32 23.90 -47.55
C GLU D 53 25.63 24.15 -46.07
N ASN D 54 26.81 24.70 -45.80
CA ASN D 54 27.22 25.00 -44.43
C ASN D 54 26.18 25.92 -43.80
N SER D 55 25.43 26.59 -44.66
CA SER D 55 24.40 27.53 -44.24
C SER D 55 23.04 26.88 -44.06
N THR D 56 22.93 26.05 -43.02
CA THR D 56 21.70 25.36 -42.69
C THR D 56 21.90 24.90 -41.25
N PHE D 57 23.16 24.72 -40.88
CA PHE D 57 23.55 24.30 -39.54
C PHE D 57 23.50 25.52 -38.63
N ASP D 58 23.73 26.68 -39.23
CA ASP D 58 23.76 27.97 -38.54
C ASP D 58 22.77 28.14 -37.39
N GLU D 59 21.56 27.60 -37.55
CA GLU D 59 20.53 27.72 -36.52
C GLU D 59 19.73 26.46 -36.23
N LEU D 60 20.27 25.60 -35.36
CA LEU D 60 19.61 24.37 -34.96
C LEU D 60 19.80 24.23 -33.44
N GLY D 61 19.57 25.34 -32.74
CA GLY D 61 19.72 25.39 -31.30
C GLY D 61 21.11 25.93 -31.02
N TYR D 62 22.10 25.21 -31.55
CA TYR D 62 23.50 25.57 -31.42
C TYR D 62 24.36 24.63 -32.26
N SER D 63 25.37 24.02 -31.65
CA SER D 63 26.26 23.11 -32.35
C SER D 63 25.59 21.81 -32.76
N THR D 64 25.83 21.39 -34.01
CA THR D 64 25.27 20.16 -34.55
C THR D 64 26.42 19.14 -34.62
N ASN D 65 26.62 18.38 -33.55
CA ASN D 65 27.70 17.41 -33.50
C ASN D 65 27.62 16.24 -34.49
N ASP D 66 26.44 15.95 -35.03
CA ASP D 66 26.35 14.84 -35.97
C ASP D 66 25.12 14.82 -36.88
N TYR D 67 25.24 14.14 -38.01
CA TYR D 67 24.16 14.02 -38.98
C TYR D 67 24.02 12.58 -39.49
N SER D 68 22.81 12.23 -39.94
CA SER D 68 22.54 10.90 -40.47
C SER D 68 21.47 11.03 -41.55
N VAL D 69 21.85 10.74 -42.80
CA VAL D 69 20.93 10.83 -43.91
C VAL D 69 20.19 9.51 -44.15
N SER D 70 18.87 9.60 -44.31
CA SER D 70 18.06 8.40 -44.56
C SER D 70 18.58 7.74 -45.83
N PRO D 71 18.44 6.41 -45.96
CA PRO D 71 18.92 5.73 -47.16
C PRO D 71 18.30 6.15 -48.50
N ASP D 72 17.05 6.57 -48.50
CA ASP D 72 16.42 6.99 -49.75
C ASP D 72 16.77 8.44 -50.06
N ARG D 73 17.64 9.01 -49.25
CA ARG D 73 18.10 10.39 -49.41
C ARG D 73 17.04 11.48 -49.39
N GLN D 74 15.86 11.15 -48.86
CA GLN D 74 14.77 12.11 -48.77
C GLN D 74 14.83 12.97 -47.51
N PHE D 75 15.48 12.47 -46.47
CA PHE D 75 15.56 13.21 -45.22
C PHE D 75 16.96 13.15 -44.60
N ILE D 76 17.18 13.97 -43.58
CA ILE D 76 18.45 13.99 -42.87
C ILE D 76 18.16 14.24 -41.39
N LEU D 77 18.91 13.57 -40.53
CA LEU D 77 18.73 13.70 -39.09
C LEU D 77 19.87 14.55 -38.52
N PHE D 78 19.53 15.51 -37.67
CA PHE D 78 20.52 16.38 -37.04
C PHE D 78 20.60 16.11 -35.55
N GLU D 79 21.76 15.67 -35.08
CA GLU D 79 21.98 15.36 -33.66
C GLU D 79 22.66 16.52 -32.96
N TYR D 80 22.09 16.96 -31.85
CA TYR D 80 22.66 18.08 -31.07
C TYR D 80 22.22 17.98 -29.61
N ASN D 81 22.82 18.83 -28.77
CA ASN D 81 22.49 18.85 -27.36
C ASN D 81 22.92 17.54 -26.71
N TYR D 82 24.11 17.10 -27.12
CA TYR D 82 24.75 15.87 -26.68
C TYR D 82 25.05 15.85 -25.18
N VAL D 83 24.62 14.79 -24.50
CA VAL D 83 24.88 14.63 -23.06
C VAL D 83 25.44 13.23 -22.82
N LYS D 84 26.76 13.18 -22.58
CA LYS D 84 27.46 11.92 -22.36
C LYS D 84 27.01 11.17 -21.12
N GLN D 85 27.08 9.85 -21.19
CA GLN D 85 26.75 9.02 -20.04
C GLN D 85 27.97 8.13 -19.76
N TRP D 86 27.95 6.87 -20.22
CA TRP D 86 29.07 5.96 -19.98
C TRP D 86 30.09 6.02 -21.12
N ARG D 87 30.73 4.90 -21.46
CA ARG D 87 31.73 4.95 -22.53
C ARG D 87 31.13 5.18 -23.92
N HIS D 88 29.99 4.53 -24.21
CA HIS D 88 29.34 4.65 -25.52
C HIS D 88 28.00 5.38 -25.50
N SER D 89 27.25 5.23 -24.42
CA SER D 89 25.94 5.84 -24.28
C SER D 89 25.89 7.36 -24.08
N TYR D 90 24.74 7.94 -24.41
CA TYR D 90 24.49 9.39 -24.28
C TYR D 90 23.09 9.67 -24.78
N THR D 91 22.54 10.82 -24.40
CA THR D 91 21.21 11.21 -24.85
C THR D 91 21.39 12.48 -25.67
N ALA D 92 20.43 12.77 -26.54
CA ALA D 92 20.53 13.96 -27.37
C ALA D 92 19.19 14.39 -27.94
N SER D 93 19.20 15.52 -28.62
CA SER D 93 18.01 16.05 -29.27
C SER D 93 18.22 15.86 -30.76
N TYR D 94 17.13 15.70 -31.50
CA TYR D 94 17.23 15.50 -32.94
C TYR D 94 16.18 16.28 -33.73
N ASP D 95 16.58 16.76 -34.90
CA ASP D 95 15.69 17.48 -35.80
C ASP D 95 15.72 16.73 -37.11
N ILE D 96 14.56 16.62 -37.75
CA ILE D 96 14.50 15.95 -39.04
C ILE D 96 14.35 17.05 -40.07
N TYR D 97 15.18 17.03 -41.10
CA TYR D 97 15.15 18.03 -42.15
C TYR D 97 14.76 17.38 -43.48
N ASP D 98 13.65 17.86 -44.05
CA ASP D 98 13.14 17.36 -45.32
C ASP D 98 14.01 17.87 -46.46
N LEU D 99 14.83 17.00 -47.05
CA LEU D 99 15.72 17.40 -48.13
C LEU D 99 15.02 17.83 -49.43
N ASN D 100 13.78 17.38 -49.63
CA ASN D 100 13.03 17.74 -50.84
C ASN D 100 12.51 19.17 -50.71
N LYS D 101 11.51 19.37 -49.86
CA LYS D 101 10.93 20.68 -49.66
C LYS D 101 11.89 21.56 -48.86
N ARG D 102 13.12 21.08 -48.71
CA ARG D 102 14.17 21.79 -47.96
C ARG D 102 13.66 22.59 -46.77
N GLN D 103 12.80 21.96 -45.96
CA GLN D 103 12.22 22.57 -44.77
C GLN D 103 12.69 21.77 -43.53
N LEU D 104 12.16 22.10 -42.36
CA LEU D 104 12.51 21.41 -41.13
C LEU D 104 11.25 20.90 -40.45
N ILE D 105 11.07 19.58 -40.39
CA ILE D 105 9.88 19.01 -39.77
C ILE D 105 9.69 19.62 -38.38
N THR D 106 8.53 20.22 -38.16
CA THR D 106 8.24 20.86 -36.89
C THR D 106 7.16 20.17 -36.04
N GLU D 107 6.27 19.45 -36.70
CA GLU D 107 5.23 18.74 -35.96
C GLU D 107 5.68 17.31 -35.70
N GLU D 108 5.20 16.72 -34.61
CA GLU D 108 5.55 15.35 -34.27
C GLU D 108 7.07 15.14 -34.23
N ARG D 109 7.76 16.02 -33.50
CA ARG D 109 9.21 15.94 -33.38
C ARG D 109 9.69 14.80 -32.51
N ILE D 110 10.99 14.52 -32.58
CA ILE D 110 11.60 13.47 -31.79
C ILE D 110 11.85 14.02 -30.39
N PRO D 111 11.47 13.25 -29.35
CA PRO D 111 11.65 13.66 -27.97
C PRO D 111 13.02 14.17 -27.60
N ASN D 112 13.07 14.82 -26.44
CA ASN D 112 14.30 15.36 -25.90
C ASN D 112 14.83 14.22 -25.04
N ASN D 113 16.14 14.11 -24.91
CA ASN D 113 16.73 13.04 -24.11
C ASN D 113 16.58 11.71 -24.82
N THR D 114 16.63 11.71 -26.15
CA THR D 114 16.51 10.47 -26.88
C THR D 114 17.80 9.68 -26.68
N GLN D 115 17.64 8.40 -26.31
CA GLN D 115 18.75 7.50 -26.05
C GLN D 115 19.40 6.88 -27.27
N TRP D 116 18.61 6.64 -28.31
CA TRP D 116 19.13 6.06 -29.54
C TRP D 116 18.09 6.21 -30.64
N ILE D 117 18.58 6.40 -31.87
CA ILE D 117 17.71 6.56 -33.01
C ILE D 117 18.45 6.11 -34.26
N THR D 118 17.71 5.52 -35.20
CA THR D 118 18.31 5.05 -36.44
C THR D 118 17.26 4.89 -37.54
N TRP D 119 17.67 5.16 -38.78
CA TRP D 119 16.78 5.00 -39.93
C TRP D 119 16.76 3.51 -40.21
N SER D 120 15.80 3.07 -41.03
CA SER D 120 15.73 1.67 -41.41
C SER D 120 16.78 1.55 -42.53
N PRO D 121 17.19 0.32 -42.88
CA PRO D 121 18.20 0.15 -43.94
C PRO D 121 17.77 0.69 -45.30
N VAL D 122 16.47 0.83 -45.50
CA VAL D 122 15.94 1.35 -46.75
C VAL D 122 14.82 2.33 -46.42
N GLY D 123 14.41 3.12 -47.41
CA GLY D 123 13.33 4.06 -47.19
C GLY D 123 13.68 5.13 -46.17
N HIS D 124 12.69 5.55 -45.38
CA HIS D 124 12.91 6.58 -44.38
C HIS D 124 12.15 6.39 -43.07
N LYS D 125 12.02 5.13 -42.63
CA LYS D 125 11.35 4.85 -41.35
C LYS D 125 12.37 5.23 -40.28
N LEU D 126 11.88 5.40 -39.06
CA LEU D 126 12.74 5.74 -37.92
C LEU D 126 12.33 4.93 -36.70
N ALA D 127 13.32 4.55 -35.89
CA ALA D 127 13.09 3.82 -34.65
C ALA D 127 13.96 4.51 -33.62
N TYR D 128 13.45 4.70 -32.42
CA TYR D 128 14.24 5.35 -31.38
C TYR D 128 13.82 4.91 -30.01
N VAL D 129 14.73 5.10 -29.06
CA VAL D 129 14.50 4.72 -27.67
C VAL D 129 14.50 5.98 -26.83
N TRP D 130 13.45 6.14 -26.02
CA TRP D 130 13.29 7.29 -25.18
C TRP D 130 12.67 6.78 -23.88
N ASN D 131 13.31 7.10 -22.76
CA ASN D 131 12.83 6.64 -21.44
C ASN D 131 12.75 5.12 -21.38
N ASN D 132 13.74 4.48 -21.99
CA ASN D 132 13.86 3.03 -22.03
C ASN D 132 12.80 2.28 -22.81
N ASP D 133 12.05 2.98 -23.65
CA ASP D 133 11.03 2.33 -24.49
C ASP D 133 11.33 2.61 -25.97
N ILE D 134 10.87 1.71 -26.82
CA ILE D 134 11.08 1.83 -28.27
C ILE D 134 9.87 2.48 -28.97
N TYR D 135 10.17 3.33 -29.95
CA TYR D 135 9.15 4.02 -30.74
C TYR D 135 9.51 3.89 -32.23
N VAL D 136 8.49 3.82 -33.08
CA VAL D 136 8.72 3.73 -34.52
C VAL D 136 7.93 4.82 -35.26
N LYS D 137 8.58 5.50 -36.18
CA LYS D 137 7.92 6.53 -36.98
C LYS D 137 8.05 6.15 -38.43
N ASN D 138 6.93 5.84 -39.08
CA ASN D 138 6.96 5.48 -40.48
C ASN D 138 7.22 6.70 -41.35
N GLU D 139 6.81 7.86 -40.88
CA GLU D 139 7.00 9.13 -41.60
C GLU D 139 7.50 10.22 -40.66
N PRO D 140 8.51 10.98 -41.08
CA PRO D 140 9.09 12.06 -40.27
C PRO D 140 8.07 13.04 -39.67
N ASN D 141 6.96 13.25 -40.38
CA ASN D 141 5.93 14.18 -39.91
C ASN D 141 4.75 13.51 -39.20
N LEU D 142 4.70 12.19 -39.21
CA LEU D 142 3.61 11.47 -38.56
C LEU D 142 3.96 11.07 -37.12
N SER D 143 2.93 10.79 -36.32
CA SER D 143 3.12 10.40 -34.93
C SER D 143 3.82 9.05 -34.79
N SER D 144 4.74 8.97 -33.84
CA SER D 144 5.47 7.73 -33.62
C SER D 144 4.55 6.76 -32.90
N GLN D 145 4.85 5.48 -33.02
CA GLN D 145 4.07 4.40 -32.40
C GLN D 145 4.88 3.75 -31.30
N ARG D 146 4.34 3.66 -30.09
CA ARG D 146 5.08 3.04 -28.99
C ARG D 146 5.07 1.52 -29.13
N ILE D 147 6.26 0.92 -29.06
CA ILE D 147 6.45 -0.52 -29.20
C ILE D 147 6.51 -1.29 -27.89
N THR D 148 7.06 -0.67 -26.85
CA THR D 148 7.18 -1.32 -25.54
C THR D 148 6.68 -0.43 -24.42
N TRP D 149 6.19 -1.03 -23.34
CA TRP D 149 5.65 -0.26 -22.23
C TRP D 149 6.34 -0.56 -20.90
N THR D 150 7.29 -1.49 -20.93
CA THR D 150 7.99 -1.87 -19.72
C THR D 150 9.17 -1.00 -19.28
N GLY D 151 9.60 -0.08 -20.13
CA GLY D 151 10.71 0.78 -19.80
C GLY D 151 10.66 1.34 -18.38
N LYS D 152 11.79 1.28 -17.68
CA LYS D 152 11.85 1.78 -16.30
C LYS D 152 13.29 2.06 -15.90
N GLU D 153 13.55 3.27 -15.44
CA GLU D 153 14.89 3.67 -15.04
C GLU D 153 15.57 2.68 -14.11
N ASN D 154 16.79 2.27 -14.48
CA ASN D 154 17.61 1.35 -13.70
C ASN D 154 17.01 -0.04 -13.48
N VAL D 155 15.99 -0.38 -14.26
CA VAL D 155 15.38 -1.69 -14.10
C VAL D 155 15.14 -2.42 -15.42
N ILE D 156 14.36 -1.82 -16.31
CA ILE D 156 14.09 -2.46 -17.60
C ILE D 156 14.58 -1.61 -18.74
N TYR D 157 15.34 -2.20 -19.64
CA TYR D 157 15.86 -1.49 -20.80
C TYR D 157 15.38 -2.14 -22.11
N ASN D 158 14.68 -1.37 -22.94
CA ASN D 158 14.19 -1.88 -24.22
C ASN D 158 14.88 -1.12 -25.35
N GLY D 159 15.69 -1.82 -26.15
CA GLY D 159 16.34 -1.17 -27.26
C GLY D 159 17.72 -0.61 -27.02
N VAL D 160 18.12 -0.56 -25.75
CA VAL D 160 19.45 -0.08 -25.38
C VAL D 160 19.97 -0.98 -24.29
N THR D 161 21.29 -1.07 -24.18
CA THR D 161 21.95 -1.92 -23.17
C THR D 161 22.01 -1.33 -21.77
N ASP D 162 22.19 -2.18 -20.76
CA ASP D 162 22.33 -1.72 -19.38
C ASP D 162 23.83 -1.42 -19.25
N TRP D 163 24.32 -1.12 -18.05
CA TRP D 163 25.76 -0.79 -17.92
C TRP D 163 26.74 -1.85 -18.39
N VAL D 164 26.55 -3.09 -17.93
CA VAL D 164 27.48 -4.17 -18.26
C VAL D 164 27.46 -4.66 -19.71
N TYR D 165 26.31 -4.61 -20.36
CA TYR D 165 26.23 -5.04 -21.75
C TYR D 165 26.88 -3.99 -22.63
N GLU D 166 26.76 -2.74 -22.22
CA GLU D 166 27.35 -1.65 -22.98
C GLU D 166 28.87 -1.74 -22.97
N GLU D 167 29.41 -1.90 -21.77
CA GLU D 167 30.85 -1.98 -21.58
C GLU D 167 31.54 -3.28 -21.98
N GLU D 168 30.95 -4.43 -21.62
CA GLU D 168 31.60 -5.70 -21.88
C GLU D 168 31.12 -6.61 -22.99
N VAL D 169 29.84 -6.51 -23.36
CA VAL D 169 29.29 -7.38 -24.40
C VAL D 169 29.09 -6.77 -25.78
N PHE D 170 28.31 -5.70 -25.88
CA PHE D 170 28.04 -5.06 -27.17
C PHE D 170 29.05 -3.97 -27.57
N SER D 171 29.71 -3.37 -26.58
CA SER D 171 30.63 -2.28 -26.89
C SER D 171 29.83 -1.22 -27.63
N ALA D 172 28.56 -1.10 -27.24
CA ALA D 172 27.64 -0.14 -27.84
C ALA D 172 26.45 0.03 -26.89
N TYR D 173 25.69 1.10 -27.09
CA TYR D 173 24.52 1.39 -26.26
C TYR D 173 23.31 0.82 -26.97
N SER D 174 23.42 0.76 -28.29
CA SER D 174 22.38 0.26 -29.17
C SER D 174 22.03 -1.22 -28.97
N ALA D 175 20.72 -1.51 -29.05
CA ALA D 175 20.21 -2.87 -28.93
C ALA D 175 18.99 -3.01 -29.86
N LEU D 176 19.06 -2.36 -31.03
CA LEU D 176 18.01 -2.38 -32.04
C LEU D 176 18.62 -2.84 -33.36
N TRP D 177 17.89 -3.63 -34.13
CA TRP D 177 18.38 -4.14 -35.41
C TRP D 177 17.28 -4.28 -36.45
N TRP D 178 17.22 -3.35 -37.40
CA TRP D 178 16.25 -3.41 -38.48
C TRP D 178 16.64 -4.54 -39.43
N SER D 179 15.64 -5.16 -40.07
CA SER D 179 15.94 -6.22 -41.04
C SER D 179 16.34 -5.47 -42.32
N PRO D 180 17.03 -6.16 -43.25
CA PRO D 180 17.47 -5.55 -44.51
C PRO D 180 16.49 -4.68 -45.29
N ASN D 181 15.23 -5.09 -45.38
CA ASN D 181 14.25 -4.31 -46.13
C ASN D 181 13.21 -3.62 -45.24
N GLY D 182 13.59 -3.41 -43.97
CA GLY D 182 12.72 -2.71 -43.03
C GLY D 182 11.45 -3.37 -42.55
N THR D 183 11.26 -4.65 -42.87
CA THR D 183 10.04 -5.36 -42.44
C THR D 183 10.02 -5.61 -40.94
N PHE D 184 11.13 -6.12 -40.43
CA PHE D 184 11.22 -6.43 -39.01
C PHE D 184 12.17 -5.52 -38.24
N LEU D 185 11.84 -5.34 -36.96
CA LEU D 185 12.67 -4.57 -36.06
C LEU D 185 12.95 -5.49 -34.88
N ALA D 186 14.20 -5.92 -34.74
CA ALA D 186 14.58 -6.79 -33.64
C ALA D 186 15.19 -5.95 -32.53
N TYR D 187 14.99 -6.36 -31.29
CA TYR D 187 15.55 -5.63 -30.15
C TYR D 187 15.74 -6.56 -28.96
N ALA D 188 16.61 -6.15 -28.05
CA ALA D 188 16.86 -6.93 -26.85
C ALA D 188 16.28 -6.16 -25.68
N GLN D 189 15.82 -6.88 -24.65
CA GLN D 189 15.29 -6.25 -23.45
C GLN D 189 16.15 -6.75 -22.29
N PHE D 190 16.61 -5.82 -21.46
CA PHE D 190 17.45 -6.18 -20.32
C PHE D 190 16.74 -5.90 -18.99
N ASN D 191 16.76 -6.89 -18.09
CA ASN D 191 16.13 -6.74 -16.79
C ASN D 191 17.21 -6.70 -15.72
N ASP D 192 17.32 -5.58 -15.02
CA ASP D 192 18.32 -5.42 -13.97
C ASP D 192 17.75 -5.44 -12.58
N THR D 193 16.52 -5.93 -12.45
CA THR D 193 15.84 -5.98 -11.17
C THR D 193 16.69 -6.51 -10.03
N GLU D 194 17.38 -7.63 -10.24
CA GLU D 194 18.17 -8.23 -9.19
C GLU D 194 19.66 -7.91 -9.13
N VAL D 195 20.11 -6.96 -9.95
CA VAL D 195 21.51 -6.56 -9.97
C VAL D 195 21.77 -5.53 -8.86
N PRO D 196 22.76 -5.77 -8.00
CA PRO D 196 23.05 -4.82 -6.92
C PRO D 196 23.48 -3.48 -7.48
N LEU D 197 23.27 -2.41 -6.72
CA LEU D 197 23.62 -1.08 -7.16
C LEU D 197 24.95 -0.55 -6.59
N ILE D 198 25.76 0.06 -7.47
CA ILE D 198 27.00 0.68 -7.05
C ILE D 198 26.56 2.13 -6.86
N GLU D 199 26.99 2.76 -5.77
CA GLU D 199 26.60 4.15 -5.54
C GLU D 199 27.82 4.99 -5.22
N TYR D 200 27.80 6.23 -5.69
CA TYR D 200 28.89 7.17 -5.42
C TYR D 200 28.34 8.59 -5.49
N SER D 201 29.06 9.53 -4.87
CA SER D 201 28.62 10.92 -4.85
C SER D 201 29.10 11.70 -6.05
N PHE D 202 28.23 12.56 -6.57
CA PHE D 202 28.56 13.43 -7.68
C PHE D 202 28.34 14.83 -7.11
N TYR D 203 29.41 15.61 -7.02
CA TYR D 203 29.31 16.95 -6.41
C TYR D 203 28.73 18.03 -7.31
N SER D 204 28.92 17.88 -8.61
CA SER D 204 28.37 18.85 -9.54
C SER D 204 28.95 20.24 -9.39
N ASP D 205 28.27 21.22 -9.95
CA ASP D 205 28.70 22.61 -9.90
C ASP D 205 28.77 23.13 -8.47
N GLU D 206 29.76 23.97 -8.21
CA GLU D 206 29.99 24.55 -6.89
C GLU D 206 28.72 25.08 -6.21
N SER D 207 27.72 25.45 -7.00
CA SER D 207 26.47 26.00 -6.47
C SER D 207 25.49 24.98 -5.89
N LEU D 208 25.73 23.70 -6.11
CA LEU D 208 24.86 22.64 -5.58
C LEU D 208 25.19 22.48 -4.09
N GLN D 209 24.23 22.77 -3.22
CA GLN D 209 24.48 22.69 -1.79
C GLN D 209 24.68 21.27 -1.27
N TYR D 210 23.91 20.32 -1.78
CA TYR D 210 24.04 18.93 -1.36
C TYR D 210 24.47 18.05 -2.54
N PRO D 211 25.48 17.19 -2.33
CA PRO D 211 25.95 16.29 -3.38
C PRO D 211 24.84 15.32 -3.72
N LYS D 212 24.76 14.87 -4.97
CA LYS D 212 23.73 13.90 -5.31
C LYS D 212 24.37 12.52 -5.39
N THR D 213 23.57 11.47 -5.17
CA THR D 213 24.10 10.11 -5.23
C THR D 213 23.73 9.42 -6.55
N VAL D 214 24.73 9.04 -7.34
CA VAL D 214 24.48 8.34 -8.59
C VAL D 214 24.32 6.85 -8.26
N ARG D 215 23.35 6.20 -8.91
CA ARG D 215 23.10 4.78 -8.67
C ARG D 215 23.06 4.01 -9.98
N ILE D 216 23.88 2.97 -10.08
CA ILE D 216 23.94 2.18 -11.30
C ILE D 216 23.86 0.69 -11.01
N PRO D 217 22.98 -0.04 -11.74
CA PRO D 217 22.88 -1.49 -11.52
C PRO D 217 24.17 -2.05 -12.15
N TYR D 218 25.12 -2.42 -11.30
CA TYR D 218 26.42 -2.90 -11.77
C TYR D 218 26.72 -4.24 -11.11
N PRO D 219 26.90 -5.30 -11.90
CA PRO D 219 27.20 -6.61 -11.32
C PRO D 219 28.69 -6.85 -11.15
N LYS D 220 29.11 -7.05 -9.90
CA LYS D 220 30.52 -7.33 -9.64
C LYS D 220 30.73 -8.86 -9.72
N ALA D 221 31.98 -9.29 -9.81
CA ALA D 221 32.30 -10.71 -9.91
C ALA D 221 31.42 -11.61 -9.04
N GLY D 222 30.77 -12.59 -9.68
CA GLY D 222 29.94 -13.53 -8.95
C GLY D 222 28.57 -13.02 -8.52
N ALA D 223 28.27 -11.76 -8.77
CA ALA D 223 26.98 -11.22 -8.37
C ALA D 223 25.86 -11.60 -9.35
N GLU D 224 24.65 -11.22 -9.00
CA GLU D 224 23.48 -11.49 -9.83
C GLU D 224 23.59 -10.65 -11.11
N ASN D 225 23.48 -11.30 -12.26
CA ASN D 225 23.56 -10.62 -13.55
C ASN D 225 22.21 -10.23 -14.14
N PRO D 226 22.22 -9.32 -15.13
CA PRO D 226 20.94 -8.94 -15.74
C PRO D 226 20.46 -10.05 -16.68
N THR D 227 19.16 -10.27 -16.75
CA THR D 227 18.66 -11.28 -17.66
C THR D 227 18.33 -10.58 -18.96
N VAL D 228 18.13 -11.33 -20.04
CA VAL D 228 17.84 -10.72 -21.31
C VAL D 228 16.81 -11.50 -22.11
N LYS D 229 16.12 -10.80 -23.01
CA LYS D 229 15.11 -11.41 -23.88
C LYS D 229 15.32 -10.80 -25.25
N PHE D 230 15.02 -11.57 -26.30
CA PHE D 230 15.18 -11.07 -27.66
C PHE D 230 13.83 -11.16 -28.40
N PHE D 231 13.43 -10.06 -29.03
CA PHE D 231 12.16 -10.01 -29.75
C PHE D 231 12.30 -9.54 -31.20
N VAL D 232 11.46 -10.08 -32.06
CA VAL D 232 11.45 -9.65 -33.46
C VAL D 232 10.04 -9.07 -33.68
N VAL D 233 9.97 -7.77 -33.90
CA VAL D 233 8.70 -7.07 -34.14
C VAL D 233 8.44 -6.93 -35.64
N ASP D 234 7.24 -7.32 -36.06
CA ASP D 234 6.84 -7.19 -37.47
C ASP D 234 6.25 -5.79 -37.59
N THR D 235 6.97 -4.88 -38.24
CA THR D 235 6.49 -3.50 -38.36
C THR D 235 5.36 -3.27 -39.34
N ARG D 236 5.08 -4.25 -40.19
CA ARG D 236 4.03 -4.11 -41.20
C ARG D 236 2.65 -3.81 -40.59
N THR D 237 2.37 -4.39 -39.43
CA THR D 237 1.08 -4.18 -38.79
C THR D 237 1.02 -3.04 -37.78
N LEU D 238 2.12 -2.30 -37.62
CA LEU D 238 2.13 -1.20 -36.67
C LEU D 238 1.09 -0.16 -37.07
N SER D 239 0.15 0.10 -36.18
CA SER D 239 -0.90 1.07 -36.43
C SER D 239 -1.40 1.57 -35.09
N PRO D 240 -1.85 2.84 -35.03
CA PRO D 240 -2.35 3.39 -33.76
C PRO D 240 -3.42 2.58 -33.02
N ASN D 241 -4.27 1.87 -33.74
CA ASN D 241 -5.31 1.07 -33.07
C ASN D 241 -5.08 -0.43 -33.13
N ALA D 242 -3.83 -0.83 -33.33
CA ALA D 242 -3.47 -2.25 -33.39
C ALA D 242 -2.44 -2.54 -32.32
N SER D 243 -2.38 -3.79 -31.90
CA SER D 243 -1.40 -4.21 -30.91
C SER D 243 -0.07 -4.43 -31.64
N VAL D 244 0.97 -4.77 -30.89
CA VAL D 244 2.27 -4.99 -31.50
C VAL D 244 2.44 -6.46 -31.82
N THR D 245 2.79 -6.77 -33.05
CA THR D 245 3.00 -8.15 -33.45
C THR D 245 4.49 -8.47 -33.27
N SER D 246 4.82 -9.28 -32.27
CA SER D 246 6.21 -9.64 -32.07
C SER D 246 6.36 -11.09 -31.62
N TYR D 247 7.55 -11.63 -31.85
CA TYR D 247 7.83 -13.01 -31.48
C TYR D 247 9.08 -13.03 -30.63
N GLN D 248 9.10 -13.89 -29.62
CA GLN D 248 10.27 -13.97 -28.74
C GLN D 248 11.10 -15.19 -29.08
N ILE D 249 12.35 -14.95 -29.42
CA ILE D 249 13.28 -16.04 -29.74
C ILE D 249 14.11 -16.33 -28.48
N VAL D 250 14.03 -17.57 -28.00
CA VAL D 250 14.77 -17.98 -26.81
C VAL D 250 16.05 -18.70 -27.23
N PRO D 251 17.05 -18.73 -26.35
CA PRO D 251 18.30 -19.40 -26.72
C PRO D 251 18.19 -20.94 -26.76
N PRO D 252 19.15 -21.61 -27.42
CA PRO D 252 19.12 -23.07 -27.51
C PRO D 252 19.20 -23.65 -26.10
N ALA D 253 18.67 -24.87 -25.92
CA ALA D 253 18.67 -25.51 -24.62
C ALA D 253 20.05 -25.57 -23.96
N SER D 254 21.09 -25.84 -24.75
CA SER D 254 22.44 -25.93 -24.19
C SER D 254 22.91 -24.66 -23.48
N VAL D 255 22.16 -23.58 -23.67
CA VAL D 255 22.48 -22.29 -23.07
C VAL D 255 21.48 -21.91 -21.96
N LEU D 256 20.23 -22.35 -22.10
CA LEU D 256 19.19 -22.07 -21.11
C LEU D 256 19.49 -22.74 -19.77
N ILE D 257 20.40 -23.71 -19.77
CA ILE D 257 20.78 -24.41 -18.54
C ILE D 257 20.97 -23.44 -17.38
N GLY D 258 21.88 -22.49 -17.56
CA GLY D 258 22.15 -21.51 -16.52
C GLY D 258 22.18 -20.09 -17.06
N ASP D 259 22.87 -19.20 -16.36
CA ASP D 259 22.97 -17.81 -16.78
C ASP D 259 23.69 -17.75 -18.13
N HIS D 260 23.31 -16.79 -18.95
CA HIS D 260 23.93 -16.64 -20.26
C HIS D 260 23.86 -15.19 -20.70
N TYR D 261 24.44 -14.90 -21.87
CA TYR D 261 24.43 -13.57 -22.45
C TYR D 261 24.11 -13.68 -23.94
N LEU D 262 23.62 -12.57 -24.49
CA LEU D 262 23.33 -12.46 -25.91
C LEU D 262 24.53 -11.62 -26.34
N CYS D 263 25.40 -12.15 -27.18
CA CYS D 263 26.55 -11.36 -27.58
C CYS D 263 26.58 -10.95 -29.05
N GLY D 264 25.59 -11.36 -29.83
CA GLY D 264 25.61 -10.98 -31.23
C GLY D 264 24.34 -11.20 -32.00
N VAL D 265 24.02 -10.23 -32.87
CA VAL D 265 22.83 -10.30 -33.72
C VAL D 265 23.25 -9.95 -35.15
N THR D 266 22.82 -10.77 -36.11
CA THR D 266 23.14 -10.52 -37.51
C THR D 266 21.99 -10.93 -38.43
N TRP D 267 21.48 -9.99 -39.21
CA TRP D 267 20.41 -10.33 -40.14
C TRP D 267 21.07 -10.98 -41.37
N VAL D 268 20.50 -12.10 -41.81
CA VAL D 268 21.05 -12.82 -42.97
C VAL D 268 20.25 -12.42 -44.21
N THR D 269 18.92 -12.52 -44.10
CA THR D 269 17.99 -12.13 -45.16
C THR D 269 16.75 -11.63 -44.42
N GLU D 270 15.71 -11.23 -45.17
CA GLU D 270 14.48 -10.73 -44.54
C GLU D 270 13.76 -11.81 -43.77
N GLU D 271 14.16 -13.06 -43.95
CA GLU D 271 13.49 -14.13 -43.24
C GLU D 271 14.44 -15.05 -42.52
N ARG D 272 15.67 -14.57 -42.32
CA ARG D 272 16.66 -15.35 -41.61
C ARG D 272 17.55 -14.47 -40.73
N ILE D 273 17.51 -14.72 -39.42
CA ILE D 273 18.30 -13.96 -38.46
C ILE D 273 19.25 -14.90 -37.69
N SER D 274 20.46 -14.40 -37.42
CA SER D 274 21.49 -15.17 -36.71
C SER D 274 21.76 -14.60 -35.30
N LEU D 275 21.58 -15.43 -34.28
CA LEU D 275 21.83 -14.99 -32.91
C LEU D 275 22.99 -15.79 -32.30
N GLN D 276 23.89 -15.11 -31.61
CA GLN D 276 25.04 -15.76 -30.98
C GLN D 276 24.91 -15.59 -29.47
N TRP D 277 24.81 -16.71 -28.76
CA TRP D 277 24.69 -16.72 -27.31
C TRP D 277 25.93 -17.36 -26.71
N ILE D 278 26.23 -17.02 -25.46
CA ILE D 278 27.37 -17.59 -24.77
C ILE D 278 26.97 -17.82 -23.32
N ARG D 279 27.51 -18.87 -22.70
CA ARG D 279 27.21 -19.18 -21.31
C ARG D 279 27.91 -18.18 -20.39
N ARG D 280 27.44 -18.05 -19.16
CA ARG D 280 28.08 -17.12 -18.24
C ARG D 280 29.57 -17.44 -18.11
N ALA D 281 29.91 -18.72 -18.11
CA ALA D 281 31.32 -19.13 -18.01
C ALA D 281 32.15 -18.56 -19.17
N GLN D 282 31.55 -18.45 -20.34
CA GLN D 282 32.19 -17.88 -21.54
C GLN D 282 33.24 -18.73 -22.22
N ASN D 283 33.06 -20.05 -22.13
CA ASN D 283 33.96 -21.00 -22.77
C ASN D 283 33.09 -21.89 -23.67
N TYR D 284 31.83 -21.47 -23.82
CA TYR D 284 30.84 -22.18 -24.64
C TYR D 284 29.87 -21.19 -25.28
N SER D 285 29.95 -21.04 -26.59
CA SER D 285 29.04 -20.15 -27.29
C SER D 285 28.35 -20.94 -28.41
N ILE D 286 27.23 -20.42 -28.88
CA ILE D 286 26.49 -21.10 -29.95
C ILE D 286 25.77 -20.10 -30.82
N ILE D 287 25.77 -20.38 -32.12
CA ILE D 287 25.10 -19.54 -33.10
C ILE D 287 23.81 -20.25 -33.48
N ASP D 288 22.68 -19.54 -33.37
CA ASP D 288 21.38 -20.09 -33.71
C ASP D 288 20.84 -19.26 -34.87
N ILE D 289 20.60 -19.92 -36.00
CA ILE D 289 20.09 -19.27 -37.21
C ILE D 289 18.60 -19.58 -37.37
N CYS D 290 17.76 -18.57 -37.13
CA CYS D 290 16.31 -18.74 -37.17
C CYS D 290 15.63 -18.29 -38.46
N ASP D 291 14.74 -19.14 -38.97
CA ASP D 291 14.00 -18.85 -40.19
C ASP D 291 12.57 -18.43 -39.91
N TYR D 292 12.11 -17.42 -40.63
CA TYR D 292 10.76 -16.90 -40.47
C TYR D 292 9.73 -17.83 -41.14
N ASP D 293 8.71 -18.24 -40.40
CA ASP D 293 7.64 -19.09 -40.92
C ASP D 293 6.51 -18.16 -41.31
N GLU D 294 6.36 -17.95 -42.62
CA GLU D 294 5.34 -17.04 -43.14
C GLU D 294 3.89 -17.33 -42.80
N SER D 295 3.56 -18.56 -42.41
CA SER D 295 2.18 -18.89 -42.12
C SER D 295 1.80 -18.82 -40.64
N THR D 296 2.78 -18.53 -39.78
CA THR D 296 2.53 -18.43 -38.34
C THR D 296 3.21 -17.22 -37.71
N GLY D 297 4.15 -16.62 -38.43
CA GLY D 297 4.85 -15.46 -37.91
C GLY D 297 5.93 -15.82 -36.91
N ARG D 298 6.17 -17.11 -36.75
CA ARG D 298 7.18 -17.58 -35.82
C ARG D 298 8.57 -17.60 -36.44
N TRP D 299 9.57 -17.51 -35.57
CA TRP D 299 10.96 -17.59 -36.01
C TRP D 299 11.46 -18.94 -35.45
N ILE D 300 11.60 -19.90 -36.35
CA ILE D 300 11.98 -21.26 -36.02
C ILE D 300 13.46 -21.59 -36.14
N SER D 301 13.95 -22.38 -35.19
CA SER D 301 15.35 -22.78 -35.23
C SER D 301 15.42 -24.32 -35.29
N SER D 302 16.53 -24.83 -35.80
CA SER D 302 16.73 -26.27 -35.89
C SER D 302 18.15 -26.59 -35.49
N VAL D 303 18.32 -27.79 -34.92
CA VAL D 303 19.63 -28.27 -34.48
C VAL D 303 20.62 -28.28 -35.63
N ALA D 304 20.13 -28.42 -36.86
CA ALA D 304 21.00 -28.46 -38.02
C ALA D 304 21.62 -27.09 -38.29
N ARG D 305 20.90 -26.03 -37.93
CA ARG D 305 21.42 -24.68 -38.16
C ARG D 305 22.10 -24.09 -36.93
N GLN D 306 22.50 -24.95 -35.99
CA GLN D 306 23.17 -24.46 -34.80
C GLN D 306 24.66 -24.81 -34.87
N HIS D 307 25.51 -23.85 -34.47
CA HIS D 307 26.95 -24.05 -34.50
C HIS D 307 27.61 -23.74 -33.18
N ILE D 308 28.17 -24.77 -32.57
CA ILE D 308 28.84 -24.65 -31.28
C ILE D 308 30.32 -24.31 -31.40
N GLU D 309 30.79 -23.50 -30.46
CA GLU D 309 32.19 -23.10 -30.42
C GLU D 309 32.61 -23.08 -28.96
N ILE D 310 33.56 -23.93 -28.60
CA ILE D 310 34.01 -23.99 -27.21
C ILE D 310 35.50 -23.81 -27.09
N SER D 311 35.94 -23.59 -25.85
CA SER D 311 37.35 -23.43 -25.55
C SER D 311 37.62 -24.28 -24.32
N THR D 312 38.68 -25.07 -24.39
CA THR D 312 39.05 -25.93 -23.29
C THR D 312 40.21 -25.37 -22.48
N THR D 313 40.93 -24.41 -23.07
CA THR D 313 42.07 -23.80 -22.40
C THR D 313 41.81 -22.38 -21.91
N GLY D 314 40.62 -21.87 -22.15
CA GLY D 314 40.29 -20.53 -21.70
C GLY D 314 38.90 -20.10 -22.09
N TRP D 315 38.79 -18.94 -22.75
CA TRP D 315 37.52 -18.40 -23.18
C TRP D 315 37.42 -18.37 -24.70
N VAL D 316 36.20 -18.19 -25.21
CA VAL D 316 35.96 -18.15 -26.66
C VAL D 316 36.19 -16.75 -27.23
N GLY D 317 36.85 -16.70 -28.39
CA GLY D 317 37.14 -15.43 -29.04
C GLY D 317 38.16 -14.59 -28.29
N ARG D 318 38.30 -13.32 -28.68
CA ARG D 318 39.25 -12.40 -28.04
C ARG D 318 38.63 -11.74 -26.79
N PHE D 319 37.63 -10.91 -26.99
CA PHE D 319 36.92 -10.26 -25.89
C PHE D 319 35.51 -10.85 -25.90
N ARG D 320 35.15 -11.41 -27.04
CA ARG D 320 33.84 -12.03 -27.26
C ARG D 320 33.99 -12.86 -28.52
N PRO D 321 33.09 -13.83 -28.74
CA PRO D 321 33.22 -14.63 -29.97
C PRO D 321 33.12 -13.75 -31.22
N ALA D 322 33.83 -14.14 -32.27
CA ALA D 322 33.81 -13.39 -33.53
C ALA D 322 32.43 -13.50 -34.21
N GLU D 323 32.09 -12.49 -35.00
CA GLU D 323 30.81 -12.44 -35.69
C GLU D 323 30.79 -13.21 -37.00
N PRO D 324 29.65 -13.83 -37.32
CA PRO D 324 29.61 -14.57 -38.59
C PRO D 324 29.33 -13.59 -39.72
N HIS D 325 29.86 -13.89 -40.91
CA HIS D 325 29.64 -13.07 -42.10
C HIS D 325 28.96 -13.97 -43.14
N PHE D 326 27.67 -13.75 -43.35
CA PHE D 326 26.91 -14.56 -44.29
C PHE D 326 27.00 -14.14 -45.74
N THR D 327 26.74 -15.09 -46.63
CA THR D 327 26.72 -14.84 -48.07
C THR D 327 25.34 -14.25 -48.33
N SER D 328 25.15 -13.61 -49.49
CA SER D 328 23.85 -13.02 -49.83
C SER D 328 22.68 -14.01 -49.71
N ASP D 329 22.87 -15.22 -50.21
CA ASP D 329 21.84 -16.26 -50.14
C ASP D 329 21.60 -16.72 -48.70
N GLY D 330 22.62 -16.61 -47.85
CA GLY D 330 22.50 -17.01 -46.46
C GLY D 330 22.66 -18.51 -46.25
N ASN D 331 23.16 -19.21 -47.26
CA ASN D 331 23.35 -20.64 -47.15
C ASN D 331 24.69 -21.04 -46.55
N SER D 332 25.58 -20.06 -46.41
CA SER D 332 26.88 -20.30 -45.80
C SER D 332 27.44 -19.02 -45.20
N PHE D 333 28.42 -19.16 -44.30
CA PHE D 333 29.03 -17.98 -43.68
C PHE D 333 30.50 -18.22 -43.37
N TYR D 334 31.23 -17.13 -43.19
CA TYR D 334 32.65 -17.20 -42.85
C TYR D 334 32.82 -16.58 -41.48
N LYS D 335 33.61 -17.22 -40.63
CA LYS D 335 33.82 -16.72 -39.28
C LYS D 335 35.18 -17.11 -38.71
N ILE D 336 35.80 -16.16 -38.02
CA ILE D 336 37.10 -16.37 -37.41
C ILE D 336 36.98 -17.22 -36.15
N ILE D 337 37.78 -18.28 -36.07
CA ILE D 337 37.81 -19.16 -34.91
C ILE D 337 39.26 -19.65 -34.76
N SER D 338 39.57 -20.26 -33.62
CA SER D 338 40.91 -20.80 -33.37
C SER D 338 41.11 -22.13 -34.09
N ASN D 339 42.20 -22.27 -34.83
CA ASN D 339 42.47 -23.52 -35.52
C ASN D 339 43.20 -24.49 -34.60
N GLU D 340 43.65 -25.62 -35.16
CA GLU D 340 44.34 -26.67 -34.42
C GLU D 340 45.56 -26.17 -33.65
N GLU D 341 46.30 -25.23 -34.22
CA GLU D 341 47.51 -24.69 -33.60
C GLU D 341 47.28 -23.53 -32.62
N GLY D 342 46.03 -23.11 -32.45
CA GLY D 342 45.76 -22.02 -31.53
C GLY D 342 45.77 -20.63 -32.17
N TYR D 343 45.90 -20.57 -33.48
CA TYR D 343 45.89 -19.29 -34.17
C TYR D 343 44.49 -19.07 -34.75
N LYS D 344 44.05 -17.81 -34.73
CA LYS D 344 42.74 -17.47 -35.25
C LYS D 344 42.73 -17.21 -36.75
N HIS D 345 41.95 -18.02 -37.45
CA HIS D 345 41.82 -17.93 -38.91
C HIS D 345 40.35 -18.02 -39.33
N ILE D 346 40.11 -17.75 -40.61
CA ILE D 346 38.75 -17.76 -41.17
C ILE D 346 38.29 -19.17 -41.54
N CYS D 347 37.15 -19.59 -41.00
CA CYS D 347 36.62 -20.91 -41.33
C CYS D 347 35.33 -20.71 -42.13
N HIS D 348 35.16 -21.53 -43.17
CA HIS D 348 33.97 -21.47 -44.02
C HIS D 348 32.92 -22.46 -43.49
N PHE D 349 31.76 -21.95 -43.11
CA PHE D 349 30.69 -22.79 -42.60
C PHE D 349 29.50 -22.91 -43.54
N GLN D 350 28.81 -24.03 -43.47
CA GLN D 350 27.63 -24.25 -44.27
C GLN D 350 26.54 -24.06 -43.22
N THR D 351 25.55 -23.23 -43.51
CA THR D 351 24.49 -22.95 -42.56
C THR D 351 23.84 -24.18 -41.90
N ASP D 352 23.63 -25.26 -42.65
CA ASP D 352 23.02 -26.45 -42.06
C ASP D 352 23.94 -27.67 -41.85
N LYS D 353 25.24 -27.45 -41.78
CA LYS D 353 26.21 -28.52 -41.55
C LYS D 353 27.14 -28.08 -40.41
N SER D 354 27.60 -29.03 -39.60
CA SER D 354 28.46 -28.66 -38.47
C SER D 354 29.97 -28.56 -38.75
N ASN D 355 30.43 -29.12 -39.87
CA ASN D 355 31.85 -29.08 -40.23
C ASN D 355 32.24 -27.82 -41.00
N CYS D 356 33.39 -27.22 -40.69
CA CYS D 356 33.82 -26.05 -41.46
C CYS D 356 35.17 -26.30 -42.08
N THR D 357 35.57 -25.43 -43.01
CA THR D 357 36.85 -25.57 -43.69
C THR D 357 37.66 -24.28 -43.58
N PHE D 358 38.86 -24.38 -43.01
CA PHE D 358 39.72 -23.22 -42.86
C PHE D 358 40.20 -22.77 -44.24
N ILE D 359 40.16 -21.47 -44.50
CA ILE D 359 40.59 -20.94 -45.77
C ILE D 359 41.88 -20.14 -45.63
N THR D 360 42.35 -20.01 -44.39
CA THR D 360 43.60 -19.31 -44.08
C THR D 360 44.27 -20.08 -42.95
N LYS D 361 45.60 -20.03 -42.91
CA LYS D 361 46.37 -20.72 -41.88
C LYS D 361 47.77 -20.09 -41.74
N GLY D 362 48.44 -20.41 -40.64
CA GLY D 362 49.77 -19.86 -40.39
C GLY D 362 49.97 -19.39 -38.96
N ALA D 363 51.21 -19.02 -38.64
CA ALA D 363 51.56 -18.56 -37.30
C ALA D 363 51.39 -17.05 -37.23
N TRP D 364 50.17 -16.61 -37.52
CA TRP D 364 49.77 -15.21 -37.50
C TRP D 364 48.26 -15.26 -37.37
N GLU D 365 47.60 -14.12 -37.24
CA GLU D 365 46.15 -14.17 -37.06
C GLU D 365 45.36 -13.20 -37.93
N VAL D 366 44.11 -13.57 -38.18
CA VAL D 366 43.19 -12.73 -38.93
C VAL D 366 42.54 -11.86 -37.85
N ILE D 367 42.58 -10.54 -38.05
CA ILE D 367 42.00 -9.60 -37.11
C ILE D 367 40.49 -9.53 -37.29
N GLY D 368 40.07 -9.48 -38.54
CA GLY D 368 38.65 -9.41 -38.82
C GLY D 368 38.31 -9.46 -40.30
N ILE D 369 37.10 -9.88 -40.60
CA ILE D 369 36.62 -9.98 -41.97
C ILE D 369 35.99 -8.62 -42.28
N GLU D 370 36.49 -7.96 -43.33
CA GLU D 370 35.99 -6.63 -43.70
C GLU D 370 34.86 -6.55 -44.72
N ALA D 371 34.89 -7.41 -45.75
CA ALA D 371 33.85 -7.39 -46.75
C ALA D 371 33.71 -8.76 -47.39
N LEU D 372 32.58 -9.00 -48.06
CA LEU D 372 32.35 -10.28 -48.69
C LEU D 372 31.47 -10.18 -49.92
N THR D 373 32.02 -10.59 -51.06
CA THR D 373 31.25 -10.60 -52.32
C THR D 373 31.15 -12.07 -52.72
N SER D 374 30.48 -12.35 -53.82
CA SER D 374 30.35 -13.75 -54.23
C SER D 374 31.69 -14.31 -54.76
N ASP D 375 32.63 -13.42 -55.05
CA ASP D 375 33.92 -13.86 -55.58
C ASP D 375 35.10 -13.73 -54.61
N TYR D 376 35.09 -12.71 -53.75
CA TYR D 376 36.19 -12.52 -52.82
C TYR D 376 35.79 -12.25 -51.39
N LEU D 377 36.78 -12.36 -50.51
CA LEU D 377 36.59 -12.09 -49.10
C LEU D 377 37.77 -11.22 -48.71
N TYR D 378 37.49 -10.05 -48.16
CA TYR D 378 38.53 -9.12 -47.72
C TYR D 378 38.65 -9.23 -46.21
N TYR D 379 39.88 -9.21 -45.72
CA TYR D 379 40.10 -9.29 -44.29
C TYR D 379 41.38 -8.57 -43.89
N ILE D 380 41.59 -8.45 -42.58
CA ILE D 380 42.78 -7.80 -42.07
C ILE D 380 43.54 -8.78 -41.18
N SER D 381 44.84 -8.86 -41.37
CA SER D 381 45.68 -9.75 -40.57
C SER D 381 47.03 -9.10 -40.26
N ASN D 382 47.80 -9.74 -39.40
CA ASN D 382 49.12 -9.24 -39.04
C ASN D 382 50.20 -10.18 -39.59
N GLU D 383 49.88 -10.80 -40.71
CA GLU D 383 50.80 -11.75 -41.36
C GLU D 383 52.08 -11.12 -41.95
N HIS D 384 51.94 -9.96 -42.58
CA HIS D 384 53.09 -9.30 -43.20
C HIS D 384 54.30 -9.17 -42.28
N LYS D 385 55.46 -9.56 -42.82
CA LYS D 385 56.72 -9.49 -42.08
C LYS D 385 56.67 -10.20 -40.73
N GLY D 386 55.61 -10.96 -40.49
CA GLY D 386 55.47 -11.65 -39.24
C GLY D 386 55.38 -10.71 -38.05
N MET D 387 54.90 -9.49 -38.29
CA MET D 387 54.76 -8.49 -37.22
C MET D 387 53.37 -8.53 -36.61
N PRO D 388 53.24 -9.10 -35.40
CA PRO D 388 51.91 -9.16 -34.78
C PRO D 388 51.30 -7.77 -34.55
N GLY D 389 52.15 -6.74 -34.48
CA GLY D 389 51.67 -5.39 -34.29
C GLY D 389 51.46 -4.60 -35.58
N GLY D 390 51.33 -5.31 -36.70
CA GLY D 390 51.10 -4.65 -37.97
C GLY D 390 49.76 -5.10 -38.52
N ARG D 391 49.14 -4.27 -39.36
CA ARG D 391 47.84 -4.61 -39.94
C ARG D 391 47.82 -4.34 -41.44
N ASN D 392 47.21 -5.24 -42.19
CA ASN D 392 47.11 -5.07 -43.64
C ASN D 392 45.83 -5.64 -44.21
N LEU D 393 45.41 -5.11 -45.34
CA LEU D 393 44.20 -5.56 -46.02
C LEU D 393 44.53 -6.65 -47.03
N TYR D 394 43.86 -7.78 -46.91
CA TYR D 394 44.08 -8.90 -47.83
C TYR D 394 42.77 -9.30 -48.52
N ARG D 395 42.90 -9.94 -49.68
CA ARG D 395 41.74 -10.40 -50.44
C ARG D 395 41.99 -11.84 -50.85
N ILE D 396 41.01 -12.70 -50.60
CA ILE D 396 41.15 -14.10 -50.93
C ILE D 396 40.01 -14.57 -51.84
N GLN D 397 40.38 -15.27 -52.92
CA GLN D 397 39.41 -15.79 -53.88
C GLN D 397 38.63 -16.94 -53.25
N LEU D 398 37.31 -16.82 -53.26
CA LEU D 398 36.48 -17.87 -52.66
C LEU D 398 36.48 -19.21 -53.39
N ASN D 399 36.80 -19.22 -54.69
CA ASN D 399 36.82 -20.47 -55.43
C ASN D 399 38.23 -21.10 -55.53
N ASP D 400 39.19 -20.49 -54.82
CA ASP D 400 40.57 -20.97 -54.80
C ASP D 400 41.35 -20.25 -53.69
N TYR D 401 41.26 -20.81 -52.48
CA TYR D 401 41.91 -20.25 -51.30
C TYR D 401 43.41 -20.09 -51.47
N THR D 402 43.92 -20.51 -52.61
CA THR D 402 45.34 -20.39 -52.93
C THR D 402 45.66 -18.97 -53.34
N LYS D 403 44.74 -18.34 -54.07
CA LYS D 403 44.93 -16.98 -54.53
C LYS D 403 44.50 -15.92 -53.51
N VAL D 404 45.46 -15.40 -52.77
CA VAL D 404 45.23 -14.36 -51.77
C VAL D 404 46.23 -13.24 -52.03
N THR D 405 45.71 -12.03 -52.19
CA THR D 405 46.54 -10.86 -52.48
C THR D 405 46.58 -9.83 -51.34
N CYS D 406 47.73 -9.24 -51.13
CA CYS D 406 47.80 -8.21 -50.10
C CYS D 406 47.66 -6.86 -50.81
N LEU D 407 46.53 -6.21 -50.59
CA LEU D 407 46.24 -4.93 -51.21
C LEU D 407 46.92 -3.70 -50.61
N SER D 408 47.43 -3.80 -49.38
CA SER D 408 48.07 -2.65 -48.74
C SER D 408 49.56 -2.76 -48.46
N CYS D 409 50.05 -3.99 -48.33
CA CYS D 409 51.46 -4.26 -48.02
C CYS D 409 52.52 -3.35 -48.62
N GLU D 410 52.53 -3.22 -49.94
CA GLU D 410 53.55 -2.41 -50.62
C GLU D 410 53.20 -0.99 -51.08
N LEU D 411 52.09 -0.42 -50.64
CA LEU D 411 51.72 0.94 -51.05
C LEU D 411 52.75 1.96 -50.54
N ASN D 412 53.12 1.83 -49.27
CA ASN D 412 54.11 2.70 -48.61
C ASN D 412 54.73 1.88 -47.48
N PRO D 413 55.45 0.81 -47.83
CA PRO D 413 56.10 -0.07 -46.85
C PRO D 413 56.82 0.60 -45.67
N GLU D 414 57.35 1.80 -45.87
CA GLU D 414 58.06 2.51 -44.80
C GLU D 414 57.15 3.36 -43.92
N ARG D 415 56.21 4.05 -44.56
CA ARG D 415 55.28 4.91 -43.86
C ARG D 415 54.02 4.21 -43.37
N CYS D 416 53.62 3.12 -44.03
CA CYS D 416 52.40 2.43 -43.68
C CYS D 416 52.46 0.93 -43.45
N GLN D 417 52.26 0.52 -42.21
CA GLN D 417 52.29 -0.89 -41.82
C GLN D 417 51.10 -1.25 -40.96
N TYR D 418 50.24 -0.28 -40.69
CA TYR D 418 49.06 -0.50 -39.86
C TYR D 418 47.82 0.12 -40.53
N TYR D 419 46.97 -0.71 -41.13
CA TYR D 419 45.77 -0.25 -41.84
C TYR D 419 44.43 -0.77 -41.31
N SER D 420 43.37 -0.07 -41.68
CA SER D 420 42.01 -0.50 -41.39
C SER D 420 41.33 -0.14 -42.73
N ALA D 421 40.15 -0.65 -43.00
CA ALA D 421 39.52 -0.35 -44.28
C ALA D 421 38.01 -0.19 -44.16
N SER D 422 37.44 0.55 -45.10
CA SER D 422 36.01 0.81 -45.14
C SER D 422 35.50 0.63 -46.56
N PHE D 423 34.73 -0.43 -46.78
CA PHE D 423 34.20 -0.72 -48.12
C PHE D 423 32.82 -0.14 -48.40
N SER D 424 32.60 0.18 -49.66
CA SER D 424 31.32 0.70 -50.12
C SER D 424 30.42 -0.52 -50.24
N ASN D 425 29.14 -0.30 -50.56
CA ASN D 425 28.22 -1.42 -50.72
C ASN D 425 28.71 -2.29 -51.88
N LYS D 426 28.53 -3.60 -51.75
CA LYS D 426 28.97 -4.54 -52.78
C LYS D 426 30.48 -4.54 -52.97
N ALA D 427 31.20 -3.83 -52.10
CA ALA D 427 32.65 -3.77 -52.14
C ALA D 427 33.28 -3.37 -53.48
N LYS D 428 32.75 -2.35 -54.13
CA LYS D 428 33.32 -1.91 -55.40
C LYS D 428 34.48 -0.95 -55.16
N TYR D 429 34.38 -0.18 -54.07
CA TYR D 429 35.40 0.80 -53.71
C TYR D 429 35.68 0.67 -52.24
N TYR D 430 36.84 1.15 -51.82
CA TYR D 430 37.18 1.13 -50.41
C TYR D 430 38.17 2.22 -50.05
N GLN D 431 38.06 2.69 -48.81
CA GLN D 431 38.97 3.71 -48.31
C GLN D 431 40.00 2.96 -47.49
N LEU D 432 41.28 3.27 -47.68
CA LEU D 432 42.32 2.63 -46.90
C LEU D 432 42.82 3.63 -45.86
N ARG D 433 42.98 3.18 -44.63
CA ARG D 433 43.43 4.06 -43.56
C ARG D 433 44.72 3.58 -42.93
N CYS D 434 45.76 4.37 -43.10
CA CYS D 434 47.09 4.08 -42.58
C CYS D 434 47.35 4.89 -41.30
N PHE D 435 47.63 4.20 -40.20
CA PHE D 435 47.85 4.90 -38.93
C PHE D 435 49.30 4.94 -38.45
N GLY D 436 50.22 4.48 -39.28
CA GLY D 436 51.62 4.49 -38.91
C GLY D 436 52.45 3.44 -39.62
N PRO D 437 53.75 3.35 -39.31
CA PRO D 437 54.47 4.17 -38.33
C PRO D 437 54.66 5.64 -38.71
N GLY D 438 54.43 5.96 -39.98
CA GLY D 438 54.56 7.34 -40.42
C GLY D 438 53.28 8.11 -40.18
N LEU D 439 53.18 9.32 -40.72
CA LEU D 439 51.99 10.13 -40.55
C LEU D 439 50.78 9.46 -41.20
N PRO D 440 49.62 9.47 -40.51
CA PRO D 440 48.42 8.84 -41.07
C PRO D 440 48.18 9.25 -42.52
N LEU D 441 47.66 8.32 -43.32
CA LEU D 441 47.40 8.57 -44.74
C LEU D 441 46.11 7.89 -45.19
N TYR D 442 45.17 8.68 -45.69
CA TYR D 442 43.90 8.13 -46.15
C TYR D 442 43.85 8.14 -47.67
N THR D 443 43.41 7.04 -48.25
CA THR D 443 43.32 6.89 -49.69
C THR D 443 42.04 6.18 -50.13
N LEU D 444 41.65 6.40 -51.39
CA LEU D 444 40.44 5.80 -51.95
C LEU D 444 40.88 4.83 -53.05
N HIS D 445 40.36 3.61 -53.04
CA HIS D 445 40.73 2.61 -54.04
C HIS D 445 39.54 1.92 -54.71
N SER D 446 39.80 1.34 -55.88
CA SER D 446 38.77 0.61 -56.64
C SER D 446 39.05 -0.88 -56.43
N SER D 447 38.00 -1.68 -56.26
CA SER D 447 38.19 -3.10 -56.04
C SER D 447 38.51 -3.86 -57.32
N SER D 448 38.11 -3.28 -58.46
CA SER D 448 38.33 -3.93 -59.75
C SER D 448 39.77 -3.82 -60.22
N SER D 449 40.33 -2.60 -60.20
CA SER D 449 41.69 -2.40 -60.66
C SER D 449 42.72 -2.23 -59.55
N ASP D 450 42.28 -2.32 -58.29
CA ASP D 450 43.17 -2.16 -57.15
C ASP D 450 43.96 -0.86 -57.26
N LYS D 451 43.56 -0.02 -58.22
CA LYS D 451 44.21 1.26 -58.46
C LYS D 451 43.82 2.26 -57.38
N GLU D 452 44.75 3.16 -57.06
CA GLU D 452 44.50 4.17 -56.06
C GLU D 452 43.91 5.42 -56.72
N LEU D 453 42.59 5.53 -56.66
CA LEU D 453 41.89 6.66 -57.25
C LEU D 453 42.46 8.00 -56.82
N ARG D 454 42.66 8.20 -55.52
CA ARG D 454 43.21 9.48 -55.05
C ARG D 454 43.63 9.51 -53.58
N VAL D 455 44.27 10.61 -53.20
CA VAL D 455 44.72 10.83 -51.83
C VAL D 455 43.69 11.71 -51.16
N LEU D 456 43.02 11.19 -50.14
CA LEU D 456 42.00 11.93 -49.41
C LEU D 456 42.59 12.87 -48.37
N GLU D 457 43.67 12.44 -47.72
CA GLU D 457 44.33 13.25 -46.70
C GLU D 457 45.70 12.65 -46.44
N ASP D 458 46.75 13.46 -46.59
CA ASP D 458 48.10 12.97 -46.38
C ASP D 458 48.85 13.68 -45.25
N ASN D 459 48.14 14.55 -44.52
CA ASN D 459 48.73 15.28 -43.41
C ASN D 459 50.01 16.05 -43.73
N SER D 460 50.08 16.58 -44.95
CA SER D 460 51.25 17.33 -45.36
C SER D 460 51.47 18.56 -44.47
N ALA D 461 50.39 19.09 -43.89
CA ALA D 461 50.48 20.25 -43.01
C ALA D 461 51.25 19.88 -41.74
N LEU D 462 50.90 18.73 -41.15
CA LEU D 462 51.55 18.26 -39.94
C LEU D 462 53.03 18.00 -40.22
N ASP D 463 53.31 17.42 -41.39
CA ASP D 463 54.68 17.13 -41.80
C ASP D 463 55.50 18.40 -41.75
N LYS D 464 54.94 19.48 -42.27
CA LYS D 464 55.60 20.78 -42.30
C LYS D 464 55.99 21.22 -40.89
N MET D 465 55.00 21.25 -39.99
CA MET D 465 55.21 21.67 -38.61
C MET D 465 56.27 20.85 -37.87
N LEU D 466 56.25 19.53 -38.07
CA LEU D 466 57.17 18.64 -37.38
C LEU D 466 58.63 18.67 -37.80
N GLN D 467 58.92 19.13 -39.01
CA GLN D 467 60.31 19.17 -39.44
C GLN D 467 61.03 20.31 -38.75
N ASP D 468 60.25 21.13 -38.06
CA ASP D 468 60.76 22.28 -37.33
C ASP D 468 61.00 21.90 -35.85
N VAL D 469 60.68 20.65 -35.50
CA VAL D 469 60.84 20.19 -34.12
C VAL D 469 61.62 18.88 -33.98
N GLN D 470 62.36 18.74 -32.88
CA GLN D 470 63.15 17.54 -32.62
C GLN D 470 62.27 16.42 -32.12
N MET D 471 61.75 15.62 -33.05
CA MET D 471 60.89 14.51 -32.70
C MET D 471 61.67 13.28 -32.26
N PRO D 472 61.10 12.46 -31.37
CA PRO D 472 61.78 11.26 -30.92
C PRO D 472 61.54 10.15 -31.95
N SER D 473 62.22 9.02 -31.80
CA SER D 473 62.03 7.93 -32.75
C SER D 473 61.48 6.71 -32.03
N LYS D 474 60.72 5.90 -32.76
CA LYS D 474 60.12 4.69 -32.20
C LYS D 474 60.74 3.45 -32.86
N LYS D 475 61.33 2.60 -32.04
CA LYS D 475 61.97 1.39 -32.53
C LYS D 475 61.25 0.16 -31.96
N LEU D 476 60.98 -0.81 -32.83
CA LEU D 476 60.33 -2.05 -32.41
C LEU D 476 61.32 -3.21 -32.58
N ASP D 477 61.34 -4.12 -31.62
CA ASP D 477 62.23 -5.25 -31.68
C ASP D 477 61.71 -6.40 -30.83
N VAL D 478 62.53 -7.43 -30.67
CA VAL D 478 62.11 -8.61 -29.91
C VAL D 478 63.13 -9.05 -28.84
N ILE D 479 62.66 -9.83 -27.88
CA ILE D 479 63.49 -10.39 -26.83
C ILE D 479 62.92 -11.75 -26.48
N ASN D 480 63.72 -12.61 -25.87
CA ASN D 480 63.27 -13.93 -25.50
C ASN D 480 62.96 -14.08 -24.02
N LEU D 481 61.85 -14.76 -23.74
CA LEU D 481 61.41 -15.04 -22.37
C LEU D 481 60.82 -16.44 -22.42
N HIS D 482 61.33 -17.33 -21.57
CA HIS D 482 60.85 -18.70 -21.51
C HIS D 482 60.91 -19.38 -22.88
N GLY D 483 61.93 -19.05 -23.67
CA GLY D 483 62.06 -19.65 -24.98
C GLY D 483 61.07 -19.14 -26.01
N THR D 484 60.28 -18.14 -25.65
CA THR D 484 59.31 -17.57 -26.57
C THR D 484 59.70 -16.13 -26.88
N LYS D 485 59.58 -15.73 -28.14
CA LYS D 485 59.94 -14.37 -28.52
C LYS D 485 58.73 -13.44 -28.37
N PHE D 486 58.94 -12.32 -27.67
CA PHE D 486 57.89 -11.34 -27.46
C PHE D 486 58.36 -10.00 -27.97
N TRP D 487 57.42 -9.16 -28.37
CA TRP D 487 57.75 -7.84 -28.90
C TRP D 487 57.74 -6.72 -27.85
N TYR D 488 58.48 -5.66 -28.17
CA TYR D 488 58.55 -4.50 -27.29
C TYR D 488 58.87 -3.29 -28.16
N GLN D 489 58.60 -2.11 -27.65
CA GLN D 489 58.89 -0.88 -28.39
C GLN D 489 59.55 0.11 -27.45
N MET D 490 60.27 1.07 -28.01
CA MET D 490 60.93 2.11 -27.24
C MET D 490 60.84 3.44 -27.96
N ILE D 491 60.39 4.47 -27.26
CA ILE D 491 60.33 5.81 -27.83
C ILE D 491 61.67 6.38 -27.36
N LEU D 492 62.58 6.60 -28.30
CA LEU D 492 63.90 7.11 -27.96
C LEU D 492 64.04 8.61 -28.15
N PRO D 493 64.71 9.27 -27.20
CA PRO D 493 64.92 10.71 -27.24
C PRO D 493 65.68 11.14 -28.50
N PRO D 494 65.46 12.38 -28.96
CA PRO D 494 66.15 12.86 -30.16
C PRO D 494 67.66 12.76 -29.97
N HIS D 495 68.38 12.57 -31.07
CA HIS D 495 69.84 12.47 -31.02
C HIS D 495 70.23 11.43 -29.98
N PHE D 496 69.59 10.26 -30.07
CA PHE D 496 69.85 9.18 -29.14
C PHE D 496 71.31 8.74 -29.17
N ASP D 497 71.97 8.88 -28.02
CA ASP D 497 73.36 8.49 -27.90
C ASP D 497 73.47 7.21 -27.09
N LYS D 498 73.58 6.09 -27.79
CA LYS D 498 73.69 4.77 -27.16
C LYS D 498 74.80 4.70 -26.12
N SER D 499 75.45 5.83 -25.89
CA SER D 499 76.53 5.94 -24.91
C SER D 499 75.98 6.32 -23.53
N LYS D 500 75.43 7.53 -23.43
CA LYS D 500 74.85 8.06 -22.20
C LYS D 500 73.84 7.08 -21.59
N LYS D 501 73.49 7.32 -20.33
CA LYS D 501 72.52 6.48 -19.64
C LYS D 501 71.24 7.25 -19.34
N TYR D 502 70.15 6.84 -19.98
CA TYR D 502 68.87 7.53 -19.80
C TYR D 502 67.95 6.90 -18.79
N PRO D 503 67.02 7.70 -18.23
CA PRO D 503 66.10 7.07 -17.27
C PRO D 503 65.14 6.24 -18.17
N LEU D 504 64.42 5.30 -17.57
CA LEU D 504 63.53 4.42 -18.31
C LEU D 504 62.13 4.39 -17.71
N LEU D 505 61.13 4.67 -18.54
CA LEU D 505 59.73 4.66 -18.10
C LEU D 505 58.99 3.56 -18.85
N ILE D 506 58.44 2.61 -18.10
CA ILE D 506 57.70 1.51 -18.69
C ILE D 506 56.21 1.88 -18.67
N GLU D 507 55.58 1.85 -19.85
CA GLU D 507 54.17 2.16 -19.98
C GLU D 507 53.48 0.83 -20.21
N VAL D 508 52.63 0.46 -19.27
CA VAL D 508 51.98 -0.83 -19.31
C VAL D 508 50.46 -0.86 -19.37
N TYR D 509 49.95 -1.93 -19.99
CA TYR D 509 48.54 -2.22 -20.12
C TYR D 509 48.58 -3.68 -19.67
N ALA D 510 49.04 -4.55 -20.57
CA ALA D 510 49.20 -5.97 -20.26
C ALA D 510 47.95 -6.78 -19.93
N GLY D 511 46.77 -6.23 -20.23
CA GLY D 511 45.55 -6.98 -19.95
C GLY D 511 45.38 -8.15 -20.92
N PRO D 512 44.57 -9.17 -20.57
CA PRO D 512 44.41 -10.28 -21.51
C PRO D 512 43.91 -9.81 -22.88
N CYS D 513 44.58 -10.30 -23.92
CA CYS D 513 44.27 -9.99 -25.32
C CYS D 513 44.67 -8.56 -25.72
N SER D 514 45.60 -7.98 -24.98
CA SER D 514 46.07 -6.61 -25.24
C SER D 514 47.27 -6.54 -26.17
N GLN D 515 47.52 -5.34 -26.70
CA GLN D 515 48.64 -5.09 -27.59
C GLN D 515 49.16 -3.67 -27.44
N LYS D 516 50.21 -3.50 -26.64
CA LYS D 516 50.81 -2.18 -26.41
C LYS D 516 51.90 -1.92 -27.43
N VAL D 517 52.37 -2.98 -28.09
CA VAL D 517 53.44 -2.84 -29.07
C VAL D 517 52.92 -2.91 -30.52
N ASP D 518 52.79 -1.75 -31.16
CA ASP D 518 52.33 -1.72 -32.55
C ASP D 518 53.03 -0.62 -33.35
N THR D 519 52.60 -0.43 -34.59
CA THR D 519 53.23 0.56 -35.45
C THR D 519 52.36 1.78 -35.72
N VAL D 520 51.47 2.09 -34.78
CA VAL D 520 50.60 3.25 -34.92
C VAL D 520 51.34 4.55 -34.54
N PHE D 521 51.08 5.62 -35.28
CA PHE D 521 51.70 6.93 -35.03
C PHE D 521 50.89 7.66 -33.95
N ARG D 522 51.57 8.12 -32.91
CA ARG D 522 50.89 8.81 -31.82
C ARG D 522 51.64 9.98 -31.22
N LEU D 523 50.97 11.11 -31.12
CA LEU D 523 51.53 12.30 -30.49
C LEU D 523 51.05 12.11 -29.05
N SER D 524 51.90 11.56 -28.20
CA SER D 524 51.50 11.28 -26.82
C SER D 524 52.34 11.96 -25.75
N TRP D 525 52.02 11.63 -24.51
CA TRP D 525 52.75 12.17 -23.37
C TRP D 525 54.18 11.63 -23.46
N ALA D 526 54.33 10.41 -23.95
CA ALA D 526 55.64 9.79 -24.11
C ALA D 526 56.46 10.57 -25.14
N THR D 527 55.79 11.14 -26.14
CA THR D 527 56.48 11.92 -27.15
C THR D 527 57.20 13.06 -26.45
N TYR D 528 56.52 13.68 -25.49
CA TYR D 528 57.07 14.79 -24.72
C TYR D 528 58.18 14.32 -23.77
N LEU D 529 57.95 13.21 -23.07
CA LEU D 529 58.95 12.71 -22.13
C LEU D 529 60.27 12.37 -22.82
N ALA D 530 60.20 11.89 -24.05
CA ALA D 530 61.40 11.54 -24.81
C ALA D 530 62.02 12.74 -25.47
N SER D 531 61.20 13.55 -26.13
CA SER D 531 61.65 14.73 -26.83
C SER D 531 62.25 15.83 -25.95
N THR D 532 61.53 16.20 -24.89
CA THR D 532 61.97 17.26 -24.00
C THR D 532 62.74 16.81 -22.76
N GLU D 533 62.24 15.78 -22.08
CA GLU D 533 62.88 15.30 -20.85
C GLU D 533 63.94 14.22 -21.05
N ASN D 534 64.20 13.84 -22.30
CA ASN D 534 65.19 12.80 -22.60
C ASN D 534 65.01 11.52 -21.80
N ILE D 535 63.77 11.06 -21.71
CA ILE D 535 63.45 9.84 -20.99
C ILE D 535 63.07 8.79 -22.05
N ILE D 536 63.47 7.54 -21.83
CA ILE D 536 63.13 6.47 -22.76
C ILE D 536 61.84 5.85 -22.28
N VAL D 537 60.85 5.75 -23.16
CA VAL D 537 59.57 5.16 -22.80
C VAL D 537 59.35 3.87 -23.58
N ALA D 538 59.33 2.75 -22.86
CA ALA D 538 59.17 1.45 -23.50
C ALA D 538 57.90 0.70 -23.10
N SER D 539 57.49 -0.22 -23.95
CA SER D 539 56.33 -1.06 -23.71
C SER D 539 56.65 -2.50 -24.11
N PHE D 540 56.01 -3.45 -23.46
CA PHE D 540 56.26 -4.86 -23.73
C PHE D 540 55.00 -5.72 -23.68
N ASP D 541 54.82 -6.58 -24.68
CA ASP D 541 53.67 -7.48 -24.71
C ASP D 541 54.18 -8.89 -24.39
N GLY D 542 53.82 -9.38 -23.21
CA GLY D 542 54.25 -10.70 -22.80
C GLY D 542 53.12 -11.71 -22.77
N ARG D 543 53.15 -12.63 -21.83
CA ARG D 543 52.11 -13.64 -21.75
C ARG D 543 50.79 -12.98 -21.39
N GLY D 544 49.74 -13.40 -22.09
CA GLY D 544 48.43 -12.82 -21.87
C GLY D 544 48.05 -11.89 -23.00
N SER D 545 49.05 -11.28 -23.65
CA SER D 545 48.78 -10.37 -24.77
C SER D 545 48.12 -11.12 -25.93
N GLY D 546 47.58 -10.38 -26.89
CA GLY D 546 46.89 -11.03 -28.00
C GLY D 546 47.49 -10.93 -29.38
N TYR D 547 46.79 -11.51 -30.34
CA TYR D 547 47.20 -11.51 -31.75
C TYR D 547 48.44 -12.37 -32.04
N GLN D 548 48.75 -13.30 -31.14
CA GLN D 548 49.91 -14.18 -31.31
C GLN D 548 49.56 -15.63 -31.02
N GLY D 549 48.27 -15.97 -31.04
CA GLY D 549 47.86 -17.34 -30.78
C GLY D 549 47.33 -17.54 -29.36
N ASP D 550 46.42 -18.50 -29.21
CA ASP D 550 45.81 -18.80 -27.92
C ASP D 550 46.83 -19.23 -26.88
N LYS D 551 47.92 -19.82 -27.36
CA LYS D 551 48.98 -20.30 -26.51
C LYS D 551 49.44 -19.17 -25.57
N ILE D 552 49.87 -18.07 -26.16
CA ILE D 552 50.34 -16.92 -25.40
C ILE D 552 49.22 -16.15 -24.69
N MET D 553 48.06 -16.07 -25.33
CA MET D 553 46.93 -15.34 -24.78
C MET D 553 46.31 -16.02 -23.56
N HIS D 554 46.05 -17.31 -23.66
CA HIS D 554 45.45 -18.04 -22.56
C HIS D 554 46.43 -18.40 -21.45
N ALA D 555 47.66 -17.91 -21.53
CA ALA D 555 48.65 -18.20 -20.51
C ALA D 555 48.19 -17.75 -19.12
N ILE D 556 47.48 -16.62 -19.05
CA ILE D 556 47.02 -16.12 -17.76
C ILE D 556 45.61 -16.55 -17.37
N ASN D 557 45.04 -17.53 -18.07
CA ASN D 557 43.69 -17.98 -17.75
C ASN D 557 43.60 -18.37 -16.29
N ARG D 558 42.54 -17.92 -15.63
CA ARG D 558 42.29 -18.20 -14.21
C ARG D 558 43.39 -17.76 -13.25
N ARG D 559 44.32 -16.94 -13.74
CA ARG D 559 45.41 -16.47 -12.90
C ARG D 559 45.92 -15.07 -13.25
N LEU D 560 45.00 -14.11 -13.38
CA LEU D 560 45.37 -12.73 -13.69
C LEU D 560 46.27 -12.20 -12.56
N GLY D 561 47.23 -11.35 -12.91
CA GLY D 561 48.11 -10.80 -11.90
C GLY D 561 49.38 -11.59 -11.69
N THR D 562 49.55 -12.69 -12.43
CA THR D 562 50.75 -13.49 -12.30
C THR D 562 51.77 -13.34 -13.43
N PHE D 563 51.61 -14.12 -14.51
CA PHE D 563 52.56 -14.09 -15.61
C PHE D 563 52.71 -12.76 -16.34
N GLU D 564 51.61 -12.04 -16.58
CA GLU D 564 51.75 -10.78 -17.29
C GLU D 564 52.49 -9.76 -16.43
N VAL D 565 52.36 -9.87 -15.12
CA VAL D 565 53.04 -8.97 -14.20
C VAL D 565 54.52 -9.34 -14.15
N GLU D 566 54.78 -10.63 -14.00
CA GLU D 566 56.14 -11.15 -13.95
C GLU D 566 56.92 -10.86 -15.23
N ASP D 567 56.27 -11.01 -16.39
CA ASP D 567 56.93 -10.74 -17.66
C ASP D 567 57.33 -9.27 -17.84
N GLN D 568 56.58 -8.35 -17.23
CA GLN D 568 56.92 -6.93 -17.34
C GLN D 568 58.22 -6.70 -16.56
N ILE D 569 58.35 -7.39 -15.42
CA ILE D 569 59.55 -7.26 -14.61
C ILE D 569 60.80 -7.83 -15.28
N GLU D 570 60.70 -9.06 -15.81
CA GLU D 570 61.84 -9.70 -16.48
C GLU D 570 62.23 -8.97 -17.77
N ALA D 571 61.26 -8.46 -18.51
CA ALA D 571 61.55 -7.73 -19.74
C ALA D 571 62.27 -6.43 -19.41
N THR D 572 61.84 -5.75 -18.35
CA THR D 572 62.46 -4.50 -17.91
C THR D 572 63.88 -4.77 -17.44
N ARG D 573 64.04 -5.92 -16.80
CA ARG D 573 65.34 -6.35 -16.30
C ARG D 573 66.30 -6.52 -17.47
N GLN D 574 65.84 -7.06 -18.59
CA GLN D 574 66.71 -7.21 -19.76
C GLN D 574 66.97 -5.85 -20.40
N PHE D 575 65.98 -4.95 -20.35
CA PHE D 575 66.16 -3.62 -20.92
C PHE D 575 67.25 -2.85 -20.15
N SER D 576 67.21 -2.98 -18.83
CA SER D 576 68.17 -2.29 -17.97
C SER D 576 69.61 -2.77 -18.15
N LYS D 577 69.79 -3.95 -18.75
CA LYS D 577 71.13 -4.47 -18.96
C LYS D 577 71.74 -3.91 -20.25
N MET D 578 70.91 -3.37 -21.13
CA MET D 578 71.42 -2.77 -22.37
C MET D 578 72.06 -1.46 -21.88
N GLY D 579 73.36 -1.32 -22.12
CA GLY D 579 74.11 -0.14 -21.67
C GLY D 579 73.57 1.28 -21.66
N PHE D 580 72.51 1.58 -22.41
CA PHE D 580 71.98 2.95 -22.45
C PHE D 580 70.87 3.29 -21.46
N VAL D 581 70.66 2.43 -20.47
CA VAL D 581 69.63 2.64 -19.46
C VAL D 581 70.21 2.77 -18.05
N ASP D 582 69.73 3.76 -17.29
CA ASP D 582 70.16 3.98 -15.91
C ASP D 582 69.28 3.15 -14.98
N ASP D 583 69.78 1.99 -14.55
CA ASP D 583 69.03 1.10 -13.66
C ASP D 583 68.57 1.75 -12.35
N LYS D 584 69.17 2.87 -11.98
CA LYS D 584 68.78 3.57 -10.74
C LYS D 584 67.58 4.50 -10.96
N ARG D 585 67.16 4.65 -12.21
CA ARG D 585 66.03 5.50 -12.52
C ARG D 585 65.07 4.82 -13.50
N ILE D 586 64.33 3.85 -12.97
CA ILE D 586 63.34 3.13 -13.76
C ILE D 586 61.98 3.29 -13.09
N ALA D 587 60.98 3.61 -13.91
CA ALA D 587 59.63 3.79 -13.43
C ALA D 587 58.65 3.09 -14.37
N ILE D 588 57.48 2.78 -13.83
CA ILE D 588 56.41 2.10 -14.56
C ILE D 588 55.06 2.81 -14.30
N TRP D 589 54.23 2.95 -15.33
CA TRP D 589 52.92 3.59 -15.16
C TRP D 589 51.84 2.96 -16.04
N GLY D 590 50.59 3.19 -15.70
CA GLY D 590 49.51 2.63 -16.49
C GLY D 590 48.11 3.03 -16.07
N TRP D 591 47.17 2.85 -16.99
CA TRP D 591 45.75 3.19 -16.80
C TRP D 591 44.96 1.87 -16.69
N SER D 592 43.91 1.87 -15.87
CA SER D 592 43.05 0.70 -15.70
C SER D 592 43.78 -0.60 -15.38
N TYR D 593 43.76 -1.55 -16.31
CA TYR D 593 44.44 -2.81 -16.09
C TYR D 593 45.94 -2.51 -15.97
N GLY D 594 46.39 -1.53 -16.75
CA GLY D 594 47.78 -1.13 -16.71
C GLY D 594 48.11 -0.61 -15.31
N GLY D 595 47.09 -0.07 -14.66
CA GLY D 595 47.26 0.46 -13.31
C GLY D 595 47.36 -0.68 -12.31
N TYR D 596 46.64 -1.75 -12.59
CA TYR D 596 46.64 -2.91 -11.73
C TYR D 596 48.01 -3.56 -11.81
N VAL D 597 48.48 -3.74 -13.04
CA VAL D 597 49.76 -4.37 -13.27
C VAL D 597 50.89 -3.51 -12.73
N THR D 598 50.75 -2.20 -12.81
CA THR D 598 51.76 -1.29 -12.30
C THR D 598 51.91 -1.44 -10.79
N SER D 599 50.78 -1.49 -10.08
CA SER D 599 50.77 -1.62 -8.63
C SER D 599 51.30 -2.98 -8.19
N MET D 600 50.94 -4.02 -8.94
CA MET D 600 51.38 -5.38 -8.63
C MET D 600 52.90 -5.45 -8.79
N VAL D 601 53.41 -4.83 -9.87
CA VAL D 601 54.84 -4.83 -10.08
C VAL D 601 55.54 -4.06 -8.96
N LEU D 602 55.08 -2.85 -8.69
CA LEU D 602 55.66 -2.05 -7.62
C LEU D 602 55.64 -2.83 -6.33
N GLY D 603 54.64 -3.70 -6.20
CA GLY D 603 54.52 -4.48 -4.97
C GLY D 603 55.20 -5.83 -5.01
N ALA D 604 55.90 -6.13 -6.08
CA ALA D 604 56.59 -7.42 -6.23
C ALA D 604 57.92 -7.47 -5.48
N GLY D 605 58.43 -6.32 -5.08
CA GLY D 605 59.70 -6.28 -4.37
C GLY D 605 60.86 -6.74 -5.22
N SER D 606 60.78 -6.50 -6.53
CA SER D 606 61.82 -6.91 -7.47
C SER D 606 63.06 -6.00 -7.35
N GLY D 607 62.88 -4.86 -6.71
CA GLY D 607 63.99 -3.92 -6.58
C GLY D 607 64.33 -3.27 -7.90
N VAL D 608 63.62 -3.62 -8.96
CA VAL D 608 63.90 -3.06 -10.28
C VAL D 608 63.39 -1.64 -10.51
N PHE D 609 62.23 -1.32 -9.95
CA PHE D 609 61.63 0.01 -10.16
C PHE D 609 61.75 0.94 -8.96
N LYS D 610 62.05 2.21 -9.25
CA LYS D 610 62.20 3.23 -8.23
C LYS D 610 60.86 3.87 -7.88
N CYS D 611 60.04 4.14 -8.90
CA CYS D 611 58.73 4.75 -8.69
C CYS D 611 57.72 4.29 -9.75
N GLY D 612 56.46 4.60 -9.52
CA GLY D 612 55.42 4.23 -10.45
C GLY D 612 54.13 5.01 -10.23
N ILE D 613 53.32 5.12 -11.28
CA ILE D 613 52.05 5.85 -11.20
C ILE D 613 50.93 4.96 -11.69
N ALA D 614 49.86 4.86 -10.91
CA ALA D 614 48.71 4.05 -11.29
C ALA D 614 47.48 4.95 -11.39
N VAL D 615 46.81 4.92 -12.55
CA VAL D 615 45.61 5.74 -12.76
C VAL D 615 44.38 4.82 -12.88
N ALA D 616 43.37 5.06 -12.04
CA ALA D 616 42.12 4.29 -12.02
C ALA D 616 42.38 2.80 -12.17
N PRO D 617 43.21 2.22 -11.29
CA PRO D 617 43.54 0.80 -11.36
C PRO D 617 42.54 -0.12 -10.68
N VAL D 618 42.56 -1.37 -11.09
CA VAL D 618 41.75 -2.38 -10.44
C VAL D 618 42.68 -2.77 -9.28
N SER D 619 42.13 -3.06 -8.11
CA SER D 619 42.98 -3.44 -6.99
C SER D 619 42.62 -4.83 -6.47
N LYS D 620 41.37 -5.22 -6.69
CA LYS D 620 40.84 -6.51 -6.26
C LYS D 620 39.78 -6.92 -7.26
N TRP D 621 39.97 -8.07 -7.89
CA TRP D 621 39.05 -8.53 -8.92
C TRP D 621 37.60 -8.74 -8.52
N GLU D 622 37.34 -8.90 -7.24
CA GLU D 622 35.97 -9.09 -6.79
C GLU D 622 35.21 -7.77 -6.88
N TYR D 623 35.94 -6.68 -7.13
CA TYR D 623 35.33 -5.36 -7.23
C TYR D 623 34.96 -5.00 -8.66
N TYR D 624 35.55 -5.68 -9.64
CA TYR D 624 35.26 -5.38 -11.03
C TYR D 624 34.00 -6.11 -11.53
N ASP D 625 33.49 -5.75 -12.71
CA ASP D 625 32.26 -6.38 -13.21
C ASP D 625 32.36 -7.86 -13.56
N SER D 626 31.23 -8.55 -13.44
CA SER D 626 31.12 -9.98 -13.70
C SER D 626 31.53 -10.48 -15.09
N VAL D 627 31.07 -9.82 -16.15
CA VAL D 627 31.38 -10.29 -17.49
C VAL D 627 32.86 -10.34 -17.81
N TYR D 628 33.57 -9.27 -17.58
CA TYR D 628 35.00 -9.23 -17.86
C TYR D 628 35.81 -10.11 -16.90
N THR D 629 35.59 -9.93 -15.60
CA THR D 629 36.33 -10.67 -14.59
C THR D 629 36.17 -12.19 -14.69
N GLU D 630 34.92 -12.65 -14.69
CA GLU D 630 34.65 -14.09 -14.77
C GLU D 630 35.17 -14.74 -16.05
N ARG D 631 35.22 -13.97 -17.13
CA ARG D 631 35.71 -14.50 -18.39
C ARG D 631 37.11 -15.09 -18.25
N TYR D 632 37.93 -14.46 -17.41
CA TYR D 632 39.31 -14.91 -17.20
C TYR D 632 39.55 -15.59 -15.85
N MET D 633 38.71 -15.28 -14.86
CA MET D 633 38.91 -15.82 -13.52
C MET D 633 37.92 -16.85 -12.98
N GLY D 634 36.82 -17.10 -13.68
CA GLY D 634 35.85 -18.03 -13.17
C GLY D 634 35.15 -17.39 -11.97
N LEU D 635 34.41 -18.15 -11.18
CA LEU D 635 33.70 -17.58 -10.04
C LEU D 635 34.54 -17.55 -8.77
N PRO D 636 34.40 -16.49 -7.96
CA PRO D 636 35.16 -16.35 -6.71
C PRO D 636 34.58 -17.14 -5.55
N THR D 637 34.35 -18.43 -5.77
CA THR D 637 33.79 -19.31 -4.76
C THR D 637 34.82 -20.38 -4.42
N PRO D 638 34.79 -20.88 -3.18
CA PRO D 638 35.77 -21.92 -2.82
C PRO D 638 35.72 -23.15 -3.74
N GLU D 639 34.60 -23.33 -4.45
CA GLU D 639 34.45 -24.44 -5.39
C GLU D 639 35.18 -24.16 -6.71
N ASP D 640 35.30 -22.87 -7.06
CA ASP D 640 35.92 -22.50 -8.31
C ASP D 640 37.33 -21.89 -8.17
N ASN D 641 37.45 -20.58 -8.28
CA ASN D 641 38.77 -19.95 -8.22
C ASN D 641 39.06 -18.96 -7.09
N LEU D 642 38.32 -19.02 -5.99
CA LEU D 642 38.53 -18.10 -4.88
C LEU D 642 40.00 -17.90 -4.49
N ASP D 643 40.75 -19.01 -4.41
CA ASP D 643 42.16 -18.93 -4.02
C ASP D 643 42.98 -17.96 -4.86
N TYR D 644 42.80 -17.98 -6.18
CA TYR D 644 43.54 -17.07 -7.06
C TYR D 644 42.96 -15.66 -7.10
N TYR D 645 41.75 -15.51 -6.56
CA TYR D 645 41.11 -14.22 -6.49
C TYR D 645 41.75 -13.52 -5.30
N ARG D 646 41.91 -14.27 -4.21
CA ARG D 646 42.48 -13.75 -2.98
C ARG D 646 43.95 -13.40 -3.01
N ASN D 647 44.77 -14.18 -3.68
CA ASN D 647 46.17 -13.86 -3.68
C ASN D 647 46.62 -12.99 -4.87
N SER D 648 45.66 -12.38 -5.56
CA SER D 648 45.97 -11.52 -6.70
C SER D 648 45.56 -10.06 -6.47
N THR D 649 45.18 -9.74 -5.24
CA THR D 649 44.80 -8.37 -4.91
C THR D 649 46.07 -7.57 -4.74
N VAL D 650 45.99 -6.26 -4.96
CA VAL D 650 47.17 -5.42 -4.79
C VAL D 650 47.45 -5.28 -3.30
N MET D 651 46.38 -5.23 -2.50
CA MET D 651 46.50 -5.08 -1.06
C MET D 651 47.42 -6.11 -0.42
N SER D 652 47.31 -7.36 -0.84
CA SER D 652 48.16 -8.43 -0.29
C SER D 652 49.65 -8.18 -0.46
N ARG D 653 50.03 -7.19 -1.28
CA ARG D 653 51.45 -6.87 -1.49
C ARG D 653 51.83 -5.49 -0.92
N ALA D 654 50.98 -4.96 -0.06
CA ALA D 654 51.18 -3.65 0.56
C ALA D 654 52.54 -3.39 1.20
N GLU D 655 53.02 -4.34 1.99
CA GLU D 655 54.30 -4.19 2.67
C GLU D 655 55.43 -3.80 1.72
N ASN D 656 55.48 -4.42 0.55
CA ASN D 656 56.53 -4.12 -0.44
C ASN D 656 56.58 -2.70 -0.98
N PHE D 657 55.50 -1.94 -0.84
CA PHE D 657 55.49 -0.57 -1.37
C PHE D 657 56.43 0.33 -0.60
N LYS D 658 56.88 -0.11 0.57
CA LYS D 658 57.80 0.68 1.38
C LYS D 658 59.10 0.92 0.62
N GLN D 659 59.36 0.10 -0.40
CA GLN D 659 60.59 0.21 -1.19
C GLN D 659 60.49 1.13 -2.41
N VAL D 660 59.32 1.71 -2.65
CA VAL D 660 59.15 2.56 -3.83
C VAL D 660 58.32 3.81 -3.60
N GLU D 661 58.35 4.72 -4.59
CA GLU D 661 57.56 5.95 -4.56
C GLU D 661 56.32 5.66 -5.43
N TYR D 662 55.15 5.70 -4.82
CA TYR D 662 53.90 5.38 -5.50
C TYR D 662 52.93 6.57 -5.62
N LEU D 663 52.34 6.72 -6.81
CA LEU D 663 51.36 7.78 -7.06
C LEU D 663 50.05 7.09 -7.51
N LEU D 664 49.02 7.20 -6.68
CA LEU D 664 47.69 6.62 -6.96
C LEU D 664 46.71 7.73 -7.36
N ILE D 665 46.12 7.60 -8.54
CA ILE D 665 45.17 8.60 -9.04
C ILE D 665 43.84 7.93 -9.41
N HIS D 666 42.73 8.64 -9.15
CA HIS D 666 41.41 8.09 -9.46
C HIS D 666 40.31 9.16 -9.54
N GLY D 667 39.40 9.02 -10.51
CA GLY D 667 38.30 9.96 -10.63
C GLY D 667 37.23 9.49 -9.67
N THR D 668 36.66 10.41 -8.88
CA THR D 668 35.65 10.02 -7.91
C THR D 668 34.33 9.59 -8.53
N ALA D 669 34.13 9.91 -9.81
CA ALA D 669 32.90 9.53 -10.50
C ALA D 669 33.11 8.37 -11.48
N ASP D 670 34.15 7.58 -11.26
CA ASP D 670 34.43 6.44 -12.14
C ASP D 670 33.36 5.38 -11.98
N ASP D 671 32.58 5.20 -13.03
CA ASP D 671 31.48 4.23 -13.08
C ASP D 671 32.00 2.84 -13.49
N ASN D 672 33.20 2.81 -14.06
CA ASN D 672 33.83 1.59 -14.54
C ASN D 672 34.69 0.91 -13.48
N VAL D 673 35.85 1.50 -13.17
CA VAL D 673 36.73 0.98 -12.12
C VAL D 673 36.38 1.92 -10.96
N HIS D 674 35.45 1.50 -10.11
CA HIS D 674 34.99 2.32 -9.01
C HIS D 674 36.07 2.89 -8.09
N PHE D 675 35.82 4.11 -7.59
CA PHE D 675 36.76 4.76 -6.70
C PHE D 675 37.07 3.81 -5.54
N GLN D 676 36.09 2.96 -5.23
CA GLN D 676 36.23 1.97 -4.17
C GLN D 676 37.59 1.25 -4.25
N GLN D 677 37.93 0.84 -5.48
CA GLN D 677 39.18 0.13 -5.74
C GLN D 677 40.41 0.83 -5.18
N SER D 678 40.54 2.13 -5.44
CA SER D 678 41.68 2.89 -4.92
C SER D 678 41.50 3.23 -3.43
N ALA D 679 40.25 3.42 -3.00
CA ALA D 679 39.99 3.76 -1.61
C ALA D 679 40.41 2.57 -0.76
N GLN D 680 40.09 1.37 -1.22
CA GLN D 680 40.46 0.17 -0.50
C GLN D 680 41.96 -0.09 -0.55
N LEU D 681 42.59 0.24 -1.67
CA LEU D 681 44.03 0.04 -1.82
C LEU D 681 44.82 0.98 -0.90
N SER D 682 44.44 2.26 -0.90
CA SER D 682 45.12 3.23 -0.08
C SER D 682 44.97 2.91 1.41
N LYS D 683 43.80 2.40 1.80
CA LYS D 683 43.56 2.06 3.19
C LYS D 683 44.48 0.92 3.63
N ALA D 684 44.78 -0.01 2.71
CA ALA D 684 45.65 -1.12 3.05
C ALA D 684 47.09 -0.61 3.20
N LEU D 685 47.44 0.40 2.41
CA LEU D 685 48.79 0.95 2.49
C LEU D 685 48.93 1.74 3.79
N VAL D 686 47.88 2.45 4.18
CA VAL D 686 47.90 3.22 5.41
C VAL D 686 48.02 2.27 6.60
N ASP D 687 47.29 1.16 6.57
CA ASP D 687 47.34 0.18 7.66
C ASP D 687 48.72 -0.48 7.74
N ALA D 688 49.43 -0.56 6.60
CA ALA D 688 50.74 -1.18 6.56
C ALA D 688 51.86 -0.21 6.89
N GLY D 689 51.52 1.07 7.10
CA GLY D 689 52.52 2.07 7.42
C GLY D 689 53.37 2.48 6.24
N VAL D 690 52.80 2.39 5.03
CA VAL D 690 53.51 2.76 3.81
C VAL D 690 53.20 4.20 3.42
N ASP D 691 54.22 4.98 3.10
CA ASP D 691 53.95 6.35 2.66
C ASP D 691 53.86 6.35 1.14
N PHE D 692 52.89 7.10 0.63
CA PHE D 692 52.66 7.18 -0.81
C PHE D 692 51.89 8.45 -1.12
N GLN D 693 51.84 8.81 -2.40
CA GLN D 693 51.12 10.00 -2.82
C GLN D 693 49.77 9.63 -3.42
N THR D 694 48.86 10.59 -3.39
CA THR D 694 47.51 10.39 -3.86
C THR D 694 47.02 11.60 -4.65
N MET D 695 46.00 11.39 -5.47
CA MET D 695 45.41 12.47 -6.26
C MET D 695 44.04 12.05 -6.76
N TRP D 696 43.00 12.66 -6.21
CA TRP D 696 41.63 12.37 -6.62
C TRP D 696 41.20 13.46 -7.60
N TYR D 697 40.28 13.13 -8.50
CA TYR D 697 39.80 14.11 -9.47
C TYR D 697 38.28 14.18 -9.37
N THR D 698 37.80 15.23 -8.72
CA THR D 698 36.37 15.44 -8.50
C THR D 698 35.51 15.37 -9.75
N ASP D 699 34.51 14.50 -9.70
CA ASP D 699 33.55 14.32 -10.77
C ASP D 699 34.08 13.85 -12.11
N GLU D 700 35.32 13.37 -12.16
CA GLU D 700 35.86 12.85 -13.42
C GLU D 700 35.52 11.35 -13.50
N ASP D 701 35.10 10.87 -14.67
CA ASP D 701 34.78 9.46 -14.81
C ASP D 701 36.02 8.64 -15.17
N HIS D 702 35.82 7.45 -15.72
CA HIS D 702 36.93 6.58 -16.06
C HIS D 702 37.97 7.18 -16.99
N GLY D 703 37.54 8.04 -17.90
CA GLY D 703 38.48 8.65 -18.80
C GLY D 703 39.32 9.77 -18.22
N ILE D 704 38.76 10.51 -17.24
CA ILE D 704 39.47 11.66 -16.65
C ILE D 704 39.81 12.49 -17.90
N ALA D 705 38.80 12.74 -18.71
CA ALA D 705 38.95 13.43 -19.98
C ALA D 705 38.45 14.88 -20.14
N SER D 706 38.01 15.54 -19.08
CA SER D 706 37.58 16.92 -19.27
C SER D 706 38.85 17.67 -19.67
N ASN D 707 38.73 18.75 -20.43
CA ASN D 707 39.89 19.51 -20.87
C ASN D 707 40.82 19.90 -19.72
N MET D 708 40.26 20.43 -18.64
CA MET D 708 41.06 20.87 -17.51
C MET D 708 41.65 19.74 -16.67
N ALA D 709 40.91 18.64 -16.51
CA ALA D 709 41.41 17.50 -15.75
C ALA D 709 42.52 16.82 -16.54
N HIS D 710 42.30 16.68 -17.85
CA HIS D 710 43.26 16.05 -18.75
C HIS D 710 44.62 16.75 -18.63
N GLN D 711 44.60 18.08 -18.74
CA GLN D 711 45.82 18.86 -18.64
C GLN D 711 46.46 18.76 -17.27
N HIS D 712 45.62 18.76 -16.23
CA HIS D 712 46.09 18.72 -14.85
C HIS D 712 46.75 17.40 -14.45
N ILE D 713 46.17 16.27 -14.85
CA ILE D 713 46.74 14.99 -14.50
C ILE D 713 48.11 14.77 -15.15
N TYR D 714 48.24 15.10 -16.43
CA TYR D 714 49.53 14.92 -17.11
C TYR D 714 50.58 15.88 -16.59
N THR D 715 50.15 17.06 -16.16
CA THR D 715 51.09 18.03 -15.63
C THR D 715 51.59 17.51 -14.28
N HIS D 716 50.66 16.95 -13.49
CA HIS D 716 50.97 16.42 -12.18
C HIS D 716 51.89 15.19 -12.24
N MET D 717 51.62 14.27 -13.17
CA MET D 717 52.44 13.07 -13.31
C MET D 717 53.83 13.42 -13.80
N SER D 718 53.92 14.49 -14.58
CA SER D 718 55.21 14.93 -15.09
C SER D 718 56.11 15.42 -13.94
N HIS D 719 55.54 16.19 -13.00
CA HIS D 719 56.32 16.68 -11.86
C HIS D 719 56.78 15.49 -11.02
N PHE D 720 55.86 14.56 -10.76
CA PHE D 720 56.16 13.37 -9.96
C PHE D 720 57.32 12.62 -10.61
N LEU D 721 57.19 12.34 -11.90
CA LEU D 721 58.22 11.62 -12.63
C LEU D 721 59.57 12.34 -12.59
N LYS D 722 59.58 13.64 -12.85
CA LYS D 722 60.82 14.41 -12.84
C LYS D 722 61.43 14.45 -11.43
N GLN D 723 60.58 14.46 -10.40
CA GLN D 723 61.07 14.46 -9.03
C GLN D 723 61.82 13.15 -8.77
N CYS D 724 61.20 12.04 -9.18
CA CYS D 724 61.75 10.70 -9.03
C CYS D 724 63.03 10.48 -9.83
N PHE D 725 63.12 11.10 -11.01
CA PHE D 725 64.29 10.95 -11.85
C PHE D 725 65.33 12.02 -11.60
N SER D 726 65.08 12.89 -10.63
CA SER D 726 65.99 13.98 -10.29
C SER D 726 66.24 14.90 -11.49
N LEU D 727 65.21 15.11 -12.31
CA LEU D 727 65.32 15.97 -13.48
C LEU D 727 64.83 17.38 -13.18
N PRO D 728 65.60 18.40 -13.61
CA PRO D 728 65.22 19.80 -13.38
C PRO D 728 64.08 20.27 -14.28
#